data_6NK5
#
_entry.id   6NK5
#
_cell.length_a   1
_cell.length_b   1
_cell.length_c   1
_cell.angle_alpha   90
_cell.angle_beta   90
_cell.angle_gamma   90
#
_symmetry.space_group_name_H-M   'P 1'
#
loop_
_entity.id
_entity.type
_entity.pdbx_description
1 polymer 'E1 glycoprotein'
2 polymer 'E2 glycoprotein'
3 polymer 'Capsid protein'
4 non-polymer 2-acetamido-2-deoxy-beta-D-glucopyranose
#
loop_
_entity_poly.entity_id
_entity_poly.type
_entity_poly.pdbx_seq_one_letter_code
_entity_poly.pdbx_strand_id
1 'polypeptide(L)'
;YEHVTVIPNTVGVPYKTLVNRPGYSPMVLEMELQSVTLEPTLSLDYITCEYKTVIPSPYVKCCGTAECKDKSLPDYSCKV
FTGVYPFMWGGAYCFCDAENTQLSEAHVEKSESCKTEFASAYRAHTASASAKLRVLYQGNNITVAAYANGDHAVTVKDAK
FVVGPMSSAWTPFDNKIVVYKGDVYNMDYPPFGAGRPGQFGDIQSRTPESKDVYANTQLVLQRPAAGTVHVPYSQAPSGF
KYWLKERGASLQHTAPFGCQIATNPVRAVNCAVGNIPISIDIPDAAFTRVVDAPSVTDMSCEVPACTHSSDFGGVAIIKY
TASKKGKCAVHSMTNAVTIREADVEVEGNSQLQISFSTALASAEFRVQVCSTQVHCAAACHPPKDHIVNYPASHTTLGVQ
DISTTAMSWVQKITGGVGLIVAVAALILIVVLCVSFSRH
;
A,B,C,D
2 'polypeptide(L)'
;NFNVYKATRPYLAHCPDCGEGHSCHSPIALERIRNEATDGTLKIQVSLQIGIKTDDSHDWTKLRYMDSHTPADAERAGLL
VRTSAPCTITGTMGHFILARCPKGETLTVGFTDSRKISHTCTHPFHHEPPVIGRERFHSRPQHGKELPCSTYVQSTAATA
EEIEVHMPPDTPDRTLMTQQSGNVKITVNGQTVRYKCNCGGSNEGLTTTDKVINNCKIDQCHAAVTNHKNWQYNSPLVPR
NAELGDRKGKIHIPFPLANVTCRVPKARNPTVTYGKNQVTMLLYPDHPTLLSYRNMGQEPNYHEEWVTHKKEVTLTVPTE
GLEVTWGNNEPYKYWPQMSTNGTAHGHPHEIILYYYELYPTMTVVIVSVASFVLLSMVGTAVGMCVCARRRCITPYELTP
GATVPFLLSLLCCVRTTKA
;
E,F,G,H
3 'polypeptide(L)'
;NDCIFEVKHEGKVMGYACLVGDKVMKPAHVKGTIDNADLAKLAFKRSSKYDLECAQIPVHMKSDASKFTHEKPEGYYNWH
HGAVQYSGGRFTIPTGAGKPGDSGRPIFDNKGRVVAIVLGGANEGARTALSVVTWNKDIVTKITPEGAEEW
;
I,J,K,L
#
# COMPACT_ATOMS: atom_id res chain seq x y z
N TYR A 1 -66.70 -26.48 47.13
CA TYR A 1 -65.75 -27.26 46.36
C TYR A 1 -64.52 -26.42 46.10
N GLU A 2 -63.40 -27.06 45.86
CA GLU A 2 -62.18 -26.38 45.44
C GLU A 2 -61.88 -26.74 43.99
N HIS A 3 -60.87 -26.07 43.44
CA HIS A 3 -60.49 -26.29 42.05
C HIS A 3 -59.05 -25.84 41.83
N VAL A 4 -58.28 -26.67 41.15
CA VAL A 4 -56.91 -26.35 40.80
C VAL A 4 -56.82 -26.19 39.28
N THR A 5 -56.19 -25.10 38.85
CA THR A 5 -56.11 -24.77 37.43
C THR A 5 -54.74 -24.20 37.13
N VAL A 6 -54.51 -23.95 35.85
CA VAL A 6 -53.27 -23.36 35.36
C VAL A 6 -53.62 -22.23 34.40
N ILE A 7 -53.08 -21.05 34.65
CA ILE A 7 -53.25 -19.96 33.68
C ILE A 7 -51.89 -19.68 33.06
N PRO A 8 -51.85 -19.23 31.82
CA PRO A 8 -50.57 -18.81 31.24
C PRO A 8 -50.10 -17.52 31.88
N ASN A 9 -48.78 -17.43 32.06
CA ASN A 9 -48.19 -16.31 32.79
C ASN A 9 -48.06 -15.13 31.85
N THR A 10 -49.11 -14.30 31.81
CA THR A 10 -49.06 -13.08 31.03
C THR A 10 -49.96 -12.04 31.68
N VAL A 11 -49.72 -10.79 31.32
CA VAL A 11 -50.37 -9.65 31.93
C VAL A 11 -51.39 -9.10 30.97
N GLY A 12 -52.50 -8.59 31.50
CA GLY A 12 -53.50 -7.94 30.67
C GLY A 12 -54.38 -8.87 29.88
N VAL A 13 -54.28 -10.18 30.10
CA VAL A 13 -55.07 -11.17 29.40
C VAL A 13 -55.90 -11.93 30.43
N PRO A 14 -57.22 -11.84 30.37
CA PRO A 14 -58.06 -12.57 31.33
C PRO A 14 -58.19 -14.02 30.91
N TYR A 15 -58.72 -14.83 31.83
CA TYR A 15 -58.92 -16.25 31.55
C TYR A 15 -60.18 -16.73 32.24
N LYS A 16 -61.01 -17.45 31.49
CA LYS A 16 -62.30 -17.91 31.97
C LYS A 16 -62.12 -19.30 32.56
N THR A 17 -62.09 -19.38 33.88
CA THR A 17 -62.00 -20.64 34.57
C THR A 17 -63.39 -21.07 35.01
N LEU A 18 -63.79 -22.27 34.62
CA LEU A 18 -65.09 -22.78 34.97
C LEU A 18 -65.06 -23.41 36.36
N VAL A 19 -66.18 -23.34 37.07
CA VAL A 19 -66.42 -24.14 38.25
C VAL A 19 -67.75 -24.84 38.02
N ASN A 20 -67.69 -26.14 37.72
CA ASN A 20 -68.86 -26.98 37.62
C ASN A 20 -68.90 -27.88 38.84
N ARG A 21 -70.09 -28.12 39.32
CA ARG A 21 -70.22 -28.86 40.56
C ARG A 21 -71.50 -29.65 40.43
N PRO A 22 -71.55 -30.88 40.93
CA PRO A 22 -72.74 -31.71 40.75
C PRO A 22 -73.97 -31.11 41.43
N GLY A 23 -75.06 -31.09 40.66
CA GLY A 23 -76.36 -30.69 41.16
C GLY A 23 -76.52 -29.22 41.47
N TYR A 24 -75.53 -28.39 41.22
CA TYR A 24 -75.60 -26.98 41.57
C TYR A 24 -75.46 -26.13 40.32
N SER A 25 -75.82 -24.87 40.47
CA SER A 25 -75.64 -23.91 39.39
C SER A 25 -74.15 -23.66 39.20
N PRO A 26 -73.64 -23.75 37.97
CA PRO A 26 -72.21 -23.52 37.77
C PRO A 26 -71.83 -22.06 37.96
N MET A 27 -70.53 -21.82 38.07
CA MET A 27 -70.02 -20.48 38.36
C MET A 27 -68.69 -20.29 37.66
N VAL A 28 -68.60 -19.30 36.81
CA VAL A 28 -67.38 -19.04 36.07
C VAL A 28 -66.67 -17.87 36.74
N LEU A 29 -65.34 -17.88 36.67
CA LEU A 29 -64.53 -16.77 37.14
C LEU A 29 -63.60 -16.33 36.03
N GLU A 30 -63.07 -15.12 36.14
CA GLU A 30 -62.11 -14.59 35.20
C GLU A 30 -60.89 -14.10 35.95
N MET A 31 -59.72 -14.52 35.48
CA MET A 31 -58.45 -14.13 36.07
C MET A 31 -57.85 -13.03 35.22
N GLU A 32 -57.31 -11.99 35.86
CA GLU A 32 -56.59 -10.98 35.08
C GLU A 32 -55.54 -10.37 36.01
N LEU A 33 -54.31 -10.78 35.85
CA LEU A 33 -53.26 -10.30 36.72
C LEU A 33 -52.62 -9.05 36.16
N GLN A 34 -52.33 -8.09 37.05
CA GLN A 34 -51.80 -6.81 36.64
C GLN A 34 -50.30 -6.71 36.81
N SER A 35 -49.72 -7.45 37.74
CA SER A 35 -48.28 -7.42 37.95
C SER A 35 -47.89 -8.70 38.67
N VAL A 36 -47.07 -9.50 38.05
CA VAL A 36 -46.41 -10.60 38.74
C VAL A 36 -44.94 -10.21 38.90
N THR A 37 -44.50 -10.19 40.15
CA THR A 37 -43.22 -9.59 40.49
C THR A 37 -42.28 -10.67 40.96
N LEU A 38 -41.14 -10.80 40.29
CA LEU A 38 -40.07 -11.69 40.72
C LEU A 38 -39.11 -10.84 41.56
N GLU A 39 -38.92 -11.24 42.80
CA GLU A 39 -38.11 -10.47 43.73
C GLU A 39 -36.90 -11.30 44.15
N PRO A 40 -35.71 -11.00 43.68
CA PRO A 40 -34.55 -11.84 43.99
C PRO A 40 -34.06 -11.62 45.41
N THR A 41 -33.14 -12.49 45.81
CA THR A 41 -32.54 -12.38 47.13
C THR A 41 -31.57 -11.22 47.16
N LEU A 42 -31.16 -10.84 48.37
CA LEU A 42 -30.24 -9.73 48.54
C LEU A 42 -29.10 -10.19 49.44
N SER A 43 -27.87 -10.03 48.95
CA SER A 43 -26.69 -10.27 49.76
C SER A 43 -25.57 -9.41 49.20
N LEU A 44 -25.19 -8.36 49.93
CA LEU A 44 -24.27 -7.37 49.40
C LEU A 44 -22.85 -7.89 49.42
N ASP A 45 -22.20 -7.89 48.26
CA ASP A 45 -20.80 -8.26 48.20
C ASP A 45 -19.90 -7.08 48.53
N TYR A 46 -19.91 -6.03 47.70
CA TYR A 46 -19.13 -4.83 48.06
C TYR A 46 -19.64 -3.61 47.32
N ILE A 47 -19.68 -2.50 48.04
CA ILE A 47 -19.92 -1.20 47.44
C ILE A 47 -18.68 -0.75 46.70
N THR A 48 -18.84 0.22 45.81
CA THR A 48 -17.70 0.86 45.15
C THR A 48 -18.08 2.29 44.80
N CYS A 49 -17.07 3.15 44.70
CA CYS A 49 -17.27 4.57 44.53
C CYS A 49 -16.04 5.19 43.89
N GLU A 50 -16.10 6.49 43.68
CA GLU A 50 -14.98 7.26 43.16
C GLU A 50 -14.02 7.57 44.29
N TYR A 51 -12.72 7.43 44.01
CA TYR A 51 -11.70 7.61 45.03
C TYR A 51 -11.31 9.08 45.12
N LYS A 52 -10.21 9.33 45.85
CA LYS A 52 -9.72 10.70 46.03
C LYS A 52 -8.24 10.61 46.35
N THR A 53 -7.40 11.13 45.46
CA THR A 53 -5.96 11.16 45.70
C THR A 53 -5.62 12.36 46.56
N VAL A 54 -5.06 12.10 47.74
CA VAL A 54 -4.63 13.18 48.63
C VAL A 54 -3.11 13.09 48.78
N ILE A 55 -2.46 14.20 48.49
CA ILE A 55 -1.07 14.45 48.84
C ILE A 55 -1.08 15.65 49.78
N PRO A 56 -0.17 15.72 50.72
CA PRO A 56 0.01 16.97 51.44
C PRO A 56 1.03 17.82 50.73
N SER A 57 1.37 18.97 51.31
CA SER A 57 2.48 19.76 50.81
C SER A 57 3.78 18.98 50.95
N PRO A 58 4.66 19.02 49.95
CA PRO A 58 5.86 18.18 49.98
C PRO A 58 6.94 18.76 50.87
N TYR A 59 7.68 17.85 51.51
CA TYR A 59 8.75 18.26 52.40
C TYR A 59 9.96 18.69 51.59
N VAL A 60 10.68 19.69 52.10
CA VAL A 60 11.90 20.16 51.46
C VAL A 60 13.03 20.12 52.49
N LYS A 61 14.11 19.43 52.14
CA LYS A 61 15.32 19.40 52.95
C LYS A 61 16.48 19.86 52.09
N CYS A 62 16.84 21.12 52.23
CA CYS A 62 18.06 21.65 51.63
C CYS A 62 19.13 21.78 52.70
N CYS A 63 20.39 21.68 52.29
CA CYS A 63 21.52 21.39 53.17
C CYS A 63 21.22 20.15 54.01
N GLY A 64 20.70 19.13 53.36
CA GLY A 64 20.27 17.91 54.02
C GLY A 64 19.60 17.01 53.01
N THR A 65 19.40 15.77 53.40
CA THR A 65 18.78 14.77 52.53
C THR A 65 17.73 14.02 53.34
N ALA A 66 16.46 14.28 53.04
CA ALA A 66 15.37 13.69 53.79
C ALA A 66 15.17 12.25 53.38
N GLU A 67 14.39 11.52 54.18
CA GLU A 67 14.08 10.13 53.88
C GLU A 67 12.72 9.81 54.47
N CYS A 68 12.06 8.81 53.89
CA CYS A 68 10.66 8.51 54.16
C CYS A 68 10.47 7.90 55.55
N LYS A 69 9.23 7.56 55.83
CA LYS A 69 8.87 6.73 56.99
C LYS A 69 7.77 5.77 56.56
N ASP A 70 8.03 4.48 56.71
CA ASP A 70 7.11 3.46 56.21
C ASP A 70 5.85 3.43 57.06
N LYS A 71 4.70 3.36 56.38
CA LYS A 71 3.43 3.58 57.04
C LYS A 71 2.33 2.92 56.24
N SER A 72 1.46 2.18 56.94
CA SER A 72 0.42 1.38 56.29
C SER A 72 -0.71 2.29 55.82
N LEU A 73 -0.48 2.94 54.68
CA LEU A 73 -1.44 3.84 54.07
C LEU A 73 -2.10 3.18 52.87
N PRO A 74 -3.32 3.61 52.48
CA PRO A 74 -3.92 3.10 51.25
C PRO A 74 -3.17 3.61 50.03
N ASP A 75 -2.39 2.71 49.42
CA ASP A 75 -1.41 3.02 48.38
C ASP A 75 -0.45 4.11 48.84
N TYR A 76 0.31 3.76 49.87
CA TYR A 76 1.44 4.58 50.30
C TYR A 76 2.44 4.67 49.17
N SER A 77 2.79 5.89 48.77
CA SER A 77 3.82 6.05 47.73
C SER A 77 4.71 7.23 48.10
N CYS A 78 5.98 6.95 48.40
CA CYS A 78 6.90 8.00 48.79
C CYS A 78 8.17 7.95 47.96
N LYS A 79 8.84 9.08 47.88
CA LYS A 79 10.06 9.24 47.10
C LYS A 79 10.77 10.50 47.53
N VAL A 80 12.10 10.43 47.64
CA VAL A 80 12.92 11.60 47.84
C VAL A 80 13.68 11.88 46.55
N PHE A 81 13.66 13.15 46.12
CA PHE A 81 14.31 13.60 44.91
C PHE A 81 15.47 14.52 45.25
N THR A 82 16.57 14.36 44.54
CA THR A 82 17.74 15.20 44.69
C THR A 82 17.94 16.07 43.47
N GLY A 83 18.80 17.07 43.62
CA GLY A 83 19.10 17.96 42.52
C GLY A 83 18.01 18.94 42.16
N VAL A 84 16.94 18.98 42.93
CA VAL A 84 15.81 19.84 42.59
C VAL A 84 16.14 21.28 42.99
N TYR A 85 15.34 22.20 42.49
CA TYR A 85 15.60 23.60 42.80
C TYR A 85 14.28 24.37 42.74
N PRO A 86 13.67 24.65 43.88
CA PRO A 86 12.38 25.33 43.88
C PRO A 86 12.53 26.82 43.58
N PHE A 87 11.40 27.41 43.19
CA PHE A 87 11.34 28.85 42.96
C PHE A 87 10.04 29.38 43.54
N MET A 88 10.10 30.58 44.07
CA MET A 88 8.99 31.20 44.76
C MET A 88 9.08 32.70 44.55
N TRP A 89 8.46 33.45 45.47
CA TRP A 89 8.59 34.91 45.54
C TRP A 89 10.03 35.37 45.44
N GLY A 90 10.85 35.01 46.42
CA GLY A 90 12.24 35.42 46.43
C GLY A 90 13.17 34.41 45.84
N GLY A 91 12.89 34.00 44.60
CA GLY A 91 13.78 33.09 43.90
C GLY A 91 13.73 31.71 44.53
N ALA A 92 14.92 31.17 44.79
CA ALA A 92 15.04 29.87 45.42
C ALA A 92 14.56 29.93 46.86
N TYR A 93 13.85 28.90 47.29
CA TYR A 93 13.42 28.82 48.68
C TYR A 93 14.61 28.56 49.59
N CYS A 94 15.63 27.89 49.08
CA CYS A 94 16.82 27.57 49.86
C CYS A 94 18.02 28.37 49.35
N PHE A 95 19.17 28.13 49.96
CA PHE A 95 20.38 28.88 49.67
C PHE A 95 21.30 28.19 48.70
N CYS A 96 21.76 26.97 49.01
CA CYS A 96 22.63 26.23 48.11
C CYS A 96 21.79 25.57 47.03
N ASP A 97 22.43 24.92 46.06
CA ASP A 97 21.72 24.37 44.92
C ASP A 97 21.80 22.85 44.85
N ALA A 98 23.01 22.28 44.83
CA ALA A 98 23.16 20.87 44.47
C ALA A 98 22.80 19.90 45.59
N GLU A 99 22.35 20.40 46.74
CA GLU A 99 22.01 19.54 47.86
C GLU A 99 20.54 19.62 48.22
N ASN A 100 19.77 20.43 47.50
CA ASN A 100 18.37 20.64 47.84
C ASN A 100 17.57 19.42 47.44
N THR A 101 16.94 18.78 48.42
CA THR A 101 16.20 17.55 48.20
C THR A 101 14.74 17.77 48.59
N GLN A 102 13.88 16.91 48.07
CA GLN A 102 12.44 17.05 48.26
C GLN A 102 11.84 15.69 48.55
N LEU A 103 11.24 15.57 49.72
CA LEU A 103 10.49 14.38 50.12
C LEU A 103 9.05 14.52 49.66
N SER A 104 8.48 13.42 49.17
CA SER A 104 7.15 13.43 48.59
C SER A 104 6.43 12.15 48.98
N GLU A 105 5.13 12.26 49.24
CA GLU A 105 4.32 11.11 49.60
C GLU A 105 2.88 11.34 49.16
N ALA A 106 2.23 10.25 48.74
CA ALA A 106 0.91 10.27 48.14
C ALA A 106 0.10 9.09 48.68
N HIS A 107 -1.19 9.33 48.88
CA HIS A 107 -2.09 8.24 49.27
C HIS A 107 -3.48 8.53 48.71
N VAL A 108 -4.38 7.56 48.91
CA VAL A 108 -5.72 7.64 48.33
C VAL A 108 -6.74 7.31 49.41
N GLU A 109 -7.93 7.89 49.28
CA GLU A 109 -9.05 7.65 50.19
C GLU A 109 -10.31 7.49 49.37
N LYS A 110 -11.44 7.34 50.06
CA LYS A 110 -12.72 7.51 49.42
C LYS A 110 -13.00 8.99 49.19
N SER A 111 -14.11 9.27 48.55
CA SER A 111 -14.52 10.65 48.32
C SER A 111 -15.63 11.05 49.27
N GLU A 112 -16.08 12.29 49.13
CA GLU A 112 -17.31 12.72 49.78
C GLU A 112 -18.53 12.25 49.01
N SER A 113 -18.37 11.86 47.75
CA SER A 113 -19.51 11.48 46.94
C SER A 113 -19.99 10.07 47.28
N CYS A 114 -19.17 9.29 47.98
CA CYS A 114 -19.51 7.90 48.28
C CYS A 114 -20.59 7.79 49.34
N LYS A 115 -20.91 8.91 50.01
CA LYS A 115 -21.99 8.90 50.99
C LYS A 115 -23.34 8.70 50.31
N THR A 116 -23.55 9.37 49.17
CA THR A 116 -24.84 9.36 48.51
C THR A 116 -24.82 8.88 47.07
N GLU A 117 -23.64 8.67 46.49
CA GLU A 117 -23.53 8.21 45.11
C GLU A 117 -22.50 7.11 45.03
N PHE A 118 -22.92 5.95 44.54
CA PHE A 118 -22.07 4.77 44.55
C PHE A 118 -22.69 3.74 43.63
N ALA A 119 -21.87 2.81 43.18
CA ALA A 119 -22.38 1.60 42.60
C ALA A 119 -22.15 0.48 43.58
N SER A 120 -22.76 -0.66 43.34
CA SER A 120 -22.54 -1.79 44.23
C SER A 120 -22.54 -3.09 43.46
N ALA A 121 -21.47 -3.87 43.63
CA ALA A 121 -21.41 -5.23 43.13
C ALA A 121 -22.06 -6.13 44.15
N TYR A 122 -22.90 -7.04 43.67
CA TYR A 122 -23.95 -7.57 44.52
C TYR A 122 -24.17 -9.03 44.17
N ARG A 123 -24.52 -9.79 45.19
CA ARG A 123 -24.72 -11.22 45.07
C ARG A 123 -26.20 -11.50 45.31
N ALA A 124 -26.86 -12.09 44.31
CA ALA A 124 -28.29 -12.31 44.37
C ALA A 124 -28.62 -13.66 43.75
N HIS A 125 -29.40 -14.46 44.47
CA HIS A 125 -29.76 -15.79 44.01
C HIS A 125 -31.27 -15.95 44.02
N THR A 126 -31.72 -17.20 43.91
CA THR A 126 -33.05 -17.57 43.39
C THR A 126 -34.20 -16.92 44.17
N ALA A 127 -35.15 -16.39 43.42
CA ALA A 127 -36.07 -15.38 43.87
C ALA A 127 -37.25 -15.96 44.64
N SER A 128 -38.09 -15.07 45.15
CA SER A 128 -39.46 -15.36 45.54
C SER A 128 -40.35 -15.14 44.32
N ALA A 129 -41.65 -15.01 44.56
CA ALA A 129 -42.60 -14.64 43.51
C ALA A 129 -43.81 -13.96 44.13
N SER A 130 -43.95 -12.66 43.89
CA SER A 130 -45.12 -11.91 44.30
C SER A 130 -45.99 -11.63 43.09
N ALA A 131 -47.27 -11.31 43.34
CA ALA A 131 -48.22 -11.13 42.27
C ALA A 131 -49.36 -10.26 42.75
N LYS A 132 -50.01 -9.61 41.79
CA LYS A 132 -51.21 -8.82 42.02
C LYS A 132 -52.20 -9.14 40.92
N LEU A 133 -53.43 -9.43 41.29
CA LEU A 133 -54.39 -9.97 40.35
C LEU A 133 -55.74 -9.33 40.59
N ARG A 134 -56.63 -9.47 39.61
CA ARG A 134 -57.98 -8.96 39.67
C ARG A 134 -58.93 -10.02 39.15
N VAL A 135 -60.02 -10.23 39.88
CA VAL A 135 -61.07 -11.13 39.46
C VAL A 135 -62.40 -10.39 39.48
N LEU A 136 -63.23 -10.65 38.48
CA LEU A 136 -64.63 -10.26 38.56
C LEU A 136 -65.41 -11.45 39.09
N TYR A 137 -66.12 -11.23 40.17
CA TYR A 137 -66.66 -12.31 40.98
C TYR A 137 -68.09 -11.91 41.30
N GLN A 138 -69.03 -12.46 40.52
CA GLN A 138 -70.44 -12.05 40.49
C GLN A 138 -70.56 -10.54 40.34
N GLY A 139 -69.88 -10.01 39.33
CA GLY A 139 -69.86 -8.57 39.11
C GLY A 139 -69.04 -7.80 40.10
N ASN A 140 -68.18 -8.46 40.87
CA ASN A 140 -67.38 -7.78 41.87
C ASN A 140 -65.93 -7.72 41.42
N ASN A 141 -65.46 -6.51 41.10
CA ASN A 141 -64.06 -6.28 40.79
C ASN A 141 -63.26 -6.36 42.08
N ILE A 142 -62.39 -7.36 42.18
CA ILE A 142 -61.66 -7.66 43.40
C ILE A 142 -60.18 -7.69 43.08
N THR A 143 -59.42 -6.84 43.76
CA THR A 143 -57.98 -6.86 43.71
C THR A 143 -57.42 -7.80 44.76
N VAL A 144 -56.22 -8.31 44.49
CA VAL A 144 -55.54 -9.20 45.41
C VAL A 144 -54.03 -9.07 45.24
N ALA A 145 -53.32 -8.90 46.35
CA ALA A 145 -51.87 -8.99 46.35
C ALA A 145 -51.50 -10.25 47.13
N ALA A 146 -50.65 -11.10 46.54
CA ALA A 146 -50.31 -12.35 47.18
C ALA A 146 -48.95 -12.83 46.70
N TYR A 147 -48.25 -13.53 47.58
CA TYR A 147 -46.99 -14.17 47.22
C TYR A 147 -47.26 -15.56 46.68
N ALA A 148 -46.44 -16.00 45.72
CA ALA A 148 -46.67 -17.29 45.07
C ALA A 148 -45.77 -18.35 45.70
N ASN A 149 -45.99 -18.58 46.99
CA ASN A 149 -45.33 -19.67 47.68
C ASN A 149 -46.24 -20.88 47.79
N GLY A 150 -47.41 -20.74 48.41
CA GLY A 150 -48.25 -21.88 48.68
C GLY A 150 -48.92 -21.79 50.02
N ASP A 151 -48.55 -20.80 50.84
CA ASP A 151 -49.27 -20.56 52.09
C ASP A 151 -49.49 -19.09 52.38
N HIS A 152 -49.04 -18.18 51.51
CA HIS A 152 -49.49 -16.80 51.60
C HIS A 152 -50.69 -16.62 50.67
N ALA A 153 -51.77 -17.29 51.05
CA ALA A 153 -53.02 -17.28 50.31
C ALA A 153 -53.80 -16.02 50.66
N VAL A 154 -55.07 -15.98 50.25
CA VAL A 154 -55.88 -14.79 50.51
C VAL A 154 -57.33 -15.21 50.66
N THR A 155 -57.98 -14.65 51.67
CA THR A 155 -59.42 -14.77 51.87
C THR A 155 -60.05 -13.41 51.59
N VAL A 156 -60.88 -13.35 50.55
CA VAL A 156 -61.64 -12.15 50.23
C VAL A 156 -63.06 -12.58 49.93
N LYS A 157 -64.02 -12.06 50.72
CA LYS A 157 -65.46 -12.16 50.48
C LYS A 157 -65.91 -13.61 50.36
N ASP A 158 -65.40 -14.44 51.29
CA ASP A 158 -65.47 -15.89 51.22
C ASP A 158 -64.91 -16.40 49.88
N ALA A 159 -63.61 -16.19 49.70
CA ALA A 159 -62.90 -16.72 48.54
C ALA A 159 -61.46 -16.96 48.96
N LYS A 160 -60.97 -18.17 48.74
CA LYS A 160 -59.62 -18.56 49.11
C LYS A 160 -58.85 -18.75 47.81
N PHE A 161 -58.00 -17.80 47.48
CA PHE A 161 -57.07 -18.00 46.37
C PHE A 161 -55.70 -18.29 46.93
N VAL A 162 -55.04 -19.31 46.39
CA VAL A 162 -53.61 -19.44 46.58
C VAL A 162 -52.98 -19.57 45.20
N VAL A 163 -51.85 -18.89 45.02
CA VAL A 163 -51.15 -18.87 43.74
C VAL A 163 -49.78 -19.49 43.95
N GLY A 164 -49.18 -19.93 42.85
CA GLY A 164 -47.89 -20.57 42.92
C GLY A 164 -48.01 -21.99 43.42
N PRO A 165 -46.88 -22.70 43.53
CA PRO A 165 -45.50 -22.33 43.19
C PRO A 165 -45.23 -22.30 41.70
N MET A 166 -44.39 -21.37 41.28
CA MET A 166 -44.18 -21.11 39.86
C MET A 166 -43.50 -22.28 39.18
N SER A 167 -44.06 -22.73 38.08
CA SER A 167 -43.44 -23.79 37.31
C SER A 167 -42.19 -23.29 36.59
N SER A 168 -42.16 -22.01 36.25
CA SER A 168 -41.05 -21.46 35.50
C SER A 168 -39.92 -21.11 36.45
N ALA A 169 -38.87 -21.92 36.45
CA ALA A 169 -37.71 -21.64 37.29
C ALA A 169 -36.76 -20.64 36.65
N TRP A 170 -37.07 -20.13 35.46
CA TRP A 170 -36.21 -19.17 34.80
C TRP A 170 -36.25 -17.83 35.51
N THR A 171 -35.12 -17.13 35.47
CA THR A 171 -34.96 -15.83 36.09
C THR A 171 -34.30 -14.87 35.12
N PRO A 172 -34.55 -13.57 35.27
CA PRO A 172 -33.88 -12.59 34.41
C PRO A 172 -32.54 -12.11 34.94
N PHE A 173 -31.97 -12.83 35.89
CA PHE A 173 -30.70 -12.42 36.46
C PHE A 173 -29.71 -13.56 36.42
N ASP A 174 -28.49 -13.24 36.86
CA ASP A 174 -27.43 -14.22 37.05
C ASP A 174 -27.04 -14.16 38.52
N ASN A 175 -25.95 -14.84 38.85
CA ASN A 175 -25.49 -14.85 40.23
C ASN A 175 -24.71 -13.59 40.60
N LYS A 176 -24.51 -12.68 39.66
CA LYS A 176 -23.65 -11.52 39.86
C LYS A 176 -24.34 -10.30 39.26
N ILE A 177 -24.72 -9.35 40.10
CA ILE A 177 -25.51 -8.21 39.66
C ILE A 177 -24.82 -6.94 40.14
N VAL A 178 -24.59 -6.00 39.23
CA VAL A 178 -24.15 -4.70 39.72
C VAL A 178 -25.31 -3.74 39.59
N VAL A 179 -25.43 -2.84 40.56
CA VAL A 179 -26.57 -1.94 40.57
C VAL A 179 -26.08 -0.52 40.84
N TYR A 180 -26.69 0.44 40.15
CA TYR A 180 -26.37 1.85 40.32
C TYR A 180 -27.66 2.63 40.13
N LYS A 181 -28.36 2.89 41.24
CA LYS A 181 -29.18 4.09 41.47
C LYS A 181 -30.42 4.20 40.59
N GLY A 182 -30.41 3.60 39.41
CA GLY A 182 -31.59 3.52 38.59
C GLY A 182 -31.58 2.28 37.73
N ASP A 183 -30.51 1.49 37.77
CA ASP A 183 -30.51 0.32 36.92
C ASP A 183 -29.65 -0.77 37.50
N VAL A 184 -29.81 -1.97 36.94
CA VAL A 184 -28.96 -3.11 37.24
C VAL A 184 -28.27 -3.54 35.96
N TYR A 185 -27.26 -4.38 36.11
CA TYR A 185 -26.53 -4.95 35.00
C TYR A 185 -26.14 -6.37 35.36
N ASN A 186 -26.48 -7.29 34.47
CA ASN A 186 -26.10 -8.70 34.57
C ASN A 186 -24.63 -8.80 34.19
N MET A 187 -23.77 -8.44 35.13
CA MET A 187 -22.37 -8.21 34.84
C MET A 187 -21.53 -9.19 35.65
N ASP A 188 -20.24 -9.25 35.33
CA ASP A 188 -19.31 -10.16 36.02
C ASP A 188 -18.23 -9.33 36.70
N TYR A 189 -18.38 -9.10 38.00
CA TYR A 189 -17.48 -8.21 38.70
C TYR A 189 -16.22 -8.93 39.16
N PRO A 190 -15.13 -8.20 39.38
CA PRO A 190 -13.97 -8.79 40.05
C PRO A 190 -14.24 -8.97 41.53
N PRO A 191 -13.64 -9.97 42.15
CA PRO A 191 -13.90 -10.22 43.58
C PRO A 191 -13.28 -9.16 44.45
N PHE A 192 -13.56 -9.26 45.75
CA PHE A 192 -13.08 -8.27 46.69
C PHE A 192 -11.58 -8.38 46.89
N GLY A 193 -10.92 -7.23 47.00
CA GLY A 193 -9.50 -7.22 47.26
C GLY A 193 -8.63 -7.61 46.08
N ALA A 194 -9.19 -7.72 44.89
CA ALA A 194 -8.42 -8.03 43.70
C ALA A 194 -8.89 -7.17 42.55
N GLY A 195 -9.10 -5.88 42.81
CA GLY A 195 -9.53 -4.98 41.77
C GLY A 195 -8.43 -4.70 40.77
N ARG A 196 -8.80 -4.69 39.50
CA ARG A 196 -7.86 -4.36 38.45
C ARG A 196 -7.51 -2.89 38.53
N PRO A 197 -6.34 -2.51 38.02
CA PRO A 197 -6.08 -1.09 37.80
C PRO A 197 -6.96 -0.57 36.68
N GLY A 198 -7.48 0.64 36.88
CA GLY A 198 -8.29 1.27 35.85
C GLY A 198 -9.65 0.63 35.61
N GLN A 199 -10.37 0.33 36.68
CA GLN A 199 -11.63 -0.39 36.63
C GLN A 199 -12.41 -0.07 37.89
N PHE A 200 -13.74 -0.06 37.79
CA PHE A 200 -14.58 0.28 38.94
C PHE A 200 -14.49 -0.83 39.97
N GLY A 201 -13.94 -0.49 41.14
CA GLY A 201 -13.55 -1.51 42.07
C GLY A 201 -12.05 -1.54 42.22
N ASP A 202 -11.40 -0.55 41.61
CA ASP A 202 -10.02 -0.25 41.97
C ASP A 202 -9.92 0.09 43.44
N ILE A 203 -10.85 0.86 43.93
CA ILE A 203 -11.03 1.07 45.36
C ILE A 203 -12.30 0.34 45.77
N GLN A 204 -12.30 -0.23 46.97
CA GLN A 204 -13.35 -1.12 47.41
C GLN A 204 -13.61 -0.92 48.89
N SER A 205 -14.87 -1.05 49.28
CA SER A 205 -15.32 -0.94 50.65
C SER A 205 -16.42 -1.96 50.89
N ARG A 206 -16.54 -2.42 52.13
CA ARG A 206 -17.54 -3.44 52.44
C ARG A 206 -18.87 -2.79 52.83
N THR A 207 -18.82 -1.68 53.54
CA THR A 207 -19.97 -0.87 53.87
C THR A 207 -19.78 0.54 53.35
N PRO A 208 -20.82 1.39 53.39
CA PRO A 208 -20.59 2.82 53.22
C PRO A 208 -19.86 3.48 54.37
N GLU A 209 -19.65 2.79 55.49
CA GLU A 209 -18.94 3.34 56.64
C GLU A 209 -17.67 2.56 56.97
N SER A 210 -17.21 1.68 56.08
CA SER A 210 -15.97 0.95 56.32
C SER A 210 -14.77 1.87 56.08
N LYS A 211 -14.02 2.13 57.14
CA LYS A 211 -12.81 2.92 57.00
C LYS A 211 -11.68 2.11 56.37
N ASP A 212 -11.67 0.80 56.60
CA ASP A 212 -10.76 -0.09 55.89
C ASP A 212 -11.14 -0.09 54.41
N VAL A 213 -10.18 0.28 53.57
CA VAL A 213 -10.40 0.43 52.14
C VAL A 213 -9.37 -0.38 51.40
N TYR A 214 -9.78 -1.03 50.32
CA TYR A 214 -8.84 -1.67 49.43
C TYR A 214 -8.60 -0.76 48.25
N ALA A 215 -7.35 -0.65 47.82
CA ALA A 215 -7.02 0.21 46.71
C ALA A 215 -6.06 -0.49 45.77
N ASN A 216 -6.23 -0.23 44.47
CA ASN A 216 -5.29 -0.71 43.47
C ASN A 216 -5.30 0.32 42.34
N THR A 217 -4.38 1.28 42.42
CA THR A 217 -4.39 2.41 41.50
C THR A 217 -3.02 2.83 40.98
N GLN A 218 -1.95 2.53 41.73
CA GLN A 218 -0.56 2.87 41.37
C GLN A 218 -0.37 4.38 41.14
N LEU A 219 -0.53 5.14 42.21
CA LEU A 219 -0.18 6.55 42.19
C LEU A 219 1.34 6.63 42.23
N VAL A 220 1.97 6.62 41.06
CA VAL A 220 3.41 6.54 40.95
C VAL A 220 3.96 7.94 40.74
N LEU A 221 4.79 8.40 41.66
CA LEU A 221 5.30 9.76 41.58
C LEU A 221 6.30 9.92 40.46
N GLN A 222 6.44 11.14 39.98
CA GLN A 222 7.41 11.46 38.95
C GLN A 222 8.35 12.55 39.47
N ARG A 223 9.31 12.93 38.65
CA ARG A 223 10.36 13.86 39.07
C ARG A 223 9.92 15.30 38.83
N PRO A 224 9.90 16.15 39.84
CA PRO A 224 9.68 17.58 39.60
C PRO A 224 10.95 18.28 39.14
N ALA A 225 10.76 19.35 38.37
CA ALA A 225 11.86 20.04 37.72
C ALA A 225 12.21 21.34 38.45
N ALA A 226 13.10 22.12 37.87
CA ALA A 226 13.63 23.31 38.53
C ALA A 226 12.60 24.42 38.56
N GLY A 227 12.29 24.89 39.76
CA GLY A 227 11.21 25.84 39.99
C GLY A 227 9.85 25.22 40.16
N THR A 228 9.61 24.05 39.56
CA THR A 228 8.32 23.38 39.59
C THR A 228 8.12 22.76 40.97
N VAL A 229 7.81 23.63 41.93
CA VAL A 229 7.56 23.16 43.29
C VAL A 229 6.13 22.63 43.39
N HIS A 230 6.01 21.31 43.24
CA HIS A 230 4.74 20.59 43.27
C HIS A 230 5.06 19.12 43.40
N VAL A 231 4.04 18.28 43.23
CA VAL A 231 4.23 16.83 43.28
C VAL A 231 3.73 16.23 41.98
N PRO A 232 4.62 15.77 41.10
CA PRO A 232 4.18 15.10 39.87
C PRO A 232 4.00 13.61 40.07
N TYR A 233 2.87 13.10 39.59
CA TYR A 233 2.51 11.71 39.85
C TYR A 233 1.84 11.12 38.62
N SER A 234 1.96 9.80 38.50
CA SER A 234 1.15 9.03 37.57
C SER A 234 -0.29 9.11 38.02
N GLN A 235 -1.14 9.64 37.16
CA GLN A 235 -2.56 9.71 37.46
C GLN A 235 -3.15 8.31 37.52
N ALA A 236 -3.90 8.05 38.55
CA ALA A 236 -4.73 6.87 38.59
C ALA A 236 -5.96 7.12 37.72
N PRO A 237 -6.20 6.30 36.70
CA PRO A 237 -7.48 6.39 35.99
C PRO A 237 -8.63 5.92 36.86
N SER A 238 -9.77 6.60 36.74
CA SER A 238 -10.93 6.28 37.55
C SER A 238 -11.54 4.93 37.14
N GLY A 239 -12.55 4.52 37.90
CA GLY A 239 -13.40 3.44 37.45
C GLY A 239 -14.71 3.96 36.92
N PHE A 240 -15.32 4.85 37.70
CA PHE A 240 -16.67 5.30 37.40
C PHE A 240 -16.72 6.16 36.16
N LYS A 241 -15.85 7.17 36.09
CA LYS A 241 -16.05 8.28 35.17
C LYS A 241 -15.76 7.91 33.73
N TYR A 242 -15.27 6.71 33.47
CA TYR A 242 -15.43 6.14 32.14
C TYR A 242 -16.35 4.95 32.14
N TRP A 243 -16.56 4.31 33.29
CA TRP A 243 -17.55 3.24 33.35
C TRP A 243 -18.96 3.78 33.20
N LEU A 244 -19.18 5.05 33.56
CA LEU A 244 -20.43 5.71 33.19
C LEU A 244 -20.57 5.86 31.68
N LYS A 245 -19.47 5.90 30.96
CA LYS A 245 -19.57 6.02 29.51
C LYS A 245 -19.51 4.67 28.83
N GLU A 246 -18.98 3.66 29.51
CA GLU A 246 -18.91 2.31 28.97
C GLU A 246 -19.96 1.41 29.61
N ARG A 247 -21.15 1.97 29.82
CA ARG A 247 -22.24 1.20 30.41
C ARG A 247 -22.66 0.04 29.52
N GLY A 248 -22.61 0.23 28.22
CA GLY A 248 -23.37 -0.65 27.36
C GLY A 248 -24.82 -0.26 27.51
N ALA A 249 -25.69 -1.27 27.70
CA ALA A 249 -27.11 -1.02 27.92
C ALA A 249 -27.55 -1.70 29.19
N SER A 250 -28.50 -1.06 29.87
CA SER A 250 -29.02 -1.60 31.12
C SER A 250 -29.85 -2.85 30.86
N LEU A 251 -30.23 -3.54 31.93
CA LEU A 251 -31.11 -4.68 31.77
C LEU A 251 -32.53 -4.28 31.50
N GLN A 252 -32.86 -3.01 31.65
CA GLN A 252 -34.17 -2.50 31.22
C GLN A 252 -34.38 -2.65 29.73
N HIS A 253 -33.31 -2.58 28.95
CA HIS A 253 -33.41 -2.61 27.50
C HIS A 253 -32.73 -3.81 26.87
N THR A 254 -32.42 -4.84 27.63
CA THR A 254 -32.01 -6.08 27.00
C THR A 254 -32.56 -7.32 27.69
N ALA A 255 -33.53 -7.17 28.59
CA ALA A 255 -34.10 -8.31 29.27
C ALA A 255 -34.90 -9.17 28.29
N PRO A 256 -34.84 -10.47 28.44
CA PRO A 256 -35.73 -11.35 27.67
C PRO A 256 -37.14 -11.30 28.23
N PHE A 257 -38.10 -11.56 27.34
CA PHE A 257 -39.53 -11.63 27.61
C PHE A 257 -40.11 -10.34 28.18
N GLY A 258 -39.47 -9.20 27.92
CA GLY A 258 -40.02 -7.91 28.35
C GLY A 258 -40.01 -7.67 29.85
N CYS A 259 -39.04 -8.24 30.54
CA CYS A 259 -38.98 -8.10 31.99
C CYS A 259 -38.55 -6.69 32.37
N GLN A 260 -39.41 -6.00 33.09
CA GLN A 260 -39.10 -4.68 33.61
C GLN A 260 -38.23 -4.81 34.85
N ILE A 261 -37.44 -3.78 35.13
CA ILE A 261 -36.58 -3.75 36.30
C ILE A 261 -36.96 -2.55 37.14
N ALA A 262 -37.50 -2.80 38.32
CA ALA A 262 -37.78 -1.71 39.25
C ALA A 262 -36.62 -1.60 40.22
N THR A 263 -36.78 -0.76 41.25
CA THR A 263 -35.71 -0.50 42.21
C THR A 263 -36.37 -0.48 43.59
N ASN A 264 -35.54 -0.32 44.63
CA ASN A 264 -35.77 -0.16 46.08
C ASN A 264 -36.94 -0.97 46.66
N PRO A 265 -36.82 -2.30 46.76
CA PRO A 265 -35.72 -3.16 46.35
C PRO A 265 -35.88 -3.53 44.89
N VAL A 266 -34.79 -3.92 44.26
CA VAL A 266 -34.79 -4.21 42.84
C VAL A 266 -35.57 -5.49 42.59
N ARG A 267 -36.37 -5.49 41.54
CA ARG A 267 -37.31 -6.58 41.32
C ARG A 267 -37.65 -6.63 39.84
N ALA A 268 -37.94 -7.84 39.37
CA ALA A 268 -38.39 -8.02 38.00
C ALA A 268 -39.90 -7.92 37.96
N VAL A 269 -40.40 -7.20 36.96
CA VAL A 269 -41.83 -6.95 36.81
C VAL A 269 -42.28 -7.53 35.48
N ASN A 270 -43.39 -8.29 35.53
CA ASN A 270 -44.11 -8.79 34.35
C ASN A 270 -43.26 -9.73 33.50
N CYS A 271 -42.47 -10.56 34.15
CA CYS A 271 -41.68 -11.55 33.43
C CYS A 271 -42.61 -12.63 32.93
N ALA A 272 -43.11 -12.45 31.70
CA ALA A 272 -44.08 -13.36 31.12
C ALA A 272 -43.37 -14.62 30.65
N VAL A 273 -43.26 -15.61 31.54
CA VAL A 273 -42.66 -16.90 31.23
C VAL A 273 -43.52 -18.01 31.81
N GLY A 274 -43.89 -18.96 30.96
CA GLY A 274 -44.52 -20.18 31.45
C GLY A 274 -45.95 -19.99 31.94
N ASN A 275 -46.24 -20.55 33.11
CA ASN A 275 -47.60 -20.64 33.57
C ASN A 275 -47.62 -20.74 35.09
N ILE A 276 -48.76 -20.35 35.66
CA ILE A 276 -48.95 -20.38 37.10
C ILE A 276 -50.09 -21.32 37.45
N PRO A 277 -49.91 -22.23 38.41
CA PRO A 277 -51.05 -22.95 38.97
C PRO A 277 -51.73 -22.11 40.05
N ILE A 278 -53.06 -22.09 40.02
CA ILE A 278 -53.88 -21.33 40.95
C ILE A 278 -54.94 -22.26 41.53
N SER A 279 -55.05 -22.27 42.86
CA SER A 279 -56.09 -23.03 43.52
C SER A 279 -57.09 -22.10 44.15
N ILE A 280 -58.36 -22.46 44.03
CA ILE A 280 -59.48 -21.72 44.58
C ILE A 280 -60.29 -22.63 45.50
N ASP A 281 -60.49 -22.17 46.72
CA ASP A 281 -61.43 -22.78 47.64
C ASP A 281 -62.56 -21.81 47.91
N ILE A 282 -63.78 -22.22 47.56
CA ILE A 282 -64.98 -21.47 47.86
C ILE A 282 -66.02 -22.43 48.40
N PRO A 283 -66.44 -22.27 49.66
CA PRO A 283 -67.36 -23.23 50.26
C PRO A 283 -68.78 -23.03 49.75
N ASP A 284 -69.65 -23.89 50.24
CA ASP A 284 -70.96 -24.05 49.63
C ASP A 284 -71.99 -23.05 50.15
N ALA A 285 -71.57 -22.02 50.88
CA ALA A 285 -72.49 -20.95 51.22
C ALA A 285 -72.79 -20.07 50.02
N ALA A 286 -71.89 -20.05 49.03
CA ALA A 286 -72.01 -19.13 47.92
C ALA A 286 -72.73 -19.71 46.71
N PHE A 287 -72.87 -21.03 46.63
CA PHE A 287 -73.49 -21.63 45.47
C PHE A 287 -75.01 -21.50 45.56
N THR A 288 -75.69 -21.90 44.49
CA THR A 288 -77.13 -22.03 44.48
C THR A 288 -77.51 -23.37 43.88
N ARG A 289 -78.60 -23.93 44.38
CA ARG A 289 -79.12 -25.18 43.83
C ARG A 289 -79.79 -24.90 42.50
N VAL A 290 -79.95 -25.92 41.66
CA VAL A 290 -80.54 -25.72 40.34
C VAL A 290 -82.03 -25.48 40.40
N VAL A 291 -82.68 -25.80 41.52
CA VAL A 291 -84.10 -25.51 41.65
C VAL A 291 -84.34 -24.00 41.75
N ASP A 292 -83.36 -23.26 42.24
CA ASP A 292 -83.45 -21.81 42.29
C ASP A 292 -82.77 -21.17 41.09
N ALA A 293 -82.09 -21.95 40.26
CA ALA A 293 -81.38 -21.39 39.12
C ALA A 293 -82.29 -21.37 37.90
N PRO A 294 -82.32 -20.27 37.16
CA PRO A 294 -83.13 -20.24 35.94
C PRO A 294 -82.47 -21.07 34.85
N SER A 295 -82.96 -22.28 34.60
CA SER A 295 -82.36 -23.07 33.56
C SER A 295 -83.03 -22.79 32.22
N VAL A 296 -82.26 -22.92 31.16
CA VAL A 296 -82.71 -22.58 29.82
C VAL A 296 -82.66 -23.83 28.95
N THR A 297 -83.46 -23.81 27.89
CA THR A 297 -83.45 -24.88 26.90
C THR A 297 -83.83 -24.29 25.55
N ASP A 298 -83.80 -25.14 24.52
CA ASP A 298 -84.16 -24.79 23.14
C ASP A 298 -83.29 -23.65 22.61
N MET A 299 -81.99 -23.91 22.53
CA MET A 299 -81.06 -22.93 22.02
C MET A 299 -80.76 -23.18 20.56
N SER A 300 -80.72 -22.12 19.78
CA SER A 300 -80.30 -22.18 18.39
C SER A 300 -79.18 -21.18 18.19
N CYS A 301 -78.00 -21.67 17.86
CA CYS A 301 -76.80 -20.87 17.78
C CYS A 301 -76.43 -20.61 16.33
N GLU A 302 -76.06 -19.37 16.04
CA GLU A 302 -75.51 -19.07 14.72
C GLU A 302 -74.47 -17.97 14.89
N VAL A 303 -73.51 -17.95 13.98
CA VAL A 303 -72.43 -17.00 14.00
C VAL A 303 -72.53 -16.13 12.75
N PRO A 304 -73.18 -14.98 12.84
CA PRO A 304 -73.37 -14.15 11.65
C PRO A 304 -72.17 -13.32 11.27
N ALA A 305 -71.14 -13.26 12.12
CA ALA A 305 -69.95 -12.47 11.82
C ALA A 305 -68.79 -13.00 12.65
N CYS A 306 -67.75 -13.52 12.00
CA CYS A 306 -66.55 -13.91 12.72
C CYS A 306 -65.32 -13.52 11.92
N THR A 307 -64.33 -12.98 12.62
CA THR A 307 -63.11 -12.47 12.01
C THR A 307 -61.97 -12.93 12.90
N HIS A 308 -61.17 -13.88 12.44
CA HIS A 308 -60.20 -14.45 13.36
C HIS A 308 -59.01 -13.51 13.57
N SER A 309 -59.21 -12.56 14.49
CA SER A 309 -58.17 -11.64 14.91
C SER A 309 -57.93 -11.81 16.39
N SER A 310 -56.95 -11.07 16.90
CA SER A 310 -56.70 -11.07 18.34
C SER A 310 -57.65 -10.17 19.10
N ASP A 311 -58.50 -9.43 18.41
CA ASP A 311 -59.46 -8.53 19.04
C ASP A 311 -60.73 -9.32 19.37
N PHE A 312 -61.83 -8.63 19.65
CA PHE A 312 -63.13 -9.27 19.83
C PHE A 312 -63.53 -9.78 18.45
N GLY A 313 -63.21 -11.05 18.22
CA GLY A 313 -63.10 -11.54 16.86
C GLY A 313 -64.41 -11.73 16.15
N GLY A 314 -65.48 -11.95 16.88
CA GLY A 314 -66.76 -12.25 16.27
C GLY A 314 -67.89 -12.15 17.26
N VAL A 315 -69.09 -12.00 16.72
CA VAL A 315 -70.31 -11.93 17.53
C VAL A 315 -71.25 -13.01 17.04
N ALA A 316 -71.57 -13.95 17.90
CA ALA A 316 -72.57 -14.95 17.60
C ALA A 316 -73.85 -14.59 18.32
N ILE A 317 -74.96 -15.08 17.79
CA ILE A 317 -76.26 -14.86 18.40
C ILE A 317 -76.91 -16.22 18.61
N ILE A 318 -77.43 -16.43 19.81
CA ILE A 318 -78.02 -17.70 20.19
C ILE A 318 -79.38 -17.45 20.82
N LYS A 319 -80.38 -18.20 20.38
CA LYS A 319 -81.74 -18.07 20.87
C LYS A 319 -81.98 -19.05 21.99
N TYR A 320 -82.57 -18.56 23.08
CA TYR A 320 -82.78 -19.35 24.28
C TYR A 320 -84.26 -19.32 24.65
N THR A 321 -84.62 -20.16 25.63
CA THR A 321 -85.92 -20.11 26.27
C THR A 321 -85.68 -20.24 27.77
N ALA A 322 -85.78 -19.15 28.50
CA ALA A 322 -85.50 -19.18 29.93
C ALA A 322 -86.72 -19.60 30.72
N SER A 323 -86.46 -20.31 31.83
CA SER A 323 -87.55 -20.72 32.70
C SER A 323 -88.10 -19.53 33.48
N LYS A 324 -87.23 -18.64 33.92
CA LYS A 324 -87.63 -17.44 34.64
C LYS A 324 -86.52 -16.41 34.51
N LYS A 325 -86.76 -15.24 35.07
CA LYS A 325 -85.78 -14.16 34.99
C LYS A 325 -84.63 -14.41 35.95
N GLY A 326 -83.40 -14.18 35.48
CA GLY A 326 -82.24 -14.38 36.33
C GLY A 326 -80.93 -14.14 35.60
N LYS A 327 -79.84 -14.57 36.23
CA LYS A 327 -78.48 -14.46 35.71
C LYS A 327 -77.86 -15.84 35.62
N CYS A 328 -77.19 -16.13 34.50
CA CYS A 328 -76.32 -17.31 34.47
C CYS A 328 -75.22 -17.15 33.42
N ALA A 329 -74.25 -18.06 33.46
CA ALA A 329 -72.96 -17.85 32.84
C ALA A 329 -72.80 -18.65 31.56
N VAL A 330 -71.71 -18.34 30.84
CA VAL A 330 -71.34 -19.03 29.61
C VAL A 330 -69.86 -19.37 29.67
N HIS A 331 -69.44 -20.35 28.87
CA HIS A 331 -68.04 -20.77 28.79
C HIS A 331 -67.85 -21.69 27.60
N SER A 332 -66.69 -21.64 26.98
CA SER A 332 -66.36 -22.60 25.93
C SER A 332 -66.09 -23.97 26.52
N MET A 333 -66.36 -25.00 25.70
CA MET A 333 -65.95 -26.36 26.02
C MET A 333 -64.78 -26.81 25.16
N THR A 334 -64.06 -25.87 24.56
CA THR A 334 -62.83 -26.15 23.83
C THR A 334 -61.89 -24.99 24.11
N ASN A 335 -60.59 -25.28 24.19
CA ASN A 335 -59.64 -24.25 24.56
C ASN A 335 -59.24 -23.37 23.40
N ALA A 336 -59.77 -23.61 22.20
CA ALA A 336 -59.38 -22.79 21.05
C ALA A 336 -60.02 -21.41 21.13
N VAL A 337 -61.33 -21.35 21.21
CA VAL A 337 -62.05 -20.08 21.24
C VAL A 337 -62.05 -19.58 22.66
N THR A 338 -62.40 -18.32 22.84
CA THR A 338 -62.63 -17.76 24.17
C THR A 338 -63.74 -16.73 24.09
N ILE A 339 -64.34 -16.46 25.24
CA ILE A 339 -65.58 -15.70 25.35
C ILE A 339 -65.40 -14.59 26.37
N ARG A 340 -65.73 -13.37 25.98
CA ARG A 340 -65.42 -12.21 26.81
C ARG A 340 -66.36 -12.04 27.98
N GLU A 341 -67.66 -12.11 27.77
CA GLU A 341 -68.62 -11.79 28.81
C GLU A 341 -68.87 -13.04 29.63
N ALA A 342 -68.72 -12.91 30.95
CA ALA A 342 -68.78 -14.07 31.82
C ALA A 342 -70.22 -14.54 32.02
N ASP A 343 -71.06 -13.71 32.62
CA ASP A 343 -72.45 -14.08 32.90
C ASP A 343 -73.36 -13.12 32.15
N VAL A 344 -74.64 -13.45 32.11
CA VAL A 344 -75.57 -12.72 31.27
C VAL A 344 -76.95 -12.80 31.92
N GLU A 345 -77.76 -11.79 31.64
CA GLU A 345 -79.13 -11.71 32.10
C GLU A 345 -80.07 -12.39 31.11
N VAL A 346 -80.97 -13.22 31.61
CA VAL A 346 -81.98 -13.85 30.79
C VAL A 346 -83.33 -13.64 31.46
N GLU A 347 -84.39 -13.64 30.65
CA GLU A 347 -85.69 -13.29 31.18
C GLU A 347 -86.80 -14.28 30.83
N GLY A 348 -86.72 -14.94 29.68
CA GLY A 348 -87.85 -15.68 29.16
C GLY A 348 -87.58 -16.31 27.81
N ASN A 349 -88.46 -16.09 26.84
CA ASN A 349 -88.22 -16.53 25.47
C ASN A 349 -87.62 -15.36 24.69
N SER A 350 -86.32 -15.40 24.47
CA SER A 350 -85.61 -14.31 23.80
C SER A 350 -84.33 -14.88 23.19
N GLN A 351 -83.43 -14.00 22.79
CA GLN A 351 -82.12 -14.39 22.29
C GLN A 351 -81.07 -13.45 22.86
N LEU A 352 -79.82 -13.86 22.73
CA LEU A 352 -78.71 -13.09 23.26
C LEU A 352 -77.51 -13.24 22.34
N GLN A 353 -76.66 -12.22 22.34
CA GLN A 353 -75.44 -12.27 21.57
C GLN A 353 -74.26 -12.45 22.50
N ILE A 354 -73.16 -12.93 21.92
CA ILE A 354 -71.94 -13.12 22.68
C ILE A 354 -70.73 -12.90 21.79
N SER A 355 -69.72 -12.21 22.32
CA SER A 355 -68.52 -11.91 21.56
C SER A 355 -67.41 -12.89 21.94
N PHE A 356 -66.68 -13.31 20.94
CA PHE A 356 -65.72 -14.41 21.09
C PHE A 356 -64.54 -14.15 20.18
N SER A 357 -63.45 -14.87 20.43
CA SER A 357 -62.31 -14.82 19.50
C SER A 357 -61.65 -16.18 19.44
N THR A 358 -60.79 -16.32 18.45
CA THR A 358 -60.22 -17.61 18.08
C THR A 358 -59.00 -17.38 17.21
N ALA A 359 -58.51 -18.46 16.62
CA ALA A 359 -57.56 -18.40 15.53
C ALA A 359 -58.01 -19.22 14.33
N LEU A 360 -58.60 -20.37 14.56
CA LEU A 360 -58.94 -21.28 13.48
C LEU A 360 -60.13 -20.76 12.68
N ALA A 361 -60.02 -20.87 11.36
CA ALA A 361 -60.99 -20.27 10.46
C ALA A 361 -62.30 -21.02 10.50
N SER A 362 -62.25 -22.33 10.36
CA SER A 362 -63.46 -23.16 10.46
C SER A 362 -63.78 -23.29 11.94
N ALA A 363 -64.56 -22.34 12.44
CA ALA A 363 -64.89 -22.28 13.86
C ALA A 363 -65.94 -23.32 14.16
N GLU A 364 -65.50 -24.51 14.58
CA GLU A 364 -66.38 -25.59 14.97
C GLU A 364 -66.21 -25.80 16.48
N PHE A 365 -67.27 -25.56 17.25
CA PHE A 365 -67.09 -25.52 18.69
C PHE A 365 -68.41 -25.81 19.39
N ARG A 366 -68.35 -25.78 20.71
CA ARG A 366 -69.50 -25.93 21.57
C ARG A 366 -69.41 -24.92 22.70
N VAL A 367 -70.55 -24.38 23.08
CA VAL A 367 -70.63 -23.45 24.20
C VAL A 367 -71.49 -24.06 25.29
N GLN A 368 -70.96 -24.09 26.50
CA GLN A 368 -71.72 -24.44 27.68
C GLN A 368 -72.35 -23.16 28.21
N VAL A 369 -73.67 -23.13 28.20
CA VAL A 369 -74.41 -22.02 28.77
C VAL A 369 -75.44 -22.56 29.74
N CYS A 370 -75.29 -22.19 31.01
CA CYS A 370 -76.34 -22.24 32.02
C CYS A 370 -76.76 -23.67 32.31
N SER A 371 -75.74 -24.52 32.51
CA SER A 371 -75.85 -25.98 32.60
C SER A 371 -76.54 -26.60 31.39
N THR A 372 -76.21 -26.14 30.17
CA THR A 372 -76.74 -26.70 28.94
C THR A 372 -75.69 -26.62 27.85
N GLN A 373 -75.45 -27.73 27.15
CA GLN A 373 -74.50 -27.77 26.06
C GLN A 373 -75.19 -27.35 24.76
N VAL A 374 -74.53 -26.50 23.96
CA VAL A 374 -75.03 -26.12 22.65
C VAL A 374 -73.88 -26.22 21.66
N HIS A 375 -74.19 -26.64 20.43
CA HIS A 375 -73.21 -26.85 19.37
C HIS A 375 -73.29 -25.71 18.35
N CYS A 376 -72.13 -25.33 17.80
CA CYS A 376 -72.10 -24.25 16.81
C CYS A 376 -70.98 -24.49 15.80
N ALA A 377 -71.11 -23.84 14.65
CA ALA A 377 -70.14 -23.92 13.58
C ALA A 377 -70.23 -22.69 12.70
N ALA A 378 -69.10 -22.33 12.09
CA ALA A 378 -68.99 -21.21 11.17
C ALA A 378 -67.67 -21.33 10.42
N ALA A 379 -67.46 -20.46 9.44
CA ALA A 379 -66.18 -20.31 8.75
C ALA A 379 -65.79 -18.84 8.78
N CYS A 380 -64.59 -18.54 9.25
CA CYS A 380 -64.19 -17.17 9.54
C CYS A 380 -63.38 -16.57 8.39
N HIS A 381 -62.87 -15.37 8.62
CA HIS A 381 -62.14 -14.60 7.64
C HIS A 381 -60.92 -13.97 8.29
N PRO A 382 -59.83 -13.83 7.56
CA PRO A 382 -58.65 -13.18 8.11
C PRO A 382 -58.87 -11.69 8.23
N PRO A 383 -58.31 -11.06 9.24
CA PRO A 383 -58.46 -9.62 9.38
C PRO A 383 -57.58 -8.88 8.40
N LYS A 384 -57.94 -7.62 8.18
CA LYS A 384 -57.44 -6.82 7.07
C LYS A 384 -56.40 -5.81 7.52
N ASP A 385 -55.78 -6.04 8.67
CA ASP A 385 -54.71 -5.17 9.14
C ASP A 385 -53.61 -6.03 9.74
N HIS A 386 -52.39 -5.50 9.75
CA HIS A 386 -51.22 -6.34 9.97
C HIS A 386 -50.75 -6.31 11.42
N ILE A 387 -50.57 -5.13 11.99
CA ILE A 387 -49.96 -5.02 13.31
C ILE A 387 -50.98 -4.47 14.31
N VAL A 388 -50.65 -4.62 15.59
CA VAL A 388 -51.52 -4.20 16.68
C VAL A 388 -50.63 -4.07 17.90
N ASN A 389 -51.14 -3.39 18.94
CA ASN A 389 -50.40 -3.27 20.19
C ASN A 389 -51.16 -3.87 21.37
N TYR A 390 -51.78 -5.05 21.18
CA TYR A 390 -52.33 -5.87 22.26
C TYR A 390 -52.55 -7.29 21.76
N PRO A 391 -52.08 -8.29 22.47
CA PRO A 391 -52.38 -9.68 22.07
C PRO A 391 -53.54 -10.27 22.84
N ALA A 392 -54.00 -11.46 22.44
CA ALA A 392 -54.95 -12.25 23.21
C ALA A 392 -54.75 -13.70 22.85
N SER A 393 -54.42 -14.52 23.85
CA SER A 393 -53.73 -15.81 23.66
C SER A 393 -54.66 -16.94 23.29
N HIS A 394 -55.85 -16.65 22.77
CA HIS A 394 -56.64 -17.70 22.13
C HIS A 394 -55.94 -18.22 20.89
N THR A 395 -55.16 -17.37 20.24
CA THR A 395 -54.49 -17.68 18.98
C THR A 395 -53.44 -18.79 19.11
N THR A 396 -52.95 -19.04 20.32
CA THR A 396 -51.86 -19.97 20.56
C THR A 396 -52.39 -21.40 20.41
N LEU A 397 -52.49 -21.82 19.15
CA LEU A 397 -52.99 -23.14 18.79
C LEU A 397 -51.97 -23.86 17.93
N GLY A 398 -51.94 -25.19 18.07
CA GLY A 398 -50.84 -25.99 17.57
C GLY A 398 -50.89 -26.30 16.09
N VAL A 399 -50.58 -27.55 15.76
CA VAL A 399 -50.68 -28.03 14.39
C VAL A 399 -51.88 -28.94 14.20
N GLN A 400 -52.49 -29.42 15.28
CA GLN A 400 -53.85 -29.97 15.20
C GLN A 400 -54.85 -28.86 15.51
N ASP A 401 -54.77 -27.81 14.70
CA ASP A 401 -55.83 -26.84 14.58
C ASP A 401 -56.80 -27.37 13.54
N ILE A 402 -57.87 -26.64 13.27
CA ILE A 402 -58.91 -27.15 12.39
C ILE A 402 -58.93 -26.31 11.12
N SER A 403 -58.56 -26.93 10.01
CA SER A 403 -58.69 -26.29 8.72
C SER A 403 -60.14 -26.39 8.23
N THR A 404 -60.36 -25.96 7.00
CA THR A 404 -61.68 -25.91 6.39
C THR A 404 -62.09 -27.28 5.88
N THR A 405 -62.96 -27.27 4.87
CA THR A 405 -63.12 -28.38 3.93
C THR A 405 -61.83 -28.79 3.21
N ALA A 406 -60.75 -28.01 3.36
CA ALA A 406 -59.40 -28.50 3.10
C ALA A 406 -59.09 -29.81 3.82
N MET A 407 -59.69 -30.05 4.99
CA MET A 407 -59.67 -31.39 5.59
C MET A 407 -60.26 -32.42 4.65
N SER A 408 -61.42 -32.13 4.05
CA SER A 408 -62.01 -33.06 3.10
C SER A 408 -61.18 -33.15 1.83
N TRP A 409 -60.50 -32.06 1.47
CA TRP A 409 -59.58 -32.05 0.35
C TRP A 409 -58.46 -33.04 0.55
N VAL A 410 -57.75 -32.93 1.67
CA VAL A 410 -56.61 -33.81 1.91
C VAL A 410 -57.08 -35.23 2.21
N GLN A 411 -58.31 -35.39 2.71
CA GLN A 411 -58.91 -36.71 2.80
C GLN A 411 -59.13 -37.30 1.42
N LYS A 412 -59.51 -36.46 0.46
CA LYS A 412 -59.62 -36.92 -0.91
C LYS A 412 -58.26 -37.25 -1.50
N ILE A 413 -57.20 -36.58 -1.06
CA ILE A 413 -55.86 -36.81 -1.64
C ILE A 413 -55.36 -38.19 -1.31
N THR A 414 -55.52 -38.62 -0.06
CA THR A 414 -54.99 -39.92 0.38
C THR A 414 -55.87 -41.09 -0.13
N GLY A 415 -55.89 -41.23 -1.46
CA GLY A 415 -56.64 -42.29 -2.10
C GLY A 415 -56.02 -43.65 -1.85
N GLY A 416 -54.75 -43.79 -2.20
CA GLY A 416 -54.01 -45.00 -1.88
C GLY A 416 -54.00 -46.01 -3.01
N VAL A 417 -52.84 -46.63 -3.20
CA VAL A 417 -52.66 -47.71 -4.16
C VAL A 417 -52.42 -49.04 -3.47
N GLY A 418 -52.81 -49.13 -2.19
CA GLY A 418 -52.75 -50.39 -1.48
C GLY A 418 -53.62 -51.45 -2.09
N LEU A 419 -54.72 -51.05 -2.74
CA LEU A 419 -55.62 -52.00 -3.38
C LEU A 419 -54.96 -52.63 -4.60
N ILE A 420 -54.21 -51.84 -5.38
CA ILE A 420 -53.57 -52.36 -6.57
C ILE A 420 -52.36 -53.23 -6.19
N VAL A 421 -51.62 -52.84 -5.15
CA VAL A 421 -50.55 -53.74 -4.75
C VAL A 421 -51.09 -54.96 -4.02
N ALA A 422 -52.31 -54.88 -3.47
CA ALA A 422 -52.95 -56.06 -2.90
C ALA A 422 -53.36 -57.05 -3.99
N VAL A 423 -53.89 -56.55 -5.11
CA VAL A 423 -54.18 -57.44 -6.22
C VAL A 423 -52.89 -57.95 -6.86
N ALA A 424 -51.79 -57.21 -6.70
CA ALA A 424 -50.48 -57.73 -7.11
C ALA A 424 -50.04 -58.89 -6.23
N ALA A 425 -50.26 -58.77 -4.91
CA ALA A 425 -49.97 -59.88 -4.00
C ALA A 425 -50.85 -61.09 -4.31
N LEU A 426 -52.11 -60.83 -4.68
CA LEU A 426 -53.01 -61.94 -5.00
C LEU A 426 -52.68 -62.59 -6.33
N ILE A 427 -52.21 -61.83 -7.33
CA ILE A 427 -51.85 -62.48 -8.58
C ILE A 427 -50.53 -63.26 -8.44
N LEU A 428 -49.59 -62.76 -7.63
CA LEU A 428 -48.40 -63.57 -7.41
C LEU A 428 -48.70 -64.80 -6.58
N ILE A 429 -49.62 -64.70 -5.62
CA ILE A 429 -49.92 -65.89 -4.85
C ILE A 429 -50.83 -66.86 -5.61
N VAL A 430 -51.53 -66.40 -6.66
CA VAL A 430 -52.24 -67.38 -7.48
C VAL A 430 -51.31 -67.98 -8.52
N VAL A 431 -50.16 -67.35 -8.78
CA VAL A 431 -49.07 -68.12 -9.38
C VAL A 431 -48.59 -69.18 -8.41
N LEU A 432 -48.34 -68.78 -7.16
CA LEU A 432 -47.74 -69.69 -6.18
C LEU A 432 -48.69 -70.77 -5.70
N CYS A 433 -49.98 -70.68 -5.97
CA CYS A 433 -50.87 -71.78 -5.63
C CYS A 433 -50.86 -72.88 -6.69
N VAL A 434 -49.92 -72.84 -7.64
CA VAL A 434 -49.55 -74.05 -8.38
C VAL A 434 -49.04 -75.10 -7.40
N SER A 435 -48.08 -74.71 -6.54
CA SER A 435 -47.73 -75.50 -5.35
C SER A 435 -47.31 -74.57 -4.21
N PHE A 436 -48.29 -74.11 -3.43
CA PHE A 436 -48.04 -73.46 -2.13
C PHE A 436 -48.80 -74.20 -1.02
N SER A 437 -48.60 -75.51 -0.94
CA SER A 437 -49.44 -76.34 -0.09
C SER A 437 -49.06 -76.29 1.39
N ARG A 438 -47.84 -76.68 1.74
CA ARG A 438 -47.50 -76.93 3.14
C ARG A 438 -46.31 -76.08 3.59
N HIS A 439 -46.28 -74.81 3.21
CA HIS A 439 -45.28 -73.88 3.74
C HIS A 439 -45.84 -73.10 4.92
N ASN B 1 -23.69 32.21 62.75
CA ASN B 1 -23.63 31.77 61.36
C ASN B 1 -22.32 32.18 60.72
N PHE B 2 -21.57 31.16 60.27
CA PHE B 2 -20.41 31.29 59.40
C PHE B 2 -19.32 32.16 60.03
N ASN B 3 -18.76 31.63 61.11
CA ASN B 3 -17.52 32.18 61.66
C ASN B 3 -16.58 31.01 61.85
N VAL B 4 -15.89 30.64 60.78
CA VAL B 4 -14.97 29.51 60.80
C VAL B 4 -13.68 29.91 60.10
N TYR B 5 -13.72 31.00 59.35
CA TYR B 5 -12.59 31.44 58.55
C TYR B 5 -11.81 32.57 59.22
N LYS B 6 -11.74 32.58 60.53
CA LYS B 6 -11.05 33.65 61.23
C LYS B 6 -9.56 33.38 61.40
N ALA B 7 -9.02 32.35 60.77
CA ALA B 7 -7.59 32.05 60.80
C ALA B 7 -7.08 31.71 59.42
N THR B 8 -7.56 32.42 58.40
CA THR B 8 -7.23 32.13 57.01
C THR B 8 -6.58 33.33 56.35
N ARG B 9 -5.84 33.04 55.27
CA ARG B 9 -5.20 34.06 54.45
C ARG B 9 -4.80 33.40 53.14
N PRO B 10 -4.72 34.15 52.04
CA PRO B 10 -4.53 33.54 50.71
C PRO B 10 -3.13 32.95 50.47
N TYR B 11 -3.00 32.33 49.30
CA TYR B 11 -2.09 31.21 49.06
C TYR B 11 -1.36 31.33 47.72
N LEU B 12 -0.60 32.43 47.52
CA LEU B 12 0.15 32.71 46.29
C LEU B 12 0.87 31.50 45.69
N ALA B 13 0.48 31.13 44.48
CA ALA B 13 0.87 29.82 43.96
C ALA B 13 1.11 29.91 42.46
N HIS B 14 2.00 29.05 41.98
CA HIS B 14 2.52 29.10 40.64
C HIS B 14 1.54 28.59 39.59
N CYS B 15 0.71 29.47 39.07
CA CYS B 15 -0.22 29.09 38.01
C CYS B 15 0.54 28.92 36.70
N PRO B 16 0.28 27.84 35.96
CA PRO B 16 1.09 27.58 34.76
C PRO B 16 0.75 28.43 33.57
N ASP B 17 -0.46 28.99 33.51
CA ASP B 17 -0.87 29.84 32.40
C ASP B 17 -1.58 31.04 33.01
N CYS B 18 -0.87 32.15 33.14
CA CYS B 18 -1.40 33.39 33.67
C CYS B 18 -1.71 34.37 32.56
N GLY B 19 -2.28 33.85 31.48
CA GLY B 19 -2.19 34.56 30.22
C GLY B 19 -0.77 34.40 29.72
N GLU B 20 -0.37 35.28 28.80
CA GLU B 20 1.02 35.54 28.40
C GLU B 20 1.82 34.33 27.89
N GLY B 21 1.18 33.18 27.73
CA GLY B 21 1.89 31.97 27.38
C GLY B 21 2.59 31.33 28.56
N HIS B 22 3.56 32.02 29.14
CA HIS B 22 4.39 31.43 30.18
C HIS B 22 3.70 31.57 31.55
N SER B 23 4.37 31.09 32.59
CA SER B 23 3.77 30.85 33.90
C SER B 23 4.11 31.98 34.85
N CYS B 24 3.34 32.08 35.94
CA CYS B 24 3.64 33.06 36.96
C CYS B 24 2.97 32.67 38.27
N HIS B 25 3.43 33.30 39.35
CA HIS B 25 2.83 33.12 40.67
C HIS B 25 1.60 34.00 40.77
N SER B 26 0.44 33.39 40.69
CA SER B 26 -0.79 34.14 40.86
C SER B 26 -1.41 33.88 42.22
N PRO B 27 -2.16 34.84 42.76
CA PRO B 27 -2.97 34.55 43.94
C PRO B 27 -4.27 33.81 43.64
N ILE B 28 -4.53 33.48 42.38
CA ILE B 28 -5.73 32.77 41.94
C ILE B 28 -5.36 31.47 41.23
N ALA B 29 -4.30 30.80 41.67
CA ALA B 29 -4.01 29.49 41.11
C ALA B 29 -5.01 28.47 41.65
N LEU B 30 -5.67 27.78 40.73
CA LEU B 30 -6.56 26.68 41.09
C LEU B 30 -5.75 25.57 41.73
N GLU B 31 -6.36 24.85 42.66
CA GLU B 31 -5.64 23.77 43.32
C GLU B 31 -6.33 22.42 43.16
N ARG B 32 -7.61 22.34 43.43
CA ARG B 32 -8.35 21.10 43.29
C ARG B 32 -9.61 21.43 42.52
N ILE B 33 -10.08 20.48 41.73
CA ILE B 33 -11.27 20.69 40.91
C ILE B 33 -12.16 19.45 41.01
N ARG B 34 -13.38 19.65 41.47
CA ARG B 34 -14.33 18.56 41.63
C ARG B 34 -15.52 18.78 40.72
N ASN B 35 -15.97 17.71 40.08
CA ASN B 35 -17.17 17.75 39.28
C ASN B 35 -18.03 16.52 39.49
N GLU B 36 -18.00 15.93 40.69
CA GLU B 36 -18.57 14.60 40.90
C GLU B 36 -20.09 14.59 40.84
N ALA B 37 -20.73 15.74 40.93
CA ALA B 37 -22.17 15.80 40.74
C ALA B 37 -22.50 15.53 39.28
N THR B 38 -23.60 14.80 39.05
CA THR B 38 -23.99 14.45 37.69
C THR B 38 -24.56 15.62 36.92
N ASP B 39 -24.79 16.76 37.56
CA ASP B 39 -25.49 17.87 36.93
C ASP B 39 -24.57 18.93 36.38
N GLY B 40 -23.36 18.55 35.97
CA GLY B 40 -22.47 19.44 35.25
C GLY B 40 -21.96 20.62 36.04
N THR B 41 -22.09 20.61 37.35
CA THR B 41 -21.66 21.71 38.18
C THR B 41 -20.22 21.50 38.59
N LEU B 42 -19.43 22.57 38.50
CA LEU B 42 -18.01 22.53 38.77
C LEU B 42 -17.76 23.16 40.13
N LYS B 43 -17.21 22.36 41.04
CA LYS B 43 -16.83 22.83 42.37
C LYS B 43 -15.34 23.13 42.34
N ILE B 44 -15.00 24.41 42.37
CA ILE B 44 -13.64 24.88 42.16
C ILE B 44 -13.05 25.24 43.51
N GLN B 45 -11.88 24.66 43.81
CA GLN B 45 -11.05 25.04 44.95
C GLN B 45 -9.98 26.00 44.47
N VAL B 46 -10.10 27.24 44.90
CA VAL B 46 -9.22 28.31 44.52
C VAL B 46 -8.39 28.64 45.74
N SER B 47 -7.40 29.52 45.58
CA SER B 47 -6.59 29.94 46.72
C SER B 47 -7.37 30.89 47.63
N LEU B 48 -7.72 32.07 47.13
CA LEU B 48 -8.15 33.18 47.98
C LEU B 48 -9.54 32.92 48.57
N GLN B 49 -9.95 33.81 49.48
CA GLN B 49 -11.23 33.68 50.13
C GLN B 49 -12.08 34.91 49.85
N ILE B 50 -13.39 34.74 50.02
CA ILE B 50 -14.38 35.72 49.58
C ILE B 50 -15.32 36.02 50.74
N GLY B 51 -15.93 37.21 50.69
CA GLY B 51 -16.91 37.59 51.70
C GLY B 51 -16.31 38.14 52.98
N ILE B 52 -15.40 37.37 53.57
CA ILE B 52 -14.76 37.79 54.81
C ILE B 52 -13.79 38.92 54.49
N LYS B 53 -13.90 40.03 55.22
CA LYS B 53 -12.94 41.11 55.10
C LYS B 53 -11.69 40.78 55.90
N THR B 54 -10.84 41.79 56.12
CA THR B 54 -9.60 41.57 56.86
C THR B 54 -9.85 41.46 58.37
N ASP B 55 -11.07 41.66 58.84
CA ASP B 55 -11.39 41.64 60.26
C ASP B 55 -12.53 40.68 60.61
N ASP B 56 -12.60 39.54 59.92
CA ASP B 56 -13.57 38.47 60.17
C ASP B 56 -15.02 38.93 60.03
N SER B 57 -15.37 39.32 58.80
CA SER B 57 -16.69 39.84 58.49
C SER B 57 -17.60 38.72 57.94
N HIS B 58 -18.78 39.13 57.47
CA HIS B 58 -19.75 38.23 56.86
C HIS B 58 -20.38 38.86 55.60
N ASP B 59 -19.58 39.55 54.81
CA ASP B 59 -20.10 40.25 53.63
C ASP B 59 -20.33 39.28 52.49
N TRP B 60 -20.93 39.80 51.41
CA TRP B 60 -21.13 39.06 50.17
C TRP B 60 -20.44 39.75 49.01
N THR B 61 -19.62 40.74 49.29
CA THR B 61 -19.07 41.55 48.20
C THR B 61 -17.55 41.61 48.19
N LYS B 62 -16.92 41.66 49.35
CA LYS B 62 -15.48 41.77 49.37
C LYS B 62 -14.85 40.39 49.27
N LEU B 63 -13.54 40.36 49.07
CA LEU B 63 -12.79 39.12 48.99
C LEU B 63 -11.33 39.41 49.33
N ARG B 64 -10.74 38.53 50.13
CA ARG B 64 -9.40 38.71 50.64
C ARG B 64 -8.41 38.04 49.70
N TYR B 65 -7.45 38.82 49.19
CA TYR B 65 -6.43 38.32 48.29
C TYR B 65 -5.08 38.85 48.74
N MET B 66 -4.04 38.05 48.56
CA MET B 66 -2.72 38.36 49.08
C MET B 66 -1.82 38.93 48.00
N ASP B 67 -0.92 39.82 48.40
CA ASP B 67 0.26 40.15 47.60
C ASP B 67 1.39 40.54 48.55
N SER B 68 2.54 39.88 48.39
CA SER B 68 3.76 40.13 49.18
C SER B 68 3.51 39.98 50.68
N HIS B 69 2.73 38.96 51.04
CA HIS B 69 2.17 38.76 52.37
C HIS B 69 1.42 40.00 52.85
N THR B 70 0.44 40.39 52.06
CA THR B 70 -0.43 41.51 52.41
C THR B 70 -1.85 41.15 51.97
N PRO B 71 -2.76 40.86 52.90
CA PRO B 71 -4.15 40.60 52.54
C PRO B 71 -4.90 41.89 52.30
N ALA B 72 -5.18 42.20 51.04
CA ALA B 72 -6.06 43.28 50.66
C ALA B 72 -7.40 42.72 50.23
N ASP B 73 -8.33 43.60 49.92
CA ASP B 73 -9.70 43.22 49.62
C ASP B 73 -10.13 43.75 48.26
N ALA B 74 -11.02 43.02 47.61
CA ALA B 74 -11.52 43.42 46.30
C ALA B 74 -12.96 42.93 46.15
N GLU B 75 -13.49 43.08 44.93
CA GLU B 75 -14.91 42.91 44.68
C GLU B 75 -15.21 41.69 43.82
N ARG B 76 -16.28 40.96 44.17
CA ARG B 76 -16.69 39.78 43.40
C ARG B 76 -17.24 40.13 42.04
N ALA B 77 -17.53 41.41 41.76
CA ALA B 77 -17.99 41.80 40.43
C ALA B 77 -16.93 41.57 39.37
N GLY B 78 -15.65 41.66 39.72
CA GLY B 78 -14.61 41.36 38.78
C GLY B 78 -14.44 39.90 38.45
N LEU B 79 -15.04 38.99 39.21
CA LEU B 79 -14.86 37.55 38.99
C LEU B 79 -15.50 37.11 37.69
N LEU B 80 -14.78 36.22 37.00
CA LEU B 80 -15.27 35.67 35.74
C LEU B 80 -14.61 34.32 35.54
N VAL B 81 -15.43 33.34 35.17
CA VAL B 81 -14.98 32.00 34.84
C VAL B 81 -15.49 31.65 33.45
N ARG B 82 -14.60 31.11 32.61
CA ARG B 82 -14.92 30.84 31.22
C ARG B 82 -14.30 29.53 30.80
N THR B 83 -15.10 28.65 30.20
CA THR B 83 -14.56 27.50 29.50
C THR B 83 -14.46 27.82 28.01
N SER B 84 -15.58 28.15 27.39
CA SER B 84 -15.58 28.76 26.06
C SER B 84 -16.48 29.98 26.10
N ALA B 85 -17.48 29.93 26.93
CA ALA B 85 -18.54 30.84 27.28
C ALA B 85 -18.37 31.33 28.71
N PRO B 86 -18.90 32.50 29.05
CA PRO B 86 -18.88 32.92 30.46
C PRO B 86 -19.79 32.06 31.33
N CYS B 87 -19.19 31.25 32.21
CA CYS B 87 -19.97 30.41 33.09
C CYS B 87 -20.69 31.26 34.13
N THR B 88 -21.93 30.89 34.42
CA THR B 88 -22.73 31.60 35.40
C THR B 88 -22.35 31.08 36.79
N ILE B 89 -21.78 31.95 37.62
CA ILE B 89 -21.42 31.54 38.97
C ILE B 89 -22.68 31.34 39.79
N THR B 90 -22.69 30.29 40.62
CA THR B 90 -23.85 29.99 41.42
C THR B 90 -23.56 30.07 42.92
N GLY B 91 -22.55 29.36 43.39
CA GLY B 91 -22.35 29.27 44.83
C GLY B 91 -20.99 29.74 45.30
N THR B 92 -20.96 30.75 46.15
CA THR B 92 -19.72 31.43 46.52
C THR B 92 -19.47 31.28 48.01
N MET B 93 -18.50 30.44 48.40
CA MET B 93 -18.19 30.33 49.82
C MET B 93 -16.71 30.03 50.00
N GLY B 94 -16.01 30.93 50.71
CA GLY B 94 -14.63 30.74 51.09
C GLY B 94 -13.66 30.65 49.94
N HIS B 95 -12.95 29.54 49.84
CA HIS B 95 -12.11 29.28 48.70
C HIS B 95 -12.80 28.47 47.63
N PHE B 96 -14.13 28.51 47.57
CA PHE B 96 -14.87 27.55 46.79
C PHE B 96 -15.98 28.21 45.99
N ILE B 97 -16.06 27.83 44.72
CA ILE B 97 -17.09 28.37 43.84
C ILE B 97 -17.74 27.23 43.05
N LEU B 98 -19.07 27.18 43.12
CA LEU B 98 -19.88 26.31 42.30
C LEU B 98 -20.32 27.07 41.07
N ALA B 99 -20.00 26.54 39.89
CA ALA B 99 -20.36 27.17 38.63
C ALA B 99 -21.10 26.18 37.74
N ARG B 100 -21.87 26.73 36.81
CA ARG B 100 -22.48 25.98 35.72
C ARG B 100 -21.90 26.49 34.41
N CYS B 101 -21.47 25.57 33.56
CA CYS B 101 -20.73 26.01 32.38
C CYS B 101 -20.84 24.95 31.30
N PRO B 102 -20.94 25.33 30.04
CA PRO B 102 -21.10 24.32 28.97
C PRO B 102 -19.83 23.58 28.62
N LYS B 103 -19.95 22.78 27.56
CA LYS B 103 -18.84 22.03 26.98
C LYS B 103 -17.72 22.98 26.54
N GLY B 104 -16.49 22.66 26.95
CA GLY B 104 -15.36 23.47 26.59
C GLY B 104 -14.06 22.67 26.69
N GLU B 105 -12.98 23.32 26.27
CA GLU B 105 -11.66 22.73 26.31
C GLU B 105 -11.01 22.93 27.68
N THR B 106 -10.76 24.17 28.05
CA THR B 106 -9.98 24.49 29.24
C THR B 106 -10.84 25.27 30.23
N LEU B 107 -10.20 25.83 31.26
CA LEU B 107 -10.90 26.60 32.28
C LEU B 107 -10.10 27.84 32.63
N THR B 108 -10.78 28.98 32.70
CA THR B 108 -10.14 30.23 33.07
C THR B 108 -10.90 30.85 34.22
N VAL B 109 -10.17 31.29 35.24
CA VAL B 109 -10.74 32.05 36.34
C VAL B 109 -9.93 33.33 36.54
N GLY B 110 -10.62 34.45 36.66
CA GLY B 110 -9.91 35.72 36.71
C GLY B 110 -10.72 36.80 37.40
N PHE B 111 -9.99 37.80 37.90
CA PHE B 111 -10.61 39.01 38.46
C PHE B 111 -9.60 40.13 38.37
N THR B 112 -9.99 41.32 38.84
CA THR B 112 -9.12 42.49 38.82
C THR B 112 -8.81 42.97 40.23
N ASP B 113 -7.53 43.23 40.48
CA ASP B 113 -7.05 43.59 41.81
C ASP B 113 -7.42 45.03 42.16
N SER B 114 -6.92 45.49 43.30
CA SER B 114 -7.02 46.91 43.63
C SER B 114 -5.98 47.73 42.88
N ARG B 115 -5.01 47.09 42.26
CA ARG B 115 -4.06 47.76 41.39
C ARG B 115 -4.56 47.85 39.96
N LYS B 116 -5.82 47.49 39.72
CA LYS B 116 -6.49 47.51 38.41
C LYS B 116 -5.77 46.64 37.39
N ILE B 117 -5.15 45.57 37.87
CA ILE B 117 -4.44 44.61 37.03
C ILE B 117 -5.10 43.26 37.22
N SER B 118 -5.83 42.82 36.21
CA SER B 118 -6.52 41.55 36.25
C SER B 118 -5.53 40.39 36.23
N HIS B 119 -5.80 39.38 37.04
CA HIS B 119 -5.17 38.08 36.88
C HIS B 119 -6.19 37.13 36.29
N THR B 120 -5.71 36.29 35.38
CA THR B 120 -6.52 35.23 34.78
C THR B 120 -5.65 33.98 34.75
N CYS B 121 -5.98 33.01 35.59
CA CYS B 121 -5.29 31.73 35.58
C CYS B 121 -6.07 30.76 34.72
N THR B 122 -5.35 29.89 34.02
CA THR B 122 -5.91 29.00 33.01
C THR B 122 -5.42 27.59 33.25
N HIS B 123 -6.35 26.67 33.45
CA HIS B 123 -6.02 25.32 33.80
C HIS B 123 -6.59 24.39 32.73
N PRO B 124 -5.81 23.45 32.23
CA PRO B 124 -6.37 22.43 31.32
C PRO B 124 -7.25 21.47 32.10
N PHE B 125 -8.53 21.43 31.74
CA PHE B 125 -9.49 20.59 32.42
C PHE B 125 -10.52 20.11 31.41
N HIS B 126 -10.48 18.81 31.12
CA HIS B 126 -11.41 18.23 30.16
C HIS B 126 -12.82 18.20 30.73
N HIS B 127 -13.52 19.33 30.66
CA HIS B 127 -14.92 19.32 31.07
C HIS B 127 -15.73 18.56 30.04
N GLU B 128 -16.46 17.55 30.49
CA GLU B 128 -17.35 16.79 29.63
C GLU B 128 -18.63 16.58 30.43
N PRO B 129 -19.78 16.99 29.92
CA PRO B 129 -21.03 16.78 30.64
C PRO B 129 -21.43 15.33 30.62
N PRO B 130 -21.66 14.71 31.78
CA PRO B 130 -22.20 13.35 31.80
C PRO B 130 -23.65 13.36 31.33
N VAL B 131 -23.91 12.57 30.28
CA VAL B 131 -25.20 12.64 29.63
C VAL B 131 -26.26 11.95 30.50
N ILE B 132 -27.39 12.61 30.66
CA ILE B 132 -28.45 12.15 31.55
C ILE B 132 -29.58 11.62 30.70
N GLY B 133 -30.12 10.47 31.09
CA GLY B 133 -31.20 9.89 30.32
C GLY B 133 -30.68 9.28 29.03
N ARG B 134 -31.57 9.23 28.05
CA ARG B 134 -31.24 8.68 26.76
C ARG B 134 -31.23 9.73 25.66
N GLU B 135 -31.36 11.01 26.01
CA GLU B 135 -31.35 12.10 25.06
C GLU B 135 -30.13 12.98 25.33
N ARG B 136 -29.40 13.32 24.27
CA ARG B 136 -28.19 14.13 24.38
C ARG B 136 -28.51 15.60 24.14
N PHE B 137 -29.37 16.14 24.99
CA PHE B 137 -29.92 17.47 24.80
C PHE B 137 -28.92 18.54 25.20
N HIS B 138 -29.35 19.81 25.16
CA HIS B 138 -28.48 20.94 25.42
C HIS B 138 -28.90 21.76 26.63
N SER B 139 -30.20 22.02 26.78
CA SER B 139 -30.70 22.78 27.92
C SER B 139 -32.12 22.32 28.22
N ARG B 140 -32.47 22.30 29.50
CA ARG B 140 -33.73 21.67 29.90
C ARG B 140 -34.91 22.54 29.51
N PRO B 141 -35.81 22.03 28.70
CA PRO B 141 -36.95 22.85 28.27
C PRO B 141 -38.11 22.77 29.24
N GLN B 142 -39.24 23.38 28.87
CA GLN B 142 -40.40 23.41 29.73
C GLN B 142 -41.05 22.04 29.88
N HIS B 143 -41.03 21.24 28.83
CA HIS B 143 -41.80 20.00 28.76
C HIS B 143 -40.86 18.82 29.06
N GLY B 144 -40.71 18.48 30.33
CA GLY B 144 -39.76 17.47 30.73
C GLY B 144 -40.30 16.47 31.73
N LYS B 145 -39.71 15.27 31.69
CA LYS B 145 -39.93 14.24 32.71
C LYS B 145 -38.95 14.40 33.86
N GLU B 146 -39.00 13.43 34.77
CA GLU B 146 -38.30 13.47 36.04
C GLU B 146 -37.41 12.25 36.17
N LEU B 147 -36.12 12.48 36.31
CA LEU B 147 -35.12 11.43 36.48
C LEU B 147 -34.28 11.74 37.71
N PRO B 148 -33.76 10.74 38.41
CA PRO B 148 -32.89 11.03 39.55
C PRO B 148 -31.53 11.53 39.10
N CYS B 149 -31.03 12.54 39.80
CA CYS B 149 -29.68 13.04 39.52
C CYS B 149 -29.15 13.64 40.82
N SER B 150 -27.94 14.20 40.75
CA SER B 150 -27.24 14.65 41.95
C SER B 150 -26.58 16.00 41.72
N THR B 151 -26.76 16.90 42.68
CA THR B 151 -26.27 18.28 42.57
C THR B 151 -25.65 18.70 43.90
N TYR B 152 -25.36 19.99 44.00
CA TYR B 152 -24.89 20.61 45.23
C TYR B 152 -25.92 21.59 45.75
N VAL B 153 -26.16 21.54 47.06
CA VAL B 153 -27.07 22.46 47.72
C VAL B 153 -26.34 23.76 48.03
N GLN B 154 -27.08 24.78 48.47
CA GLN B 154 -26.52 26.09 48.75
C GLN B 154 -26.25 26.33 50.24
N SER B 155 -26.14 25.26 51.03
CA SER B 155 -25.89 25.41 52.46
C SER B 155 -24.46 25.84 52.72
N THR B 156 -24.19 26.24 53.97
CA THR B 156 -22.84 26.69 54.31
C THR B 156 -22.11 25.69 55.21
N ALA B 157 -22.80 25.11 56.18
CA ALA B 157 -22.15 24.23 57.15
C ALA B 157 -22.16 22.80 56.64
N ALA B 158 -21.06 22.09 56.88
CA ALA B 158 -20.90 20.74 56.36
C ALA B 158 -19.88 19.99 57.19
N THR B 159 -19.87 18.67 57.02
CA THR B 159 -19.02 17.78 57.78
C THR B 159 -18.58 16.61 56.90
N ALA B 160 -17.86 15.66 57.52
CA ALA B 160 -17.23 14.50 56.90
C ALA B 160 -16.25 14.88 55.80
N GLU B 161 -15.56 16.01 56.00
CA GLU B 161 -14.60 16.57 55.07
C GLU B 161 -13.79 17.62 55.81
N GLU B 162 -12.47 17.58 55.62
CA GLU B 162 -11.60 18.46 56.39
C GLU B 162 -10.33 18.77 55.61
N ILE B 163 -9.75 19.91 55.93
CA ILE B 163 -8.46 20.35 55.43
C ILE B 163 -7.65 20.90 56.59
N GLU B 164 -6.33 20.80 56.48
CA GLU B 164 -5.41 21.07 57.59
C GLU B 164 -4.81 22.46 57.44
N VAL B 165 -5.47 23.43 58.00
CA VAL B 165 -4.92 24.78 58.08
C VAL B 165 -3.95 24.82 59.28
N HIS B 166 -2.84 25.52 59.11
CA HIS B 166 -1.68 25.39 59.97
C HIS B 166 -0.71 26.54 59.67
N MET B 167 0.50 26.46 60.20
CA MET B 167 1.50 27.49 59.97
C MET B 167 2.27 27.23 58.69
N PRO B 168 2.25 28.14 57.72
CA PRO B 168 3.09 27.99 56.52
C PRO B 168 4.57 28.10 56.87
N PRO B 169 5.46 27.50 56.05
CA PRO B 169 6.88 27.42 56.43
C PRO B 169 7.62 28.75 56.53
N ASP B 170 7.69 29.51 55.44
CA ASP B 170 8.46 30.74 55.37
C ASP B 170 8.07 31.51 54.13
N THR B 171 8.71 32.67 53.94
CA THR B 171 8.45 33.54 52.80
C THR B 171 9.79 34.12 52.36
N PRO B 172 10.45 33.47 51.41
CA PRO B 172 11.70 34.03 50.88
C PRO B 172 11.42 35.24 50.00
N ASP B 173 12.22 36.29 50.18
CA ASP B 173 12.04 37.54 49.44
C ASP B 173 13.42 38.17 49.25
N ARG B 174 13.70 38.61 48.02
CA ARG B 174 14.99 39.22 47.69
C ARG B 174 14.96 40.74 47.84
N THR B 175 13.79 41.36 47.76
CA THR B 175 13.69 42.81 47.77
C THR B 175 13.95 43.40 49.15
N LEU B 176 13.85 42.60 50.20
CA LEU B 176 14.21 43.05 51.54
C LEU B 176 15.72 43.11 51.75
N MET B 177 16.51 42.54 50.84
CA MET B 177 17.97 42.61 50.89
C MET B 177 18.44 43.56 49.79
N THR B 178 18.67 44.81 50.16
CA THR B 178 19.15 45.82 49.22
C THR B 178 20.62 46.11 49.46
N GLN B 179 21.30 46.57 48.41
CA GLN B 179 22.76 46.70 48.45
C GLN B 179 23.16 48.08 48.95
N GLN B 180 23.84 48.12 50.10
CA GLN B 180 24.38 49.36 50.64
C GLN B 180 25.86 49.48 50.31
N SER B 181 26.14 49.62 49.02
CA SER B 181 27.48 49.74 48.42
C SER B 181 28.39 48.59 48.90
N GLY B 182 28.00 47.39 48.49
CA GLY B 182 28.74 46.20 48.88
C GLY B 182 28.33 45.60 50.19
N ASN B 183 27.34 46.17 50.87
CA ASN B 183 26.83 45.65 52.12
C ASN B 183 25.50 44.94 51.86
N VAL B 184 24.82 44.55 52.94
CA VAL B 184 23.48 43.97 52.85
C VAL B 184 22.57 44.75 53.78
N LYS B 185 21.54 45.35 53.22
CA LYS B 185 20.57 46.14 53.99
C LYS B 185 19.29 45.32 54.12
N ILE B 186 19.20 44.54 55.21
CA ILE B 186 18.00 43.77 55.50
C ILE B 186 16.95 44.75 56.01
N THR B 187 16.09 45.20 55.12
CA THR B 187 14.96 46.05 55.48
C THR B 187 13.82 45.16 55.93
N VAL B 188 13.07 45.62 56.93
CA VAL B 188 12.12 44.78 57.66
C VAL B 188 10.68 45.09 57.28
N ASN B 189 10.27 46.36 57.37
CA ASN B 189 8.91 46.84 57.08
C ASN B 189 7.85 46.14 57.93
N GLY B 190 8.18 45.93 59.20
CA GLY B 190 7.21 45.44 60.16
C GLY B 190 6.94 43.94 60.13
N GLN B 191 8.00 43.14 60.03
CA GLN B 191 7.89 41.69 60.05
C GLN B 191 9.07 41.13 60.81
N THR B 192 9.28 39.83 60.69
CA THR B 192 10.50 39.19 61.16
C THR B 192 11.18 38.56 59.97
N VAL B 193 12.50 38.41 60.05
CA VAL B 193 13.25 37.87 58.93
C VAL B 193 14.47 37.10 59.44
N ARG B 194 14.55 35.84 59.04
CA ARG B 194 15.77 35.06 59.17
C ARG B 194 16.70 35.43 58.04
N TYR B 195 17.95 35.73 58.38
CA TYR B 195 18.98 35.96 57.39
C TYR B 195 20.00 34.84 57.44
N LYS B 196 20.50 34.46 56.27
CA LYS B 196 21.55 33.45 56.16
C LYS B 196 22.51 33.94 55.08
N CYS B 197 23.61 34.54 55.50
CA CYS B 197 24.60 35.04 54.57
C CYS B 197 25.89 34.25 54.71
N ASN B 198 26.51 33.91 53.59
CA ASN B 198 27.75 33.13 53.63
C ASN B 198 28.96 34.06 53.63
N CYS B 199 29.08 34.80 54.73
CA CYS B 199 30.18 35.73 54.94
C CYS B 199 30.62 35.60 56.39
N GLY B 200 31.40 36.57 56.86
CA GLY B 200 31.77 36.66 58.25
C GLY B 200 30.82 37.54 59.05
N GLY B 201 31.18 37.74 60.31
CA GLY B 201 30.36 38.58 61.18
C GLY B 201 29.08 37.87 61.57
N SER B 202 27.95 38.48 61.22
CA SER B 202 26.64 37.87 61.42
C SER B 202 26.25 37.11 60.15
N ASN B 203 26.62 35.84 60.14
CA ASN B 203 26.41 35.00 58.96
C ASN B 203 24.98 34.44 58.91
N GLU B 204 24.46 33.95 60.03
CA GLU B 204 23.10 33.46 60.08
C GLU B 204 22.35 34.13 61.22
N GLY B 205 21.03 33.95 61.23
CA GLY B 205 20.23 34.41 62.35
C GLY B 205 18.96 35.15 61.96
N LEU B 206 18.20 35.57 62.98
CA LEU B 206 16.94 36.27 62.81
C LEU B 206 17.06 37.67 63.36
N THR B 207 16.28 38.59 62.79
CA THR B 207 16.12 39.92 63.37
C THR B 207 14.67 40.36 63.25
N THR B 208 14.39 41.49 63.89
CA THR B 208 13.12 42.20 63.73
C THR B 208 13.33 43.69 63.46
N THR B 209 14.51 44.23 63.73
CA THR B 209 14.88 45.56 63.31
C THR B 209 15.73 45.46 62.04
N ASP B 210 15.91 46.61 61.39
CA ASP B 210 16.68 46.68 60.15
C ASP B 210 18.14 46.34 60.41
N LYS B 211 18.70 45.47 59.58
CA LYS B 211 20.07 45.05 59.77
C LYS B 211 20.92 45.51 58.60
N VAL B 212 22.20 45.72 58.88
CA VAL B 212 23.19 45.99 57.85
C VAL B 212 24.35 45.04 58.08
N ILE B 213 24.51 44.08 57.18
CA ILE B 213 25.62 43.14 57.22
C ILE B 213 26.76 43.76 56.41
N ASN B 214 27.90 43.91 57.06
CA ASN B 214 29.01 44.63 56.45
C ASN B 214 29.70 43.76 55.42
N ASN B 215 30.06 44.37 54.29
CA ASN B 215 30.83 43.86 53.15
C ASN B 215 30.32 42.54 52.57
N CYS B 216 29.07 42.16 52.82
CA CYS B 216 28.54 40.92 52.27
C CYS B 216 27.57 41.24 51.14
N LYS B 217 27.22 40.19 50.39
CA LYS B 217 26.48 40.34 49.16
C LYS B 217 25.08 39.73 49.28
N ILE B 218 24.10 40.44 48.69
CA ILE B 218 22.71 40.04 48.82
C ILE B 218 22.38 38.78 48.06
N ASP B 219 23.17 38.42 47.04
CA ASP B 219 22.98 37.13 46.39
C ASP B 219 23.69 36.01 47.14
N GLN B 220 24.68 36.34 47.97
CA GLN B 220 25.27 35.36 48.86
C GLN B 220 24.52 35.28 50.19
N CYS B 221 23.44 36.04 50.34
CA CYS B 221 22.62 35.98 51.52
C CYS B 221 21.18 35.65 51.13
N HIS B 222 20.43 35.15 52.09
CA HIS B 222 19.05 34.73 51.90
C HIS B 222 18.20 35.23 53.05
N ALA B 223 17.11 35.92 52.72
CA ALA B 223 16.25 36.57 53.70
C ALA B 223 14.84 36.00 53.59
N ALA B 224 14.33 35.45 54.69
CA ALA B 224 13.03 34.81 54.71
C ALA B 224 12.17 35.42 55.80
N VAL B 225 10.87 35.56 55.53
CA VAL B 225 9.97 36.09 56.54
C VAL B 225 9.39 34.94 57.35
N THR B 226 9.56 35.01 58.67
CA THR B 226 9.10 33.96 59.58
C THR B 226 7.71 34.34 60.05
N ASN B 227 6.70 33.89 59.29
CA ASN B 227 5.31 34.11 59.62
C ASN B 227 4.87 33.28 60.81
N HIS B 228 4.06 33.88 61.69
CA HIS B 228 3.73 33.26 62.96
C HIS B 228 2.27 33.29 63.37
N LYS B 229 1.45 34.21 62.85
CA LYS B 229 0.12 34.44 63.42
C LYS B 229 -1.00 33.78 62.64
N ASN B 230 -1.20 34.17 61.38
CA ASN B 230 -2.38 33.79 60.65
C ASN B 230 -2.04 32.63 59.73
N TRP B 231 -3.01 31.79 59.43
CA TRP B 231 -2.73 30.41 59.03
C TRP B 231 -3.13 30.12 57.59
N GLN B 232 -2.60 29.01 57.08
CA GLN B 232 -2.67 28.59 55.69
C GLN B 232 -2.66 27.06 55.66
N TYR B 233 -3.23 26.46 54.63
CA TYR B 233 -3.30 25.00 54.67
C TYR B 233 -2.28 24.33 53.76
N ASN B 234 -2.17 23.01 53.92
CA ASN B 234 -1.11 22.19 53.31
C ASN B 234 -1.38 22.01 51.82
N SER B 235 -1.14 23.07 51.07
CA SER B 235 -1.41 23.01 49.65
C SER B 235 -0.24 22.32 48.93
N PRO B 236 -0.52 21.40 48.00
CA PRO B 236 0.57 20.67 47.33
C PRO B 236 1.43 21.52 46.42
N LEU B 237 1.06 22.76 46.13
CA LEU B 237 2.02 23.62 45.47
C LEU B 237 3.05 24.14 46.46
N VAL B 238 2.60 24.62 47.61
CA VAL B 238 3.53 25.20 48.59
C VAL B 238 4.32 24.07 49.24
N PRO B 239 5.55 24.29 49.68
CA PRO B 239 6.28 23.24 50.41
C PRO B 239 5.73 23.04 51.81
N ARG B 240 6.19 21.96 52.44
CA ARG B 240 5.75 21.61 53.79
C ARG B 240 6.38 22.55 54.82
N ASN B 241 6.04 22.31 56.08
CA ASN B 241 6.48 23.12 57.21
C ASN B 241 7.95 22.95 57.55
N ALA B 242 8.69 22.14 56.78
CA ALA B 242 10.11 21.81 56.95
C ALA B 242 10.39 21.02 58.22
N GLU B 243 9.37 20.48 58.89
CA GLU B 243 9.57 19.38 59.82
C GLU B 243 8.58 18.24 59.68
N LEU B 244 7.36 18.49 59.22
CA LEU B 244 6.25 17.58 59.42
C LEU B 244 5.05 18.15 58.68
N GLY B 245 4.07 17.30 58.39
CA GLY B 245 2.87 17.75 57.72
C GLY B 245 1.73 18.16 58.61
N ASP B 246 1.79 17.87 59.92
CA ASP B 246 0.61 18.02 60.76
C ASP B 246 0.83 19.06 61.85
N ARG B 247 1.34 20.21 61.46
CA ARG B 247 1.08 21.42 62.23
C ARG B 247 -0.44 21.63 62.32
N LYS B 248 -0.88 22.17 63.44
CA LYS B 248 -2.28 22.06 63.84
C LYS B 248 -3.18 23.01 63.06
N GLY B 249 -4.28 22.46 62.56
CA GLY B 249 -5.40 23.26 62.06
C GLY B 249 -6.32 22.46 61.18
N LYS B 250 -7.64 22.58 61.39
CA LYS B 250 -8.61 21.80 60.64
C LYS B 250 -9.86 22.61 60.41
N ILE B 251 -10.36 22.59 59.17
CA ILE B 251 -11.63 23.25 58.86
C ILE B 251 -12.32 22.47 57.75
N HIS B 252 -13.63 22.62 57.67
CA HIS B 252 -14.43 21.88 56.71
C HIS B 252 -14.55 22.66 55.41
N ILE B 253 -15.10 21.99 54.40
CA ILE B 253 -15.35 22.65 53.12
C ILE B 253 -16.86 22.71 52.89
N PRO B 254 -17.37 23.82 52.40
CA PRO B 254 -18.83 23.99 52.33
C PRO B 254 -19.44 23.38 51.09
N PHE B 255 -20.74 23.65 50.88
CA PHE B 255 -21.57 23.21 49.76
C PHE B 255 -21.59 21.70 49.60
N PRO B 256 -22.30 20.98 50.46
CA PRO B 256 -22.36 19.53 50.34
C PRO B 256 -23.20 19.12 49.14
N LEU B 257 -23.10 17.84 48.81
CA LEU B 257 -23.82 17.30 47.68
C LEU B 257 -25.10 16.63 48.17
N ALA B 258 -26.09 16.56 47.29
CA ALA B 258 -27.33 15.87 47.58
C ALA B 258 -27.89 15.34 46.27
N ASN B 259 -28.99 14.61 46.36
CA ASN B 259 -29.60 14.02 45.19
C ASN B 259 -31.00 14.55 45.02
N VAL B 260 -31.30 15.05 43.83
CA VAL B 260 -32.61 15.64 43.55
C VAL B 260 -33.23 15.00 42.32
N THR B 261 -34.38 15.52 41.94
CA THR B 261 -35.15 15.05 40.81
C THR B 261 -34.90 16.03 39.67
N CYS B 262 -34.94 15.54 38.44
CA CYS B 262 -34.16 16.13 37.37
C CYS B 262 -35.03 16.25 36.13
N ARG B 263 -35.02 17.44 35.53
CA ARG B 263 -35.95 17.75 34.46
C ARG B 263 -35.31 17.43 33.12
N VAL B 264 -35.72 16.32 32.52
CA VAL B 264 -35.20 15.94 31.21
C VAL B 264 -36.23 16.29 30.15
N PRO B 265 -35.84 16.48 28.88
CA PRO B 265 -36.82 16.69 27.83
C PRO B 265 -37.44 15.37 27.38
N LYS B 266 -38.65 15.48 26.85
CA LYS B 266 -39.30 14.34 26.20
C LYS B 266 -38.97 14.33 24.73
N ALA B 267 -38.81 13.13 24.17
CA ALA B 267 -38.44 13.00 22.78
C ALA B 267 -39.61 13.34 21.87
N ARG B 268 -39.28 13.65 20.63
CA ARG B 268 -40.26 13.95 19.61
C ARG B 268 -40.79 12.63 19.06
N ASN B 269 -42.12 12.44 19.07
CA ASN B 269 -42.65 11.11 18.82
C ASN B 269 -42.63 10.81 17.32
N PRO B 270 -42.42 9.57 16.94
CA PRO B 270 -42.27 9.27 15.51
C PRO B 270 -43.59 9.16 14.78
N THR B 271 -43.54 8.80 13.50
CA THR B 271 -44.74 8.43 12.78
C THR B 271 -44.60 7.01 12.24
N VAL B 272 -45.73 6.33 12.14
CA VAL B 272 -45.78 4.88 12.02
C VAL B 272 -46.53 4.49 10.76
N THR B 273 -45.91 3.64 9.94
CA THR B 273 -46.65 2.85 8.97
C THR B 273 -46.21 1.41 9.13
N TYR B 274 -46.91 0.49 8.47
CA TYR B 274 -46.66 -0.92 8.75
C TYR B 274 -47.11 -1.75 7.57
N GLY B 275 -46.50 -2.91 7.43
CA GLY B 275 -46.83 -3.84 6.37
C GLY B 275 -46.59 -5.22 6.89
N LYS B 276 -46.34 -6.15 5.95
CA LYS B 276 -46.40 -7.58 6.19
C LYS B 276 -45.37 -8.02 7.23
N ASN B 277 -45.88 -8.27 8.44
CA ASN B 277 -45.16 -8.47 9.70
C ASN B 277 -43.97 -7.52 9.90
N GLN B 278 -44.09 -6.28 9.46
CA GLN B 278 -42.98 -5.35 9.66
C GLN B 278 -43.53 -3.96 9.87
N VAL B 279 -42.71 -3.09 10.45
CA VAL B 279 -43.12 -1.76 10.85
C VAL B 279 -42.10 -0.76 10.36
N THR B 280 -42.55 0.22 9.59
CA THR B 280 -41.72 1.32 9.11
C THR B 280 -41.93 2.50 10.04
N MET B 281 -40.88 2.86 10.77
CA MET B 281 -40.89 4.01 11.65
C MET B 281 -40.18 5.17 10.97
N LEU B 282 -40.63 6.39 11.23
CA LEU B 282 -39.95 7.54 10.68
C LEU B 282 -39.74 8.54 11.80
N LEU B 283 -38.51 9.06 11.88
CA LEU B 283 -38.00 9.75 13.06
C LEU B 283 -37.59 11.17 12.75
N TYR B 284 -37.88 12.06 13.71
CA TYR B 284 -37.58 13.48 13.66
C TYR B 284 -36.87 13.87 14.94
N PRO B 285 -35.54 13.79 14.96
CA PRO B 285 -34.82 14.05 16.20
C PRO B 285 -34.67 15.54 16.48
N ASP B 286 -34.67 15.86 17.77
CA ASP B 286 -34.26 17.18 18.22
C ASP B 286 -32.75 17.33 18.16
N HIS B 287 -32.04 16.25 18.44
CA HIS B 287 -30.60 16.19 18.53
C HIS B 287 -30.26 14.72 18.38
N PRO B 288 -28.97 14.33 18.28
CA PRO B 288 -28.62 12.90 18.33
C PRO B 288 -29.17 12.17 19.55
N THR B 289 -30.06 11.24 19.28
CA THR B 289 -30.77 10.52 20.33
C THR B 289 -30.71 9.03 20.03
N LEU B 290 -30.59 8.24 21.08
CA LEU B 290 -30.48 6.81 20.89
C LEU B 290 -31.86 6.20 20.70
N LEU B 291 -31.87 4.99 20.14
CA LEU B 291 -33.10 4.32 19.79
C LEU B 291 -32.86 2.83 19.91
N SER B 292 -33.76 2.14 20.61
CA SER B 292 -33.45 0.77 20.98
C SER B 292 -34.62 -0.13 20.68
N TYR B 293 -34.33 -1.33 20.19
CA TYR B 293 -35.42 -2.26 19.95
C TYR B 293 -35.01 -3.67 20.30
N ARG B 294 -36.01 -4.46 20.67
CA ARG B 294 -35.78 -5.86 21.03
C ARG B 294 -37.06 -6.66 20.84
N ASN B 295 -36.88 -7.95 20.58
CA ASN B 295 -38.02 -8.85 20.63
C ASN B 295 -37.98 -9.66 21.90
N MET B 296 -39.14 -10.10 22.34
CA MET B 296 -39.30 -10.67 23.68
C MET B 296 -39.41 -12.19 23.67
N GLY B 297 -38.73 -12.85 22.75
CA GLY B 297 -38.70 -14.30 22.70
C GLY B 297 -37.81 -14.90 23.77
N GLN B 298 -37.29 -16.09 23.49
CA GLN B 298 -36.33 -16.68 24.41
C GLN B 298 -34.99 -15.96 24.37
N GLU B 299 -34.66 -15.35 23.24
CA GLU B 299 -33.52 -14.46 23.22
C GLU B 299 -34.00 -13.03 23.02
N PRO B 300 -33.33 -12.06 23.59
CA PRO B 300 -33.78 -10.68 23.45
C PRO B 300 -33.35 -10.04 22.15
N ASN B 301 -32.19 -10.46 21.63
CA ASN B 301 -31.70 -10.11 20.29
C ASN B 301 -31.57 -8.60 20.11
N TYR B 302 -30.95 -7.96 21.10
CA TYR B 302 -31.05 -6.52 21.27
C TYR B 302 -30.30 -5.76 20.21
N HIS B 303 -30.90 -4.68 19.72
CA HIS B 303 -30.17 -3.76 18.85
C HIS B 303 -30.36 -2.34 19.32
N GLU B 304 -29.32 -1.54 19.14
CA GLU B 304 -29.27 -0.17 19.61
C GLU B 304 -28.61 0.69 18.54
N GLU B 305 -29.21 1.85 18.28
CA GLU B 305 -28.74 2.74 17.24
C GLU B 305 -28.77 4.16 17.75
N TRP B 306 -28.03 5.03 17.08
CA TRP B 306 -28.05 6.45 17.36
C TRP B 306 -28.52 7.18 16.11
N VAL B 307 -29.46 8.10 16.28
CA VAL B 307 -29.95 8.88 15.15
C VAL B 307 -29.55 10.34 15.34
N THR B 308 -29.36 11.03 14.23
CA THR B 308 -28.96 12.42 14.22
C THR B 308 -29.65 13.24 13.15
N HIS B 309 -30.58 12.67 12.42
CA HIS B 309 -31.25 13.36 11.33
C HIS B 309 -32.58 12.67 11.08
N LYS B 310 -33.31 13.18 10.09
CA LYS B 310 -34.58 12.58 9.69
C LYS B 310 -34.34 11.18 9.18
N LYS B 311 -34.94 10.20 9.83
CA LYS B 311 -34.55 8.83 9.52
C LYS B 311 -35.78 8.02 9.16
N GLU B 312 -35.59 7.06 8.27
CA GLU B 312 -36.61 6.07 7.96
C GLU B 312 -36.04 4.70 8.24
N VAL B 313 -36.63 3.99 9.21
CA VAL B 313 -36.13 2.68 9.58
C VAL B 313 -37.27 1.67 9.46
N THR B 314 -36.89 0.42 9.29
CA THR B 314 -37.85 -0.65 9.04
C THR B 314 -37.47 -1.86 9.86
N LEU B 315 -38.40 -2.34 10.66
CA LEU B 315 -38.11 -3.35 11.66
C LEU B 315 -39.05 -4.53 11.43
N THR B 316 -38.48 -5.71 11.25
CA THR B 316 -39.33 -6.89 11.15
C THR B 316 -39.83 -7.28 12.52
N VAL B 317 -41.01 -7.87 12.55
CA VAL B 317 -41.70 -8.26 13.77
C VAL B 317 -41.71 -9.78 13.84
N PRO B 318 -41.34 -10.38 14.95
CA PRO B 318 -41.48 -11.82 15.07
C PRO B 318 -42.92 -12.16 15.42
N THR B 319 -43.20 -13.47 15.39
CA THR B 319 -44.50 -13.96 15.84
C THR B 319 -44.67 -13.76 17.34
N GLU B 320 -43.57 -13.70 18.07
CA GLU B 320 -43.61 -13.37 19.49
C GLU B 320 -44.07 -11.95 19.71
N GLY B 321 -43.32 -10.98 19.20
CA GLY B 321 -43.66 -9.57 19.33
C GLY B 321 -42.42 -8.73 19.48
N LEU B 322 -42.59 -7.43 19.19
CA LEU B 322 -41.53 -6.45 19.33
C LEU B 322 -41.82 -5.48 20.44
N GLU B 323 -40.77 -4.81 20.90
CA GLU B 323 -40.92 -3.67 21.77
C GLU B 323 -39.78 -2.72 21.48
N VAL B 324 -40.13 -1.45 21.33
CA VAL B 324 -39.20 -0.43 20.87
C VAL B 324 -39.31 0.79 21.76
N THR B 325 -38.17 1.26 22.25
CA THR B 325 -38.10 2.50 23.01
C THR B 325 -37.41 3.55 22.16
N TRP B 326 -38.02 4.74 22.14
CA TRP B 326 -37.49 5.86 21.40
C TRP B 326 -37.30 7.01 22.38
N GLY B 327 -36.05 7.43 22.54
CA GLY B 327 -35.66 8.51 23.40
C GLY B 327 -35.97 8.20 24.85
N ASN B 328 -36.24 9.25 25.61
CA ASN B 328 -36.66 9.10 26.99
C ASN B 328 -38.11 8.69 27.12
N ASN B 329 -38.88 8.72 26.03
CA ASN B 329 -40.32 8.58 26.09
C ASN B 329 -40.73 7.14 26.37
N GLU B 330 -42.03 6.90 26.41
CA GLU B 330 -42.59 5.65 26.87
C GLU B 330 -42.46 4.58 25.78
N PRO B 331 -42.33 3.31 26.16
CA PRO B 331 -42.11 2.25 25.17
C PRO B 331 -43.34 1.98 24.32
N TYR B 332 -43.09 1.35 23.18
CA TYR B 332 -44.15 0.89 22.28
C TYR B 332 -44.07 -0.63 22.19
N LYS B 333 -45.22 -1.27 22.21
CA LYS B 333 -45.35 -2.70 22.04
C LYS B 333 -45.96 -3.00 20.68
N TYR B 334 -45.58 -4.13 20.08
CA TYR B 334 -46.10 -4.49 18.78
C TYR B 334 -46.26 -6.00 18.66
N TRP B 335 -47.29 -6.40 17.94
CA TRP B 335 -47.64 -7.79 17.70
C TRP B 335 -48.22 -7.94 16.30
N PRO B 336 -47.96 -9.06 15.65
CA PRO B 336 -48.53 -9.27 14.32
C PRO B 336 -49.90 -9.91 14.37
N GLN B 337 -50.80 -9.49 13.47
CA GLN B 337 -52.03 -10.22 13.27
C GLN B 337 -51.78 -11.41 12.35
N MET B 338 -52.77 -12.28 12.26
CA MET B 338 -52.87 -13.14 11.09
C MET B 338 -53.11 -12.18 9.94
N SER B 339 -52.10 -12.03 9.07
CA SER B 339 -51.78 -10.72 8.52
C SER B 339 -52.87 -10.07 7.68
N THR B 340 -53.04 -10.47 6.42
CA THR B 340 -54.24 -10.05 5.70
C THR B 340 -54.92 -11.17 4.95
N ASN B 341 -54.20 -11.89 4.09
CA ASN B 341 -54.88 -12.51 2.97
C ASN B 341 -54.09 -13.62 2.31
N GLY B 342 -54.51 -13.95 1.10
CA GLY B 342 -53.63 -14.59 0.16
C GLY B 342 -54.26 -15.62 -0.76
N THR B 343 -55.13 -16.52 -0.29
CA THR B 343 -56.05 -17.04 -1.30
C THR B 343 -57.53 -16.99 -0.96
N ALA B 344 -58.02 -17.99 -0.20
CA ALA B 344 -59.45 -18.31 -0.16
C ALA B 344 -59.79 -19.55 0.65
N HIS B 345 -61.09 -19.80 0.83
CA HIS B 345 -61.64 -21.16 0.96
C HIS B 345 -62.28 -21.51 -0.39
N GLY B 346 -61.45 -21.54 -1.42
CA GLY B 346 -61.93 -21.32 -2.76
C GLY B 346 -62.22 -22.58 -3.54
N HIS B 347 -62.87 -22.36 -4.69
CA HIS B 347 -63.21 -23.37 -5.68
C HIS B 347 -61.94 -23.82 -6.42
N PRO B 348 -60.97 -22.92 -6.73
CA PRO B 348 -59.59 -23.43 -6.87
C PRO B 348 -59.05 -23.78 -5.51
N HIS B 349 -58.19 -24.80 -5.42
CA HIS B 349 -57.92 -25.52 -4.18
C HIS B 349 -57.34 -24.62 -3.11
N GLU B 350 -56.09 -24.19 -3.30
CA GLU B 350 -55.54 -22.88 -2.95
C GLU B 350 -55.96 -22.40 -1.56
N ILE B 351 -55.43 -23.09 -0.56
CA ILE B 351 -55.49 -22.64 0.82
C ILE B 351 -54.03 -22.37 1.15
N ILE B 352 -53.16 -22.83 0.24
CA ILE B 352 -51.74 -22.94 0.49
C ILE B 352 -51.12 -21.57 0.69
N LEU B 353 -51.60 -20.57 -0.04
CA LEU B 353 -51.07 -19.24 0.13
C LEU B 353 -51.59 -18.59 1.40
N TYR B 354 -52.73 -19.08 1.92
CA TYR B 354 -53.13 -18.77 3.28
C TYR B 354 -52.07 -19.23 4.25
N TYR B 355 -51.40 -20.35 3.93
CA TYR B 355 -50.22 -20.76 4.66
C TYR B 355 -49.18 -19.64 4.75
N TYR B 356 -48.90 -18.98 3.63
CA TYR B 356 -47.93 -17.90 3.70
C TYR B 356 -48.48 -16.71 4.48
N GLU B 357 -49.80 -16.62 4.59
CA GLU B 357 -50.39 -15.93 5.72
C GLU B 357 -50.02 -16.62 7.03
N LEU B 358 -50.46 -17.86 7.21
CA LEU B 358 -50.55 -18.47 8.54
C LEU B 358 -49.25 -19.19 8.89
N TYR B 359 -48.42 -18.53 9.71
CA TYR B 359 -47.10 -18.92 10.24
C TYR B 359 -46.21 -19.58 9.20
N PRO B 360 -45.61 -18.80 8.29
CA PRO B 360 -44.85 -19.40 7.18
C PRO B 360 -43.51 -20.01 7.58
N THR B 361 -42.78 -20.44 6.54
CA THR B 361 -41.38 -20.91 6.44
C THR B 361 -41.14 -22.28 7.09
N MET B 362 -42.10 -22.78 7.85
CA MET B 362 -42.12 -24.19 8.18
C MET B 362 -43.19 -24.79 7.30
N THR B 363 -43.55 -26.05 7.52
CA THR B 363 -44.84 -26.65 7.11
C THR B 363 -45.05 -26.72 5.59
N VAL B 364 -44.21 -26.03 4.81
CA VAL B 364 -43.98 -26.39 3.44
C VAL B 364 -43.01 -27.56 3.41
N VAL B 365 -42.31 -27.79 4.52
CA VAL B 365 -41.67 -29.07 4.74
C VAL B 365 -42.73 -30.16 4.79
N ILE B 366 -43.93 -29.87 5.30
CA ILE B 366 -44.96 -30.88 5.40
C ILE B 366 -45.56 -31.19 4.04
N VAL B 367 -45.77 -30.17 3.20
CA VAL B 367 -46.26 -30.46 1.86
C VAL B 367 -45.15 -31.09 1.00
N SER B 368 -43.88 -30.82 1.30
CA SER B 368 -42.82 -31.44 0.52
C SER B 368 -42.66 -32.90 0.90
N VAL B 369 -42.78 -33.23 2.19
CA VAL B 369 -42.73 -34.64 2.54
C VAL B 369 -44.02 -35.35 2.17
N ALA B 370 -45.13 -34.63 2.00
CA ALA B 370 -46.32 -35.25 1.42
C ALA B 370 -46.08 -35.59 -0.03
N SER B 371 -45.42 -34.70 -0.77
CA SER B 371 -44.99 -35.00 -2.13
C SER B 371 -44.03 -36.18 -2.16
N PHE B 372 -43.12 -36.23 -1.19
CA PHE B 372 -42.15 -37.33 -1.09
C PHE B 372 -42.85 -38.66 -0.86
N VAL B 373 -43.81 -38.70 0.07
CA VAL B 373 -44.43 -39.99 0.36
C VAL B 373 -45.39 -40.41 -0.75
N LEU B 374 -45.98 -39.45 -1.47
CA LEU B 374 -46.81 -39.86 -2.60
C LEU B 374 -45.96 -40.37 -3.75
N LEU B 375 -44.79 -39.77 -3.99
CA LEU B 375 -43.89 -40.33 -4.99
C LEU B 375 -43.39 -41.70 -4.60
N SER B 376 -43.16 -41.93 -3.30
CA SER B 376 -42.71 -43.26 -2.89
C SER B 376 -43.81 -44.31 -3.04
N MET B 377 -45.06 -43.96 -2.71
CA MET B 377 -46.13 -44.96 -2.85
C MET B 377 -46.45 -45.25 -4.31
N VAL B 378 -46.38 -44.24 -5.19
CA VAL B 378 -46.62 -44.56 -6.60
C VAL B 378 -45.43 -45.28 -7.21
N GLY B 379 -44.22 -45.07 -6.69
CA GLY B 379 -43.07 -45.83 -7.15
C GLY B 379 -43.15 -47.29 -6.74
N THR B 380 -43.58 -47.55 -5.51
CA THR B 380 -43.80 -48.92 -5.08
C THR B 380 -44.96 -49.56 -5.82
N ALA B 381 -45.99 -48.78 -6.18
CA ALA B 381 -47.12 -49.31 -6.94
C ALA B 381 -46.69 -49.74 -8.33
N VAL B 382 -45.93 -48.89 -9.03
CA VAL B 382 -45.50 -49.26 -10.37
C VAL B 382 -44.41 -50.33 -10.31
N GLY B 383 -43.67 -50.42 -9.20
CA GLY B 383 -42.74 -51.53 -9.04
C GLY B 383 -43.47 -52.85 -8.88
N MET B 384 -44.58 -52.85 -8.13
CA MET B 384 -45.38 -54.07 -8.03
C MET B 384 -46.09 -54.38 -9.33
N CYS B 385 -46.41 -53.37 -10.13
CA CYS B 385 -46.92 -53.64 -11.47
C CYS B 385 -45.84 -54.27 -12.35
N VAL B 386 -44.59 -53.86 -12.15
CA VAL B 386 -43.48 -54.53 -12.83
C VAL B 386 -43.36 -55.97 -12.37
N CYS B 387 -43.56 -56.21 -11.07
CA CYS B 387 -43.60 -57.60 -10.57
C CYS B 387 -44.76 -58.38 -11.15
N ALA B 388 -45.87 -57.73 -11.47
CA ALA B 388 -46.97 -58.42 -12.12
C ALA B 388 -46.64 -58.76 -13.57
N ARG B 389 -45.88 -57.89 -14.25
CA ARG B 389 -45.31 -58.25 -15.54
C ARG B 389 -44.33 -59.41 -15.40
N ARG B 390 -43.62 -59.48 -14.28
CA ARG B 390 -42.76 -60.62 -14.04
C ARG B 390 -43.57 -61.88 -13.76
N ARG B 391 -44.78 -61.75 -13.23
CA ARG B 391 -45.62 -62.92 -13.11
C ARG B 391 -46.34 -63.27 -14.41
N CYS B 392 -46.35 -62.36 -15.38
CA CYS B 392 -46.55 -62.81 -16.77
C CYS B 392 -45.40 -63.67 -17.24
N ILE B 393 -44.16 -63.22 -17.01
CA ILE B 393 -43.04 -63.89 -17.68
C ILE B 393 -42.63 -65.18 -16.96
N THR B 394 -42.92 -65.33 -15.66
CA THR B 394 -42.40 -66.49 -14.93
C THR B 394 -43.02 -67.85 -15.29
N PRO B 395 -44.32 -68.01 -15.55
CA PRO B 395 -44.75 -69.35 -15.98
C PRO B 395 -44.91 -69.51 -17.47
N TYR B 396 -44.82 -68.43 -18.24
CA TYR B 396 -45.02 -68.52 -19.69
C TYR B 396 -44.00 -67.66 -20.40
N GLU B 397 -42.72 -67.89 -20.10
CA GLU B 397 -41.68 -67.11 -20.76
C GLU B 397 -41.60 -67.46 -22.26
N LEU B 398 -41.17 -68.68 -22.60
CA LEU B 398 -41.35 -69.24 -23.92
C LEU B 398 -41.52 -70.76 -23.82
N THR B 399 -42.11 -71.22 -22.69
CA THR B 399 -42.54 -72.59 -22.40
C THR B 399 -43.31 -73.10 -23.60
N PRO B 400 -42.87 -74.19 -24.23
CA PRO B 400 -43.16 -74.40 -25.65
C PRO B 400 -44.62 -74.68 -26.00
N GLY B 401 -45.49 -73.74 -25.70
CA GLY B 401 -46.81 -73.72 -26.29
C GLY B 401 -46.90 -72.57 -27.27
N ALA B 402 -46.34 -71.42 -26.85
CA ALA B 402 -46.27 -70.18 -27.62
C ALA B 402 -47.63 -69.66 -28.07
N THR B 403 -48.71 -70.09 -27.40
CA THR B 403 -50.06 -69.66 -27.72
C THR B 403 -50.73 -69.26 -26.42
N VAL B 404 -51.40 -68.11 -26.45
CA VAL B 404 -51.71 -67.39 -25.22
C VAL B 404 -53.19 -67.03 -25.08
N PRO B 405 -54.15 -68.00 -25.20
CA PRO B 405 -55.57 -67.62 -25.40
C PRO B 405 -56.17 -66.92 -24.21
N PHE B 406 -56.23 -67.65 -23.10
CA PHE B 406 -56.52 -67.00 -21.83
C PHE B 406 -55.34 -66.16 -21.39
N LEU B 407 -54.14 -66.61 -21.74
CA LEU B 407 -52.94 -66.08 -21.12
C LEU B 407 -52.57 -64.71 -21.65
N LEU B 408 -53.00 -64.36 -22.86
CA LEU B 408 -52.90 -62.95 -23.26
C LEU B 408 -54.18 -62.40 -23.88
N SER B 409 -54.96 -63.24 -24.57
CA SER B 409 -56.07 -62.73 -25.36
C SER B 409 -57.19 -62.19 -24.49
N LEU B 410 -57.28 -62.63 -23.25
CA LEU B 410 -58.08 -61.95 -22.23
C LEU B 410 -57.22 -61.27 -21.20
N LEU B 411 -55.90 -61.29 -21.36
CA LEU B 411 -55.00 -60.75 -20.37
C LEU B 411 -54.23 -59.53 -20.86
N CYS B 412 -53.47 -59.66 -21.94
CA CYS B 412 -52.83 -58.56 -22.67
C CYS B 412 -51.89 -57.75 -21.76
N CYS B 413 -50.78 -58.38 -21.37
CA CYS B 413 -49.72 -57.59 -20.75
C CYS B 413 -48.72 -57.09 -21.81
N VAL B 414 -48.26 -57.96 -22.69
CA VAL B 414 -47.46 -57.55 -23.85
C VAL B 414 -47.63 -58.59 -24.95
N ARG B 415 -47.50 -58.15 -26.21
CA ARG B 415 -47.43 -58.97 -27.42
C ARG B 415 -48.69 -59.85 -27.59
N THR B 416 -49.79 -59.17 -27.86
CA THR B 416 -51.07 -59.84 -28.02
C THR B 416 -51.60 -59.56 -29.43
N THR B 417 -50.74 -59.81 -30.43
CA THR B 417 -51.06 -59.46 -31.81
C THR B 417 -52.20 -60.31 -32.36
N LYS B 418 -52.00 -61.63 -32.41
CA LYS B 418 -52.99 -62.53 -33.01
C LYS B 418 -54.22 -62.62 -32.14
N ALA B 419 -55.33 -62.07 -32.65
CA ALA B 419 -56.62 -61.96 -31.96
C ALA B 419 -56.50 -61.28 -30.60
N ASN C 1 -25.21 -88.11 -30.37
CA ASN C 1 -26.05 -87.03 -30.87
C ASN C 1 -26.95 -87.51 -31.98
N ASP C 2 -28.15 -87.95 -31.61
CA ASP C 2 -29.25 -87.89 -32.56
C ASP C 2 -29.67 -86.44 -32.74
N CYS C 3 -30.15 -85.81 -31.67
CA CYS C 3 -30.45 -84.38 -31.64
C CYS C 3 -29.98 -83.77 -30.32
N ILE C 4 -28.75 -84.08 -29.91
CA ILE C 4 -28.26 -83.75 -28.57
C ILE C 4 -27.17 -82.69 -28.69
N PHE C 5 -27.28 -81.61 -27.91
CA PHE C 5 -26.37 -80.47 -28.00
C PHE C 5 -25.93 -80.04 -26.60
N GLU C 6 -24.76 -79.40 -26.52
CA GLU C 6 -23.87 -79.55 -25.37
C GLU C 6 -23.59 -78.20 -24.70
N VAL C 7 -22.93 -78.28 -23.54
CA VAL C 7 -22.54 -77.14 -22.71
C VAL C 7 -21.39 -77.55 -21.80
N LYS C 8 -20.40 -76.67 -21.63
CA LYS C 8 -19.20 -77.00 -20.86
C LYS C 8 -18.59 -75.74 -20.27
N HIS C 9 -17.91 -75.88 -19.12
CA HIS C 9 -17.16 -74.78 -18.52
C HIS C 9 -16.07 -75.31 -17.61
N GLU C 10 -14.89 -74.70 -17.71
CA GLU C 10 -13.72 -74.83 -16.82
C GLU C 10 -13.17 -76.27 -16.70
N GLY C 11 -13.64 -77.19 -17.54
CA GLY C 11 -13.20 -78.57 -17.40
C GLY C 11 -14.39 -79.49 -17.20
N LYS C 12 -15.41 -79.02 -16.49
CA LYS C 12 -16.59 -79.85 -16.26
C LYS C 12 -17.65 -79.54 -17.32
N VAL C 13 -18.17 -80.61 -17.94
CA VAL C 13 -19.34 -80.47 -18.78
C VAL C 13 -20.52 -80.09 -17.91
N MET C 14 -21.41 -79.26 -18.42
CA MET C 14 -22.60 -78.89 -17.68
C MET C 14 -23.81 -79.67 -18.13
N GLY C 15 -23.62 -80.93 -18.51
CA GLY C 15 -24.68 -81.71 -19.09
C GLY C 15 -24.88 -81.30 -20.53
N TYR C 16 -26.13 -81.13 -20.92
CA TYR C 16 -26.48 -80.78 -22.28
C TYR C 16 -27.25 -79.46 -22.31
N ALA C 17 -26.98 -78.67 -23.34
CA ALA C 17 -27.79 -77.50 -23.64
C ALA C 17 -28.35 -77.73 -25.04
N CYS C 18 -29.58 -78.21 -25.10
CA CYS C 18 -30.25 -78.54 -26.35
C CYS C 18 -31.19 -77.42 -26.75
N LEU C 19 -31.75 -77.56 -27.94
CA LEU C 19 -32.86 -76.74 -28.35
C LEU C 19 -34.05 -77.65 -28.63
N VAL C 20 -35.16 -77.34 -28.00
CA VAL C 20 -36.37 -78.15 -28.04
C VAL C 20 -37.56 -77.25 -28.28
N GLY C 21 -38.34 -77.57 -29.32
CA GLY C 21 -39.48 -76.76 -29.70
C GLY C 21 -39.03 -75.41 -30.20
N ASP C 22 -39.30 -74.36 -29.43
CA ASP C 22 -38.80 -73.03 -29.71
C ASP C 22 -37.81 -72.53 -28.66
N LYS C 23 -37.24 -73.44 -27.86
CA LYS C 23 -36.45 -73.09 -26.69
C LYS C 23 -35.01 -73.52 -26.88
N VAL C 24 -34.07 -72.71 -26.39
CA VAL C 24 -32.72 -73.19 -26.10
C VAL C 24 -32.66 -73.41 -24.59
N MET C 25 -32.75 -74.66 -24.17
CA MET C 25 -32.95 -74.91 -22.75
C MET C 25 -31.67 -74.72 -21.95
N LYS C 26 -31.84 -74.21 -20.73
CA LYS C 26 -30.76 -73.99 -19.78
C LYS C 26 -31.36 -74.01 -18.38
N PRO C 27 -30.96 -74.95 -17.53
CA PRO C 27 -31.37 -74.90 -16.13
C PRO C 27 -30.51 -73.91 -15.37
N ALA C 28 -31.18 -73.12 -14.53
CA ALA C 28 -30.51 -71.98 -13.90
C ALA C 28 -29.49 -72.40 -12.84
N HIS C 29 -29.56 -73.63 -12.34
CA HIS C 29 -28.56 -74.10 -11.40
C HIS C 29 -27.25 -74.45 -12.08
N VAL C 30 -27.22 -74.54 -13.41
CA VAL C 30 -25.96 -74.75 -14.12
C VAL C 30 -25.12 -73.48 -13.98
N LYS C 31 -23.89 -73.64 -13.52
CA LYS C 31 -22.95 -72.55 -13.44
C LYS C 31 -22.04 -72.59 -14.67
N GLY C 32 -21.33 -71.50 -14.91
CA GLY C 32 -20.40 -71.49 -16.00
C GLY C 32 -20.95 -70.84 -17.27
N THR C 33 -20.67 -71.47 -18.40
CA THR C 33 -20.95 -70.86 -19.69
C THR C 33 -21.21 -71.92 -20.73
N ILE C 34 -21.44 -71.45 -21.96
CA ILE C 34 -21.80 -72.32 -23.06
C ILE C 34 -20.55 -72.70 -23.86
N ASP C 35 -20.56 -73.90 -24.44
CA ASP C 35 -19.50 -74.31 -25.34
C ASP C 35 -19.51 -73.50 -26.63
N ASN C 36 -20.69 -73.20 -27.16
CA ASN C 36 -20.83 -72.49 -28.42
C ASN C 36 -20.50 -71.01 -28.24
N ALA C 37 -20.48 -70.28 -29.35
CA ALA C 37 -20.11 -68.87 -29.31
C ALA C 37 -21.33 -67.97 -29.19
N ASP C 38 -22.24 -68.05 -30.17
CA ASP C 38 -23.32 -67.09 -30.25
C ASP C 38 -24.44 -67.37 -29.27
N LEU C 39 -24.39 -68.49 -28.56
CA LEU C 39 -25.46 -68.84 -27.64
C LEU C 39 -25.48 -67.99 -26.38
N ALA C 40 -24.33 -67.50 -25.92
CA ALA C 40 -24.31 -66.59 -24.78
C ALA C 40 -24.53 -65.14 -25.18
N LYS C 41 -24.83 -64.88 -26.45
CA LYS C 41 -25.15 -63.54 -26.93
C LYS C 41 -26.65 -63.28 -26.95
N LEU C 42 -27.43 -64.13 -26.29
CA LEU C 42 -28.87 -64.13 -26.36
C LEU C 42 -29.47 -63.25 -25.28
N ALA C 43 -30.77 -63.40 -25.07
CA ALA C 43 -31.49 -62.79 -23.98
C ALA C 43 -31.87 -63.84 -22.95
N PHE C 44 -31.64 -63.53 -21.67
CA PHE C 44 -31.83 -64.52 -20.60
C PHE C 44 -32.56 -63.90 -19.42
N LYS C 45 -33.74 -64.43 -19.13
CA LYS C 45 -34.43 -64.16 -17.87
C LYS C 45 -34.54 -65.47 -17.11
N ARG C 46 -34.27 -65.41 -15.81
CA ARG C 46 -34.27 -66.58 -14.95
C ARG C 46 -35.60 -66.69 -14.20
N SER C 47 -36.07 -67.92 -14.06
CA SER C 47 -37.13 -68.26 -13.11
C SER C 47 -36.46 -69.13 -12.05
N SER C 48 -36.22 -68.53 -10.88
CA SER C 48 -35.37 -69.16 -9.89
C SER C 48 -36.08 -70.30 -9.17
N LYS C 49 -37.37 -70.12 -8.85
CA LYS C 49 -38.10 -71.19 -8.18
C LYS C 49 -38.32 -72.38 -9.09
N TYR C 50 -38.38 -72.15 -10.40
CA TYR C 50 -38.44 -73.25 -11.35
C TYR C 50 -37.08 -73.55 -11.95
N ASP C 51 -36.08 -72.74 -11.63
CA ASP C 51 -34.65 -72.96 -11.93
C ASP C 51 -34.42 -73.10 -13.43
N LEU C 52 -34.70 -72.02 -14.15
CA LEU C 52 -34.59 -72.06 -15.59
C LEU C 52 -34.11 -70.71 -16.08
N GLU C 53 -33.51 -70.70 -17.27
CA GLU C 53 -33.21 -69.48 -18.00
C GLU C 53 -33.85 -69.61 -19.38
N CYS C 54 -34.63 -68.61 -19.76
CA CYS C 54 -35.31 -68.67 -21.04
C CYS C 54 -34.37 -68.24 -22.16
N ALA C 55 -34.56 -68.83 -23.34
CA ALA C 55 -33.72 -68.50 -24.48
C ALA C 55 -34.51 -68.77 -25.75
N GLN C 56 -34.82 -67.71 -26.49
CA GLN C 56 -35.43 -67.83 -27.80
C GLN C 56 -34.44 -68.44 -28.78
N ILE C 57 -34.89 -69.41 -29.56
CA ILE C 57 -34.01 -70.00 -30.59
C ILE C 57 -33.76 -68.97 -31.68
N PRO C 58 -32.51 -68.64 -31.97
CA PRO C 58 -32.22 -67.66 -33.01
C PRO C 58 -32.32 -68.32 -34.38
N VAL C 59 -32.08 -67.50 -35.41
CA VAL C 59 -32.39 -67.88 -36.77
C VAL C 59 -31.44 -68.98 -37.26
N HIS C 60 -30.16 -68.87 -36.94
CA HIS C 60 -29.10 -69.69 -37.51
C HIS C 60 -29.21 -71.15 -37.14
N MET C 61 -29.84 -71.49 -36.02
CA MET C 61 -30.09 -72.87 -35.67
C MET C 61 -31.57 -73.16 -35.57
N LYS C 62 -32.42 -72.29 -36.11
CA LYS C 62 -33.86 -72.57 -36.11
C LYS C 62 -34.22 -73.73 -37.02
N SER C 63 -33.35 -74.10 -37.95
CA SER C 63 -33.51 -75.32 -38.72
C SER C 63 -33.23 -76.56 -37.89
N ASP C 64 -32.44 -76.45 -36.83
CA ASP C 64 -31.96 -77.59 -36.08
C ASP C 64 -32.80 -77.90 -34.84
N ALA C 65 -33.99 -77.32 -34.73
CA ALA C 65 -34.83 -77.58 -33.57
C ALA C 65 -35.45 -78.96 -33.65
N SER C 66 -35.46 -79.66 -32.53
CA SER C 66 -36.05 -80.99 -32.45
C SER C 66 -37.50 -80.86 -32.05
N LYS C 67 -38.32 -81.81 -32.52
CA LYS C 67 -39.72 -81.75 -32.17
C LYS C 67 -39.94 -82.28 -30.76
N PHE C 68 -41.19 -82.19 -30.31
CA PHE C 68 -41.55 -82.41 -28.92
C PHE C 68 -43.05 -82.57 -28.85
N THR C 69 -43.56 -82.83 -27.65
CA THR C 69 -45.00 -82.78 -27.43
C THR C 69 -45.35 -82.34 -26.01
N HIS C 70 -46.63 -82.05 -25.85
CA HIS C 70 -47.23 -81.53 -24.63
C HIS C 70 -47.69 -82.61 -23.67
N GLU C 71 -48.10 -83.76 -24.19
CA GLU C 71 -48.93 -84.72 -23.46
C GLU C 71 -48.08 -85.90 -23.04
N LYS C 72 -48.40 -86.48 -21.88
CA LYS C 72 -47.53 -87.44 -21.21
C LYS C 72 -48.21 -88.78 -21.03
N PRO C 73 -48.07 -89.71 -21.98
CA PRO C 73 -48.52 -91.08 -21.73
C PRO C 73 -47.62 -91.85 -20.79
N GLU C 74 -47.86 -93.14 -20.63
CA GLU C 74 -47.26 -93.93 -19.57
C GLU C 74 -46.53 -95.14 -20.13
N GLY C 75 -45.28 -95.34 -19.69
CA GLY C 75 -44.48 -96.47 -20.15
C GLY C 75 -42.99 -96.13 -20.14
N TYR C 76 -42.24 -96.87 -20.97
CA TYR C 76 -40.82 -96.58 -21.09
C TYR C 76 -40.60 -95.34 -21.94
N TYR C 77 -39.52 -94.62 -21.66
CA TYR C 77 -39.19 -93.41 -22.39
C TYR C 77 -37.69 -93.38 -22.60
N ASN C 78 -37.25 -93.44 -23.84
CA ASN C 78 -35.83 -93.62 -24.10
C ASN C 78 -35.06 -92.32 -23.91
N TRP C 79 -33.77 -92.46 -23.62
CA TRP C 79 -32.84 -91.37 -23.39
C TRP C 79 -31.43 -91.93 -23.54
N HIS C 80 -30.43 -91.09 -23.27
CA HIS C 80 -29.05 -91.40 -23.65
C HIS C 80 -28.39 -92.47 -22.80
N HIS C 81 -29.08 -93.04 -21.82
CA HIS C 81 -28.59 -94.25 -21.17
C HIS C 81 -29.66 -95.32 -21.18
N GLY C 82 -30.29 -95.52 -22.33
CA GLY C 82 -31.30 -96.55 -22.41
C GLY C 82 -32.68 -95.95 -22.28
N ALA C 83 -33.35 -96.21 -21.16
CA ALA C 83 -34.71 -95.72 -21.02
C ALA C 83 -35.00 -95.42 -19.56
N VAL C 84 -35.69 -94.31 -19.33
CA VAL C 84 -36.31 -94.05 -18.05
C VAL C 84 -37.68 -94.70 -18.05
N GLN C 85 -37.93 -95.53 -17.06
CA GLN C 85 -39.23 -96.13 -16.85
C GLN C 85 -40.16 -95.08 -16.25
N TYR C 86 -40.98 -94.44 -17.09
CA TYR C 86 -42.08 -93.65 -16.59
C TYR C 86 -43.19 -94.62 -16.20
N SER C 87 -43.11 -95.13 -14.98
CA SER C 87 -44.06 -96.09 -14.47
C SER C 87 -44.96 -95.44 -13.42
N GLY C 88 -46.27 -95.64 -13.56
CA GLY C 88 -47.23 -95.13 -12.61
C GLY C 88 -47.28 -93.62 -12.56
N GLY C 89 -47.05 -92.96 -13.70
CA GLY C 89 -46.93 -91.53 -13.67
C GLY C 89 -45.59 -91.03 -13.21
N ARG C 90 -44.67 -91.94 -12.89
CA ARG C 90 -43.34 -91.56 -12.42
C ARG C 90 -42.28 -91.84 -13.48
C PHE C 91 -38.50 -92.16 -13.08
N THR C 92 -38.16 -93.40 -13.41
CA THR C 92 -37.12 -94.13 -12.72
C THR C 92 -36.10 -94.63 -13.72
N ILE C 93 -34.87 -94.16 -13.59
CA ILE C 93 -33.74 -94.77 -14.31
C ILE C 93 -33.27 -95.92 -13.44
N PRO C 94 -32.50 -96.87 -13.97
CA PRO C 94 -31.75 -97.77 -13.10
C PRO C 94 -30.72 -96.98 -12.32
N THR C 95 -30.52 -97.36 -11.05
CA THR C 95 -29.59 -96.67 -10.18
C THR C 95 -28.17 -96.87 -10.69
N GLY C 96 -27.53 -95.76 -11.04
CA GLY C 96 -26.19 -95.83 -11.58
C GLY C 96 -26.09 -95.15 -12.91
N ALA C 97 -27.14 -95.26 -13.73
CA ALA C 97 -27.13 -94.70 -15.07
C ALA C 97 -27.21 -93.19 -15.08
N GLY C 98 -27.53 -92.55 -13.96
CA GLY C 98 -27.40 -91.12 -13.81
C GLY C 98 -26.06 -90.80 -13.18
N LYS C 99 -25.39 -89.80 -13.75
CA LYS C 99 -24.09 -89.33 -13.28
C LYS C 99 -24.15 -87.82 -13.14
N PRO C 100 -23.36 -87.24 -12.24
CA PRO C 100 -23.23 -85.79 -12.21
C PRO C 100 -22.66 -85.26 -13.52
N GLY C 101 -23.07 -84.04 -13.86
CA GLY C 101 -22.75 -83.52 -15.18
C GLY C 101 -23.69 -84.01 -16.26
N ASP C 102 -24.95 -84.29 -15.94
CA ASP C 102 -25.95 -84.72 -16.90
C ASP C 102 -27.27 -83.97 -16.74
N SER C 103 -27.26 -82.85 -16.03
CA SER C 103 -28.47 -82.06 -15.79
C SER C 103 -28.84 -81.36 -17.09
N GLY C 104 -29.79 -81.94 -17.81
CA GLY C 104 -30.15 -81.36 -19.10
C GLY C 104 -30.24 -82.36 -20.23
N ARG C 105 -30.27 -83.64 -19.91
CA ARG C 105 -30.53 -84.66 -20.94
C ARG C 105 -32.02 -84.67 -21.22
N PRO C 106 -32.46 -84.33 -22.42
CA PRO C 106 -33.89 -84.29 -22.68
C PRO C 106 -34.49 -85.68 -22.84
N ILE C 107 -35.35 -86.07 -21.90
CA ILE C 107 -36.06 -87.33 -22.05
C ILE C 107 -37.08 -87.20 -23.16
N PHE C 108 -37.05 -88.13 -24.09
CA PHE C 108 -37.95 -88.11 -25.22
C PHE C 108 -38.82 -89.36 -25.21
N ASP C 109 -39.73 -89.42 -26.16
CA ASP C 109 -40.72 -90.48 -26.20
C ASP C 109 -40.20 -91.70 -26.94
N ASN C 110 -41.10 -92.61 -27.29
CA ASN C 110 -40.75 -93.83 -28.00
C ASN C 110 -40.74 -93.67 -29.50
N LYS C 111 -40.87 -92.45 -30.03
CA LYS C 111 -40.69 -92.23 -31.45
C LYS C 111 -40.01 -90.92 -31.83
N GLY C 112 -39.39 -90.20 -30.89
CA GLY C 112 -38.59 -89.04 -31.25
C GLY C 112 -39.17 -87.67 -31.00
N ARG C 113 -39.74 -87.45 -29.82
CA ARG C 113 -40.25 -86.15 -29.42
C ARG C 113 -39.97 -85.95 -27.94
N VAL C 114 -39.44 -84.78 -27.59
CA VAL C 114 -38.99 -84.51 -26.23
C VAL C 114 -40.17 -84.16 -25.33
N VAL C 115 -40.12 -84.59 -24.06
CA VAL C 115 -41.16 -84.15 -23.14
C VAL C 115 -40.64 -83.47 -21.89
N ALA C 116 -39.41 -83.78 -21.48
CA ALA C 116 -38.97 -83.28 -20.18
C ALA C 116 -37.45 -83.18 -20.16
N ILE C 117 -36.95 -82.54 -19.10
CA ILE C 117 -35.52 -82.29 -18.89
C ILE C 117 -35.17 -82.84 -17.51
N VAL C 118 -34.12 -83.64 -17.42
CA VAL C 118 -33.73 -84.22 -16.14
C VAL C 118 -33.02 -83.17 -15.30
N LEU C 119 -33.38 -83.08 -14.03
CA LEU C 119 -32.64 -82.18 -13.17
C LEU C 119 -32.08 -82.84 -11.92
N GLY C 120 -32.86 -83.69 -11.23
CA GLY C 120 -32.43 -84.26 -9.97
C GLY C 120 -32.83 -85.72 -9.86
N GLY C 121 -32.52 -86.31 -8.71
CA GLY C 121 -32.89 -87.72 -8.51
C GLY C 121 -32.59 -88.24 -7.11
N ALA C 122 -33.31 -89.30 -6.75
CA ALA C 122 -33.17 -89.98 -5.47
C ALA C 122 -33.63 -91.43 -5.64
N ASN C 123 -33.87 -92.13 -4.53
CA ASN C 123 -34.10 -93.56 -4.66
C ASN C 123 -34.99 -94.08 -3.54
N GLU C 124 -35.92 -94.99 -3.88
CA GLU C 124 -36.58 -95.92 -2.95
C GLU C 124 -36.66 -97.32 -3.57
N GLY C 125 -35.54 -97.80 -4.08
CA GLY C 125 -35.43 -99.15 -4.57
C GLY C 125 -34.05 -99.40 -5.12
N ALA C 126 -33.97 -100.03 -6.29
CA ALA C 126 -32.75 -100.07 -7.08
C ALA C 126 -32.83 -99.19 -8.31
N ARG C 127 -33.76 -98.23 -8.30
CA ARG C 127 -34.03 -97.35 -9.43
C ARG C 127 -34.10 -95.93 -8.91
N THR C 128 -33.34 -95.03 -9.52
CA THR C 128 -33.40 -93.63 -9.14
C THR C 128 -34.61 -92.96 -9.78
N ALA C 129 -35.48 -92.39 -8.96
CA ALA C 129 -36.56 -91.54 -9.45
C ALA C 129 -36.04 -90.13 -9.69
N LEU C 130 -36.63 -89.46 -10.68
CA LEU C 130 -36.04 -88.26 -11.27
C LEU C 130 -36.89 -87.04 -10.97
N SER C 131 -36.22 -85.93 -10.66
CA SER C 131 -36.85 -84.63 -10.57
C SER C 131 -36.72 -83.91 -11.90
N VAL C 132 -37.84 -83.63 -12.56
CA VAL C 132 -37.84 -83.02 -13.87
C VAL C 132 -38.77 -81.81 -13.87
N VAL C 133 -38.80 -81.13 -15.01
CA VAL C 133 -39.80 -80.12 -15.31
C VAL C 133 -40.54 -80.59 -16.56
N THR C 134 -41.78 -80.17 -16.71
CA THR C 134 -42.59 -80.64 -17.82
C THR C 134 -43.58 -79.55 -18.21
N TRP C 135 -44.42 -79.83 -19.21
CA TRP C 135 -45.27 -78.81 -19.84
C TRP C 135 -46.74 -79.18 -19.69
N ASN C 136 -47.33 -78.81 -18.55
CA ASN C 136 -48.74 -78.99 -18.26
C ASN C 136 -49.47 -77.70 -18.58
N LYS C 137 -50.56 -77.83 -19.35
CA LYS C 137 -51.25 -76.74 -20.07
C LYS C 137 -50.28 -75.69 -20.63
N ASP C 138 -49.23 -76.21 -21.29
CA ASP C 138 -48.15 -75.43 -21.91
C ASP C 138 -47.38 -74.58 -20.89
N ILE C 139 -47.41 -74.98 -19.62
CA ILE C 139 -46.71 -74.28 -18.55
C ILE C 139 -45.59 -75.20 -18.07
N VAL C 140 -44.41 -74.64 -17.88
CA VAL C 140 -43.36 -75.40 -17.21
C VAL C 140 -43.74 -75.60 -15.74
N THR C 141 -43.62 -76.84 -15.30
CA THR C 141 -44.04 -77.27 -13.97
C THR C 141 -42.99 -78.24 -13.45
N LYS C 142 -42.40 -77.91 -12.31
CA LYS C 142 -41.37 -78.76 -11.73
C LYS C 142 -42.01 -79.82 -10.86
N ILE C 143 -41.63 -81.08 -11.09
CA ILE C 143 -42.03 -82.19 -10.25
C ILE C 143 -40.77 -82.83 -9.68
N THR C 144 -40.77 -83.00 -8.36
CA THR C 144 -39.61 -83.47 -7.62
C THR C 144 -40.02 -84.61 -6.70
N PRO C 145 -39.34 -85.76 -6.74
CA PRO C 145 -39.43 -86.69 -5.63
C PRO C 145 -38.74 -86.11 -4.41
N GLU C 146 -39.35 -86.30 -3.26
CA GLU C 146 -38.80 -85.81 -2.00
C GLU C 146 -37.52 -86.55 -1.68
N GLY C 147 -36.40 -85.83 -1.69
CA GLY C 147 -35.08 -86.39 -1.46
C GLY C 147 -34.10 -86.22 -2.60
N ALA C 148 -34.50 -85.58 -3.70
CA ALA C 148 -33.70 -85.60 -4.92
C ALA C 148 -32.55 -84.60 -4.85
N GLU C 149 -31.60 -84.76 -5.78
CA GLU C 149 -30.43 -83.91 -5.84
C GLU C 149 -29.84 -83.94 -7.24
N GLU C 150 -29.16 -82.86 -7.60
CA GLU C 150 -28.80 -82.51 -8.98
C GLU C 150 -27.84 -83.53 -9.60
N TRP C 151 -27.70 -83.42 -10.91
CA TRP C 151 -26.86 -84.29 -11.68
C TRP C 151 -26.05 -83.47 -12.64
N TYR D 1 -32.74 27.83 -56.12
CA TYR D 1 -33.42 26.57 -55.86
C TYR D 1 -33.75 26.43 -54.39
N GLU D 2 -34.60 25.46 -54.08
CA GLU D 2 -34.78 25.01 -52.71
C GLU D 2 -33.71 23.98 -52.38
N HIS D 3 -33.14 24.11 -51.19
CA HIS D 3 -32.15 23.17 -50.68
C HIS D 3 -32.55 22.76 -49.27
N VAL D 4 -32.62 21.46 -49.04
CA VAL D 4 -32.88 20.97 -47.70
C VAL D 4 -31.61 20.35 -47.14
N THR D 5 -31.24 20.82 -45.96
CA THR D 5 -30.03 20.37 -45.28
C THR D 5 -30.41 19.71 -43.97
N VAL D 6 -29.47 18.98 -43.39
CA VAL D 6 -29.65 18.38 -42.08
C VAL D 6 -28.39 18.64 -41.27
N ILE D 7 -28.57 18.99 -40.00
CA ILE D 7 -27.42 19.20 -39.13
C ILE D 7 -27.61 18.44 -37.82
N PRO D 8 -26.58 17.75 -37.32
CA PRO D 8 -26.69 17.14 -36.00
C PRO D 8 -26.77 18.20 -34.93
N ASN D 9 -27.52 17.90 -33.88
CA ASN D 9 -27.85 18.88 -32.85
C ASN D 9 -26.69 19.01 -31.88
N THR D 10 -25.68 19.75 -32.31
CA THR D 10 -24.56 20.13 -31.44
C THR D 10 -24.28 21.61 -31.65
N VAL D 11 -23.86 22.27 -30.57
CA VAL D 11 -23.54 23.68 -30.61
C VAL D 11 -22.03 23.82 -30.68
N GLY D 12 -21.55 24.71 -31.54
CA GLY D 12 -20.15 25.01 -31.60
C GLY D 12 -19.39 24.38 -32.74
N VAL D 13 -20.04 24.13 -33.86
CA VAL D 13 -19.36 23.62 -35.04
C VAL D 13 -19.98 24.24 -36.28
N PRO D 14 -19.18 24.87 -37.13
CA PRO D 14 -19.75 25.46 -38.34
C PRO D 14 -20.02 24.39 -39.37
N TYR D 15 -21.27 24.02 -39.55
CA TYR D 15 -21.57 23.04 -40.57
C TYR D 15 -21.73 23.72 -41.91
N LYS D 16 -21.40 22.99 -42.96
CA LYS D 16 -21.39 23.56 -44.30
C LYS D 16 -22.34 22.77 -45.17
N THR D 17 -22.69 23.36 -46.31
CA THR D 17 -23.56 22.70 -47.26
C THR D 17 -23.27 23.27 -48.64
N LEU D 18 -23.63 22.51 -49.67
CA LEU D 18 -23.52 22.98 -51.03
C LEU D 18 -24.88 22.89 -51.71
N VAL D 19 -25.37 24.04 -52.15
CA VAL D 19 -26.55 24.12 -52.98
C VAL D 19 -26.08 24.06 -54.43
N ASN D 20 -26.41 22.98 -55.11
CA ASN D 20 -26.04 22.79 -56.51
C ASN D 20 -27.25 23.12 -57.37
N ARG D 21 -27.24 24.30 -57.95
CA ARG D 21 -28.19 24.66 -59.00
C ARG D 21 -27.48 24.50 -60.33
N PRO D 22 -27.80 23.47 -61.12
CA PRO D 22 -27.11 23.27 -62.40
C PRO D 22 -27.41 24.40 -63.37
N GLY D 23 -26.39 24.78 -64.14
CA GLY D 23 -26.44 26.03 -64.85
C GLY D 23 -26.08 27.23 -64.02
N TYR D 24 -25.67 27.02 -62.77
CA TYR D 24 -25.23 28.11 -61.92
C TYR D 24 -24.06 27.66 -61.08
N SER D 25 -23.47 28.61 -60.35
CA SER D 25 -22.35 28.32 -59.47
C SER D 25 -22.81 27.48 -58.29
N PRO D 26 -21.92 26.65 -57.73
CA PRO D 26 -22.22 26.04 -56.44
C PRO D 26 -22.36 27.09 -55.35
N MET D 27 -23.14 26.75 -54.34
CA MET D 27 -23.37 27.64 -53.20
C MET D 27 -22.93 26.93 -51.93
N VAL D 28 -21.68 27.14 -51.54
CA VAL D 28 -21.21 26.64 -50.25
C VAL D 28 -21.70 27.63 -49.19
N LEU D 29 -22.70 27.21 -48.42
CA LEU D 29 -23.23 28.02 -47.35
C LEU D 29 -22.86 27.43 -46.01
N GLU D 30 -22.85 28.29 -45.00
CA GLU D 30 -22.49 27.95 -43.64
C GLU D 30 -23.70 28.11 -42.74
N MET D 31 -23.89 27.16 -41.84
CA MET D 31 -24.80 27.36 -40.72
C MET D 31 -24.07 27.04 -39.43
N GLU D 32 -24.49 27.73 -38.37
CA GLU D 32 -24.01 27.41 -37.02
C GLU D 32 -25.08 27.85 -36.04
N LEU D 33 -25.69 26.89 -35.36
CA LEU D 33 -26.65 27.21 -34.32
C LEU D 33 -25.90 27.61 -33.05
N GLN D 34 -26.40 28.64 -32.38
CA GLN D 34 -25.74 29.18 -31.21
C GLN D 34 -26.39 28.74 -29.90
N SER D 35 -27.67 28.39 -29.93
CA SER D 35 -28.41 27.96 -28.76
C SER D 35 -29.66 27.27 -29.24
N VAL D 36 -30.01 26.17 -28.59
CA VAL D 36 -31.24 25.45 -28.90
C VAL D 36 -31.86 25.00 -27.58
N THR D 37 -33.10 25.42 -27.35
CA THR D 37 -33.74 25.20 -26.07
C THR D 37 -35.09 24.53 -26.24
N LEU D 38 -35.65 24.11 -25.11
CA LEU D 38 -36.97 23.49 -25.07
C LEU D 38 -37.84 24.24 -24.09
N GLU D 39 -39.08 24.50 -24.49
CA GLU D 39 -40.06 25.18 -23.64
C GLU D 39 -41.15 24.19 -23.27
N PRO D 40 -41.02 23.49 -22.15
CA PRO D 40 -42.08 22.57 -21.74
C PRO D 40 -43.32 23.34 -21.31
N THR D 41 -44.44 22.62 -21.32
CA THR D 41 -45.73 23.24 -21.09
C THR D 41 -45.85 23.71 -19.64
N LEU D 42 -46.50 24.85 -19.47
CA LEU D 42 -46.67 25.44 -18.15
C LEU D 42 -48.04 25.01 -17.64
N SER D 43 -48.04 24.33 -16.50
CA SER D 43 -49.27 24.05 -15.76
C SER D 43 -48.86 23.86 -14.31
N LEU D 44 -49.02 24.89 -13.51
CA LEU D 44 -48.69 24.77 -12.10
C LEU D 44 -49.80 24.01 -11.39
N ASP D 45 -49.41 22.99 -10.63
CA ASP D 45 -50.41 22.26 -9.87
C ASP D 45 -50.62 22.91 -8.52
N TYR D 46 -49.58 22.95 -7.69
CA TYR D 46 -49.82 23.57 -6.39
C TYR D 46 -48.55 24.21 -5.88
N ILE D 47 -48.74 25.31 -5.18
CA ILE D 47 -47.68 25.91 -4.41
C ILE D 47 -47.59 25.14 -3.10
N THR D 48 -46.40 25.15 -2.53
CA THR D 48 -46.19 24.63 -1.18
C THR D 48 -45.17 25.52 -0.50
N CYS D 49 -45.30 25.64 0.82
CA CYS D 49 -44.48 26.59 1.56
C CYS D 49 -44.39 26.11 3.00
N GLU D 50 -43.81 26.96 3.84
CA GLU D 50 -43.53 26.63 5.23
C GLU D 50 -44.71 27.00 6.09
N TYR D 51 -45.19 26.06 6.89
CA TYR D 51 -46.36 26.34 7.70
C TYR D 51 -45.99 27.15 8.93
N LYS D 52 -47.01 27.55 9.68
CA LYS D 52 -46.85 28.12 11.00
C LYS D 52 -48.03 27.70 11.83
N THR D 53 -47.76 27.22 13.03
CA THR D 53 -48.83 26.86 13.94
C THR D 53 -49.44 28.12 14.56
N VAL D 54 -50.77 28.18 14.56
CA VAL D 54 -51.50 29.25 15.20
C VAL D 54 -52.11 28.67 16.46
N ILE D 55 -51.62 29.14 17.60
CA ILE D 55 -52.02 28.63 18.90
C ILE D 55 -52.65 29.76 19.71
N PRO D 56 -53.94 29.69 20.00
CA PRO D 56 -54.55 30.67 20.88
C PRO D 56 -54.14 30.39 22.32
N SER D 57 -54.49 31.34 23.18
CA SER D 57 -54.15 31.22 24.57
C SER D 57 -55.04 30.17 25.23
N PRO D 58 -54.55 29.47 26.26
CA PRO D 58 -55.35 28.42 26.89
C PRO D 58 -56.57 28.96 27.63
N TYR D 59 -57.51 28.06 27.88
CA TYR D 59 -58.77 28.39 28.55
C TYR D 59 -58.82 27.58 29.83
N VAL D 60 -58.37 28.18 30.93
CA VAL D 60 -58.40 27.46 32.20
C VAL D 60 -59.82 27.47 32.76
N LYS D 61 -60.49 26.32 32.69
CA LYS D 61 -61.86 26.21 33.14
C LYS D 61 -61.82 25.85 34.62
N CYS D 62 -62.02 26.86 35.47
CA CYS D 62 -61.77 26.70 36.89
C CYS D 62 -62.93 26.01 37.59
N CYS D 63 -62.73 24.72 37.89
CA CYS D 63 -63.71 23.84 38.53
C CYS D 63 -65.08 23.86 37.85
N GLY D 64 -65.05 23.93 36.53
CA GLY D 64 -66.16 23.50 35.71
C GLY D 64 -65.59 22.60 34.63
N THR D 65 -66.48 22.09 33.79
CA THR D 65 -66.08 21.22 32.69
C THR D 65 -66.27 21.99 31.39
N ALA D 66 -65.17 22.24 30.68
CA ALA D 66 -65.21 22.90 29.39
C ALA D 66 -65.28 21.87 28.26
N GLU D 67 -65.72 22.33 27.11
CA GLU D 67 -65.59 21.57 25.87
C GLU D 67 -65.27 22.55 24.75
N CYS D 68 -64.97 22.02 23.56
CA CYS D 68 -64.65 22.84 22.41
C CYS D 68 -65.59 22.53 21.27
N LYS D 69 -66.20 23.59 20.73
CA LYS D 69 -67.08 23.47 19.57
C LYS D 69 -66.22 23.22 18.34
N ASP D 70 -66.49 22.12 17.64
CA ASP D 70 -65.63 21.59 16.58
C ASP D 70 -65.68 22.51 15.35
N LYS D 71 -64.91 23.59 15.43
CA LYS D 71 -64.80 24.50 14.30
C LYS D 71 -63.99 23.86 13.19
N SER D 72 -64.41 24.10 11.96
CA SER D 72 -63.77 23.50 10.78
C SER D 72 -62.55 24.32 10.39
N LEU D 73 -61.38 23.86 10.81
CA LEU D 73 -60.10 24.45 10.45
C LEU D 73 -59.12 23.38 9.96
N PRO D 74 -58.19 23.73 9.08
CA PRO D 74 -57.19 22.76 8.62
C PRO D 74 -56.30 22.31 9.77
N ASP D 75 -56.38 21.02 10.09
CA ASP D 75 -55.74 20.39 11.25
C ASP D 75 -56.10 21.11 12.55
N TYR D 76 -57.39 21.38 12.70
CA TYR D 76 -57.92 21.80 13.99
C TYR D 76 -57.73 20.67 14.98
N SER D 77 -57.33 21.01 16.20
CA SER D 77 -57.17 19.97 17.20
C SER D 77 -57.47 20.53 18.58
N CYS D 78 -57.96 19.65 19.46
CA CYS D 78 -58.52 20.07 20.74
C CYS D 78 -58.40 18.96 21.77
N LYS D 79 -58.30 19.38 23.03
CA LYS D 79 -58.46 18.46 24.16
C LYS D 79 -58.78 19.27 25.41
N VAL D 80 -59.66 18.73 26.23
CA VAL D 80 -59.97 19.29 27.53
C VAL D 80 -59.27 18.40 28.56
N PHE D 81 -58.18 18.90 29.12
CA PHE D 81 -57.38 18.14 30.08
C PHE D 81 -57.91 18.40 31.48
N THR D 82 -58.28 17.35 32.19
CA THR D 82 -58.83 17.51 33.52
C THR D 82 -57.71 17.52 34.55
N GLY D 83 -58.03 18.00 35.75
CA GLY D 83 -57.10 17.99 36.87
C GLY D 83 -55.92 18.91 36.72
N VAL D 84 -56.06 20.02 36.00
CA VAL D 84 -54.95 20.91 35.74
C VAL D 84 -54.75 21.76 37.00
N TYR D 85 -53.56 22.34 37.15
CA TYR D 85 -53.28 23.25 38.26
C TYR D 85 -52.21 24.22 37.80
N PRO D 86 -52.58 25.45 37.47
CA PRO D 86 -51.59 26.45 37.05
C PRO D 86 -51.00 27.16 38.25
N PHE D 87 -49.83 27.76 38.03
CA PHE D 87 -49.14 28.55 39.05
C PHE D 87 -48.86 29.95 38.54
N MET D 88 -48.96 30.91 39.46
CA MET D 88 -48.63 32.31 39.23
C MET D 88 -48.05 32.85 40.53
N TRP D 89 -48.03 34.18 40.66
CA TRP D 89 -47.43 34.85 41.81
C TRP D 89 -48.21 34.55 43.09
N GLY D 90 -49.52 34.40 42.99
CA GLY D 90 -50.31 33.94 44.11
C GLY D 90 -50.59 32.46 44.01
N GLY D 91 -49.60 31.71 43.50
CA GLY D 91 -49.76 30.30 43.26
C GLY D 91 -50.82 30.04 42.23
N ALA D 92 -51.90 29.38 42.63
CA ALA D 92 -52.95 29.00 41.70
C ALA D 92 -53.72 30.22 41.20
N TYR D 93 -54.14 30.15 39.94
CA TYR D 93 -54.94 31.20 39.35
C TYR D 93 -56.31 31.27 40.00
N CYS D 94 -56.98 30.13 40.11
CA CYS D 94 -58.28 30.06 40.75
C CYS D 94 -58.21 29.24 42.05
N PHE D 95 -59.37 28.98 42.63
CA PHE D 95 -59.54 28.57 44.02
C PHE D 95 -59.76 27.07 44.21
N CYS D 96 -60.74 26.50 43.50
CA CYS D 96 -61.11 25.10 43.65
C CYS D 96 -60.07 24.18 43.03
N ASP D 97 -60.22 22.87 43.24
CA ASP D 97 -59.20 21.89 42.87
C ASP D 97 -59.69 20.73 42.03
N ALA D 98 -60.89 20.19 42.32
CA ALA D 98 -61.31 18.90 41.80
C ALA D 98 -61.68 18.94 40.32
N GLU D 99 -62.68 19.73 39.95
CA GLU D 99 -63.13 19.84 38.57
C GLU D 99 -62.29 20.81 37.75
N ASN D 100 -61.09 21.18 38.23
CA ASN D 100 -60.25 22.16 37.55
C ASN D 100 -59.76 21.58 36.24
N THR D 101 -60.30 22.07 35.13
CA THR D 101 -59.98 21.55 33.81
C THR D 101 -59.33 22.64 32.98
N GLN D 102 -58.88 22.25 31.80
CA GLN D 102 -58.20 23.19 30.91
C GLN D 102 -58.60 22.87 29.48
N LEU D 103 -59.27 23.81 28.84
CA LEU D 103 -59.54 23.72 27.43
C LEU D 103 -58.32 24.16 26.64
N SER D 104 -57.81 23.25 25.80
CA SER D 104 -56.65 23.50 24.98
C SER D 104 -57.02 23.22 23.53
N GLU D 105 -56.50 24.05 22.63
CA GLU D 105 -56.91 24.00 21.24
C GLU D 105 -55.87 24.72 20.39
N ALA D 106 -55.63 24.21 19.20
CA ALA D 106 -54.67 24.83 18.28
C ALA D 106 -54.97 24.40 16.85
N HIS D 107 -54.40 25.15 15.90
CA HIS D 107 -54.50 24.75 14.50
C HIS D 107 -53.26 25.23 13.76
N VAL D 108 -53.19 24.94 12.46
CA VAL D 108 -52.04 25.28 11.64
C VAL D 108 -52.49 26.22 10.53
N GLU D 109 -51.52 26.84 9.88
CA GLU D 109 -51.79 27.87 8.89
C GLU D 109 -50.54 28.04 8.05
N LYS D 110 -50.59 28.93 7.07
CA LYS D 110 -49.44 29.32 6.27
C LYS D 110 -48.57 30.30 7.05
N SER D 111 -47.61 30.92 6.36
CA SER D 111 -46.76 31.93 6.93
C SER D 111 -46.59 33.08 5.95
N GLU D 112 -45.75 34.03 6.30
CA GLU D 112 -45.43 35.10 5.37
C GLU D 112 -44.45 34.67 4.30
N SER D 113 -43.69 33.60 4.57
CA SER D 113 -42.74 33.06 3.59
C SER D 113 -43.46 32.53 2.37
N CYS D 114 -44.70 32.09 2.54
CA CYS D 114 -45.55 31.68 1.44
C CYS D 114 -45.84 32.83 0.48
N LYS D 115 -45.79 34.07 0.96
CA LYS D 115 -45.90 35.21 0.07
C LYS D 115 -44.70 35.34 -0.84
N THR D 116 -43.54 34.84 -0.42
CA THR D 116 -42.38 35.11 -1.24
C THR D 116 -41.53 33.89 -1.60
N GLU D 117 -41.37 32.94 -0.69
CA GLU D 117 -40.37 31.89 -0.86
C GLU D 117 -41.01 30.54 -0.65
N PHE D 118 -41.04 29.74 -1.70
CA PHE D 118 -41.93 28.60 -1.75
C PHE D 118 -41.32 27.58 -2.69
N ALA D 119 -42.10 26.56 -3.03
CA ALA D 119 -41.81 25.72 -4.17
C ALA D 119 -43.10 25.51 -4.93
N SER D 120 -42.97 25.25 -6.22
CA SER D 120 -44.12 25.01 -7.06
C SER D 120 -44.04 23.59 -7.60
N ALA D 121 -45.02 22.77 -7.26
CA ALA D 121 -45.18 21.48 -7.91
C ALA D 121 -45.96 21.69 -9.19
N TYR D 122 -45.45 21.09 -10.26
CA TYR D 122 -45.67 21.57 -11.61
C TYR D 122 -45.86 20.38 -12.53
N ARG D 123 -46.74 20.53 -13.49
CA ARG D 123 -46.97 19.51 -14.52
C ARG D 123 -46.49 20.05 -15.84
N ALA D 124 -45.66 19.28 -16.53
CA ALA D 124 -45.10 19.70 -17.81
C ALA D 124 -45.04 18.50 -18.73
N HIS D 125 -45.65 18.64 -19.89
CA HIS D 125 -45.64 17.65 -20.95
C HIS D 125 -44.95 18.25 -22.17
N THR D 126 -45.09 17.59 -23.32
CA THR D 126 -44.23 17.74 -24.50
C THR D 126 -44.08 19.20 -24.95
N ALA D 127 -42.94 19.49 -25.56
CA ALA D 127 -42.45 20.86 -25.62
C ALA D 127 -42.29 21.35 -27.05
N SER D 128 -42.00 22.64 -27.16
CA SER D 128 -41.59 23.28 -28.40
C SER D 128 -40.10 23.54 -28.34
N ALA D 129 -39.51 23.86 -29.48
CA ALA D 129 -38.09 24.16 -29.58
C ALA D 129 -37.90 25.51 -30.24
N SER D 130 -36.98 26.32 -29.69
CA SER D 130 -36.63 27.60 -30.28
C SER D 130 -35.12 27.73 -30.32
N ALA D 131 -34.62 28.38 -31.35
CA ALA D 131 -33.18 28.42 -31.57
C ALA D 131 -32.80 29.71 -32.28
N LYS D 132 -31.49 29.95 -32.33
CA LYS D 132 -30.90 31.11 -32.98
C LYS D 132 -29.70 30.63 -33.78
N LEU D 133 -29.56 31.12 -35.01
CA LEU D 133 -28.59 30.53 -35.91
C LEU D 133 -27.89 31.61 -36.72
N ARG D 134 -26.58 31.48 -36.84
CA ARG D 134 -25.76 32.36 -37.67
C ARG D 134 -25.44 31.66 -38.98
N VAL D 135 -25.70 32.37 -40.08
CA VAL D 135 -25.34 31.91 -41.43
C VAL D 135 -24.28 32.87 -41.95
N LEU D 136 -23.13 32.31 -42.37
CA LEU D 136 -22.15 33.10 -43.11
C LEU D 136 -22.62 33.13 -44.56
N TYR D 137 -23.33 34.20 -44.88
CA TYR D 137 -23.92 34.39 -46.19
C TYR D 137 -23.17 35.53 -46.84
N GLN D 138 -22.16 35.16 -47.63
CA GLN D 138 -21.48 36.04 -48.60
C GLN D 138 -20.87 37.27 -47.93
N GLY D 139 -19.98 37.01 -46.98
CA GLY D 139 -19.41 38.08 -46.21
C GLY D 139 -20.33 38.71 -45.22
N ASN D 140 -21.41 38.04 -44.83
CA ASN D 140 -22.33 38.55 -43.83
C ASN D 140 -22.58 37.47 -42.79
N ASN D 141 -22.14 37.70 -41.55
CA ASN D 141 -22.47 36.81 -40.44
C ASN D 141 -23.89 37.13 -39.95
N ILE D 142 -24.88 36.69 -40.74
CA ILE D 142 -26.27 36.96 -40.37
C ILE D 142 -26.69 36.02 -39.25
N THR D 143 -27.75 36.39 -38.55
CA THR D 143 -28.21 35.62 -37.40
C THR D 143 -29.71 35.80 -37.25
N VAL D 144 -30.44 34.68 -37.22
CA VAL D 144 -31.89 34.70 -37.20
C VAL D 144 -32.38 33.79 -36.08
N ALA D 145 -33.39 34.26 -35.36
CA ALA D 145 -34.10 33.47 -34.36
C ALA D 145 -35.31 32.83 -35.01
N ALA D 146 -35.66 31.63 -34.55
CA ALA D 146 -36.83 30.94 -35.04
C ALA D 146 -37.21 29.85 -34.05
N TYR D 147 -38.50 29.72 -33.76
CA TYR D 147 -38.94 28.60 -32.94
C TYR D 147 -39.14 27.39 -33.85
N ALA D 148 -38.29 26.38 -33.66
CA ALA D 148 -38.12 25.30 -34.62
C ALA D 148 -39.17 24.22 -34.38
N ASN D 149 -40.09 24.09 -35.33
CA ASN D 149 -41.06 23.02 -35.30
C ASN D 149 -41.36 22.44 -36.68
N GLY D 150 -40.78 22.99 -37.74
CA GLY D 150 -41.24 22.69 -39.09
C GLY D 150 -42.40 23.52 -39.57
N ASP D 151 -42.93 24.40 -38.71
CA ASP D 151 -44.16 25.11 -39.01
C ASP D 151 -44.01 26.61 -38.99
N HIS D 152 -42.81 27.13 -38.74
CA HIS D 152 -42.58 28.57 -38.76
C HIS D 152 -41.64 28.90 -39.91
N ALA D 153 -42.07 29.81 -40.77
CA ALA D 153 -41.29 30.26 -41.91
C ALA D 153 -40.80 31.68 -41.64
N VAL D 154 -39.52 31.93 -41.89
CA VAL D 154 -38.96 33.28 -41.78
C VAL D 154 -38.10 33.54 -43.00
N THR D 155 -38.33 34.67 -43.67
CA THR D 155 -37.49 35.11 -44.78
C THR D 155 -36.81 36.42 -44.45
N VAL D 156 -35.50 36.46 -44.66
CA VAL D 156 -34.70 37.68 -44.60
C VAL D 156 -33.68 37.62 -45.71
N LYS D 157 -33.43 38.77 -46.34
CA LYS D 157 -32.27 39.02 -47.21
C LYS D 157 -32.23 38.06 -48.39
N ASP D 158 -33.39 37.93 -49.05
CA ASP D 158 -33.63 37.00 -50.17
C ASP D 158 -33.35 35.55 -49.78
N ALA D 159 -33.68 35.17 -48.55
CA ALA D 159 -33.50 33.81 -48.06
C ALA D 159 -34.73 33.44 -47.26
N LYS D 160 -35.46 32.43 -47.72
CA LYS D 160 -36.63 31.94 -47.01
C LYS D 160 -36.26 30.62 -46.34
N PHE D 161 -36.68 30.42 -45.09
CA PHE D 161 -36.25 29.21 -44.43
C PHE D 161 -37.26 28.75 -43.40
N VAL D 162 -37.42 27.43 -43.32
CA VAL D 162 -38.24 26.75 -42.33
C VAL D 162 -37.35 25.80 -41.56
N VAL D 163 -37.33 25.96 -40.25
CA VAL D 163 -36.47 25.15 -39.40
C VAL D 163 -37.33 24.20 -38.59
N GLY D 164 -36.73 23.08 -38.19
CA GLY D 164 -37.46 22.01 -37.56
C GLY D 164 -38.19 21.16 -38.59
N PRO D 165 -38.87 20.11 -38.14
CA PRO D 165 -39.02 19.59 -36.78
C PRO D 165 -37.81 18.81 -36.30
N MET D 166 -37.66 18.69 -34.99
CA MET D 166 -36.57 17.90 -34.44
C MET D 166 -36.80 16.44 -34.73
N SER D 167 -35.73 15.65 -34.71
CA SER D 167 -35.86 14.22 -34.98
C SER D 167 -36.06 13.45 -33.69
N SER D 168 -35.45 13.89 -32.61
CA SER D 168 -35.60 13.24 -31.32
C SER D 168 -36.66 13.97 -30.51
N ALA D 169 -37.68 13.23 -30.09
CA ALA D 169 -38.72 13.77 -29.22
C ALA D 169 -38.39 13.61 -27.76
N TRP D 170 -37.12 13.38 -27.44
CA TRP D 170 -36.70 13.26 -26.05
C TRP D 170 -36.75 14.62 -25.37
N THR D 171 -37.08 14.62 -24.08
CA THR D 171 -37.20 15.80 -23.26
C THR D 171 -36.62 15.50 -21.88
N PRO D 172 -35.79 16.42 -21.32
CA PRO D 172 -35.19 16.14 -20.00
C PRO D 172 -36.17 16.13 -18.85
N PHE D 173 -37.41 16.53 -19.06
CA PHE D 173 -38.41 16.60 -18.00
C PHE D 173 -39.32 15.39 -18.06
N ASP D 174 -39.72 14.93 -16.88
CA ASP D 174 -40.79 13.96 -16.73
C ASP D 174 -42.11 14.69 -16.59
N ASN D 175 -43.13 13.98 -16.12
CA ASN D 175 -44.40 14.63 -15.83
C ASN D 175 -44.27 15.55 -14.63
N LYS D 176 -43.89 15.00 -13.49
CA LYS D 176 -43.78 15.78 -12.28
C LYS D 176 -42.53 16.63 -12.34
N ILE D 177 -42.64 17.91 -11.99
CA ILE D 177 -41.47 18.76 -11.91
C ILE D 177 -41.66 19.79 -10.80
N VAL D 178 -40.73 19.86 -9.88
CA VAL D 178 -40.82 20.86 -8.81
C VAL D 178 -39.78 21.92 -9.08
N VAL D 179 -40.19 23.17 -8.95
CA VAL D 179 -39.27 24.29 -9.11
C VAL D 179 -39.15 24.99 -7.77
N TYR D 180 -37.92 25.32 -7.43
CA TYR D 180 -37.58 26.25 -6.39
C TYR D 180 -36.85 27.38 -7.09
N LYS D 181 -36.63 28.50 -6.38
CA LYS D 181 -36.41 29.82 -6.96
C LYS D 181 -35.30 29.91 -8.00
N GLY D 182 -34.38 28.95 -8.06
CA GLY D 182 -33.37 28.95 -9.10
C GLY D 182 -32.99 27.57 -9.61
N ASP D 183 -33.85 26.57 -9.39
CA ASP D 183 -33.47 25.21 -9.69
C ASP D 183 -34.70 24.34 -9.85
N VAL D 184 -34.53 23.22 -10.53
CA VAL D 184 -35.61 22.29 -10.79
C VAL D 184 -35.21 20.91 -10.31
N TYR D 185 -36.22 20.08 -10.01
CA TYR D 185 -35.98 18.69 -9.62
C TYR D 185 -37.08 17.82 -10.21
N ASN D 186 -36.66 16.71 -10.83
CA ASN D 186 -37.56 15.74 -11.43
C ASN D 186 -37.94 14.72 -10.37
N MET D 187 -38.86 15.11 -9.51
CA MET D 187 -39.27 14.29 -8.38
C MET D 187 -40.78 14.16 -8.40
N ASP D 188 -41.27 12.95 -8.14
CA ASP D 188 -42.71 12.73 -8.04
C ASP D 188 -43.24 13.33 -6.76
N TYR D 189 -44.00 14.39 -6.89
CA TYR D 189 -44.58 14.95 -5.68
C TYR D 189 -45.89 14.25 -5.36
N PRO D 190 -46.24 14.14 -4.08
CA PRO D 190 -47.54 13.58 -3.73
C PRO D 190 -48.65 14.49 -4.17
N PRO D 191 -49.80 13.96 -4.55
CA PRO D 191 -50.86 14.77 -5.15
C PRO D 191 -51.53 15.65 -4.12
N PHE D 192 -52.05 16.77 -4.61
CA PHE D 192 -52.56 17.83 -3.76
C PHE D 192 -53.83 17.39 -3.06
N GLY D 193 -53.84 17.54 -1.75
CA GLY D 193 -54.86 16.92 -0.93
C GLY D 193 -54.51 15.56 -0.40
N ALA D 194 -53.44 14.93 -0.90
CA ALA D 194 -53.01 13.61 -0.48
C ALA D 194 -51.62 13.67 0.12
N GLY D 195 -51.39 14.65 0.99
CA GLY D 195 -50.06 14.88 1.52
C GLY D 195 -49.75 13.96 2.67
N ARG D 196 -48.64 13.26 2.57
CA ARG D 196 -48.17 12.44 3.67
C ARG D 196 -47.64 13.36 4.77
N PRO D 197 -47.96 13.09 6.03
CA PRO D 197 -47.52 13.98 7.11
C PRO D 197 -46.03 13.86 7.36
N GLY D 198 -45.46 14.93 7.90
CA GLY D 198 -44.05 14.95 8.22
C GLY D 198 -43.16 15.21 7.02
N GLN D 199 -43.18 14.29 6.06
CA GLN D 199 -42.40 14.39 4.85
C GLN D 199 -42.89 15.57 4.00
N PHE D 200 -42.05 15.98 3.04
CA PHE D 200 -42.42 17.05 2.11
C PHE D 200 -43.63 16.67 1.30
N GLY D 201 -44.55 17.61 1.17
CA GLY D 201 -45.77 17.43 0.42
C GLY D 201 -47.01 17.68 1.23
N ASP D 202 -46.88 18.06 2.49
CA ASP D 202 -48.05 18.12 3.34
C ASP D 202 -48.83 19.42 3.12
N ILE D 203 -48.25 20.56 3.47
CA ILE D 203 -49.00 21.80 3.57
C ILE D 203 -49.05 22.46 2.20
N GLN D 204 -50.26 22.60 1.67
CA GLN D 204 -50.43 22.85 0.26
C GLN D 204 -51.53 23.85 -0.02
N SER D 205 -51.37 24.56 -1.13
CA SER D 205 -52.36 25.49 -1.63
C SER D 205 -52.29 25.53 -3.15
N ARG D 206 -53.44 25.81 -3.76
CA ARG D 206 -53.47 25.94 -5.22
C ARG D 206 -52.91 27.28 -5.65
N THR D 207 -53.52 28.29 -5.27
CA THR D 207 -52.97 29.60 -5.55
C THR D 207 -52.05 30.03 -4.41
N PRO D 208 -51.08 30.90 -4.68
CA PRO D 208 -50.25 31.44 -3.59
C PRO D 208 -51.01 32.30 -2.59
N GLU D 209 -52.20 32.77 -2.92
CA GLU D 209 -52.93 33.69 -2.07
C GLU D 209 -54.31 33.16 -1.73
N SER D 210 -54.40 31.86 -1.46
CA SER D 210 -55.65 31.29 -0.97
C SER D 210 -55.85 31.70 0.49
N LYS D 211 -57.08 31.51 0.95
CA LYS D 211 -57.36 31.60 2.37
C LYS D 211 -57.67 30.22 2.96
N ASP D 212 -57.55 29.17 2.16
CA ASP D 212 -57.67 27.81 2.63
C ASP D 212 -56.46 27.01 2.15
N VAL D 213 -55.97 26.13 3.01
CA VAL D 213 -54.84 25.26 2.72
C VAL D 213 -55.14 23.87 3.26
N TYR D 214 -54.51 22.88 2.65
CA TYR D 214 -54.61 21.51 3.10
C TYR D 214 -53.35 21.16 3.88
N ALA D 215 -53.51 20.37 4.94
CA ALA D 215 -52.37 20.03 5.78
C ALA D 215 -52.51 18.62 6.31
N ASN D 216 -51.39 18.09 6.80
CA ASN D 216 -51.32 16.85 7.57
C ASN D 216 -50.15 16.99 8.54
N THR D 217 -50.47 17.35 9.78
CA THR D 217 -49.43 17.70 10.73
C THR D 217 -49.47 16.90 12.02
N GLN D 218 -50.29 15.84 12.09
CA GLN D 218 -50.27 14.80 13.14
C GLN D 218 -50.36 15.36 14.57
N LEU D 219 -51.00 16.53 14.71
CA LEU D 219 -50.91 17.32 15.93
C LEU D 219 -51.58 16.63 17.12
N VAL D 220 -50.79 16.40 18.16
CA VAL D 220 -51.24 15.77 19.39
C VAL D 220 -51.03 16.79 20.49
N LEU D 221 -51.99 16.91 21.41
CA LEU D 221 -51.85 17.82 22.52
C LEU D 221 -51.66 17.00 23.79
N GLN D 222 -50.46 17.08 24.38
CA GLN D 222 -50.14 16.28 25.55
C GLN D 222 -50.61 16.97 26.82
N ARG D 223 -50.31 16.36 27.96
CA ARG D 223 -50.77 16.87 29.25
C ARG D 223 -49.78 17.90 29.79
N PRO D 224 -50.27 19.06 30.24
CA PRO D 224 -49.38 20.00 30.93
C PRO D 224 -49.06 19.53 32.33
N ALA D 225 -47.90 19.95 32.81
CA ALA D 225 -47.44 19.61 34.15
C ALA D 225 -48.01 20.63 35.13
N ALA D 226 -47.70 20.43 36.42
CA ALA D 226 -48.24 21.28 37.48
C ALA D 226 -47.60 22.66 37.38
N GLY D 227 -48.44 23.69 37.25
CA GLY D 227 -47.99 25.06 37.20
C GLY D 227 -47.44 25.50 35.86
N THR D 228 -47.06 24.58 34.99
CA THR D 228 -46.53 24.92 33.67
C THR D 228 -47.70 25.27 32.77
N VAL D 229 -48.21 26.49 32.92
CA VAL D 229 -49.33 26.92 32.10
C VAL D 229 -48.79 27.28 30.72
N HIS D 230 -48.94 26.35 29.80
CA HIS D 230 -48.54 26.55 28.42
C HIS D 230 -49.37 25.61 27.57
N VAL D 231 -48.94 25.40 26.33
CA VAL D 231 -49.60 24.47 25.44
C VAL D 231 -48.65 23.33 25.08
N PRO D 232 -48.70 22.24 25.83
CA PRO D 232 -47.86 21.08 25.48
C PRO D 232 -48.40 20.40 24.23
N TYR D 233 -47.74 20.63 23.11
CA TYR D 233 -48.28 20.15 21.85
C TYR D 233 -47.19 19.45 21.07
N SER D 234 -47.62 18.47 20.28
CA SER D 234 -46.69 17.73 19.46
C SER D 234 -46.20 18.59 18.30
N GLN D 235 -44.90 18.63 18.13
CA GLN D 235 -44.28 19.39 17.07
C GLN D 235 -44.61 18.77 15.72
N ALA D 236 -44.73 19.62 14.70
CA ALA D 236 -45.06 19.16 13.36
C ALA D 236 -43.89 19.50 12.44
N PRO D 237 -42.97 18.57 12.20
CA PRO D 237 -41.85 18.86 11.30
C PRO D 237 -42.31 18.88 9.84
N SER D 238 -42.05 19.98 9.16
CA SER D 238 -42.48 20.18 7.78
C SER D 238 -41.29 20.00 6.85
N GLY D 239 -41.56 19.51 5.64
CA GLY D 239 -40.52 19.12 4.71
C GLY D 239 -39.65 20.25 4.23
N PHE D 240 -40.15 21.48 4.28
CA PHE D 240 -39.39 22.62 3.78
C PHE D 240 -38.19 22.93 4.65
N LYS D 241 -38.40 23.02 5.96
CA LYS D 241 -37.34 23.49 6.83
C LYS D 241 -36.21 22.48 6.99
N TYR D 242 -36.40 21.24 6.53
CA TYR D 242 -35.27 20.36 6.37
C TYR D 242 -35.09 19.90 4.93
N TRP D 243 -35.72 20.58 3.97
CA TRP D 243 -35.64 20.18 2.57
C TRP D 243 -34.26 20.42 1.96
N LEU D 244 -33.41 21.19 2.63
CA LEU D 244 -32.15 21.66 2.04
C LEU D 244 -31.15 20.53 1.81
N LYS D 245 -31.25 19.43 2.54
CA LYS D 245 -30.16 18.46 2.52
C LYS D 245 -30.39 17.33 1.54
N GLU D 246 -31.64 16.89 1.37
CA GLU D 246 -31.97 15.72 0.56
C GLU D 246 -32.24 16.08 -0.90
N ARG D 247 -31.83 17.27 -1.32
CA ARG D 247 -32.04 17.69 -2.69
C ARG D 247 -31.27 16.80 -3.67
N GLY D 248 -30.16 16.24 -3.22
CA GLY D 248 -29.26 15.64 -4.17
C GLY D 248 -28.66 16.76 -4.97
N ALA D 249 -29.11 16.90 -6.21
CA ALA D 249 -28.71 18.04 -7.02
C ALA D 249 -29.85 18.47 -7.91
N SER D 250 -29.70 19.64 -8.49
CA SER D 250 -30.63 20.14 -9.49
C SER D 250 -30.45 19.36 -10.79
N LEU D 251 -31.32 19.64 -11.75
CA LEU D 251 -31.22 18.97 -13.04
C LEU D 251 -30.07 19.49 -13.87
N GLN D 252 -29.42 20.58 -13.44
CA GLN D 252 -28.24 21.10 -14.14
C GLN D 252 -27.09 20.11 -14.12
N HIS D 253 -27.06 19.22 -13.14
CA HIS D 253 -25.94 18.33 -12.96
C HIS D 253 -26.36 16.88 -13.00
N THR D 254 -27.64 16.61 -13.25
CA THR D 254 -28.11 15.25 -13.46
C THR D 254 -28.59 14.99 -14.88
N ALA D 255 -28.52 15.99 -15.76
CA ALA D 255 -29.13 15.88 -17.06
C ALA D 255 -28.29 14.97 -17.97
N PRO D 256 -28.92 14.30 -18.92
CA PRO D 256 -28.16 13.67 -19.99
C PRO D 256 -27.90 14.66 -21.11
N PHE D 257 -26.79 14.42 -21.83
CA PHE D 257 -26.35 15.17 -23.01
C PHE D 257 -26.05 16.63 -22.74
N GLY D 258 -25.93 17.03 -21.48
CA GLY D 258 -25.45 18.36 -21.15
C GLY D 258 -26.42 19.49 -21.43
N CYS D 259 -27.61 19.46 -20.83
CA CYS D 259 -28.53 20.57 -20.98
C CYS D 259 -28.33 21.57 -19.85
N GLN D 260 -28.40 22.85 -20.17
CA GLN D 260 -28.36 23.89 -19.15
C GLN D 260 -29.76 24.40 -18.90
N ILE D 261 -30.19 24.36 -17.64
CA ILE D 261 -31.58 24.60 -17.31
C ILE D 261 -31.69 25.91 -16.56
N ALA D 262 -32.35 26.88 -17.18
CA ALA D 262 -32.55 28.17 -16.56
C ALA D 262 -34.03 28.37 -16.28
N THR D 263 -34.35 28.91 -15.11
CA THR D 263 -35.73 29.09 -14.72
C THR D 263 -36.30 30.35 -15.34
N ASN D 264 -37.56 30.67 -14.95
CA ASN D 264 -38.44 31.80 -15.28
C ASN D 264 -38.31 32.41 -16.67
N PRO D 265 -38.68 31.68 -17.73
CA PRO D 265 -39.30 30.36 -17.79
C PRO D 265 -38.27 29.25 -17.84
N VAL D 266 -38.70 28.02 -17.55
CA VAL D 266 -37.77 26.90 -17.40
C VAL D 266 -37.37 26.42 -18.79
N ARG D 267 -36.34 27.03 -19.32
CA ARG D 267 -35.76 26.65 -20.60
C ARG D 267 -34.62 25.68 -20.38
N ALA D 268 -34.41 24.81 -21.34
CA ALA D 268 -33.33 23.83 -21.29
C ALA D 268 -32.49 24.01 -22.55
N VAL D 269 -31.54 24.91 -22.48
CA VAL D 269 -30.73 25.27 -23.63
C VAL D 269 -29.66 24.22 -23.85
N ASN D 270 -29.29 24.04 -25.12
CA ASN D 270 -28.20 23.16 -25.58
C ASN D 270 -28.44 21.70 -25.25
N CYS D 271 -29.70 21.27 -25.30
CA CYS D 271 -30.00 19.86 -25.18
C CYS D 271 -29.53 19.16 -26.44
N ALA D 272 -28.30 18.65 -26.40
CA ALA D 272 -27.56 18.29 -27.60
C ALA D 272 -27.71 16.80 -27.88
N VAL D 273 -28.74 16.44 -28.66
CA VAL D 273 -28.88 15.10 -29.21
C VAL D 273 -29.78 15.20 -30.43
N GLY D 274 -29.57 14.30 -31.39
CA GLY D 274 -30.40 14.21 -32.57
C GLY D 274 -29.86 15.05 -33.72
N ASN D 275 -30.73 15.23 -34.72
CA ASN D 275 -30.43 16.13 -35.81
C ASN D 275 -31.70 16.90 -36.18
N ILE D 276 -31.52 18.02 -36.86
CA ILE D 276 -32.61 18.88 -37.31
C ILE D 276 -32.48 19.04 -38.82
N PRO D 277 -33.54 18.84 -39.55
CA PRO D 277 -33.55 19.29 -40.96
C PRO D 277 -33.96 20.75 -41.06
N ILE D 278 -33.31 21.47 -41.97
CA ILE D 278 -33.62 22.87 -42.29
C ILE D 278 -33.95 22.93 -43.77
N SER D 279 -34.89 23.79 -44.14
CA SER D 279 -35.20 24.06 -45.53
C SER D 279 -34.82 25.51 -45.80
N ILE D 280 -33.89 25.72 -46.72
CA ILE D 280 -33.49 27.04 -47.15
C ILE D 280 -33.89 27.17 -48.62
N ASP D 281 -34.31 28.37 -49.02
CA ASP D 281 -34.73 28.62 -50.38
C ASP D 281 -34.24 30.00 -50.80
N ILE D 282 -33.67 30.07 -51.99
CA ILE D 282 -33.02 31.29 -52.48
C ILE D 282 -33.09 31.37 -54.00
N PRO D 283 -33.54 32.49 -54.55
CA PRO D 283 -33.55 32.65 -56.01
C PRO D 283 -32.22 33.14 -56.56
N ASP D 284 -32.20 33.48 -57.85
CA ASP D 284 -31.03 33.85 -58.64
C ASP D 284 -30.25 35.04 -58.11
N ALA D 285 -30.85 35.91 -57.28
CA ALA D 285 -30.25 37.20 -56.91
C ALA D 285 -28.94 37.06 -56.14
N ALA D 286 -28.63 35.88 -55.61
CA ALA D 286 -27.29 35.59 -55.16
C ALA D 286 -26.58 34.53 -56.00
N PHE D 287 -27.30 33.85 -56.88
CA PHE D 287 -26.70 32.82 -57.71
C PHE D 287 -25.77 33.43 -58.73
N THR D 288 -24.65 32.77 -58.99
CA THR D 288 -23.65 33.25 -59.93
C THR D 288 -23.62 32.34 -61.15
N ARG D 289 -23.47 32.95 -62.33
CA ARG D 289 -23.48 32.22 -63.59
C ARG D 289 -22.27 31.30 -63.70
N VAL D 290 -22.46 30.20 -64.43
CA VAL D 290 -21.38 29.24 -64.65
C VAL D 290 -20.27 29.88 -65.47
N VAL D 291 -20.62 30.50 -66.60
CA VAL D 291 -19.61 31.04 -67.48
C VAL D 291 -19.06 32.37 -66.97
N ASP D 292 -19.85 33.11 -66.18
CA ASP D 292 -19.32 34.34 -65.63
C ASP D 292 -18.53 34.12 -64.36
N ALA D 293 -18.51 32.91 -63.85
CA ALA D 293 -17.56 32.64 -62.79
C ALA D 293 -16.19 32.31 -63.39
N PRO D 294 -15.10 32.67 -62.73
CA PRO D 294 -13.78 32.32 -63.27
C PRO D 294 -13.50 30.84 -63.13
N SER D 295 -13.51 30.14 -64.26
CA SER D 295 -13.11 28.73 -64.28
C SER D 295 -11.60 28.63 -64.16
N VAL D 296 -11.13 27.49 -63.69
CA VAL D 296 -9.73 27.32 -63.34
C VAL D 296 -9.18 26.12 -64.08
N THR D 297 -7.86 26.12 -64.27
CA THR D 297 -7.13 24.94 -64.74
C THR D 297 -5.84 24.83 -63.95
N ASP D 298 -5.05 23.80 -64.31
CA ASP D 298 -3.74 23.50 -63.71
C ASP D 298 -3.86 23.26 -62.20
N MET D 299 -4.70 22.30 -61.84
CA MET D 299 -4.97 22.01 -60.43
C MET D 299 -3.79 21.25 -59.84
N SER D 300 -3.01 21.92 -59.00
CA SER D 300 -1.85 21.30 -58.35
C SER D 300 -1.99 21.50 -56.84
N CYS D 301 -2.63 20.54 -56.18
CA CYS D 301 -2.73 20.56 -54.73
C CYS D 301 -1.66 19.67 -54.13
N GLU D 302 -1.25 20.02 -52.91
CA GLU D 302 -0.42 19.15 -52.09
C GLU D 302 -0.61 19.56 -50.64
N VAL D 303 -0.10 18.72 -49.75
CA VAL D 303 -0.20 18.96 -48.32
C VAL D 303 1.22 18.95 -47.76
N PRO D 304 1.73 20.08 -47.29
CA PRO D 304 3.04 20.06 -46.63
C PRO D 304 3.02 19.32 -45.30
N ALA D 305 2.07 19.65 -44.43
CA ALA D 305 2.05 19.01 -43.12
C ALA D 305 0.61 18.88 -42.66
N CYS D 306 0.12 17.64 -42.60
CA CYS D 306 -1.17 17.34 -42.02
C CYS D 306 -0.96 16.71 -40.65
N THR D 307 -1.81 17.07 -39.70
CA THR D 307 -1.81 16.45 -38.38
C THR D 307 -3.27 16.25 -37.99
N HIS D 308 -3.69 15.01 -37.77
CA HIS D 308 -5.11 14.77 -37.57
C HIS D 308 -5.47 15.11 -36.13
N SER D 309 -5.55 16.40 -35.85
CA SER D 309 -5.91 16.94 -34.56
C SER D 309 -7.34 17.44 -34.58
N SER D 310 -7.73 18.16 -33.53
CA SER D 310 -9.06 18.78 -33.48
C SER D 310 -9.06 20.21 -34.01
N ASP D 311 -7.92 20.90 -33.96
CA ASP D 311 -7.78 22.21 -34.57
C ASP D 311 -7.52 22.04 -36.06
N PHE D 312 -7.24 23.13 -36.77
CA PHE D 312 -6.88 23.03 -38.19
C PHE D 312 -5.45 22.49 -38.29
N GLY D 313 -5.37 21.17 -38.27
CA GLY D 313 -4.11 20.46 -38.28
C GLY D 313 -3.61 20.10 -39.65
N GLY D 314 -4.24 20.62 -40.70
CA GLY D 314 -3.70 20.45 -42.03
C GLY D 314 -3.80 21.74 -42.83
N VAL D 315 -2.68 22.23 -43.35
CA VAL D 315 -2.70 23.41 -44.19
C VAL D 315 -2.34 22.95 -45.58
N ALA D 316 -3.34 22.77 -46.43
CA ALA D 316 -3.12 22.30 -47.79
C ALA D 316 -2.82 23.48 -48.69
N ILE D 317 -1.76 23.33 -49.49
CA ILE D 317 -1.29 24.38 -50.37
C ILE D 317 -1.59 23.96 -51.80
N ILE D 318 -2.22 24.84 -52.57
CA ILE D 318 -2.60 24.48 -53.92
C ILE D 318 -2.31 25.64 -54.86
N LYS D 319 -1.58 25.35 -55.93
CA LYS D 319 -1.30 26.26 -57.02
C LYS D 319 -2.21 25.92 -58.19
N TYR D 320 -2.71 26.95 -58.87
CA TYR D 320 -3.75 26.78 -59.87
C TYR D 320 -3.45 27.69 -61.05
N THR D 321 -4.40 27.78 -61.98
CA THR D 321 -4.36 28.77 -63.04
C THR D 321 -5.79 29.06 -63.47
N ALA D 322 -6.27 30.27 -63.21
CA ALA D 322 -7.67 30.58 -63.43
C ALA D 322 -7.90 31.17 -64.82
N SER D 323 -9.10 31.70 -65.02
CA SER D 323 -9.45 32.42 -66.24
C SER D 323 -9.58 33.92 -66.03
N LYS D 324 -10.14 34.36 -64.90
CA LYS D 324 -10.28 35.78 -64.62
C LYS D 324 -10.32 35.99 -63.11
N LYS D 325 -10.74 37.18 -62.70
CA LYS D 325 -10.71 37.63 -61.31
C LYS D 325 -12.10 37.62 -60.71
N GLY D 326 -12.23 37.02 -59.52
CA GLY D 326 -13.51 36.96 -58.85
C GLY D 326 -13.47 35.99 -57.69
N LYS D 327 -14.62 35.89 -57.02
CA LYS D 327 -14.79 34.94 -55.93
C LYS D 327 -14.82 33.52 -56.45
N CYS D 328 -14.49 32.57 -55.58
CA CYS D 328 -14.56 31.15 -55.92
C CYS D 328 -14.84 30.36 -54.67
N ALA D 329 -15.88 29.54 -54.72
CA ALA D 329 -16.24 28.70 -53.59
C ALA D 329 -15.46 27.39 -53.61
N VAL D 330 -15.19 26.88 -52.43
CA VAL D 330 -14.41 25.66 -52.25
C VAL D 330 -15.21 24.70 -51.38
N HIS D 331 -15.11 23.41 -51.69
CA HIS D 331 -15.98 22.46 -51.00
C HIS D 331 -15.34 21.07 -50.93
N SER D 332 -15.55 20.42 -49.79
CA SER D 332 -15.09 19.07 -49.53
C SER D 332 -16.20 18.08 -49.87
N MET D 333 -15.90 17.10 -50.75
CA MET D 333 -16.97 16.22 -51.21
C MET D 333 -17.08 14.92 -50.42
N THR D 334 -16.09 14.54 -49.63
CA THR D 334 -16.26 13.41 -48.73
C THR D 334 -16.24 13.90 -47.30
N ASN D 335 -16.73 13.07 -46.38
CA ASN D 335 -16.92 13.49 -45.01
C ASN D 335 -15.74 13.17 -44.12
N ALA D 336 -14.60 12.75 -44.69
CA ALA D 336 -13.43 12.49 -43.87
C ALA D 336 -12.80 13.79 -43.38
N VAL D 337 -12.83 14.82 -44.21
CA VAL D 337 -12.15 16.07 -43.91
C VAL D 337 -13.17 17.19 -43.80
N THR D 338 -12.73 18.33 -43.26
CA THR D 338 -13.53 19.52 -43.12
C THR D 338 -12.65 20.73 -43.39
N ILE D 339 -13.27 21.80 -43.88
CA ILE D 339 -12.58 23.01 -44.28
C ILE D 339 -13.14 24.19 -43.49
N ARG D 340 -12.32 25.22 -43.31
CA ARG D 340 -12.72 26.41 -42.55
C ARG D 340 -12.90 27.64 -43.41
N GLU D 341 -12.86 27.52 -44.72
CA GLU D 341 -12.93 28.68 -45.60
C GLU D 341 -14.09 28.50 -46.57
N ALA D 342 -14.96 29.50 -46.62
CA ALA D 342 -16.13 29.45 -47.50
C ALA D 342 -15.72 29.68 -48.95
N ASP D 343 -15.15 30.83 -49.25
CA ASP D 343 -14.76 31.19 -50.60
C ASP D 343 -13.50 32.05 -50.53
N VAL D 344 -12.78 32.09 -51.64
CA VAL D 344 -11.54 32.87 -51.71
C VAL D 344 -11.54 33.67 -53.00
N GLU D 345 -10.78 34.77 -53.01
CA GLU D 345 -10.69 35.61 -54.19
C GLU D 345 -9.52 35.15 -55.06
N VAL D 346 -9.77 34.99 -56.35
CA VAL D 346 -8.83 34.41 -57.30
C VAL D 346 -8.75 35.30 -58.53
N GLU D 347 -7.52 35.65 -58.95
CA GLU D 347 -7.31 36.56 -60.06
C GLU D 347 -6.84 35.89 -61.35
N GLY D 348 -6.13 34.76 -61.27
CA GLY D 348 -5.56 34.15 -62.44
C GLY D 348 -4.63 33.01 -62.08
N ASN D 349 -3.43 33.01 -62.66
CA ASN D 349 -2.45 32.00 -62.28
C ASN D 349 -1.83 32.37 -60.94
N SER D 350 -2.41 31.88 -59.86
CA SER D 350 -1.96 32.20 -58.52
C SER D 350 -2.02 30.94 -57.66
N GLN D 351 -1.80 31.14 -56.36
CA GLN D 351 -1.68 30.06 -55.41
C GLN D 351 -2.45 30.43 -54.15
N LEU D 352 -3.06 29.44 -53.49
CA LEU D 352 -3.74 29.67 -52.23
C LEU D 352 -3.41 28.56 -51.26
N GLN D 353 -3.85 28.74 -50.02
CA GLN D 353 -3.75 27.71 -48.99
C GLN D 353 -5.05 27.66 -48.21
N ILE D 354 -5.30 26.51 -47.60
CA ILE D 354 -6.55 26.25 -46.88
C ILE D 354 -6.25 25.46 -45.62
N SER D 355 -7.14 25.57 -44.65
CA SER D 355 -6.98 24.96 -43.33
C SER D 355 -8.05 23.89 -43.16
N PHE D 356 -7.68 22.66 -43.43
CA PHE D 356 -8.55 21.50 -43.32
C PHE D 356 -8.12 20.64 -42.14
N SER D 357 -8.97 19.65 -41.82
CA SER D 357 -8.63 18.65 -40.82
C SER D 357 -9.42 17.38 -41.08
N THR D 358 -8.84 16.27 -40.64
CA THR D 358 -9.47 14.95 -40.72
C THR D 358 -9.16 14.20 -39.43
N ALA D 359 -9.66 12.99 -39.32
CA ALA D 359 -9.49 12.21 -38.10
C ALA D 359 -8.50 11.07 -38.25
N LEU D 360 -8.38 10.49 -39.43
CA LEU D 360 -7.63 9.26 -39.58
C LEU D 360 -6.18 9.55 -39.99
N ALA D 361 -5.46 8.48 -40.35
CA ALA D 361 -4.02 8.55 -40.50
C ALA D 361 -3.61 9.08 -41.86
N SER D 362 -4.09 8.46 -42.93
CA SER D 362 -3.65 8.81 -44.27
C SER D 362 -4.83 8.69 -45.21
N ALA D 363 -5.09 9.75 -46.00
CA ALA D 363 -6.22 9.73 -46.90
C ALA D 363 -5.92 10.53 -48.16
N GLU D 364 -6.47 10.07 -49.27
CA GLU D 364 -6.51 10.85 -50.49
C GLU D 364 -7.89 11.48 -50.62
N PHE D 365 -7.95 12.63 -51.30
CA PHE D 365 -9.18 13.37 -51.25
C PHE D 365 -9.29 14.31 -52.46
N ARG D 366 -10.52 14.45 -52.98
CA ARG D 366 -10.79 15.30 -54.14
C ARG D 366 -11.69 16.47 -53.71
N VAL D 367 -11.13 17.68 -53.78
CA VAL D 367 -11.84 18.91 -53.48
C VAL D 367 -12.54 19.39 -54.74
N GLN D 368 -13.65 20.14 -54.59
CA GLN D 368 -14.22 20.88 -55.71
C GLN D 368 -13.92 22.35 -55.52
N VAL D 369 -13.45 22.99 -56.58
CA VAL D 369 -13.32 24.43 -56.68
C VAL D 369 -14.05 24.89 -57.95
N CYS D 370 -15.19 25.57 -57.73
CA CYS D 370 -16.07 26.17 -58.75
C CYS D 370 -16.37 25.22 -59.91
N SER D 371 -16.85 24.03 -59.54
CA SER D 371 -17.08 22.88 -60.44
C SER D 371 -15.79 22.50 -61.17
N THR D 372 -14.75 22.26 -60.38
CA THR D 372 -13.48 21.77 -60.89
C THR D 372 -12.92 20.81 -59.85
N GLN D 373 -12.78 19.55 -60.22
CA GLN D 373 -12.28 18.56 -59.28
C GLN D 373 -10.76 18.65 -59.19
N VAL D 374 -10.22 18.50 -57.98
CA VAL D 374 -8.78 18.44 -57.76
C VAL D 374 -8.45 17.42 -56.66
N HIS D 375 -7.66 16.42 -56.99
CA HIS D 375 -7.33 15.37 -56.04
C HIS D 375 -5.91 15.55 -55.51
N CYS D 376 -5.76 15.42 -54.20
CA CYS D 376 -4.45 15.36 -53.57
C CYS D 376 -4.57 14.54 -52.29
N ALA D 377 -3.45 13.99 -51.85
CA ALA D 377 -3.43 13.05 -50.74
C ALA D 377 -2.62 13.62 -49.58
N ALA D 378 -2.70 12.94 -48.45
CA ALA D 378 -2.00 13.38 -47.26
C ALA D 378 -1.78 12.22 -46.31
N ALA D 379 -0.66 12.28 -45.59
CA ALA D 379 -0.37 11.40 -44.47
C ALA D 379 -0.18 12.28 -43.25
N CYS D 380 -0.85 11.94 -42.15
CA CYS D 380 -0.98 12.87 -41.05
C CYS D 380 -0.31 12.32 -39.78
N HIS D 381 -0.48 13.05 -38.68
CA HIS D 381 0.13 12.75 -37.40
C HIS D 381 -0.87 13.02 -36.28
N PRO D 382 -0.74 12.33 -35.15
CA PRO D 382 -1.59 12.64 -34.03
C PRO D 382 -0.98 13.70 -33.15
N PRO D 383 -1.78 14.48 -32.44
CA PRO D 383 -1.23 15.46 -31.51
C PRO D 383 -0.70 14.77 -30.26
N LYS D 384 0.18 15.47 -29.57
CA LYS D 384 0.83 14.92 -28.39
C LYS D 384 0.00 15.07 -27.13
N ASP D 385 -0.92 16.03 -27.11
CA ASP D 385 -1.81 16.18 -25.97
C ASP D 385 -2.87 15.08 -25.97
N HIS D 386 -3.63 14.99 -24.87
CA HIS D 386 -4.71 14.04 -24.79
C HIS D 386 -6.08 14.68 -24.62
N ILE D 387 -6.16 15.86 -24.02
CA ILE D 387 -7.44 16.47 -23.67
C ILE D 387 -7.48 17.89 -24.22
N VAL D 388 -8.57 18.22 -24.91
CA VAL D 388 -8.86 19.60 -25.30
C VAL D 388 -10.23 19.96 -24.77
N ASN D 389 -10.52 21.26 -24.75
CA ASN D 389 -11.77 21.76 -24.19
C ASN D 389 -12.74 22.26 -25.24
N TYR D 390 -12.83 21.58 -26.38
CA TYR D 390 -13.80 21.87 -27.42
C TYR D 390 -13.98 20.62 -28.24
N PRO D 391 -15.18 20.32 -28.70
CA PRO D 391 -15.38 19.17 -29.59
C PRO D 391 -14.82 19.49 -30.97
N ALA D 392 -14.39 18.44 -31.65
CA ALA D 392 -13.84 18.57 -32.99
C ALA D 392 -14.98 18.59 -34.00
N SER D 393 -14.62 18.50 -35.25
CA SER D 393 -15.68 18.56 -36.26
C SER D 393 -15.67 17.36 -37.19
N HIS D 394 -14.50 16.88 -37.58
CA HIS D 394 -14.40 15.80 -38.56
C HIS D 394 -14.64 14.45 -37.94
N THR D 395 -14.60 14.35 -36.60
CA THR D 395 -14.40 13.08 -35.92
C THR D 395 -15.58 12.11 -36.03
N THR D 396 -16.67 12.51 -36.66
CA THR D 396 -17.63 11.51 -37.10
C THR D 396 -17.01 10.75 -38.27
N LEU D 397 -16.63 9.49 -38.03
CA LEU D 397 -16.02 8.67 -39.07
C LEU D 397 -16.53 7.24 -38.94
N GLY D 398 -16.12 6.41 -39.90
CA GLY D 398 -16.55 5.03 -39.92
C GLY D 398 -15.53 4.05 -39.38
N VAL D 399 -15.61 2.80 -39.83
CA VAL D 399 -14.69 1.75 -39.41
C VAL D 399 -14.00 1.13 -40.62
N GLN D 400 -14.64 1.20 -41.78
CA GLN D 400 -13.99 0.80 -43.03
C GLN D 400 -13.43 2.07 -43.64
N ASP D 401 -12.29 2.50 -43.13
CA ASP D 401 -11.72 3.77 -43.54
C ASP D 401 -10.30 3.56 -44.06
N ILE D 402 -9.94 4.39 -45.04
CA ILE D 402 -8.70 4.27 -45.78
C ILE D 402 -7.57 4.69 -44.85
N SER D 403 -6.34 4.25 -45.13
CA SER D 403 -5.23 4.52 -44.22
C SER D 403 -3.97 4.69 -45.05
N THR D 404 -2.83 4.53 -44.40
CA THR D 404 -1.52 4.30 -45.00
C THR D 404 -1.40 2.84 -45.41
N THR D 405 -0.17 2.35 -45.56
CA THR D 405 0.16 0.99 -46.03
C THR D 405 -0.53 -0.19 -45.33
N ALA D 406 -1.35 0.07 -44.30
CA ALA D 406 -2.26 -0.91 -43.73
C ALA D 406 -3.05 -1.69 -44.78
N MET D 407 -3.60 -1.01 -45.79
CA MET D 407 -4.37 -1.79 -46.76
C MET D 407 -3.45 -2.56 -47.69
N SER D 408 -2.21 -2.10 -47.87
CA SER D 408 -1.24 -2.92 -48.57
C SER D 408 -0.88 -4.15 -47.76
N TRP D 409 -0.85 -4.02 -46.44
CA TRP D 409 -0.62 -5.17 -45.56
C TRP D 409 -1.76 -6.17 -45.64
N VAL D 410 -3.01 -5.67 -45.64
CA VAL D 410 -4.12 -6.61 -45.71
C VAL D 410 -4.25 -7.18 -47.12
N GLN D 411 -3.71 -6.51 -48.13
CA GLN D 411 -3.65 -7.13 -49.44
C GLN D 411 -2.48 -8.12 -49.50
N LYS D 412 -1.49 -7.94 -48.64
CA LYS D 412 -0.40 -8.90 -48.58
C LYS D 412 -0.85 -10.22 -47.98
N ILE D 413 -1.41 -10.16 -46.76
CA ILE D 413 -1.53 -11.39 -45.96
C ILE D 413 -2.67 -12.29 -46.43
N THR D 414 -3.51 -11.83 -47.36
CA THR D 414 -4.55 -12.69 -47.94
C THR D 414 -4.10 -13.30 -49.27
N GLY D 415 -2.83 -13.71 -49.34
CA GLY D 415 -2.23 -14.31 -50.52
C GLY D 415 -2.97 -15.48 -51.15
N GLY D 416 -3.57 -16.33 -50.33
CA GLY D 416 -4.46 -17.36 -50.85
C GLY D 416 -3.76 -18.69 -51.05
N VAL D 417 -4.51 -19.76 -50.80
CA VAL D 417 -4.03 -21.12 -51.04
C VAL D 417 -5.12 -21.84 -51.81
N GLY D 418 -6.22 -21.12 -52.07
CA GLY D 418 -7.35 -21.67 -52.81
C GLY D 418 -7.02 -22.06 -54.25
N LEU D 419 -6.00 -21.45 -54.83
CA LEU D 419 -5.50 -21.88 -56.13
C LEU D 419 -4.88 -23.29 -56.05
N ILE D 420 -4.19 -23.60 -54.95
CA ILE D 420 -3.63 -24.94 -54.85
C ILE D 420 -4.69 -25.93 -54.38
N VAL D 421 -5.74 -25.44 -53.70
CA VAL D 421 -6.92 -26.28 -53.50
C VAL D 421 -7.57 -26.61 -54.85
N ALA D 422 -7.56 -25.66 -55.78
CA ALA D 422 -8.01 -25.96 -57.13
C ALA D 422 -7.08 -26.92 -57.85
N VAL D 423 -5.79 -26.91 -57.50
CA VAL D 423 -4.88 -27.94 -58.04
C VAL D 423 -5.24 -29.33 -57.50
N ALA D 424 -5.66 -29.39 -56.22
CA ALA D 424 -6.20 -30.65 -55.70
C ALA D 424 -7.51 -31.03 -56.39
N ALA D 425 -8.30 -30.02 -56.78
CA ALA D 425 -9.48 -30.28 -57.60
C ALA D 425 -9.10 -30.82 -58.96
N LEU D 426 -7.96 -30.38 -59.49
CA LEU D 426 -7.48 -30.87 -60.77
C LEU D 426 -6.98 -32.31 -60.67
N ILE D 427 -6.34 -32.67 -59.55
CA ILE D 427 -5.89 -34.07 -59.47
C ILE D 427 -7.08 -35.00 -59.23
N LEU D 428 -8.11 -34.53 -58.51
CA LEU D 428 -9.27 -35.41 -58.37
C LEU D 428 -10.08 -35.49 -59.66
N ILE D 429 -10.12 -34.43 -60.46
CA ILE D 429 -10.85 -34.58 -61.72
C ILE D 429 -10.03 -35.40 -62.73
N VAL D 430 -8.70 -35.36 -62.68
CA VAL D 430 -7.92 -36.15 -63.64
C VAL D 430 -7.84 -37.60 -63.21
N VAL D 431 -8.14 -37.92 -61.95
CA VAL D 431 -8.33 -39.32 -61.62
C VAL D 431 -9.78 -39.75 -61.84
N LEU D 432 -10.75 -38.84 -61.69
CA LEU D 432 -12.13 -39.23 -61.89
C LEU D 432 -12.54 -39.24 -63.35
N CYS D 433 -11.72 -38.70 -64.25
CA CYS D 433 -11.96 -38.74 -65.68
C CYS D 433 -11.97 -40.14 -66.27
N VAL D 434 -11.58 -41.16 -65.52
CA VAL D 434 -11.75 -42.54 -65.98
C VAL D 434 -13.23 -42.88 -66.12
N SER D 435 -14.05 -42.53 -65.12
CA SER D 435 -15.46 -42.91 -65.13
C SER D 435 -16.37 -41.80 -64.59
N PHE D 436 -16.10 -40.55 -64.94
CA PHE D 436 -16.89 -39.44 -64.40
C PHE D 436 -17.73 -38.77 -65.48
N SER D 437 -18.37 -39.56 -66.35
CA SER D 437 -19.01 -39.02 -67.54
C SER D 437 -20.47 -39.42 -67.69
N ARG D 438 -21.21 -39.50 -66.58
CA ARG D 438 -22.65 -39.80 -66.70
C ARG D 438 -23.56 -38.86 -65.91
N HIS D 439 -23.17 -38.47 -64.70
CA HIS D 439 -24.03 -37.66 -63.83
C HIS D 439 -23.46 -36.27 -63.58
N ASN E 1 -45.70 57.89 12.50
CA ASN E 1 -44.78 56.76 12.42
C ASN E 1 -44.91 55.85 13.62
N PHE E 2 -45.11 54.55 13.34
CA PHE E 2 -45.25 53.48 14.33
C PHE E 2 -46.41 53.75 15.30
N ASN E 3 -47.48 54.37 14.81
CA ASN E 3 -48.54 54.86 15.68
C ASN E 3 -49.59 53.77 15.88
N VAL E 4 -49.17 52.70 16.54
CA VAL E 4 -50.09 51.59 16.80
C VAL E 4 -50.03 51.06 18.23
N TYR E 5 -49.02 51.38 19.02
CA TYR E 5 -48.78 50.72 20.31
C TYR E 5 -49.16 51.57 21.51
N LYS E 6 -50.27 52.30 21.45
CA LYS E 6 -50.62 53.19 22.54
C LYS E 6 -51.10 52.43 23.77
N ALA E 7 -52.21 51.72 23.65
CA ALA E 7 -52.87 51.16 24.82
C ALA E 7 -52.41 49.74 25.15
N THR E 8 -51.27 49.30 24.62
CA THR E 8 -50.83 47.93 24.88
C THR E 8 -50.10 47.85 26.21
N ARG E 9 -49.71 46.63 26.56
CA ARG E 9 -49.04 46.37 27.82
C ARG E 9 -48.16 45.13 27.64
N PRO E 10 -46.97 45.10 28.25
CA PRO E 10 -46.09 43.94 28.10
C PRO E 10 -46.53 42.71 28.87
N TYR E 11 -45.64 41.72 29.00
CA TYR E 11 -45.98 40.40 29.51
C TYR E 11 -45.22 40.06 30.78
N LEU E 12 -45.48 38.85 31.24
CA LEU E 12 -44.82 38.20 32.38
C LEU E 12 -44.99 36.71 32.16
N ALA E 13 -43.90 35.95 32.00
CA ALA E 13 -44.05 34.59 31.50
C ALA E 13 -43.14 33.61 32.21
N HIS E 14 -43.59 32.35 32.30
CA HIS E 14 -42.77 31.26 32.79
C HIS E 14 -41.69 30.93 31.76
N CYS E 15 -40.44 30.81 32.22
CA CYS E 15 -39.30 30.52 31.37
C CYS E 15 -38.47 29.39 31.96
N PRO E 16 -38.08 28.41 31.14
CA PRO E 16 -37.45 27.20 31.68
C PRO E 16 -36.01 27.39 32.11
N ASP E 17 -35.26 28.26 31.44
CA ASP E 17 -33.88 28.54 31.83
C ASP E 17 -33.75 30.03 32.10
N CYS E 18 -33.90 30.40 33.37
CA CYS E 18 -33.60 31.74 33.84
C CYS E 18 -32.23 31.79 34.51
N GLY E 19 -31.27 31.06 33.96
CA GLY E 19 -30.01 30.85 34.62
C GLY E 19 -30.13 29.67 35.58
N GLU E 20 -28.96 29.22 36.04
CA GLU E 20 -28.74 28.31 37.16
C GLU E 20 -29.49 26.98 37.10
N GLY E 21 -30.03 26.64 35.93
CA GLY E 21 -30.79 25.42 35.77
C GLY E 21 -32.30 25.51 35.89
N HIS E 22 -32.84 25.78 37.09
CA HIS E 22 -34.26 25.62 37.31
C HIS E 22 -35.07 26.75 36.66
N SER E 23 -36.36 26.50 36.49
CA SER E 23 -37.26 27.41 35.79
C SER E 23 -37.79 28.49 36.73
N CYS E 24 -38.05 29.66 36.18
CA CYS E 24 -38.60 30.75 36.97
C CYS E 24 -39.56 31.57 36.13
N HIS E 25 -40.39 32.37 36.81
CA HIS E 25 -41.26 33.30 36.12
C HIS E 25 -40.43 34.51 35.70
N SER E 26 -39.96 34.49 34.47
CA SER E 26 -39.26 35.63 33.93
C SER E 26 -40.22 36.78 33.65
N PRO E 27 -39.77 37.99 33.83
CA PRO E 27 -40.54 39.11 33.29
C PRO E 27 -40.25 39.30 31.82
N ILE E 28 -39.10 38.76 31.36
CA ILE E 28 -38.57 39.09 30.05
C ILE E 28 -38.37 37.82 29.20
N ALA E 29 -39.27 36.86 29.35
CA ALA E 29 -39.15 35.59 28.65
C ALA E 29 -39.45 35.71 27.16
N LEU E 30 -39.39 34.58 26.47
CA LEU E 30 -39.37 34.58 25.01
C LEU E 30 -40.40 33.60 24.47
N GLU E 31 -41.25 34.06 23.54
CA GLU E 31 -42.39 33.24 23.14
C GLU E 31 -42.10 32.32 21.95
N ARG E 32 -41.82 32.91 20.80
CA ARG E 32 -41.67 32.12 19.58
C ARG E 32 -40.57 32.71 18.73
N ILE E 33 -39.82 31.83 18.08
CA ILE E 33 -38.78 32.24 17.15
C ILE E 33 -39.11 31.65 15.79
N ARG E 34 -38.53 32.25 14.76
CA ARG E 34 -38.70 31.78 13.40
C ARG E 34 -37.55 32.29 12.56
N ASN E 35 -37.10 31.47 11.62
CA ASN E 35 -35.89 31.77 10.87
C ASN E 35 -36.12 31.53 9.38
N GLU E 36 -37.18 32.12 8.85
CA GLU E 36 -37.54 31.93 7.45
C GLU E 36 -36.57 32.55 6.45
N ALA E 37 -35.60 33.34 6.92
CA ALA E 37 -34.62 33.91 5.99
C ALA E 37 -33.64 32.84 5.54
N THR E 38 -32.96 33.11 4.43
CA THR E 38 -31.96 32.21 3.89
C THR E 38 -30.54 32.72 4.10
N ASP E 39 -30.33 33.51 5.15
CA ASP E 39 -28.98 33.95 5.48
C ASP E 39 -28.74 33.97 6.99
N GLY E 40 -29.53 33.23 7.76
CA GLY E 40 -29.30 33.16 9.19
C GLY E 40 -29.82 34.35 9.97
N THR E 41 -30.77 35.09 9.42
CA THR E 41 -31.39 36.18 10.14
C THR E 41 -32.47 35.62 11.06
N LEU E 42 -32.57 36.16 12.26
CA LEU E 42 -33.49 35.64 13.26
C LEU E 42 -34.50 36.71 13.61
N LYS E 43 -35.78 36.35 13.55
CA LYS E 43 -36.90 37.21 13.88
C LYS E 43 -37.55 36.68 15.15
N ILE E 44 -37.36 37.39 16.25
CA ILE E 44 -37.62 36.85 17.58
C ILE E 44 -38.72 37.65 18.25
N GLN E 45 -39.64 36.93 18.91
CA GLN E 45 -40.77 37.50 19.62
C GLN E 45 -40.54 37.37 21.11
N VAL E 46 -40.32 38.49 21.77
CA VAL E 46 -40.00 38.54 23.19
C VAL E 46 -41.20 39.14 23.90
N SER E 47 -41.18 39.05 25.24
CA SER E 47 -42.29 39.49 26.09
C SER E 47 -42.19 40.96 26.47
N LEU E 48 -41.58 41.79 25.64
CA LEU E 48 -41.35 43.18 25.97
C LEU E 48 -42.01 44.09 24.94
N GLN E 49 -41.94 45.39 25.21
CA GLN E 49 -42.34 46.43 24.27
C GLN E 49 -41.28 47.52 24.41
N ILE E 50 -40.32 47.52 23.53
CA ILE E 50 -39.16 48.38 23.69
C ILE E 50 -39.23 49.54 22.72
N GLY E 51 -38.44 50.57 22.97
CA GLY E 51 -38.55 51.81 22.23
C GLY E 51 -39.70 52.69 22.66
N ILE E 52 -40.41 52.33 23.73
CA ILE E 52 -41.58 53.07 24.19
C ILE E 52 -41.37 53.48 25.64
N LYS E 53 -41.70 54.74 25.96
CA LYS E 53 -41.76 55.22 27.33
C LYS E 53 -43.14 54.88 27.88
N THR E 54 -43.41 55.17 29.16
CA THR E 54 -44.77 55.01 29.67
C THR E 54 -45.71 56.06 29.11
N ASP E 55 -45.18 57.14 28.55
CA ASP E 55 -45.98 58.13 27.84
C ASP E 55 -46.03 57.85 26.34
N ASP E 56 -45.93 56.58 25.94
CA ASP E 56 -46.17 56.09 24.58
C ASP E 56 -45.23 56.74 23.57
N SER E 57 -43.94 56.51 23.76
CA SER E 57 -42.93 57.16 22.94
C SER E 57 -42.49 56.29 21.77
N HIS E 58 -41.85 56.93 20.80
CA HIS E 58 -41.19 56.26 19.68
C HIS E 58 -39.68 56.26 19.87
N ASP E 59 -39.25 56.05 21.11
CA ASP E 59 -37.87 56.27 21.52
C ASP E 59 -36.91 55.26 20.90
N TRP E 60 -35.62 55.59 20.95
CA TRP E 60 -34.57 54.69 20.53
C TRP E 60 -33.66 54.31 21.69
N THR E 61 -34.08 54.60 22.92
CA THR E 61 -33.23 54.37 24.08
C THR E 61 -33.93 53.75 25.27
N LYS E 62 -35.25 53.54 25.24
CA LYS E 62 -35.93 53.08 26.43
C LYS E 62 -36.81 51.86 26.15
N LEU E 63 -37.46 51.32 27.19
CA LEU E 63 -38.32 50.17 26.99
C LEU E 63 -39.39 50.12 28.08
N ARG E 64 -40.50 49.47 27.76
CA ARG E 64 -41.52 49.09 28.72
C ARG E 64 -41.40 47.61 29.05
N TYR E 65 -41.71 47.26 30.30
CA TYR E 65 -41.74 45.87 30.74
C TYR E 65 -42.56 45.78 32.01
N MET E 66 -43.12 44.59 32.26
CA MET E 66 -43.94 44.35 33.44
C MET E 66 -43.13 43.72 34.56
N ASP E 67 -43.50 44.04 35.78
CA ASP E 67 -42.97 43.34 36.96
C ASP E 67 -44.00 43.40 38.07
N SER E 68 -44.45 42.21 38.49
CA SER E 68 -45.30 42.00 39.68
C SER E 68 -46.57 42.83 39.65
N HIS E 69 -47.23 42.85 38.49
CA HIS E 69 -48.31 43.78 38.16
C HIS E 69 -47.85 45.22 38.35
N THR E 70 -46.90 45.62 37.50
CA THR E 70 -46.40 46.98 37.41
C THR E 70 -45.83 47.23 36.02
N PRO E 71 -46.37 48.16 35.25
CA PRO E 71 -45.70 48.59 34.01
C PRO E 71 -44.61 49.62 34.27
N ALA E 72 -43.37 49.18 34.17
CA ALA E 72 -42.22 50.04 34.42
C ALA E 72 -41.42 50.20 33.13
N ASP E 73 -40.47 51.13 33.17
CA ASP E 73 -39.61 51.43 32.04
C ASP E 73 -38.16 51.23 32.43
N ALA E 74 -37.36 50.83 31.44
CA ALA E 74 -35.96 50.50 31.70
C ALA E 74 -35.13 50.86 30.48
N GLU E 75 -33.81 50.71 30.62
CA GLU E 75 -32.87 51.12 29.59
C GLU E 75 -32.80 50.07 28.48
N ARG E 76 -32.94 50.52 27.24
CA ARG E 76 -32.88 49.60 26.10
C ARG E 76 -31.48 49.03 25.92
N ALA E 77 -30.48 49.91 25.83
CA ALA E 77 -29.17 49.58 25.25
C ALA E 77 -28.39 48.54 26.04
N GLY E 78 -28.79 48.22 27.26
CA GLY E 78 -28.18 47.14 28.01
C GLY E 78 -28.67 45.74 27.68
N LEU E 79 -29.43 45.56 26.60
CA LEU E 79 -29.95 44.24 26.31
C LEU E 79 -28.90 43.42 25.57
N LEU E 80 -29.15 42.12 25.50
CA LEU E 80 -28.19 41.17 24.96
C LEU E 80 -28.92 39.92 24.50
N VAL E 81 -28.56 39.45 23.32
CA VAL E 81 -28.95 38.13 22.83
C VAL E 81 -27.69 37.41 22.39
N ARG E 82 -27.65 36.11 22.64
CA ARG E 82 -26.39 35.40 22.52
C ARG E 82 -26.66 33.91 22.39
N THR E 83 -25.87 33.23 21.55
CA THR E 83 -25.89 31.78 21.56
C THR E 83 -24.62 31.19 22.20
N SER E 84 -23.47 31.45 21.61
CA SER E 84 -22.15 31.15 22.15
C SER E 84 -21.23 32.35 22.05
N ALA E 85 -21.47 33.19 21.16
CA ALA E 85 -21.06 34.51 20.77
C ALA E 85 -22.27 35.42 20.77
N PRO E 86 -22.11 36.70 21.09
CA PRO E 86 -23.26 37.61 21.07
C PRO E 86 -23.67 37.92 19.64
N CYS E 87 -24.96 38.09 19.46
CA CYS E 87 -25.51 38.38 18.14
C CYS E 87 -25.29 39.86 17.82
N THR E 88 -25.75 40.28 16.66
CA THR E 88 -25.66 41.68 16.24
C THR E 88 -27.07 42.23 16.12
N ILE E 89 -27.37 43.26 16.89
CA ILE E 89 -28.69 43.86 16.94
C ILE E 89 -28.94 44.61 15.63
N THR E 90 -30.00 44.25 14.92
CA THR E 90 -30.39 44.98 13.72
C THR E 90 -31.72 45.70 13.89
N GLY E 91 -32.80 44.99 14.18
CA GLY E 91 -34.10 45.63 14.25
C GLY E 91 -34.78 45.46 15.60
N THR E 92 -35.34 46.53 16.14
CA THR E 92 -35.90 46.50 17.50
C THR E 92 -37.19 47.30 17.53
N MET E 93 -38.33 46.62 17.45
CA MET E 93 -39.60 47.33 17.57
C MET E 93 -40.60 46.47 18.31
N GLY E 94 -41.17 47.03 19.38
CA GLY E 94 -42.22 46.39 20.14
C GLY E 94 -41.84 45.06 20.77
N HIS E 95 -42.50 44.00 20.32
CA HIS E 95 -42.20 42.66 20.79
C HIS E 95 -41.15 41.97 19.94
N PHE E 96 -40.55 42.67 18.99
CA PHE E 96 -39.81 42.00 17.93
C PHE E 96 -38.38 42.51 17.84
N ILE E 97 -37.47 41.54 17.76
CA ILE E 97 -36.04 41.77 17.61
C ILE E 97 -35.54 40.95 16.42
N LEU E 98 -34.94 41.62 15.45
CA LEU E 98 -34.26 41.01 14.34
C LEU E 98 -32.76 41.06 14.60
N ALA E 99 -32.13 39.89 14.61
CA ALA E 99 -30.71 39.81 14.87
C ALA E 99 -30.02 38.97 13.81
N ARG E 100 -28.72 39.16 13.70
CA ARG E 100 -27.85 38.27 12.94
C ARG E 100 -26.90 37.63 13.92
N CYS E 101 -26.98 36.30 14.05
CA CYS E 101 -26.42 35.63 15.19
C CYS E 101 -25.78 34.32 14.74
N PRO E 102 -24.58 34.00 15.20
CA PRO E 102 -23.83 32.87 14.63
C PRO E 102 -24.37 31.50 15.02
N LYS E 103 -23.74 30.46 14.49
CA LYS E 103 -24.21 29.10 14.67
C LYS E 103 -23.99 28.64 16.10
N GLY E 104 -25.04 28.08 16.70
CA GLY E 104 -24.91 27.59 18.04
C GLY E 104 -25.98 26.60 18.47
N GLU E 105 -26.41 26.69 19.73
CA GLU E 105 -27.16 25.61 20.33
C GLU E 105 -28.41 26.04 21.08
N THR E 106 -28.45 27.28 21.55
CA THR E 106 -29.58 27.77 22.33
C THR E 106 -29.64 29.28 22.16
N LEU E 107 -30.66 29.89 22.74
CA LEU E 107 -30.81 31.34 22.62
C LEU E 107 -30.96 31.94 24.01
N THR E 108 -30.14 32.94 24.31
CA THR E 108 -30.20 33.65 25.58
C THR E 108 -30.53 35.11 25.28
N VAL E 109 -31.63 35.59 25.86
CA VAL E 109 -32.00 36.99 25.82
C VAL E 109 -32.00 37.49 27.25
N GLY E 110 -31.55 38.73 27.45
CA GLY E 110 -31.59 39.28 28.78
C GLY E 110 -31.14 40.72 28.81
N PHE E 111 -31.31 41.33 29.97
CA PHE E 111 -30.73 42.63 30.29
C PHE E 111 -30.76 42.81 31.78
N THR E 112 -30.35 44.00 32.21
CA THR E 112 -30.36 44.39 33.61
C THR E 112 -31.41 45.48 33.79
N ASP E 113 -32.25 45.31 34.81
CA ASP E 113 -33.36 46.23 35.05
C ASP E 113 -32.88 47.57 35.58
N SER E 114 -33.84 48.47 35.80
CA SER E 114 -33.56 49.74 36.44
C SER E 114 -33.21 49.59 37.91
N ARG E 115 -33.64 48.49 38.54
CA ARG E 115 -33.24 48.13 39.89
C ARG E 115 -31.95 47.31 39.93
N LYS E 116 -31.21 47.29 38.81
CA LYS E 116 -29.87 46.72 38.70
C LYS E 116 -29.85 45.21 38.96
N ILE E 117 -30.81 44.50 38.37
CA ILE E 117 -30.89 43.05 38.45
C ILE E 117 -30.88 42.51 37.02
N SER E 118 -29.91 41.65 36.73
CA SER E 118 -29.74 41.12 35.37
C SER E 118 -30.57 39.86 35.20
N HIS E 119 -31.71 39.98 34.53
CA HIS E 119 -32.54 38.84 34.18
C HIS E 119 -32.18 38.35 32.79
N THR E 120 -32.23 37.03 32.62
CA THR E 120 -32.05 36.39 31.31
C THR E 120 -33.06 35.24 31.22
N CYS E 121 -33.61 35.04 30.03
CA CYS E 121 -34.28 33.80 29.67
C CYS E 121 -33.52 33.12 28.55
N THR E 122 -33.74 31.82 28.41
CA THR E 122 -32.94 31.01 27.51
C THR E 122 -33.74 29.81 27.03
N HIS E 123 -33.90 29.71 25.72
CA HIS E 123 -34.67 28.64 25.12
C HIS E 123 -33.78 27.70 24.32
N PRO E 124 -34.13 26.41 24.25
CA PRO E 124 -33.35 25.47 23.43
C PRO E 124 -33.80 25.51 21.98
N PHE E 125 -32.85 25.74 21.09
CA PHE E 125 -33.12 25.67 19.65
C PHE E 125 -31.80 25.48 18.93
N HIS E 126 -31.71 24.42 18.13
CA HIS E 126 -30.55 24.24 17.27
C HIS E 126 -30.65 25.19 16.09
N HIS E 127 -29.76 26.19 16.06
CA HIS E 127 -29.71 27.11 14.94
C HIS E 127 -28.67 26.67 13.94
N GLU E 128 -29.04 26.68 12.68
CA GLU E 128 -28.10 26.42 11.61
C GLU E 128 -28.59 27.16 10.37
N PRO E 129 -27.81 28.10 9.84
CA PRO E 129 -28.24 28.86 8.66
C PRO E 129 -28.20 27.99 7.43
N PRO E 130 -29.19 28.13 6.55
CA PRO E 130 -29.21 27.28 5.34
C PRO E 130 -28.12 27.69 4.37
N VAL E 131 -27.45 26.70 3.84
CA VAL E 131 -26.30 26.95 2.98
C VAL E 131 -26.77 27.26 1.57
N ILE E 132 -26.45 28.48 1.12
CA ILE E 132 -26.75 28.91 -0.23
C ILE E 132 -25.55 28.53 -1.08
N GLY E 133 -25.79 28.32 -2.38
CA GLY E 133 -24.69 27.99 -3.26
C GLY E 133 -24.20 26.58 -3.02
N ARG E 134 -22.99 26.30 -3.49
CA ARG E 134 -22.44 24.96 -3.37
C ARG E 134 -21.27 24.93 -2.39
N GLU E 135 -21.19 25.89 -1.50
CA GLU E 135 -20.10 26.00 -0.54
C GLU E 135 -20.67 26.00 0.87
N ARG E 136 -20.34 24.97 1.65
CA ARG E 136 -20.58 25.09 3.08
C ARG E 136 -19.55 26.08 3.61
N PHE E 137 -19.89 27.36 3.55
CA PHE E 137 -18.87 28.39 3.50
C PHE E 137 -18.76 29.14 4.82
N HIS E 138 -17.91 30.14 4.77
CA HIS E 138 -17.36 30.81 5.95
C HIS E 138 -18.16 32.07 6.30
N SER E 139 -18.12 33.04 5.40
CA SER E 139 -18.66 34.39 5.52
C SER E 139 -18.38 35.05 4.18
N ARG E 140 -19.01 36.19 3.93
CA ARG E 140 -18.99 36.75 2.57
C ARG E 140 -17.67 37.45 2.29
N PRO E 141 -16.89 36.98 1.34
CA PRO E 141 -15.60 37.59 1.05
C PRO E 141 -15.68 38.69 0.01
N GLN E 142 -14.52 39.19 -0.41
CA GLN E 142 -14.48 40.24 -1.42
C GLN E 142 -14.88 39.75 -2.81
N HIS E 143 -14.89 38.45 -3.05
CA HIS E 143 -15.13 37.90 -4.39
C HIS E 143 -16.23 36.85 -4.28
N GLY E 144 -17.42 37.18 -4.76
CA GLY E 144 -18.49 36.21 -4.82
C GLY E 144 -19.35 36.42 -6.05
N LYS E 145 -20.17 35.42 -6.34
CA LYS E 145 -21.25 35.59 -7.29
C LYS E 145 -22.42 36.21 -6.56
N GLU E 146 -23.46 36.55 -7.29
CA GLU E 146 -24.63 37.23 -6.73
C GLU E 146 -25.82 36.28 -6.81
N LEU E 147 -26.07 35.58 -5.73
CA LEU E 147 -27.18 34.64 -5.80
C LEU E 147 -28.38 35.20 -5.04
N PRO E 148 -29.58 35.02 -5.55
CA PRO E 148 -30.77 35.51 -4.84
C PRO E 148 -31.04 34.71 -3.57
N CYS E 149 -31.61 35.41 -2.60
CA CYS E 149 -31.85 34.84 -1.28
C CYS E 149 -32.98 35.63 -0.62
N SER E 150 -33.28 35.28 0.62
CA SER E 150 -34.44 35.79 1.33
C SER E 150 -34.00 36.36 2.66
N THR E 151 -34.35 37.62 2.92
CA THR E 151 -33.95 38.29 4.14
C THR E 151 -35.13 39.05 4.72
N TYR E 152 -35.17 39.14 6.04
CA TYR E 152 -36.05 40.11 6.65
C TYR E 152 -35.50 41.50 6.42
N VAL E 153 -36.39 42.44 6.13
CA VAL E 153 -35.97 43.79 5.74
C VAL E 153 -36.44 44.75 6.82
N GLN E 154 -36.20 46.04 6.62
CA GLN E 154 -36.31 47.03 7.68
C GLN E 154 -37.47 48.00 7.45
N SER E 155 -38.64 47.47 7.08
CA SER E 155 -39.84 48.28 7.11
C SER E 155 -40.35 48.44 8.53
N THR E 156 -40.72 49.66 8.88
CA THR E 156 -41.29 49.93 10.19
C THR E 156 -42.68 49.32 10.31
N ALA E 157 -43.57 49.65 9.38
CA ALA E 157 -44.91 49.07 9.34
C ALA E 157 -45.00 48.05 8.23
N ALA E 158 -45.73 46.97 8.49
CA ALA E 158 -45.86 45.86 7.55
C ALA E 158 -47.32 45.64 7.19
N THR E 159 -47.55 44.59 6.39
CA THR E 159 -48.84 44.34 5.78
C THR E 159 -49.18 42.85 5.76
N ALA E 160 -50.48 42.56 5.88
CA ALA E 160 -51.10 41.24 5.73
C ALA E 160 -50.57 40.20 6.70
N GLU E 161 -50.08 40.63 7.86
CA GLU E 161 -49.67 39.73 8.92
C GLU E 161 -50.01 40.40 10.23
N GLU E 162 -50.94 39.80 10.99
CA GLU E 162 -51.60 40.52 12.05
C GLU E 162 -51.82 39.59 13.23
N ILE E 163 -51.88 40.18 14.43
CA ILE E 163 -52.24 39.44 15.63
C ILE E 163 -53.33 40.19 16.40
N GLU E 164 -53.94 39.48 17.32
CA GLU E 164 -55.14 39.95 18.02
C GLU E 164 -54.73 40.45 19.40
N VAL E 165 -54.81 41.75 19.59
CA VAL E 165 -54.58 42.38 20.89
C VAL E 165 -55.94 42.70 21.51
N HIS E 166 -56.11 42.33 22.77
CA HIS E 166 -57.39 42.43 23.45
C HIS E 166 -57.12 42.45 24.96
N MET E 167 -58.16 42.19 25.74
CA MET E 167 -58.08 42.40 27.19
C MET E 167 -57.28 41.29 27.85
N PRO E 168 -56.27 41.64 28.65
CA PRO E 168 -55.61 40.65 29.49
C PRO E 168 -56.48 40.28 30.67
N PRO E 169 -56.51 39.00 31.07
CA PRO E 169 -57.53 38.52 32.00
C PRO E 169 -57.49 39.08 33.42
N ASP E 170 -56.38 38.87 34.14
CA ASP E 170 -56.38 39.05 35.59
C ASP E 170 -54.94 38.91 36.07
N THR E 171 -54.75 39.03 37.39
CA THR E 171 -53.46 38.76 38.02
C THR E 171 -53.70 38.34 39.47
N PRO E 172 -53.64 37.05 39.77
CA PRO E 172 -53.74 36.62 41.17
C PRO E 172 -52.42 36.83 41.91
N ASP E 173 -52.45 37.71 42.91
CA ASP E 173 -51.29 38.01 43.75
C ASP E 173 -51.70 37.81 45.21
N ARG E 174 -51.40 36.64 45.77
CA ARG E 174 -51.77 36.31 47.14
C ARG E 174 -50.74 36.80 48.16
N THR E 175 -49.93 37.78 47.80
CA THR E 175 -49.02 38.43 48.72
C THR E 175 -49.62 39.67 49.37
N LEU E 176 -50.88 40.01 49.04
CA LEU E 176 -51.53 41.20 49.56
C LEU E 176 -52.48 40.88 50.71
N MET E 177 -52.48 39.64 51.20
CA MET E 177 -53.41 39.17 52.20
C MET E 177 -52.62 38.56 53.36
N THR E 178 -52.72 39.16 54.54
CA THR E 178 -52.07 38.67 55.75
C THR E 178 -53.05 38.63 56.92
N GLN E 179 -52.62 38.00 58.01
CA GLN E 179 -53.45 37.83 59.18
C GLN E 179 -53.19 38.95 60.20
N GLN E 180 -54.26 39.60 60.63
CA GLN E 180 -54.21 40.49 61.78
C GLN E 180 -54.73 39.75 63.03
N SER E 181 -54.04 38.65 63.32
CA SER E 181 -54.46 37.61 64.27
C SER E 181 -55.89 37.14 63.97
N GLY E 182 -56.02 36.52 62.79
CA GLY E 182 -57.23 35.82 62.41
C GLY E 182 -57.93 36.36 61.18
N ASN E 183 -58.07 37.67 61.08
CA ASN E 183 -58.78 38.25 59.95
C ASN E 183 -57.85 38.39 58.75
N VAL E 184 -58.38 38.89 57.65
CA VAL E 184 -57.61 39.07 56.42
C VAL E 184 -57.58 40.53 56.05
N LYS E 185 -56.37 41.07 55.85
CA LYS E 185 -56.16 42.42 55.35
C LYS E 185 -56.03 42.39 53.84
N ILE E 186 -56.94 43.07 53.15
CA ILE E 186 -56.90 43.18 51.69
C ILE E 186 -56.24 44.52 51.38
N THR E 187 -54.93 44.48 51.17
CA THR E 187 -54.18 45.66 50.74
C THR E 187 -54.27 45.79 49.23
N VAL E 188 -54.72 46.95 48.76
CA VAL E 188 -55.09 47.13 47.36
C VAL E 188 -54.10 48.05 46.63
N ASN E 189 -53.54 49.03 47.34
CA ASN E 189 -52.65 50.08 46.80
C ASN E 189 -53.26 50.79 45.59
N GLY E 190 -54.55 51.14 45.73
CA GLY E 190 -55.25 51.89 44.70
C GLY E 190 -55.53 51.13 43.41
N GLN E 191 -56.14 49.96 43.52
CA GLN E 191 -56.44 49.11 42.38
C GLN E 191 -57.86 48.56 42.54
N THR E 192 -58.22 47.55 41.74
CA THR E 192 -59.55 46.97 41.77
C THR E 192 -59.43 45.46 41.89
N VAL E 193 -59.85 44.91 43.03
CA VAL E 193 -59.52 43.55 43.42
C VAL E 193 -60.81 42.75 43.65
N ARG E 194 -60.88 41.58 43.01
CA ARG E 194 -61.82 40.53 43.38
C ARG E 194 -61.22 39.74 44.54
N TYR E 195 -61.93 39.71 45.67
CA TYR E 195 -61.54 38.88 46.79
C TYR E 195 -62.44 37.64 46.84
N LYS E 196 -61.87 36.53 47.29
CA LYS E 196 -62.53 35.23 47.20
C LYS E 196 -62.10 34.41 48.39
N CYS E 197 -63.01 34.16 49.34
CA CYS E 197 -62.65 33.45 50.55
C CYS E 197 -63.61 32.29 50.79
N ASN E 198 -63.11 31.24 51.45
CA ASN E 198 -63.93 30.08 51.81
C ASN E 198 -64.33 30.14 53.29
N CYS E 199 -65.08 31.17 53.64
CA CYS E 199 -65.58 31.33 55.01
C CYS E 199 -66.97 31.96 54.95
N GLY E 200 -67.51 32.34 56.10
CA GLY E 200 -68.91 32.68 56.22
C GLY E 200 -69.22 34.15 56.08
N GLY E 201 -70.28 34.44 55.33
CA GLY E 201 -70.77 35.81 55.19
C GLY E 201 -70.58 36.34 53.78
N SER E 202 -70.13 37.59 53.66
CA SER E 202 -69.83 38.23 52.37
C SER E 202 -68.35 38.09 52.02
N ASN E 203 -67.88 36.85 52.07
CA ASN E 203 -66.48 36.55 51.89
C ASN E 203 -66.02 36.70 50.44
N GLU E 204 -66.94 36.71 49.48
CA GLU E 204 -66.61 36.65 48.07
C GLU E 204 -67.26 37.83 47.36
N GLY E 205 -66.43 38.71 46.82
CA GLY E 205 -66.93 39.91 46.17
C GLY E 205 -65.79 40.74 45.62
N LEU E 206 -66.15 41.96 45.22
CA LEU E 206 -65.25 42.88 44.54
C LEU E 206 -65.11 44.15 45.35
N THR E 207 -63.88 44.53 45.66
CA THR E 207 -63.61 45.69 46.52
C THR E 207 -62.97 46.80 45.72
N THR E 208 -62.75 47.93 46.41
CA THR E 208 -61.95 49.03 45.90
C THR E 208 -60.81 49.45 46.82
N THR E 209 -61.03 49.51 48.13
CA THR E 209 -60.03 49.99 49.08
C THR E 209 -59.48 48.83 49.91
N ASP E 210 -58.59 49.17 50.84
CA ASP E 210 -58.05 48.21 51.80
C ASP E 210 -59.16 47.72 52.70
N LYS E 211 -59.36 46.40 52.74
CA LYS E 211 -60.53 45.90 53.47
C LYS E 211 -60.17 44.81 54.45
N VAL E 212 -61.18 44.30 55.17
CA VAL E 212 -61.03 43.23 56.14
C VAL E 212 -61.99 42.11 55.75
N ILE E 213 -61.55 40.87 55.89
CA ILE E 213 -62.44 39.71 55.87
C ILE E 213 -62.36 39.06 57.24
N ASN E 214 -63.51 38.80 57.85
CA ASN E 214 -63.58 38.43 59.25
C ASN E 214 -63.21 36.96 59.46
N ASN E 215 -62.04 36.73 60.08
CA ASN E 215 -61.59 35.45 60.63
C ASN E 215 -61.52 34.35 59.56
N CYS E 216 -60.59 34.55 58.64
CA CYS E 216 -60.46 33.64 57.51
C CYS E 216 -58.98 33.39 57.34
N LYS E 217 -58.62 32.21 56.86
CA LYS E 217 -57.21 31.81 56.85
C LYS E 217 -56.51 32.31 55.59
N ILE E 218 -55.18 32.13 55.56
CA ILE E 218 -54.37 32.60 54.43
C ILE E 218 -54.65 31.76 53.18
N ASP E 219 -54.60 30.43 53.31
CA ASP E 219 -54.95 29.55 52.21
C ASP E 219 -56.44 29.64 51.89
N GLN E 220 -57.24 30.05 52.86
CA GLN E 220 -58.68 30.15 52.68
C GLN E 220 -59.07 31.33 51.79
N CYS E 221 -58.18 32.28 51.54
CA CYS E 221 -58.53 33.46 50.76
C CYS E 221 -57.75 33.47 49.44
N HIS E 222 -58.13 34.43 48.59
CA HIS E 222 -57.75 34.48 47.18
C HIS E 222 -57.96 35.90 46.69
N ALA E 223 -57.01 36.39 45.88
CA ALA E 223 -57.09 37.74 45.34
C ALA E 223 -56.92 37.71 43.83
N ALA E 224 -57.53 38.68 43.15
CA ALA E 224 -57.39 38.79 41.69
C ALA E 224 -57.66 40.24 41.29
N VAL E 225 -56.61 40.97 40.90
CA VAL E 225 -56.77 42.38 40.59
C VAL E 225 -57.16 42.57 39.12
N THR E 226 -58.29 43.24 38.88
CA THR E 226 -58.90 43.33 37.56
C THR E 226 -58.18 44.39 36.73
N ASN E 227 -57.42 43.94 35.75
CA ASN E 227 -56.57 44.82 34.93
C ASN E 227 -57.12 44.84 33.52
N HIS E 228 -58.13 45.68 33.29
CA HIS E 228 -58.69 45.84 31.96
C HIS E 228 -58.36 47.21 31.39
N LYS E 229 -57.36 47.89 31.95
CA LYS E 229 -57.02 49.23 31.50
C LYS E 229 -56.26 49.17 30.18
N ASN E 230 -55.09 48.53 30.19
CA ASN E 230 -54.31 48.39 28.97
C ASN E 230 -54.53 47.01 28.38
N TRP E 231 -53.91 46.78 27.23
CA TRP E 231 -54.22 45.65 26.38
C TRP E 231 -53.00 44.76 26.21
N GLN E 232 -53.24 43.52 25.80
CA GLN E 232 -52.18 42.57 25.51
C GLN E 232 -52.60 41.72 24.33
N TYR E 233 -51.64 41.21 23.58
CA TYR E 233 -52.08 40.28 22.56
C TYR E 233 -52.19 38.88 23.16
N ASN E 234 -52.77 37.98 22.38
CA ASN E 234 -53.04 36.62 22.83
C ASN E 234 -51.75 35.83 22.84
N SER E 235 -51.31 35.43 24.03
CA SER E 235 -50.10 34.62 24.05
C SER E 235 -50.39 33.23 24.56
N PRO E 236 -49.76 32.18 24.01
CA PRO E 236 -50.09 30.82 24.44
C PRO E 236 -49.53 30.42 25.78
N LEU E 237 -48.85 31.32 26.48
CA LEU E 237 -48.31 31.02 27.80
C LEU E 237 -49.25 31.54 28.89
N VAL E 238 -49.59 32.81 28.84
CA VAL E 238 -50.58 33.38 29.76
C VAL E 238 -51.96 32.92 29.34
N PRO E 239 -52.79 32.40 30.25
CA PRO E 239 -54.14 31.97 29.86
C PRO E 239 -55.01 33.14 29.44
N ARG E 240 -56.05 32.82 28.69
CA ARG E 240 -56.96 33.83 28.14
C ARG E 240 -57.81 34.45 29.22
N ASN E 241 -58.70 35.34 28.77
CA ASN E 241 -59.87 35.60 29.57
C ASN E 241 -60.72 34.34 29.48
N ALA E 242 -60.55 33.44 30.46
CA ALA E 242 -60.96 32.05 30.34
C ALA E 242 -62.42 31.84 30.71
N GLU E 243 -63.25 32.86 30.52
CA GLU E 243 -64.69 32.72 30.47
C GLU E 243 -65.25 33.24 29.15
N LEU E 244 -64.45 33.24 28.09
CA LEU E 244 -64.84 33.89 26.85
C LEU E 244 -64.43 33.05 25.65
N GLY E 245 -65.07 33.35 24.53
CA GLY E 245 -64.63 32.86 23.24
C GLY E 245 -63.73 33.92 22.63
N ASP E 246 -64.25 34.68 21.68
CA ASP E 246 -63.47 35.76 21.09
C ASP E 246 -63.39 36.96 22.02
N ARG E 247 -62.26 37.66 21.97
CA ARG E 247 -62.09 38.97 22.58
C ARG E 247 -61.21 39.79 21.64
N LYS E 248 -61.54 41.07 21.46
CA LYS E 248 -61.23 41.79 20.23
C LYS E 248 -60.18 42.88 20.42
N GLY E 249 -59.33 43.02 19.41
CA GLY E 249 -58.28 44.03 19.31
C GLY E 249 -57.34 43.62 18.19
N LYS E 250 -56.84 44.55 17.38
CA LYS E 250 -56.07 44.19 16.19
C LYS E 250 -54.78 45.01 16.12
N ILE E 251 -53.65 44.34 15.90
CA ILE E 251 -52.43 45.01 15.46
C ILE E 251 -51.79 44.16 14.38
N HIS E 252 -50.78 44.72 13.72
CA HIS E 252 -49.99 44.02 12.72
C HIS E 252 -48.61 43.69 13.27
N ILE E 253 -47.87 42.86 12.54
CA ILE E 253 -46.53 42.49 12.98
C ILE E 253 -45.50 42.94 11.96
N PRO E 254 -44.47 43.67 12.39
CA PRO E 254 -43.54 44.30 11.45
C PRO E 254 -42.48 43.36 10.92
N PHE E 255 -41.49 43.94 10.23
CA PHE E 255 -40.29 43.33 9.65
C PHE E 255 -40.66 42.28 8.62
N PRO E 256 -41.11 42.67 7.44
CA PRO E 256 -41.46 41.68 6.41
C PRO E 256 -40.22 41.06 5.83
N LEU E 257 -40.42 39.94 5.16
CA LEU E 257 -39.33 39.23 4.50
C LEU E 257 -39.44 39.47 3.01
N ALA E 258 -38.37 39.96 2.40
CA ALA E 258 -38.31 40.19 0.98
C ALA E 258 -37.12 39.45 0.40
N ASN E 259 -37.16 39.23 -0.90
CA ASN E 259 -36.06 38.60 -1.59
C ASN E 259 -35.06 39.65 -2.06
N VAL E 260 -33.80 39.40 -1.72
CA VAL E 260 -32.69 40.25 -2.12
C VAL E 260 -31.72 39.38 -2.88
N THR E 261 -30.59 39.94 -3.27
CA THR E 261 -29.53 39.17 -3.93
C THR E 261 -28.26 39.33 -3.12
N CYS E 262 -27.83 38.26 -2.46
CA CYS E 262 -26.70 38.31 -1.56
C CYS E 262 -25.46 37.72 -2.23
N ARG E 263 -24.35 37.83 -1.51
CA ARG E 263 -23.01 37.68 -2.06
C ARG E 263 -22.44 36.32 -1.67
N VAL E 264 -22.49 35.37 -2.60
CA VAL E 264 -22.06 34.01 -2.32
C VAL E 264 -20.56 33.95 -2.66
N PRO E 265 -19.75 33.19 -1.94
CA PRO E 265 -18.32 33.15 -2.26
C PRO E 265 -18.03 32.31 -3.49
N LYS E 266 -16.97 32.72 -4.19
CA LYS E 266 -16.47 31.94 -5.32
C LYS E 266 -15.67 30.75 -4.82
N ALA E 267 -15.24 29.94 -5.77
CA ALA E 267 -14.53 28.71 -5.46
C ALA E 267 -13.04 29.00 -5.34
N ARG E 268 -12.24 27.94 -5.29
CA ARG E 268 -10.78 28.06 -5.34
C ARG E 268 -10.27 27.30 -6.55
N ASN E 269 -9.35 27.91 -7.27
CA ASN E 269 -8.92 27.38 -8.56
C ASN E 269 -8.05 26.14 -8.36
N PRO E 270 -8.40 25.02 -8.96
CA PRO E 270 -7.53 23.84 -8.87
C PRO E 270 -6.53 23.79 -10.01
N THR E 271 -5.55 22.89 -9.93
CA THR E 271 -4.63 22.70 -11.04
C THR E 271 -4.79 21.29 -11.57
N VAL E 272 -4.25 21.04 -12.76
CA VAL E 272 -4.67 19.92 -13.57
C VAL E 272 -3.57 19.51 -14.54
N THR E 273 -3.49 18.22 -14.84
CA THR E 273 -2.78 17.66 -15.96
C THR E 273 -3.57 16.52 -16.57
N TYR E 274 -3.07 16.00 -17.68
CA TYR E 274 -3.83 15.13 -18.54
C TYR E 274 -3.12 13.80 -18.76
N GLY E 275 -3.83 12.89 -19.40
CA GLY E 275 -3.28 11.64 -19.86
C GLY E 275 -4.34 11.01 -20.73
N LYS E 276 -3.99 9.85 -21.29
CA LYS E 276 -4.83 9.18 -22.27
C LYS E 276 -6.18 8.80 -21.67
N ASN E 277 -7.20 9.53 -22.11
CA ASN E 277 -8.59 9.42 -21.64
C ASN E 277 -8.70 9.59 -20.14
N GLN E 278 -7.83 10.39 -19.54
CA GLN E 278 -7.89 10.56 -18.11
C GLN E 278 -7.43 11.95 -17.72
N VAL E 279 -8.16 12.55 -16.81
CA VAL E 279 -7.74 13.80 -16.22
C VAL E 279 -7.22 13.54 -14.81
N THR E 280 -6.31 14.40 -14.37
CA THR E 280 -5.75 14.30 -13.03
C THR E 280 -5.65 15.71 -12.48
N MET E 281 -6.18 15.93 -11.29
CA MET E 281 -6.24 17.30 -10.81
C MET E 281 -6.06 17.36 -9.31
N LEU E 282 -5.26 18.34 -8.89
CA LEU E 282 -5.05 18.65 -7.50
C LEU E 282 -5.92 19.82 -7.13
N LEU E 283 -6.59 19.72 -5.99
CA LEU E 283 -7.69 20.61 -5.66
C LEU E 283 -7.59 21.04 -4.21
N TYR E 284 -7.94 22.30 -3.95
CA TYR E 284 -7.64 22.99 -2.70
C TYR E 284 -8.87 23.66 -2.12
N PRO E 285 -9.36 23.20 -0.98
CA PRO E 285 -10.51 23.84 -0.35
C PRO E 285 -10.05 24.91 0.63
N ASP E 286 -11.02 25.64 1.17
CA ASP E 286 -10.81 26.56 2.29
C ASP E 286 -11.83 26.24 3.36
N HIS E 287 -12.98 25.77 2.91
CA HIS E 287 -13.97 25.06 3.71
C HIS E 287 -14.39 23.86 2.91
N PRO E 288 -15.07 22.89 3.52
CA PRO E 288 -15.57 21.74 2.75
C PRO E 288 -16.53 22.17 1.64
N THR E 289 -16.31 21.59 0.46
CA THR E 289 -16.99 22.03 -0.75
C THR E 289 -17.30 20.82 -1.61
N LEU E 290 -18.49 20.79 -2.19
CA LEU E 290 -18.82 19.73 -3.12
C LEU E 290 -18.12 19.93 -4.46
N LEU E 291 -17.70 18.83 -5.06
CA LEU E 291 -17.37 18.79 -6.47
C LEU E 291 -18.24 17.75 -7.12
N SER E 292 -18.47 17.92 -8.42
CA SER E 292 -19.39 17.04 -9.11
C SER E 292 -18.88 16.80 -10.52
N TYR E 293 -19.17 15.62 -11.04
CA TYR E 293 -18.84 15.38 -12.43
C TYR E 293 -19.88 14.48 -13.07
N ARG E 294 -20.00 14.61 -14.39
CA ARG E 294 -20.94 13.85 -15.17
C ARG E 294 -20.44 13.71 -16.60
N ASN E 295 -21.07 12.80 -17.34
CA ASN E 295 -20.83 12.66 -18.76
C ASN E 295 -22.09 13.00 -19.51
N MET E 296 -21.93 13.50 -20.73
CA MET E 296 -23.05 13.98 -21.52
C MET E 296 -23.44 12.98 -22.60
N GLY E 297 -23.41 11.70 -22.27
CA GLY E 297 -23.86 10.66 -23.17
C GLY E 297 -25.31 10.31 -22.96
N GLN E 298 -25.65 9.05 -23.21
CA GLN E 298 -26.99 8.56 -22.88
C GLN E 298 -27.19 8.53 -21.38
N GLU E 299 -26.16 8.14 -20.64
CA GLU E 299 -26.19 8.07 -19.20
C GLU E 299 -25.24 9.08 -18.59
N PRO E 300 -25.61 9.70 -17.47
CA PRO E 300 -24.74 10.70 -16.88
C PRO E 300 -23.69 10.14 -15.93
N ASN E 301 -24.01 9.00 -15.30
CA ASN E 301 -23.31 8.40 -14.15
C ASN E 301 -22.77 9.47 -13.19
N TYR E 302 -23.71 10.30 -12.75
CA TYR E 302 -23.40 11.51 -11.99
C TYR E 302 -22.80 11.18 -10.64
N HIS E 303 -21.66 11.80 -10.32
CA HIS E 303 -21.03 11.56 -9.03
C HIS E 303 -20.73 12.88 -8.32
N GLU E 304 -21.01 12.89 -7.02
CA GLU E 304 -20.82 14.04 -6.15
C GLU E 304 -19.93 13.63 -5.00
N GLU E 305 -19.01 14.51 -4.62
CA GLU E 305 -18.22 14.27 -3.42
C GLU E 305 -18.05 15.58 -2.66
N TRP E 306 -17.74 15.46 -1.38
CA TRP E 306 -17.39 16.61 -0.56
C TRP E 306 -15.92 16.52 -0.21
N VAL E 307 -15.19 17.61 -0.43
CA VAL E 307 -13.79 17.64 -0.05
C VAL E 307 -13.63 18.52 1.17
N THR E 308 -12.75 18.08 2.06
CA THR E 308 -12.38 18.79 3.27
C THR E 308 -10.91 19.16 3.30
N HIS E 309 -10.04 18.26 2.88
CA HIS E 309 -8.61 18.50 2.84
C HIS E 309 -8.15 18.42 1.38
N LYS E 310 -6.93 18.88 1.14
CA LYS E 310 -6.45 19.14 -0.22
C LYS E 310 -6.18 17.81 -0.90
N LYS E 311 -6.79 17.60 -2.07
CA LYS E 311 -7.04 16.28 -2.60
C LYS E 311 -6.60 16.16 -4.06
N GLU E 312 -6.00 15.03 -4.40
CA GLU E 312 -5.74 14.64 -5.77
C GLU E 312 -6.82 13.68 -6.23
N VAL E 313 -7.48 13.99 -7.34
CA VAL E 313 -8.47 13.09 -7.92
C VAL E 313 -8.19 12.87 -9.40
N THR E 314 -8.41 11.63 -9.85
CA THR E 314 -8.24 11.25 -11.23
C THR E 314 -9.57 10.79 -11.78
N LEU E 315 -9.85 11.17 -13.03
CA LEU E 315 -11.08 10.76 -13.69
C LEU E 315 -10.79 10.16 -15.05
N THR E 316 -11.72 9.32 -15.50
CA THR E 316 -11.63 8.75 -16.83
C THR E 316 -12.60 9.45 -17.78
N VAL E 317 -12.05 10.21 -18.71
CA VAL E 317 -12.84 10.94 -19.68
C VAL E 317 -13.38 9.96 -20.71
N PRO E 318 -14.69 9.89 -20.89
CA PRO E 318 -15.26 8.92 -21.83
C PRO E 318 -15.10 9.42 -23.27
N THR E 319 -15.51 8.56 -24.20
CA THR E 319 -15.45 8.91 -25.61
C THR E 319 -16.42 10.03 -25.98
N GLU E 320 -17.48 10.20 -25.19
CA GLU E 320 -18.31 11.38 -25.36
C GLU E 320 -17.56 12.62 -24.89
N GLY E 321 -17.17 12.64 -23.62
CA GLY E 321 -16.58 13.82 -23.04
C GLY E 321 -17.02 14.02 -21.61
N LEU E 322 -16.29 14.86 -20.90
CA LEU E 322 -16.47 15.01 -19.47
C LEU E 322 -16.97 16.42 -19.17
N GLU E 323 -17.92 16.53 -18.25
CA GLU E 323 -18.18 17.81 -17.61
C GLU E 323 -17.83 17.66 -16.15
N VAL E 324 -17.16 18.68 -15.60
CA VAL E 324 -16.77 18.64 -14.21
C VAL E 324 -16.88 20.02 -13.58
N THR E 325 -17.72 20.12 -12.56
CA THR E 325 -17.91 21.39 -11.87
C THR E 325 -17.29 21.33 -10.48
N TRP E 326 -16.71 22.46 -10.10
CA TRP E 326 -16.06 22.59 -8.82
C TRP E 326 -16.50 23.91 -8.20
N GLY E 327 -17.27 23.81 -7.12
CA GLY E 327 -17.73 24.95 -6.37
C GLY E 327 -18.67 25.84 -7.14
N ASN E 328 -18.66 27.11 -6.76
CA ASN E 328 -19.48 28.12 -7.44
C ASN E 328 -18.81 28.67 -8.68
N ASN E 329 -17.69 28.12 -9.09
CA ASN E 329 -17.10 28.49 -10.36
C ASN E 329 -17.98 28.02 -11.51
N GLU E 330 -17.80 28.65 -12.64
CA GLU E 330 -18.40 28.10 -13.85
C GLU E 330 -17.69 26.79 -14.18
N PRO E 331 -18.42 25.75 -14.56
CA PRO E 331 -17.82 24.42 -14.75
C PRO E 331 -16.76 24.29 -15.84
N TYR E 332 -16.19 23.10 -15.96
CA TYR E 332 -15.16 22.82 -16.94
C TYR E 332 -15.64 21.73 -17.88
N LYS E 333 -15.23 21.83 -19.15
CA LYS E 333 -15.64 20.93 -20.21
C LYS E 333 -14.40 20.31 -20.83
N TYR E 334 -14.29 18.98 -20.77
CA TYR E 334 -13.12 18.29 -21.30
C TYR E 334 -13.55 17.28 -22.34
N TRP E 335 -12.60 16.92 -23.20
CA TRP E 335 -12.85 16.02 -24.31
C TRP E 335 -11.62 15.18 -24.59
N PRO E 336 -11.81 13.98 -25.13
CA PRO E 336 -10.65 13.16 -25.52
C PRO E 336 -10.13 13.56 -26.89
N GLN E 337 -8.99 12.96 -27.24
CA GLN E 337 -8.26 13.28 -28.46
C GLN E 337 -7.57 12.01 -28.92
N MET E 338 -6.54 12.16 -29.75
CA MET E 338 -5.68 11.03 -30.05
C MET E 338 -4.79 10.69 -28.85
N SER E 339 -4.24 9.50 -28.87
CA SER E 339 -3.74 8.84 -27.67
C SER E 339 -2.36 9.37 -27.27
N THR E 340 -1.69 8.65 -26.35
CA THR E 340 -0.27 8.81 -26.09
C THR E 340 0.55 8.59 -27.35
N ASN E 341 0.13 7.65 -28.20
CA ASN E 341 0.58 7.48 -29.59
C ASN E 341 2.07 7.18 -29.66
N GLY E 342 2.46 6.07 -29.07
CA GLY E 342 3.79 5.56 -29.33
C GLY E 342 3.79 4.75 -30.62
N THR E 343 3.58 5.41 -31.76
CA THR E 343 3.17 4.67 -32.94
C THR E 343 3.59 5.39 -34.21
N ALA E 344 3.58 4.64 -35.30
CA ALA E 344 4.03 5.07 -36.63
C ALA E 344 3.47 4.07 -37.63
N HIS E 345 4.02 4.09 -38.85
CA HIS E 345 3.71 3.07 -39.86
C HIS E 345 4.96 2.70 -40.64
N GLY E 346 5.50 1.51 -40.37
CA GLY E 346 6.70 1.03 -41.03
C GLY E 346 6.93 -0.48 -40.95
N HIS E 347 8.15 -0.93 -41.32
CA HIS E 347 8.52 -2.35 -41.24
C HIS E 347 8.70 -2.75 -39.78
N PRO E 348 9.23 -1.88 -38.90
CA PRO E 348 8.72 -1.91 -37.53
C PRO E 348 7.32 -1.30 -37.54
N HIS E 349 6.34 -2.16 -37.24
CA HIS E 349 4.94 -1.90 -37.55
C HIS E 349 4.38 -0.68 -36.84
N GLU E 350 4.27 -0.74 -35.51
CA GLU E 350 3.59 0.26 -34.68
C GLU E 350 2.19 0.60 -35.19
N ILE E 351 1.51 -0.38 -35.76
CA ILE E 351 0.22 -0.10 -36.39
C ILE E 351 -0.91 -0.27 -35.40
N ILE E 352 -0.81 -1.31 -34.57
CA ILE E 352 -1.89 -1.67 -33.66
C ILE E 352 -2.03 -0.62 -32.57
N LEU E 353 -0.97 0.14 -32.31
CA LEU E 353 -1.07 1.23 -31.34
C LEU E 353 -1.90 2.37 -31.90
N TYR E 354 -1.91 2.56 -33.22
CA TYR E 354 -2.91 3.43 -33.84
C TYR E 354 -4.31 2.87 -33.62
N TYR E 355 -4.43 1.53 -33.64
CA TYR E 355 -5.65 0.85 -33.20
C TYR E 355 -6.05 1.28 -31.79
N TYR E 356 -5.09 1.59 -30.94
CA TYR E 356 -5.42 1.96 -29.58
C TYR E 356 -5.94 3.38 -29.43
N GLU E 357 -6.35 4.07 -30.50
CA GLU E 357 -7.29 5.16 -30.26
C GLU E 357 -8.64 4.97 -30.94
N LEU E 358 -8.69 4.43 -32.16
CA LEU E 358 -9.97 4.02 -32.71
C LEU E 358 -10.37 2.75 -32.00
N TYR E 359 -11.15 2.90 -30.92
CA TYR E 359 -11.70 1.83 -30.11
C TYR E 359 -10.66 0.85 -29.60
N PRO E 360 -9.90 1.16 -28.56
CA PRO E 360 -9.23 0.09 -27.82
C PRO E 360 -10.28 -0.86 -27.25
N THR E 361 -9.87 -2.14 -27.12
CA THR E 361 -10.65 -3.35 -26.80
C THR E 361 -12.02 -3.42 -27.48
N MET E 362 -12.11 -2.89 -28.70
CA MET E 362 -13.25 -3.08 -29.59
C MET E 362 -12.69 -3.10 -30.99
N THR E 363 -13.02 -4.12 -31.78
CA THR E 363 -12.34 -4.54 -33.01
C THR E 363 -10.87 -4.90 -32.76
N VAL E 364 -10.50 -5.26 -31.54
CA VAL E 364 -9.48 -6.28 -31.35
C VAL E 364 -10.11 -7.64 -31.58
N VAL E 365 -11.44 -7.70 -31.51
CA VAL E 365 -12.16 -8.85 -31.99
C VAL E 365 -11.99 -9.02 -33.50
N ILE E 366 -11.80 -7.91 -34.22
CA ILE E 366 -11.60 -7.98 -35.66
C ILE E 366 -10.22 -8.55 -35.99
N VAL E 367 -9.18 -8.12 -35.27
CA VAL E 367 -7.87 -8.69 -35.58
C VAL E 367 -7.77 -10.11 -35.04
N SER E 368 -8.52 -10.45 -34.00
CA SER E 368 -8.52 -11.84 -33.53
C SER E 368 -9.22 -12.75 -34.51
N VAL E 369 -10.39 -12.35 -35.01
CA VAL E 369 -11.07 -13.17 -36.01
C VAL E 369 -10.35 -13.12 -37.35
N ALA E 370 -9.49 -12.11 -37.59
CA ALA E 370 -8.67 -12.11 -38.78
C ALA E 370 -7.55 -13.14 -38.68
N SER E 371 -6.93 -13.25 -37.49
CA SER E 371 -6.02 -14.36 -37.23
C SER E 371 -6.77 -15.69 -37.33
N PHE E 372 -8.04 -15.69 -36.94
CA PHE E 372 -8.84 -16.90 -37.05
C PHE E 372 -9.14 -17.27 -38.50
N VAL E 373 -9.41 -16.30 -39.35
CA VAL E 373 -9.73 -16.68 -40.72
C VAL E 373 -8.46 -17.03 -41.50
N LEU E 374 -7.30 -16.49 -41.13
CA LEU E 374 -6.11 -16.97 -41.79
C LEU E 374 -5.70 -18.36 -41.29
N LEU E 375 -5.94 -18.67 -40.01
CA LEU E 375 -5.70 -20.04 -39.59
C LEU E 375 -6.74 -20.99 -40.17
N SER E 376 -7.94 -20.50 -40.48
CA SER E 376 -8.91 -21.31 -41.20
C SER E 376 -8.52 -21.53 -42.65
N MET E 377 -7.89 -20.54 -43.26
CA MET E 377 -7.41 -20.69 -44.64
C MET E 377 -6.29 -21.72 -44.70
N VAL E 378 -5.33 -21.67 -43.78
CA VAL E 378 -4.31 -22.71 -43.81
C VAL E 378 -4.85 -24.04 -43.29
N GLY E 379 -5.96 -24.03 -42.53
CA GLY E 379 -6.64 -25.28 -42.24
C GLY E 379 -7.27 -25.89 -43.48
N THR E 380 -7.78 -25.04 -44.37
CA THR E 380 -8.25 -25.53 -45.67
C THR E 380 -7.08 -26.02 -46.51
N ALA E 381 -5.90 -25.44 -46.31
CA ALA E 381 -4.70 -26.00 -46.94
C ALA E 381 -4.35 -27.38 -46.39
N VAL E 382 -4.55 -27.60 -45.09
CA VAL E 382 -4.41 -28.94 -44.53
C VAL E 382 -5.46 -29.88 -45.12
N GLY E 383 -6.67 -29.37 -45.35
CA GLY E 383 -7.72 -30.17 -45.96
C GLY E 383 -7.39 -30.60 -47.38
N MET E 384 -6.85 -29.68 -48.18
CA MET E 384 -6.48 -30.04 -49.54
C MET E 384 -5.26 -30.95 -49.54
N CYS E 385 -4.36 -30.81 -48.57
CA CYS E 385 -3.20 -31.68 -48.56
C CYS E 385 -3.55 -33.10 -48.17
N VAL E 386 -4.48 -33.28 -47.23
CA VAL E 386 -4.87 -34.65 -46.91
C VAL E 386 -5.75 -35.24 -48.01
N CYS E 387 -6.59 -34.43 -48.68
CA CYS E 387 -7.32 -34.96 -49.82
C CYS E 387 -6.40 -35.23 -51.00
N ALA E 388 -5.33 -34.46 -51.13
CA ALA E 388 -4.38 -34.64 -52.23
C ALA E 388 -3.51 -35.86 -52.01
N ARG E 389 -3.07 -36.11 -50.78
CA ARG E 389 -2.33 -37.34 -50.52
C ARG E 389 -3.21 -38.56 -50.67
N ARG E 390 -4.47 -38.48 -50.20
CA ARG E 390 -5.39 -39.61 -50.39
C ARG E 390 -5.73 -39.84 -51.85
N ARG E 391 -5.91 -38.78 -52.62
CA ARG E 391 -6.24 -38.97 -54.03
C ARG E 391 -5.02 -39.07 -54.92
N CYS E 392 -3.80 -39.00 -54.36
CA CYS E 392 -2.63 -39.43 -55.12
C CYS E 392 -2.21 -40.85 -54.71
N ILE E 393 -2.72 -41.34 -53.58
CA ILE E 393 -2.68 -42.76 -53.30
C ILE E 393 -3.75 -43.53 -54.06
N THR E 394 -4.88 -42.87 -54.38
CA THR E 394 -5.93 -43.46 -55.22
C THR E 394 -5.48 -44.03 -56.57
N PRO E 395 -4.57 -43.41 -57.34
CA PRO E 395 -4.12 -44.10 -58.57
C PRO E 395 -3.19 -45.28 -58.35
N TYR E 396 -2.65 -45.43 -57.16
CA TYR E 396 -1.78 -46.55 -56.82
C TYR E 396 -2.20 -47.13 -55.50
N GLU E 397 -3.49 -47.47 -55.40
CA GLU E 397 -4.08 -47.98 -54.17
C GLU E 397 -3.33 -49.21 -53.70
N LEU E 398 -3.45 -50.32 -54.41
CA LEU E 398 -2.36 -51.30 -54.44
C LEU E 398 -2.35 -52.01 -55.78
N THR E 399 -2.34 -51.22 -56.88
CA THR E 399 -2.20 -51.68 -58.25
C THR E 399 -1.05 -52.68 -58.38
N PRO E 400 -1.36 -53.95 -58.58
CA PRO E 400 -0.34 -54.99 -58.42
C PRO E 400 0.60 -55.11 -59.60
N GLY E 401 1.37 -54.05 -59.85
CA GLY E 401 2.38 -54.08 -60.87
C GLY E 401 3.72 -53.77 -60.26
N ALA E 402 3.69 -53.26 -59.02
CA ALA E 402 4.83 -52.99 -58.14
C ALA E 402 5.77 -51.91 -58.67
N THR E 403 5.46 -51.30 -59.82
CA THR E 403 6.36 -50.39 -60.52
C THR E 403 5.51 -49.33 -61.20
N VAL E 404 5.44 -48.14 -60.62
CA VAL E 404 4.73 -47.02 -61.24
C VAL E 404 5.66 -45.80 -61.32
N PRO E 405 6.61 -45.78 -62.25
CA PRO E 405 7.52 -44.63 -62.33
C PRO E 405 6.84 -43.39 -62.88
N PHE E 406 5.95 -43.54 -63.84
CA PHE E 406 5.24 -42.40 -64.39
C PHE E 406 4.03 -42.00 -63.55
N LEU E 407 3.84 -42.60 -62.37
CA LEU E 407 2.93 -42.11 -61.35
C LEU E 407 3.68 -41.33 -60.26
N LEU E 408 4.62 -42.00 -59.58
CA LEU E 408 5.23 -41.37 -58.42
C LEU E 408 6.47 -40.56 -58.77
N SER E 409 7.18 -40.91 -59.85
CA SER E 409 8.23 -40.04 -60.35
C SER E 409 7.66 -38.74 -60.87
N LEU E 410 6.50 -38.79 -61.50
CA LEU E 410 5.74 -37.62 -61.90
C LEU E 410 5.00 -36.98 -60.74
N LEU E 411 4.90 -37.67 -59.60
CA LEU E 411 4.03 -37.24 -58.51
C LEU E 411 4.81 -36.81 -57.28
N CYS E 412 5.61 -37.72 -56.70
CA CYS E 412 6.42 -37.48 -55.50
C CYS E 412 5.58 -37.00 -54.32
N CYS E 413 4.57 -37.80 -53.94
CA CYS E 413 3.81 -37.46 -52.75
C CYS E 413 4.57 -37.88 -51.48
N VAL E 414 4.68 -39.18 -51.26
CA VAL E 414 5.33 -39.78 -50.09
C VAL E 414 6.02 -41.05 -50.58
N ARG E 415 7.25 -41.26 -50.12
CA ARG E 415 8.02 -42.50 -50.33
C ARG E 415 8.19 -42.81 -51.82
N THR E 416 8.94 -41.95 -52.49
CA THR E 416 9.16 -42.02 -53.94
C THR E 416 10.16 -43.13 -54.32
N THR E 417 10.67 -43.91 -53.37
CA THR E 417 11.49 -45.07 -53.68
C THR E 417 10.67 -46.29 -54.07
N LYS E 418 9.34 -46.25 -53.93
CA LYS E 418 8.56 -47.47 -54.17
C LYS E 418 8.15 -47.60 -55.64
N ALA E 419 9.13 -47.40 -56.54
CA ALA E 419 9.07 -47.70 -57.97
C ALA E 419 7.91 -47.04 -58.73
N ASN F 1 -4.55 -76.47 -51.76
CA ASN F 1 -4.68 -75.05 -52.05
C ASN F 1 -4.31 -74.78 -53.50
N ASP F 2 -5.32 -74.78 -54.36
CA ASP F 2 -5.11 -74.34 -55.74
C ASP F 2 -4.70 -72.88 -55.78
N CYS F 3 -5.63 -71.98 -55.49
CA CYS F 3 -5.34 -70.59 -55.16
C CYS F 3 -6.28 -70.08 -54.08
N ILE F 4 -6.58 -70.91 -53.07
CA ILE F 4 -7.67 -70.63 -52.14
C ILE F 4 -7.14 -69.67 -51.08
N PHE F 5 -7.59 -68.42 -51.14
CA PHE F 5 -7.26 -67.38 -50.17
C PHE F 5 -8.50 -66.52 -49.99
N GLU F 6 -9.06 -66.53 -48.79
CA GLU F 6 -10.48 -66.31 -48.56
C GLU F 6 -10.70 -65.22 -47.51
N VAL F 7 -11.89 -64.61 -47.51
CA VAL F 7 -12.30 -63.68 -46.46
C VAL F 7 -13.57 -64.20 -45.78
N LYS F 8 -13.54 -64.20 -44.44
CA LYS F 8 -14.59 -64.81 -43.65
C LYS F 8 -14.84 -63.97 -42.41
N HIS F 9 -16.10 -63.96 -41.96
CA HIS F 9 -16.43 -63.31 -40.70
C HIS F 9 -17.63 -64.03 -40.11
N GLU F 10 -17.57 -64.35 -38.81
CA GLU F 10 -18.66 -64.79 -37.94
C GLU F 10 -19.40 -66.06 -38.39
N GLY F 11 -18.93 -66.73 -39.44
CA GLY F 11 -19.63 -67.89 -39.95
C GLY F 11 -19.96 -67.78 -41.43
N LYS F 12 -20.08 -66.55 -41.92
CA LYS F 12 -20.33 -66.32 -43.34
C LYS F 12 -19.03 -66.07 -44.08
N VAL F 13 -18.92 -66.68 -45.25
CA VAL F 13 -17.85 -66.36 -46.19
C VAL F 13 -18.27 -65.14 -46.99
N MET F 14 -17.46 -64.09 -46.96
CA MET F 14 -17.79 -62.92 -47.76
C MET F 14 -16.98 -62.88 -49.04
N GLY F 15 -16.69 -64.05 -49.60
CA GLY F 15 -15.89 -64.11 -50.79
C GLY F 15 -14.44 -64.46 -50.47
N TYR F 16 -13.54 -63.86 -51.24
CA TYR F 16 -12.13 -64.16 -51.11
C TYR F 16 -11.36 -62.91 -50.72
N ALA F 17 -10.13 -63.14 -50.24
CA ALA F 17 -9.17 -62.06 -50.05
C ALA F 17 -7.79 -62.67 -50.26
N CYS F 18 -7.13 -62.29 -51.34
CA CYS F 18 -5.89 -62.93 -51.71
C CYS F 18 -4.71 -61.97 -51.61
N LEU F 19 -3.54 -62.56 -51.47
CA LEU F 19 -2.29 -61.85 -51.64
C LEU F 19 -1.77 -62.17 -53.04
N VAL F 20 -1.83 -61.17 -53.92
CA VAL F 20 -1.31 -61.27 -55.27
C VAL F 20 -0.06 -60.42 -55.30
N GLY F 21 1.10 -61.09 -55.32
CA GLY F 21 2.36 -60.40 -55.50
C GLY F 21 2.70 -59.43 -54.39
N ASP F 22 2.53 -58.15 -54.69
CA ASP F 22 2.81 -57.05 -53.80
C ASP F 22 1.64 -56.70 -52.88
N LYS F 23 0.47 -57.29 -53.12
CA LYS F 23 -0.78 -56.74 -52.62
C LYS F 23 -1.53 -57.78 -51.80
N VAL F 24 -2.13 -57.34 -50.69
CA VAL F 24 -3.25 -58.06 -50.10
C VAL F 24 -4.50 -57.27 -50.45
N MET F 25 -5.46 -57.95 -51.05
CA MET F 25 -6.75 -57.36 -51.42
C MET F 25 -7.78 -57.66 -50.34
N LYS F 26 -8.69 -56.73 -50.17
CA LYS F 26 -9.91 -57.00 -49.42
C LYS F 26 -11.04 -56.35 -50.19
N PRO F 27 -12.08 -57.08 -50.51
CA PRO F 27 -13.23 -56.46 -51.16
C PRO F 27 -13.97 -55.57 -50.17
N ALA F 28 -13.79 -54.26 -50.33
CA ALA F 28 -14.36 -53.31 -49.39
C ALA F 28 -15.84 -53.04 -49.67
N HIS F 29 -16.39 -53.60 -50.74
CA HIS F 29 -17.82 -53.53 -50.95
C HIS F 29 -18.59 -54.45 -50.02
N VAL F 30 -17.92 -55.44 -49.43
CA VAL F 30 -18.54 -56.38 -48.52
C VAL F 30 -17.84 -56.31 -47.16
N LYS F 31 -18.64 -56.28 -46.10
CA LYS F 31 -18.13 -56.06 -44.75
C LYS F 31 -17.58 -57.36 -44.16
N GLY F 32 -16.86 -57.22 -43.06
CA GLY F 32 -16.41 -58.37 -42.31
C GLY F 32 -15.04 -58.13 -41.72
N THR F 33 -14.44 -59.23 -41.29
CA THR F 33 -13.07 -59.23 -40.79
C THR F 33 -12.23 -60.21 -41.60
N ILE F 34 -11.00 -60.42 -41.14
CA ILE F 34 -10.06 -61.28 -41.84
C ILE F 34 -10.42 -62.75 -41.60
N ASP F 35 -9.95 -63.61 -42.51
CA ASP F 35 -10.02 -65.04 -42.27
C ASP F 35 -9.03 -65.46 -41.19
N ASN F 36 -7.74 -65.26 -41.43
CA ASN F 36 -6.69 -65.65 -40.50
C ASN F 36 -6.12 -64.40 -39.85
N ALA F 37 -6.09 -64.39 -38.51
CA ALA F 37 -5.84 -63.17 -37.74
C ALA F 37 -4.37 -62.79 -37.65
N ASP F 38 -3.45 -63.54 -38.29
CA ASP F 38 -2.04 -63.14 -38.30
C ASP F 38 -1.83 -61.87 -39.10
N LEU F 39 -2.70 -61.61 -40.06
CA LEU F 39 -2.68 -60.40 -40.85
C LEU F 39 -3.77 -59.42 -40.44
N ALA F 40 -4.56 -59.75 -39.41
CA ALA F 40 -5.55 -58.82 -38.88
C ALA F 40 -4.90 -57.57 -38.31
N LYS F 41 -3.69 -57.71 -37.77
CA LYS F 41 -2.97 -56.58 -37.20
C LYS F 41 -2.53 -55.58 -38.24
N LEU F 42 -2.48 -55.97 -39.52
CA LEU F 42 -1.92 -55.12 -40.55
C LEU F 42 -2.92 -54.04 -40.96
N ALA F 43 -2.39 -52.99 -41.59
CA ALA F 43 -3.15 -51.83 -42.01
C ALA F 43 -3.98 -52.16 -43.24
N PHE F 44 -4.94 -51.29 -43.55
CA PHE F 44 -5.80 -51.45 -44.71
C PHE F 44 -6.16 -50.08 -45.27
N LYS F 45 -6.21 -49.98 -46.59
CA LYS F 45 -6.58 -48.74 -47.26
C LYS F 45 -7.88 -48.97 -48.01
N ARG F 46 -8.88 -48.14 -47.73
CA ARG F 46 -10.18 -48.28 -48.38
C ARG F 46 -10.28 -47.33 -49.56
N SER F 47 -10.96 -47.79 -50.61
CA SER F 47 -11.38 -46.93 -51.69
C SER F 47 -12.83 -46.52 -51.46
N SER F 48 -13.16 -45.31 -51.92
CA SER F 48 -14.48 -44.75 -51.70
C SER F 48 -15.43 -44.99 -52.87
N LYS F 49 -15.08 -44.52 -54.07
CA LYS F 49 -15.94 -44.67 -55.21
C LYS F 49 -15.58 -45.88 -56.07
N TYR F 50 -14.60 -46.67 -55.65
CA TYR F 50 -14.25 -47.90 -56.34
C TYR F 50 -14.22 -49.12 -55.43
N ASP F 51 -14.14 -48.92 -54.12
CA ASP F 51 -14.61 -49.86 -53.09
C ASP F 51 -13.80 -51.15 -53.04
N LEU F 52 -12.48 -51.02 -53.13
CA LEU F 52 -11.57 -52.09 -52.80
C LEU F 52 -10.79 -51.71 -51.55
N GLU F 53 -9.90 -52.59 -51.14
CA GLU F 53 -9.16 -52.37 -49.91
C GLU F 53 -7.81 -53.05 -50.05
N CYS F 54 -6.80 -52.44 -49.47
CA CYS F 54 -5.44 -52.83 -49.74
C CYS F 54 -4.72 -53.09 -48.42
N ALA F 55 -3.64 -53.87 -48.52
CA ALA F 55 -2.76 -54.09 -47.38
C ALA F 55 -1.39 -54.47 -47.90
N GLN F 56 -0.35 -53.88 -47.31
CA GLN F 56 1.01 -54.20 -47.70
C GLN F 56 1.49 -55.43 -46.94
N ILE F 57 2.03 -56.41 -47.66
CA ILE F 57 2.16 -57.78 -47.17
C ILE F 57 3.42 -57.90 -46.32
N PRO F 58 3.41 -58.72 -45.27
CA PRO F 58 4.68 -59.21 -44.71
C PRO F 58 5.23 -60.35 -45.54
N VAL F 59 6.57 -60.47 -45.52
CA VAL F 59 7.26 -61.28 -46.52
C VAL F 59 7.14 -62.76 -46.20
N HIS F 60 6.87 -63.09 -44.94
CA HIS F 60 7.02 -64.46 -44.46
C HIS F 60 6.00 -65.45 -45.02
N MET F 61 5.07 -65.01 -45.85
CA MET F 61 4.18 -65.90 -46.57
C MET F 61 4.14 -65.63 -48.07
N LYS F 62 5.02 -64.77 -48.57
CA LYS F 62 4.90 -64.27 -49.93
C LYS F 62 5.23 -65.32 -50.98
N SER F 63 5.78 -66.47 -50.59
CA SER F 63 5.94 -67.55 -51.56
C SER F 63 4.60 -68.10 -51.98
N ASP F 64 3.60 -68.06 -51.09
CA ASP F 64 2.28 -68.57 -51.42
C ASP F 64 1.47 -67.62 -52.28
N ALA F 65 1.95 -66.39 -52.47
CA ALA F 65 1.23 -65.41 -53.27
C ALA F 65 1.28 -65.80 -54.74
N SER F 66 0.26 -65.34 -55.48
CA SER F 66 0.09 -65.68 -56.88
C SER F 66 0.78 -64.66 -57.78
N LYS F 67 0.85 -64.97 -59.07
CA LYS F 67 1.46 -64.08 -60.04
C LYS F 67 0.41 -63.56 -61.01
N PHE F 68 0.68 -62.37 -61.54
CA PHE F 68 -0.26 -61.61 -62.36
C PHE F 68 0.29 -61.49 -63.77
N THR F 69 -0.61 -61.29 -64.72
CA THR F 69 -0.24 -60.76 -66.02
C THR F 69 -1.40 -59.92 -66.52
N HIS F 70 -1.12 -58.64 -66.78
CA HIS F 70 -2.17 -57.63 -66.81
C HIS F 70 -2.68 -57.39 -68.22
N GLU F 71 -2.72 -58.46 -69.00
CA GLU F 71 -3.11 -58.41 -70.40
C GLU F 71 -4.19 -59.45 -70.63
N LYS F 72 -4.88 -59.36 -71.76
CA LYS F 72 -6.10 -60.13 -71.97
C LYS F 72 -6.18 -60.77 -73.35
N PRO F 73 -5.77 -62.03 -73.48
CA PRO F 73 -6.17 -62.83 -74.64
C PRO F 73 -7.49 -63.54 -74.39
N GLU F 74 -8.20 -63.83 -75.48
CA GLU F 74 -9.56 -64.34 -75.43
C GLU F 74 -9.58 -65.83 -75.07
N GLY F 75 -10.77 -66.37 -74.83
CA GLY F 75 -10.93 -67.80 -74.65
C GLY F 75 -11.65 -68.23 -73.38
N TYR F 76 -11.02 -69.13 -72.63
CA TYR F 76 -11.65 -69.72 -71.46
C TYR F 76 -10.63 -69.72 -70.33
N TYR F 77 -11.06 -69.29 -69.15
CA TYR F 77 -10.16 -69.11 -68.02
C TYR F 77 -10.65 -69.96 -66.86
N ASN F 78 -9.85 -70.06 -65.81
CA ASN F 78 -10.19 -70.91 -64.68
C ASN F 78 -10.55 -70.05 -63.49
N TRP F 79 -11.45 -70.58 -62.66
CA TRP F 79 -11.89 -69.93 -61.44
C TRP F 79 -12.48 -71.00 -60.53
N HIS F 80 -12.97 -70.57 -59.37
CA HIS F 80 -13.29 -71.50 -58.28
C HIS F 80 -14.49 -72.39 -58.61
N HIS F 81 -15.41 -71.94 -59.44
CA HIS F 81 -16.48 -72.80 -59.91
C HIS F 81 -16.28 -73.19 -61.37
N GLY F 82 -15.05 -73.53 -61.73
CA GLY F 82 -14.81 -74.20 -62.99
C GLY F 82 -14.14 -73.35 -64.04
N ALA F 83 -14.68 -73.38 -65.24
CA ALA F 83 -14.21 -72.53 -66.33
C ALA F 83 -15.04 -71.25 -66.35
N VAL F 84 -14.58 -70.29 -67.15
CA VAL F 84 -15.33 -69.05 -67.38
C VAL F 84 -15.06 -68.61 -68.82
N GLN F 85 -16.12 -68.27 -69.53
CA GLN F 85 -16.05 -67.98 -70.97
C GLN F 85 -15.77 -66.50 -71.13
N TYR F 86 -14.53 -66.13 -71.43
CA TYR F 86 -14.19 -64.75 -71.65
C TYR F 86 -14.08 -64.52 -73.15
N SER F 87 -14.99 -63.71 -73.69
CA SER F 87 -14.98 -63.36 -75.10
C SER F 87 -15.55 -61.96 -75.27
N GLY F 88 -15.16 -61.30 -76.35
CA GLY F 88 -15.68 -59.97 -76.66
C GLY F 88 -15.30 -58.91 -75.67
N GLY F 89 -14.15 -59.06 -75.02
CA GLY F 89 -13.78 -58.18 -73.93
C GLY F 89 -14.63 -58.35 -72.70
N ARG F 90 -15.29 -59.49 -72.55
CA ARG F 90 -16.33 -59.62 -71.55
C ARG F 90 -16.34 -61.02 -70.94
N PHE F 91 -16.63 -61.09 -69.64
CA PHE F 91 -16.60 -62.34 -68.91
C PHE F 91 -18.01 -62.88 -68.73
N THR F 92 -18.22 -64.14 -69.12
CA THR F 92 -19.53 -64.76 -69.16
C THR F 92 -19.48 -66.15 -68.52
N ILE F 93 -20.65 -66.59 -68.07
CA ILE F 93 -20.82 -67.81 -67.30
C ILE F 93 -22.30 -68.15 -67.38
N PRO F 94 -22.72 -69.41 -67.21
CA PRO F 94 -24.14 -69.69 -67.03
C PRO F 94 -24.69 -69.13 -65.73
N THR F 95 -26.01 -69.13 -65.62
CA THR F 95 -26.67 -68.58 -64.43
C THR F 95 -26.60 -69.58 -63.28
N GLY F 96 -26.06 -69.13 -62.15
CA GLY F 96 -26.08 -69.89 -60.91
C GLY F 96 -24.73 -70.31 -60.39
N ALA F 97 -23.70 -70.34 -61.24
CA ALA F 97 -22.37 -70.79 -60.80
C ALA F 97 -21.73 -69.79 -59.85
N GLY F 98 -22.12 -68.53 -59.93
CA GLY F 98 -21.76 -67.57 -58.92
C GLY F 98 -23.00 -67.07 -58.19
N LYS F 99 -22.95 -67.01 -56.87
CA LYS F 99 -24.06 -66.58 -56.05
C LYS F 99 -23.70 -65.25 -55.42
N PRO F 100 -24.70 -64.48 -54.94
CA PRO F 100 -24.37 -63.25 -54.21
C PRO F 100 -23.70 -63.53 -52.88
N GLY F 101 -22.41 -63.24 -52.81
CA GLY F 101 -21.59 -63.60 -51.67
C GLY F 101 -20.28 -64.19 -52.13
N ASP F 102 -20.08 -64.25 -53.45
CA ASP F 102 -18.87 -64.79 -54.06
C ASP F 102 -17.90 -63.70 -54.46
N SER F 103 -17.80 -62.65 -53.66
CA SER F 103 -17.05 -61.46 -54.05
C SER F 103 -15.56 -61.72 -53.99
N GLY F 104 -14.92 -61.84 -55.16
CA GLY F 104 -13.48 -61.85 -55.24
C GLY F 104 -12.85 -63.10 -55.79
N ARG F 105 -13.53 -63.85 -56.65
CA ARG F 105 -12.95 -65.07 -57.21
C ARG F 105 -11.84 -64.72 -58.19
N PRO F 106 -10.60 -65.16 -57.95
CA PRO F 106 -9.50 -64.74 -58.82
C PRO F 106 -9.47 -65.54 -60.10
N ILE F 107 -9.50 -64.82 -61.22
CA ILE F 107 -9.52 -65.41 -62.55
C ILE F 107 -8.09 -65.65 -62.99
N PHE F 108 -7.84 -66.81 -63.58
CA PHE F 108 -6.54 -67.07 -64.19
C PHE F 108 -6.73 -67.99 -65.38
N ASP F 109 -5.74 -67.98 -66.27
CA ASP F 109 -5.84 -68.64 -67.55
C ASP F 109 -5.36 -70.09 -67.45
N ASN F 110 -5.07 -70.69 -68.60
CA ASN F 110 -4.79 -72.12 -68.67
C ASN F 110 -3.39 -72.50 -68.19
N LYS F 111 -2.61 -71.55 -67.65
CA LYS F 111 -1.44 -71.89 -66.85
C LYS F 111 -1.51 -71.31 -65.44
N GLY F 112 -2.58 -70.59 -65.11
CA GLY F 112 -2.78 -70.14 -63.75
C GLY F 112 -1.99 -68.92 -63.34
N ARG F 113 -2.25 -67.78 -63.99
CA ARG F 113 -1.71 -66.50 -63.55
C ARG F 113 -2.82 -65.46 -63.62
N VAL F 114 -2.87 -64.60 -62.61
CA VAL F 114 -4.12 -63.91 -62.26
C VAL F 114 -4.34 -62.72 -63.18
N VAL F 115 -5.59 -62.57 -63.64
CA VAL F 115 -5.94 -61.49 -64.57
C VAL F 115 -7.10 -60.63 -64.08
N ALA F 116 -8.02 -61.12 -63.24
CA ALA F 116 -9.18 -60.33 -62.87
C ALA F 116 -9.77 -60.84 -61.56
N ILE F 117 -10.46 -59.94 -60.85
CA ILE F 117 -11.10 -60.23 -59.57
C ILE F 117 -12.58 -59.85 -59.69
N VAL F 118 -13.46 -60.80 -59.43
CA VAL F 118 -14.87 -60.63 -59.75
C VAL F 118 -15.60 -59.95 -58.59
N LEU F 119 -16.54 -59.06 -58.94
CA LEU F 119 -17.33 -58.31 -57.98
C LEU F 119 -18.79 -58.70 -57.97
N GLY F 120 -19.47 -58.64 -59.11
CA GLY F 120 -20.89 -58.91 -59.17
C GLY F 120 -21.26 -59.58 -60.47
N GLY F 121 -22.56 -59.85 -60.65
CA GLY F 121 -23.06 -60.47 -61.85
C GLY F 121 -24.16 -59.65 -62.50
N ALA F 122 -24.56 -60.08 -63.69
CA ALA F 122 -25.69 -59.47 -64.40
C ALA F 122 -26.25 -60.48 -65.38
N ASN F 123 -27.53 -60.31 -65.74
CA ASN F 123 -28.20 -61.21 -66.68
C ASN F 123 -29.52 -60.64 -67.19
N GLU F 124 -29.87 -61.01 -68.43
CA GLU F 124 -31.19 -60.76 -68.99
C GLU F 124 -31.85 -62.10 -69.26
N GLY F 125 -31.65 -63.07 -68.37
CA GLY F 125 -31.95 -64.46 -68.69
C GLY F 125 -30.91 -65.45 -68.21
N ALA F 126 -30.22 -66.12 -69.14
CA ALA F 126 -29.39 -67.28 -68.83
C ALA F 126 -27.89 -66.98 -68.76
N ARG F 127 -27.40 -66.03 -69.55
CA ARG F 127 -25.96 -65.79 -69.65
C ARG F 127 -25.54 -64.71 -68.68
N THR F 128 -25.04 -65.12 -67.52
CA THR F 128 -24.57 -64.18 -66.52
C THR F 128 -23.20 -63.64 -66.92
N ALA F 129 -23.08 -62.33 -66.97
CA ALA F 129 -21.79 -61.69 -67.19
C ALA F 129 -21.28 -61.08 -65.90
N LEU F 130 -19.96 -61.12 -65.71
CA LEU F 130 -19.34 -60.89 -64.41
C LEU F 130 -18.67 -59.52 -64.37
N SER F 131 -19.23 -58.62 -63.56
CA SER F 131 -18.65 -57.30 -63.32
C SER F 131 -17.47 -57.43 -62.37
N VAL F 132 -16.32 -56.89 -62.78
CA VAL F 132 -15.04 -57.22 -62.19
C VAL F 132 -14.23 -55.95 -61.95
N VAL F 133 -13.02 -56.14 -61.44
CA VAL F 133 -11.93 -55.20 -61.61
C VAL F 133 -11.01 -55.75 -62.69
N THR F 134 -10.28 -54.87 -63.36
CA THR F 134 -9.47 -55.24 -64.49
C THR F 134 -8.14 -54.51 -64.38
N TRP F 135 -7.17 -54.87 -65.20
CA TRP F 135 -5.93 -54.12 -65.28
C TRP F 135 -5.63 -53.82 -66.73
N ASN F 136 -4.90 -52.74 -66.95
CA ASN F 136 -4.40 -52.38 -68.26
C ASN F 136 -3.10 -51.61 -68.12
N LYS F 137 -2.05 -52.18 -68.71
CA LYS F 137 -0.66 -51.70 -68.65
C LYS F 137 -0.22 -51.45 -67.21
N ASP F 138 -0.61 -52.35 -66.32
CA ASP F 138 -0.34 -52.31 -64.88
C ASP F 138 -0.91 -51.04 -64.26
N ILE F 139 -2.14 -50.71 -64.67
CA ILE F 139 -2.99 -49.72 -64.01
C ILE F 139 -4.31 -50.41 -63.68
N VAL F 140 -4.92 -50.06 -62.54
CA VAL F 140 -6.20 -50.67 -62.18
C VAL F 140 -7.35 -49.99 -62.89
N THR F 141 -8.43 -50.74 -63.11
CA THR F 141 -9.71 -50.27 -63.62
C THR F 141 -10.82 -51.07 -62.96
N LYS F 142 -12.04 -50.54 -62.97
CA LYS F 142 -13.19 -51.22 -62.38
C LYS F 142 -14.31 -51.24 -63.42
N ILE F 143 -14.63 -52.43 -63.94
CA ILE F 143 -15.50 -52.55 -65.10
C ILE F 143 -16.79 -53.21 -64.67
N THR F 144 -17.91 -52.52 -64.92
CA THR F 144 -19.23 -52.99 -64.52
C THR F 144 -20.29 -52.42 -65.44
N PRO F 145 -21.00 -53.26 -66.21
CA PRO F 145 -22.17 -52.77 -66.94
C PRO F 145 -23.31 -52.44 -66.00
N GLU F 146 -24.21 -51.58 -66.46
CA GLU F 146 -25.36 -51.18 -65.66
C GLU F 146 -26.32 -52.36 -65.47
N GLY F 147 -27.15 -52.24 -64.44
CA GLY F 147 -28.09 -53.30 -64.13
C GLY F 147 -27.46 -54.55 -63.54
N ALA F 148 -26.26 -54.45 -63.02
CA ALA F 148 -25.57 -55.61 -62.50
C ALA F 148 -26.08 -55.96 -61.11
N GLU F 149 -26.50 -57.20 -60.91
CA GLU F 149 -26.91 -57.65 -59.59
C GLU F 149 -25.66 -57.82 -58.72
N GLU F 150 -25.65 -57.15 -57.57
CA GLU F 150 -24.40 -56.98 -56.85
C GLU F 150 -24.18 -58.13 -55.87
N TRP F 151 -22.93 -58.59 -55.81
CA TRP F 151 -22.53 -59.63 -54.89
C TRP F 151 -21.65 -59.00 -53.83
N TYR G 1 50.41 -8.98 24.23
CA TYR G 1 49.96 -9.38 22.90
C TYR G 1 49.11 -8.31 22.26
N GLU G 2 49.00 -8.37 20.95
CA GLU G 2 47.89 -7.78 20.25
C GLU G 2 46.81 -8.84 20.11
N HIS G 3 45.56 -8.45 20.30
CA HIS G 3 44.45 -9.39 20.22
C HIS G 3 43.30 -8.79 19.43
N VAL G 4 42.81 -9.55 18.46
CA VAL G 4 41.65 -9.16 17.67
C VAL G 4 40.43 -9.93 18.17
N THR G 5 39.29 -9.25 18.24
CA THR G 5 38.04 -9.91 18.56
C THR G 5 36.91 -9.18 17.85
N VAL G 6 35.75 -9.81 17.83
CA VAL G 6 34.56 -9.28 17.19
C VAL G 6 33.40 -9.36 18.17
N ILE G 7 32.61 -8.30 18.26
CA ILE G 7 31.49 -8.28 19.19
C ILE G 7 30.21 -7.93 18.46
N PRO G 8 29.06 -8.41 18.93
CA PRO G 8 27.78 -7.96 18.36
C PRO G 8 27.51 -6.50 18.67
N ASN G 9 26.63 -5.91 17.86
CA ASN G 9 26.27 -4.50 17.98
C ASN G 9 25.08 -4.30 18.90
N THR G 10 25.14 -4.87 20.09
CA THR G 10 24.06 -4.74 21.05
C THR G 10 24.53 -3.73 22.08
N VAL G 11 23.85 -2.59 22.13
CA VAL G 11 24.32 -1.48 22.94
C VAL G 11 23.98 -1.73 24.41
N GLY G 12 24.99 -1.63 25.27
CA GLY G 12 24.75 -1.70 26.69
C GLY G 12 24.74 -3.08 27.29
N VAL G 13 25.53 -4.01 26.78
CA VAL G 13 25.67 -5.33 27.38
C VAL G 13 27.16 -5.66 27.47
N PRO G 14 27.62 -6.30 28.55
CA PRO G 14 29.03 -6.65 28.66
C PRO G 14 29.35 -7.88 27.81
N TYR G 15 30.34 -7.74 26.94
CA TYR G 15 30.92 -8.90 26.29
C TYR G 15 32.29 -9.16 26.87
N LYS G 16 32.59 -10.44 27.04
CA LYS G 16 33.81 -10.87 27.70
C LYS G 16 34.73 -11.48 26.67
N THR G 17 35.95 -10.97 26.60
CA THR G 17 37.03 -11.60 25.86
C THR G 17 38.11 -12.03 26.84
N LEU G 18 38.86 -13.05 26.46
CA LEU G 18 39.90 -13.58 27.34
C LEU G 18 41.24 -13.49 26.63
N VAL G 19 42.20 -12.86 27.28
CA VAL G 19 43.58 -12.85 26.82
C VAL G 19 44.25 -14.09 27.42
N ASN G 20 44.45 -15.11 26.59
CA ASN G 20 45.13 -16.34 26.98
C ASN G 20 46.59 -16.27 26.56
N ARG G 21 47.31 -15.33 27.14
CA ARG G 21 48.72 -15.20 26.81
C ARG G 21 49.52 -16.25 27.57
N PRO G 22 50.24 -17.14 26.90
CA PRO G 22 51.08 -18.09 27.62
C PRO G 22 52.28 -17.41 28.23
N GLY G 23 52.79 -18.02 29.30
CA GLY G 23 53.78 -17.37 30.13
C GLY G 23 53.19 -16.39 31.11
N TYR G 24 51.89 -16.17 31.08
CA TYR G 24 51.25 -15.15 31.89
C TYR G 24 49.92 -15.68 32.39
N SER G 25 49.47 -15.12 33.50
CA SER G 25 48.11 -15.38 33.95
C SER G 25 47.12 -14.78 32.96
N PRO G 26 46.02 -15.47 32.67
CA PRO G 26 45.07 -14.95 31.67
C PRO G 26 44.32 -13.75 32.22
N MET G 27 43.84 -12.92 31.30
CA MET G 27 43.15 -11.70 31.71
C MET G 27 41.84 -11.59 30.95
N VAL G 28 40.74 -11.65 31.65
CA VAL G 28 39.45 -11.45 31.02
C VAL G 28 39.11 -9.97 31.05
N LEU G 29 38.42 -9.50 30.03
CA LEU G 29 38.09 -8.10 29.90
C LEU G 29 36.71 -7.93 29.29
N GLU G 30 36.07 -6.84 29.66
CA GLU G 30 34.68 -6.57 29.32
C GLU G 30 34.56 -5.33 28.46
N MET G 31 33.79 -5.46 27.38
CA MET G 31 33.48 -4.35 26.50
C MET G 31 31.99 -4.06 26.58
N GLU G 32 31.65 -2.79 26.61
CA GLU G 32 30.24 -2.40 26.59
C GLU G 32 30.09 -1.16 25.73
N LEU G 33 29.24 -1.25 24.72
CA LEU G 33 29.03 -0.11 23.85
C LEU G 33 28.01 0.83 24.47
N GLN G 34 28.28 2.12 24.37
CA GLN G 34 27.34 3.15 24.78
C GLN G 34 26.61 3.79 23.62
N SER G 35 27.28 3.97 22.49
CA SER G 35 26.68 4.58 21.32
C SER G 35 27.47 4.20 20.08
N VAL G 36 26.77 4.00 18.98
CA VAL G 36 27.41 3.86 17.67
C VAL G 36 26.66 4.75 16.69
N THR G 37 27.36 5.74 16.14
CA THR G 37 26.74 6.78 15.34
C THR G 37 27.24 6.76 13.91
N LEU G 38 26.34 7.10 13.00
CA LEU G 38 26.65 7.16 11.57
C LEU G 38 26.26 8.54 11.07
N GLU G 39 27.23 9.31 10.61
CA GLU G 39 26.96 10.63 10.09
C GLU G 39 27.05 10.58 8.57
N PRO G 40 25.95 10.67 7.86
CA PRO G 40 26.01 10.56 6.40
C PRO G 40 26.52 11.81 5.69
N THR G 41 26.43 11.79 4.36
CA THR G 41 26.98 12.84 3.51
C THR G 41 26.20 14.15 3.65
N LEU G 42 26.92 15.25 3.88
CA LEU G 42 26.31 16.56 4.07
C LEU G 42 26.23 17.30 2.74
N SER G 43 25.35 16.84 1.87
CA SER G 43 25.17 17.41 0.54
C SER G 43 23.81 18.10 0.46
N LEU G 44 23.82 19.42 0.63
CA LEU G 44 22.57 20.17 0.56
C LEU G 44 22.15 20.35 -0.89
N ASP G 45 20.86 20.26 -1.16
CA ASP G 45 20.34 20.65 -2.46
C ASP G 45 19.71 22.03 -2.42
N TYR G 46 18.66 22.22 -1.63
CA TYR G 46 18.02 23.53 -1.55
C TYR G 46 17.14 23.59 -0.30
N ILE G 47 16.49 24.73 -0.12
CA ILE G 47 15.66 24.98 1.05
C ILE G 47 14.24 25.25 0.58
N THR G 48 13.33 25.36 1.54
CA THR G 48 11.91 25.46 1.25
C THR G 48 11.22 26.14 2.43
N CYS G 49 10.47 27.20 2.16
CA CYS G 49 9.81 27.93 3.23
C CYS G 49 8.55 28.58 2.65
N GLU G 50 8.01 29.55 3.38
CA GLU G 50 6.82 30.26 2.94
C GLU G 50 7.21 31.47 2.11
N TYR G 51 6.24 32.05 1.42
CA TYR G 51 6.54 33.21 0.61
C TYR G 51 5.77 34.42 1.11
N LYS G 52 5.96 35.55 0.43
CA LYS G 52 5.12 36.72 0.59
C LYS G 52 4.71 37.18 -0.79
N THR G 53 3.42 37.11 -1.07
CA THR G 53 2.92 37.65 -2.32
C THR G 53 2.87 39.16 -2.21
N VAL G 54 3.66 39.84 -3.02
CA VAL G 54 3.70 41.29 -3.04
C VAL G 54 2.73 41.77 -4.11
N ILE G 55 1.76 42.57 -3.66
CA ILE G 55 0.77 43.17 -4.52
C ILE G 55 0.95 44.69 -4.41
N PRO G 56 1.48 45.35 -5.44
CA PRO G 56 1.48 46.81 -5.43
C PRO G 56 0.07 47.35 -5.57
N SER G 57 -0.07 48.62 -5.20
CA SER G 57 -1.35 49.27 -5.33
C SER G 57 -1.68 49.48 -6.81
N PRO G 58 -2.92 49.23 -7.23
CA PRO G 58 -3.18 49.07 -8.66
C PRO G 58 -3.20 50.39 -9.41
N TYR G 59 -2.61 50.36 -10.61
CA TYR G 59 -2.57 51.49 -11.54
C TYR G 59 -3.93 51.61 -12.20
N VAL G 60 -4.84 52.33 -11.55
CA VAL G 60 -6.10 52.65 -12.20
C VAL G 60 -5.84 53.74 -13.25
N LYS G 61 -6.09 53.40 -14.51
CA LYS G 61 -5.85 54.34 -15.60
C LYS G 61 -7.15 55.07 -15.91
N CYS G 62 -7.06 56.39 -15.96
CA CYS G 62 -8.23 57.25 -15.96
C CYS G 62 -8.39 57.85 -17.35
N CYS G 63 -9.49 57.47 -18.03
CA CYS G 63 -9.76 57.84 -19.43
C CYS G 63 -8.62 57.46 -20.36
N GLY G 64 -8.03 56.29 -20.13
CA GLY G 64 -6.91 55.84 -20.94
C GLY G 64 -6.84 54.34 -21.03
N THR G 65 -6.31 53.86 -22.15
CA THR G 65 -6.12 52.44 -22.40
C THR G 65 -4.70 52.09 -21.98
N ALA G 66 -4.55 51.60 -20.76
CA ALA G 66 -3.23 51.33 -20.22
C ALA G 66 -2.64 50.03 -20.75
N GLU G 67 -1.32 49.97 -20.75
CA GLU G 67 -0.60 48.73 -20.99
C GLU G 67 0.63 48.69 -20.09
N CYS G 68 1.03 47.48 -19.71
CA CYS G 68 2.17 47.32 -18.82
C CYS G 68 3.28 46.50 -19.47
N LYS G 69 4.43 46.50 -18.81
CA LYS G 69 5.68 45.98 -19.37
C LYS G 69 6.21 44.90 -18.46
N ASP G 70 6.95 43.95 -19.03
CA ASP G 70 7.47 42.83 -18.26
C ASP G 70 8.81 43.19 -17.65
N LYS G 71 8.88 43.16 -16.32
CA LYS G 71 10.11 43.37 -15.58
C LYS G 71 10.50 42.05 -14.92
N SER G 72 11.75 41.65 -15.08
CA SER G 72 12.20 40.29 -14.80
C SER G 72 12.19 40.02 -13.30
N LEU G 73 11.21 39.24 -12.86
CA LEU G 73 10.99 38.93 -11.46
C LEU G 73 10.38 37.53 -11.37
N PRO G 74 10.55 36.82 -10.25
CA PRO G 74 10.00 35.46 -10.14
C PRO G 74 8.48 35.48 -10.06
N ASP G 75 7.85 34.86 -11.07
CA ASP G 75 6.40 34.83 -11.25
C ASP G 75 5.79 36.23 -11.26
N TYR G 76 6.46 37.12 -11.97
CA TYR G 76 5.92 38.45 -12.19
C TYR G 76 4.75 38.36 -13.16
N SER G 77 3.65 39.02 -12.82
CA SER G 77 2.53 39.00 -13.74
C SER G 77 1.77 40.30 -13.67
N CYS G 78 1.28 40.73 -14.83
CA CYS G 78 0.52 41.96 -14.96
C CYS G 78 -0.64 41.73 -15.92
N LYS G 79 -1.65 42.58 -15.79
CA LYS G 79 -2.88 42.37 -16.53
C LYS G 79 -3.66 43.68 -16.56
N VAL G 80 -4.32 43.94 -17.68
CA VAL G 80 -5.11 45.15 -17.87
C VAL G 80 -6.57 44.76 -18.05
N PHE G 81 -7.46 45.60 -17.54
CA PHE G 81 -8.89 45.32 -17.54
C PHE G 81 -9.66 46.56 -17.92
N THR G 82 -10.80 46.37 -18.57
CA THR G 82 -11.60 47.47 -19.09
C THR G 82 -12.88 47.64 -18.27
N GLY G 83 -13.39 48.87 -18.29
CA GLY G 83 -14.69 49.19 -17.75
C GLY G 83 -14.83 49.06 -16.26
N VAL G 84 -13.72 48.99 -15.53
CA VAL G 84 -13.80 48.90 -14.08
C VAL G 84 -14.30 50.21 -13.50
N TYR G 85 -14.86 50.12 -12.31
CA TYR G 85 -15.44 51.34 -11.77
C TYR G 85 -15.27 51.33 -10.25
N PRO G 86 -14.33 52.10 -9.72
CA PRO G 86 -14.09 52.11 -8.28
C PRO G 86 -15.20 52.85 -7.55
N PHE G 87 -15.23 52.64 -6.25
CA PHE G 87 -16.17 53.36 -5.41
C PHE G 87 -15.55 53.73 -4.08
N MET G 88 -15.67 55.01 -3.78
CA MET G 88 -15.20 55.61 -2.55
C MET G 88 -16.32 56.57 -2.15
N TRP G 89 -15.96 57.58 -1.35
CA TRP G 89 -16.94 58.58 -0.90
C TRP G 89 -17.62 59.28 -2.07
N GLY G 90 -16.85 59.87 -2.96
CA GLY G 90 -17.43 60.60 -4.07
C GLY G 90 -17.64 59.77 -5.32
N GLY G 91 -18.27 58.61 -5.16
CA GLY G 91 -18.52 57.76 -6.29
C GLY G 91 -17.22 57.17 -6.78
N ALA G 92 -16.96 57.35 -8.08
CA ALA G 92 -15.75 56.79 -8.64
C ALA G 92 -14.56 57.67 -8.36
N TYR G 93 -13.37 57.07 -8.49
CA TYR G 93 -12.13 57.82 -8.40
C TYR G 93 -11.95 58.75 -9.59
N CYS G 94 -12.59 58.44 -10.71
CA CYS G 94 -12.61 59.33 -11.86
C CYS G 94 -14.02 59.80 -12.20
N PHE G 95 -14.06 60.75 -13.11
CA PHE G 95 -15.27 61.12 -13.84
C PHE G 95 -15.49 60.22 -15.05
N CYS G 96 -14.47 59.48 -15.47
CA CYS G 96 -14.49 58.72 -16.71
C CYS G 96 -15.41 57.51 -16.61
N ASP G 97 -15.90 57.06 -17.75
CA ASP G 97 -16.86 55.95 -17.77
C ASP G 97 -16.33 54.70 -18.49
N ALA G 98 -15.97 54.81 -19.77
CA ALA G 98 -15.67 53.62 -20.56
C ALA G 98 -14.18 53.26 -20.52
N GLU G 99 -13.31 54.25 -20.69
CA GLU G 99 -11.88 54.02 -20.71
C GLU G 99 -11.26 54.03 -19.32
N ASN G 100 -12.07 53.96 -18.28
CA ASN G 100 -11.55 53.69 -16.94
C ASN G 100 -11.04 52.25 -16.93
N THR G 101 -9.72 52.09 -16.93
CA THR G 101 -9.09 50.79 -17.08
C THR G 101 -8.22 50.48 -15.88
N GLN G 102 -7.67 49.27 -15.87
CA GLN G 102 -6.97 48.73 -14.72
C GLN G 102 -5.67 48.09 -15.19
N LEU G 103 -4.55 48.76 -14.93
CA LEU G 103 -3.23 48.17 -15.02
C LEU G 103 -2.86 47.65 -13.65
N SER G 104 -3.00 46.34 -13.45
CA SER G 104 -2.80 45.75 -12.14
C SER G 104 -1.78 44.64 -12.25
N GLU G 105 -0.86 44.58 -11.29
CA GLU G 105 0.16 43.55 -11.33
C GLU G 105 0.42 43.01 -9.93
N ALA G 106 1.01 41.83 -9.90
CA ALA G 106 1.41 41.19 -8.65
C ALA G 106 2.55 40.23 -8.94
N HIS G 107 3.30 39.92 -7.90
CA HIS G 107 4.40 38.94 -8.01
C HIS G 107 4.66 38.38 -6.62
N VAL G 108 5.65 37.51 -6.51
CA VAL G 108 5.89 36.80 -5.25
C VAL G 108 7.37 36.86 -4.92
N GLU G 109 7.66 37.04 -3.63
CA GLU G 109 9.04 37.03 -3.16
C GLU G 109 9.13 36.06 -1.98
N LYS G 110 10.35 35.80 -1.54
CA LYS G 110 10.60 34.94 -0.40
C LYS G 110 10.21 35.67 0.87
N SER G 111 9.78 34.92 1.87
CA SER G 111 9.43 35.49 3.16
C SER G 111 10.69 35.76 3.96
N GLU G 112 10.63 36.75 4.84
CA GLU G 112 11.76 37.01 5.72
C GLU G 112 11.76 36.05 6.90
N SER G 113 10.64 35.37 7.16
CA SER G 113 10.60 34.33 8.18
C SER G 113 11.42 33.11 7.79
N CYS G 114 11.82 33.02 6.53
CA CYS G 114 12.79 32.04 6.06
C CYS G 114 14.23 32.37 6.46
N LYS G 115 14.44 33.46 7.20
CA LYS G 115 15.79 33.72 7.71
C LYS G 115 16.11 32.78 8.87
N THR G 116 15.09 32.32 9.59
CA THR G 116 15.30 31.35 10.67
C THR G 116 14.48 30.09 10.53
N GLU G 117 13.43 30.08 9.72
CA GLU G 117 12.46 28.98 9.70
C GLU G 117 12.28 28.51 8.26
N PHE G 118 12.65 27.26 8.00
CA PHE G 118 12.47 26.63 6.70
C PHE G 118 12.61 25.13 6.88
N ALA G 119 12.75 24.43 5.76
CA ALA G 119 13.21 23.06 5.73
C ALA G 119 14.18 22.92 4.57
N SER G 120 14.81 21.76 4.45
CA SER G 120 15.86 21.56 3.47
C SER G 120 15.67 20.24 2.74
N ALA G 121 15.69 20.29 1.41
CA ALA G 121 15.91 19.09 0.62
C ALA G 121 17.40 18.89 0.47
N TYR G 122 17.85 17.66 0.71
CA TYR G 122 19.23 17.43 1.05
C TYR G 122 19.60 16.00 0.67
N ARG G 123 20.88 15.78 0.39
CA ARG G 123 21.37 14.56 -0.22
C ARG G 123 22.39 13.90 0.70
N ALA G 124 22.33 12.58 0.82
CA ALA G 124 23.27 11.87 1.66
C ALA G 124 23.47 10.45 1.14
N HIS G 125 24.67 9.93 1.34
CA HIS G 125 24.93 8.50 1.19
C HIS G 125 25.96 8.12 2.24
N THR G 126 26.59 6.96 2.05
CA THR G 126 27.29 6.13 3.05
C THR G 126 28.18 6.91 4.01
N ALA G 127 28.08 6.55 5.29
CA ALA G 127 28.42 7.41 6.39
C ALA G 127 29.82 7.13 6.92
N SER G 128 30.11 7.72 8.08
CA SER G 128 31.33 7.47 8.83
C SER G 128 30.92 7.00 10.22
N ALA G 129 31.31 5.78 10.57
CA ALA G 129 30.87 5.15 11.81
C ALA G 129 31.82 5.54 12.94
N SER G 130 31.24 5.97 14.07
CA SER G 130 31.99 6.26 15.27
C SER G 130 31.34 5.51 16.43
N ALA G 131 32.06 5.44 17.56
CA ALA G 131 31.59 4.63 18.67
C ALA G 131 32.14 5.14 19.99
N LYS G 132 31.44 4.77 21.06
CA LYS G 132 31.84 5.05 22.43
C LYS G 132 31.83 3.75 23.21
N LEU G 133 32.97 3.40 23.78
CA LEU G 133 33.17 2.07 24.34
C LEU G 133 33.68 2.17 25.76
N ARG G 134 32.98 1.52 26.69
CA ARG G 134 33.42 1.43 28.08
C ARG G 134 34.08 0.08 28.30
N VAL G 135 35.29 0.11 28.86
CA VAL G 135 36.01 -1.09 29.26
C VAL G 135 36.44 -0.96 30.70
N LEU G 136 35.99 -1.89 31.54
CA LEU G 136 36.43 -1.94 32.94
C LEU G 136 37.76 -2.68 32.96
N TYR G 137 38.81 -1.92 32.74
CA TYR G 137 40.15 -2.46 32.55
C TYR G 137 40.97 -2.27 33.81
N GLN G 138 41.44 -3.38 34.39
CA GLN G 138 42.19 -3.43 35.65
C GLN G 138 41.43 -2.77 36.79
N GLY G 139 40.13 -3.05 36.86
CA GLY G 139 39.29 -2.42 37.86
C GLY G 139 39.05 -0.95 37.64
N ASN G 140 39.28 -0.44 36.43
CA ASN G 140 39.16 0.99 36.14
C ASN G 140 38.23 1.15 34.94
N ASN G 141 37.07 1.76 35.18
CA ASN G 141 36.12 2.03 34.10
C ASN G 141 36.72 3.12 33.23
N ILE G 142 37.14 2.76 32.03
CA ILE G 142 37.61 3.71 31.05
C ILE G 142 36.60 3.78 29.91
N THR G 143 36.58 4.91 29.23
CA THR G 143 35.69 5.10 28.10
C THR G 143 36.47 5.75 26.97
N VAL G 144 36.28 5.22 25.76
CA VAL G 144 37.00 5.69 24.59
C VAL G 144 36.00 6.09 23.52
N ALA G 145 36.26 7.23 22.89
CA ALA G 145 35.40 7.75 21.83
C ALA G 145 36.18 7.69 20.53
N ALA G 146 35.97 6.64 19.75
CA ALA G 146 36.78 6.37 18.58
C ALA G 146 35.91 6.35 17.34
N TYR G 147 36.52 6.04 16.21
CA TYR G 147 35.83 6.00 14.93
C TYR G 147 35.78 4.56 14.45
N ALA G 148 34.58 4.08 14.15
CA ALA G 148 34.36 2.65 13.90
C ALA G 148 34.47 2.35 12.41
N ASN G 149 35.62 2.70 11.86
CA ASN G 149 35.89 2.44 10.46
C ASN G 149 37.31 1.97 10.19
N GLY G 150 38.09 1.66 11.22
CA GLY G 150 39.36 1.01 11.05
C GLY G 150 40.55 1.91 10.79
N ASP G 151 40.46 3.19 11.14
CA ASP G 151 41.57 4.11 10.90
C ASP G 151 41.85 5.03 12.09
N HIS G 152 41.28 4.75 13.26
CA HIS G 152 41.43 5.61 14.42
C HIS G 152 42.04 4.79 15.56
N ALA G 153 43.35 4.81 15.63
CA ALA G 153 44.03 4.25 16.79
C ALA G 153 43.94 5.24 17.94
N VAL G 154 43.55 4.76 19.11
CA VAL G 154 43.50 5.64 20.27
C VAL G 154 43.93 4.85 21.50
N THR G 155 44.65 5.52 22.39
CA THR G 155 45.22 4.86 23.55
C THR G 155 44.76 5.53 24.83
N VAL G 156 44.68 4.71 25.88
CA VAL G 156 44.44 5.15 27.25
C VAL G 156 45.36 4.36 28.15
N LYS G 157 46.18 5.07 28.93
CA LYS G 157 47.25 4.57 29.79
C LYS G 157 48.06 3.45 29.12
N ASP G 158 48.70 3.85 28.02
CA ASP G 158 49.40 3.06 27.01
C ASP G 158 48.69 1.75 26.65
N ALA G 159 47.37 1.82 26.48
CA ALA G 159 46.59 0.70 25.97
C ALA G 159 45.95 1.16 24.66
N LYS G 160 46.25 0.47 23.57
CA LYS G 160 45.89 0.90 22.23
C LYS G 160 44.67 0.15 21.73
N PHE G 161 43.76 0.86 21.09
CA PHE G 161 42.55 0.28 20.53
C PHE G 161 42.38 0.73 19.09
N VAL G 162 42.02 -0.21 18.23
CA VAL G 162 41.62 0.07 16.87
C VAL G 162 40.31 -0.65 16.58
N VAL G 163 39.29 0.10 16.17
CA VAL G 163 37.93 -0.42 16.07
C VAL G 163 37.43 -0.21 14.65
N GLY G 164 36.77 -1.24 14.14
CA GLY G 164 36.22 -1.18 12.81
C GLY G 164 37.15 -1.79 11.79
N PRO G 165 36.75 -1.78 10.50
CA PRO G 165 35.51 -1.22 9.96
C PRO G 165 34.35 -2.17 10.08
N MET G 166 33.14 -1.61 9.96
CA MET G 166 31.91 -2.34 10.30
C MET G 166 31.68 -3.49 9.35
N SER G 167 31.15 -4.59 9.87
CA SER G 167 30.94 -5.77 9.05
C SER G 167 29.72 -5.63 8.14
N SER G 168 28.94 -4.57 8.28
CA SER G 168 27.75 -4.33 7.46
C SER G 168 27.64 -2.83 7.22
N ALA G 169 27.78 -2.42 5.95
CA ALA G 169 27.70 -1.02 5.59
C ALA G 169 26.32 -0.60 5.15
N TRP G 170 25.28 -1.28 5.63
CA TRP G 170 23.92 -0.87 5.34
C TRP G 170 23.58 0.38 6.14
N THR G 171 22.72 1.20 5.59
CA THR G 171 22.23 2.35 6.34
C THR G 171 20.71 2.32 6.41
N PRO G 172 20.11 2.91 7.45
CA PRO G 172 18.66 3.11 7.43
C PRO G 172 18.23 4.34 6.64
N PHE G 173 19.10 4.84 5.76
CA PHE G 173 18.84 6.02 4.97
C PHE G 173 18.69 5.65 3.51
N ASP G 174 17.86 6.41 2.81
CA ASP G 174 17.92 6.48 1.37
C ASP G 174 18.71 7.74 1.00
N ASN G 175 18.73 8.09 -0.28
CA ASN G 175 19.62 9.15 -0.72
C ASN G 175 19.00 10.54 -0.65
N LYS G 176 17.70 10.68 -0.89
CA LYS G 176 17.05 11.98 -0.87
C LYS G 176 16.34 12.12 0.47
N ILE G 177 16.71 13.14 1.24
CA ILE G 177 16.18 13.33 2.59
C ILE G 177 15.67 14.75 2.71
N VAL G 178 14.47 14.91 3.24
CA VAL G 178 14.04 16.23 3.66
C VAL G 178 14.26 16.33 5.16
N VAL G 179 14.77 17.47 5.59
CA VAL G 179 15.01 17.71 7.01
C VAL G 179 14.36 19.02 7.42
N TYR G 180 13.47 18.94 8.38
CA TYR G 180 12.92 20.06 9.12
C TYR G 180 13.62 20.09 10.47
N LYS G 181 13.51 21.20 11.18
CA LYS G 181 14.31 21.51 12.37
C LYS G 181 14.28 20.47 13.49
N GLY G 182 13.31 19.56 13.47
CA GLY G 182 13.33 18.45 14.40
C GLY G 182 13.31 17.10 13.73
N ASP G 183 12.93 17.03 12.47
CA ASP G 183 12.57 15.75 11.87
C ASP G 183 13.26 15.54 10.53
N VAL G 184 13.34 14.28 10.13
CA VAL G 184 13.90 13.89 8.84
C VAL G 184 12.97 12.87 8.20
N TYR G 185 12.93 12.87 6.87
CA TYR G 185 12.09 11.91 6.15
C TYR G 185 12.79 11.46 4.88
N ASN G 186 12.77 10.15 4.65
CA ASN G 186 13.09 9.54 3.36
C ASN G 186 11.94 9.79 2.40
N MET G 187 12.17 10.63 1.40
CA MET G 187 11.18 10.81 0.35
C MET G 187 11.89 11.21 -0.92
N ASP G 188 11.10 11.51 -1.95
CA ASP G 188 11.63 11.94 -3.23
C ASP G 188 11.19 13.37 -3.49
N TYR G 189 12.07 14.31 -3.24
CA TYR G 189 11.70 15.66 -3.59
C TYR G 189 11.94 15.91 -5.07
N PRO G 190 11.15 16.79 -5.69
CA PRO G 190 11.44 17.18 -7.06
C PRO G 190 12.74 17.98 -7.13
N PRO G 191 13.45 17.93 -8.25
CA PRO G 191 14.77 18.57 -8.32
C PRO G 191 14.66 20.08 -8.42
N PHE G 192 15.81 20.71 -8.54
CA PHE G 192 15.87 22.16 -8.63
C PHE G 192 15.33 22.60 -9.98
N GLY G 193 14.21 23.33 -9.96
CA GLY G 193 13.64 23.86 -11.17
C GLY G 193 12.45 23.10 -11.72
N ALA G 194 12.01 22.03 -11.06
CA ALA G 194 10.92 21.21 -11.57
C ALA G 194 9.82 21.08 -10.53
N GLY G 195 9.47 22.20 -9.89
CA GLY G 195 8.60 22.16 -8.74
C GLY G 195 7.14 22.02 -9.13
N ARG G 196 6.53 20.94 -8.65
CA ARG G 196 5.10 20.78 -8.76
C ARG G 196 4.41 21.80 -7.85
N PRO G 197 3.36 22.47 -8.31
CA PRO G 197 2.64 23.42 -7.45
C PRO G 197 1.92 22.72 -6.32
N GLY G 198 1.93 23.33 -5.15
CA GLY G 198 1.35 22.74 -3.97
C GLY G 198 2.19 21.68 -3.30
N GLN G 199 3.36 21.37 -3.84
CA GLN G 199 4.34 20.52 -3.16
C GLN G 199 5.16 21.38 -2.21
N PHE G 200 5.59 20.79 -1.11
CA PHE G 200 6.45 21.52 -0.18
C PHE G 200 7.83 21.58 -0.83
N GLY G 201 8.08 22.70 -1.50
CA GLY G 201 9.28 22.81 -2.32
C GLY G 201 9.01 23.32 -3.70
N ASP G 202 7.81 23.85 -3.94
CA ASP G 202 7.59 24.57 -5.20
C ASP G 202 8.40 25.86 -5.23
N ILE G 203 8.37 26.60 -4.15
CA ILE G 203 9.28 27.73 -4.00
C ILE G 203 10.66 27.17 -3.65
N GLN G 204 11.70 27.73 -4.25
CA GLN G 204 13.01 27.08 -4.21
C GLN G 204 14.10 28.13 -4.12
N SER G 205 15.02 27.95 -3.18
CA SER G 205 16.17 28.83 -3.00
C SER G 205 17.40 28.00 -2.67
N ARG G 206 18.56 28.41 -3.20
CA ARG G 206 19.78 27.64 -3.00
C ARG G 206 20.34 27.84 -1.60
N THR G 207 20.75 29.05 -1.31
CA THR G 207 21.16 29.47 0.01
C THR G 207 19.95 30.06 0.71
N PRO G 208 19.86 29.94 2.04
CA PRO G 208 18.82 30.65 2.78
C PRO G 208 18.84 32.17 2.64
N GLU G 209 19.89 32.77 2.07
CA GLU G 209 19.89 34.18 1.73
C GLU G 209 20.24 34.42 0.26
N SER G 210 20.11 33.41 -0.59
CA SER G 210 20.21 33.61 -2.03
C SER G 210 18.94 34.30 -2.52
N LYS G 211 19.10 35.42 -3.22
CA LYS G 211 17.94 36.25 -3.54
C LYS G 211 17.07 35.62 -4.61
N ASP G 212 17.66 34.82 -5.50
CA ASP G 212 16.86 34.21 -6.54
C ASP G 212 16.04 33.05 -5.99
N VAL G 213 14.82 32.92 -6.49
CA VAL G 213 13.95 31.81 -6.16
C VAL G 213 13.30 31.31 -7.44
N TYR G 214 13.04 30.02 -7.48
CA TYR G 214 12.21 29.45 -8.53
C TYR G 214 10.85 29.09 -7.95
N ALA G 215 9.80 29.39 -8.69
CA ALA G 215 8.46 29.13 -8.20
C ALA G 215 7.52 28.85 -9.36
N ASN G 216 6.48 28.08 -9.09
CA ASN G 216 5.42 27.78 -10.06
C ASN G 216 4.11 27.73 -9.26
N THR G 217 3.43 28.87 -9.18
CA THR G 217 2.36 29.01 -8.20
C THR G 217 1.02 29.49 -8.76
N GLN G 218 0.85 29.52 -10.09
CA GLN G 218 -0.42 29.82 -10.77
C GLN G 218 -0.99 31.18 -10.36
N LEU G 219 -0.24 32.23 -10.71
CA LEU G 219 -0.66 33.59 -10.36
C LEU G 219 -1.44 34.17 -11.53
N VAL G 220 -2.60 33.58 -11.79
CA VAL G 220 -3.51 34.06 -12.80
C VAL G 220 -4.43 35.04 -12.09
N LEU G 221 -4.07 36.33 -12.12
CA LEU G 221 -4.91 37.32 -11.48
C LEU G 221 -6.18 37.54 -12.28
N GLN G 222 -7.27 37.82 -11.58
CA GLN G 222 -8.62 37.78 -12.13
C GLN G 222 -9.13 39.17 -12.42
N ARG G 223 -10.32 39.22 -13.01
CA ARG G 223 -11.01 40.48 -13.20
C ARG G 223 -11.64 40.91 -11.88
N PRO G 224 -11.42 42.13 -11.43
CA PRO G 224 -12.03 42.57 -10.17
C PRO G 224 -13.53 42.74 -10.31
N ALA G 225 -14.19 42.69 -9.16
CA ALA G 225 -15.65 42.75 -9.13
C ALA G 225 -16.12 44.18 -9.33
N ALA G 226 -17.33 44.29 -9.90
CA ALA G 226 -17.92 45.60 -10.13
C ALA G 226 -18.45 46.17 -8.82
N GLY G 227 -18.21 47.47 -8.61
CA GLY G 227 -18.66 48.14 -7.42
C GLY G 227 -17.59 48.41 -6.38
N THR G 228 -16.40 47.82 -6.53
CA THR G 228 -15.33 48.03 -5.58
C THR G 228 -13.99 47.88 -6.27
N VAL G 229 -12.97 48.50 -5.69
CA VAL G 229 -11.61 48.40 -6.22
C VAL G 229 -10.76 47.59 -5.24
N HIS G 230 -10.00 46.65 -5.79
CA HIS G 230 -9.14 45.73 -5.03
C HIS G 230 -8.21 45.10 -6.05
N VAL G 231 -7.45 44.10 -5.62
CA VAL G 231 -6.70 43.28 -6.55
C VAL G 231 -7.07 41.82 -6.31
N PRO G 232 -7.74 41.17 -7.25
CA PRO G 232 -7.99 39.73 -7.10
C PRO G 232 -6.92 38.90 -7.78
N TYR G 233 -6.82 37.65 -7.35
CA TYR G 233 -5.88 36.72 -7.95
C TYR G 233 -6.30 35.30 -7.63
N SER G 234 -6.02 34.40 -8.56
CA SER G 234 -6.15 32.99 -8.27
C SER G 234 -5.03 32.57 -7.32
N GLN G 235 -5.22 31.43 -6.70
CA GLN G 235 -4.42 31.09 -5.53
C GLN G 235 -2.99 30.73 -5.90
N ALA G 236 -2.11 31.02 -4.96
CA ALA G 236 -0.85 30.31 -4.79
C ALA G 236 -1.00 29.45 -3.55
N PRO G 237 -1.47 28.20 -3.68
CA PRO G 237 -1.53 27.32 -2.51
C PRO G 237 -0.15 26.77 -2.18
N SER G 238 0.43 27.24 -1.08
CA SER G 238 1.79 26.85 -0.73
C SER G 238 1.84 25.41 -0.24
N GLY G 239 2.88 24.70 -0.64
CA GLY G 239 3.03 23.33 -0.19
C GLY G 239 3.46 23.25 1.26
N PHE G 240 4.31 24.17 1.70
CA PHE G 240 4.98 24.00 2.98
C PHE G 240 4.05 24.25 4.16
N LYS G 241 3.04 25.11 4.01
CA LYS G 241 2.20 25.42 5.16
C LYS G 241 1.31 24.25 5.53
N TYR G 242 0.94 23.43 4.55
CA TYR G 242 -0.03 22.38 4.78
C TYR G 242 0.57 20.99 4.63
N TRP G 243 1.72 20.86 3.99
CA TRP G 243 2.37 19.56 3.99
C TRP G 243 3.06 19.29 5.30
N LEU G 244 3.13 20.29 6.19
CA LEU G 244 3.40 20.03 7.60
C LEU G 244 2.26 19.26 8.26
N LYS G 245 1.02 19.46 7.80
CA LYS G 245 -0.11 18.74 8.38
C LYS G 245 -0.10 17.28 7.97
N GLU G 246 0.64 16.93 6.92
CA GLU G 246 0.84 15.54 6.52
C GLU G 246 2.30 15.19 6.44
N ARG G 247 3.06 15.52 7.50
CA ARG G 247 4.43 15.03 7.62
C ARG G 247 4.47 13.52 7.61
N GLY G 248 3.49 12.90 8.25
CA GLY G 248 3.44 11.46 8.23
C GLY G 248 4.47 10.88 9.18
N ALA G 249 4.78 9.61 8.95
CA ALA G 249 5.66 8.87 9.84
C ALA G 249 7.09 9.36 9.69
N SER G 250 7.70 9.74 10.81
CA SER G 250 9.09 10.15 10.82
C SER G 250 10.01 8.95 10.59
N LEU G 251 11.28 9.26 10.33
CA LEU G 251 12.28 8.22 10.32
C LEU G 251 12.59 7.75 11.72
N GLN G 252 12.28 8.57 12.73
CA GLN G 252 12.46 8.17 14.12
C GLN G 252 11.60 6.97 14.47
N HIS G 253 10.41 6.91 13.90
CA HIS G 253 9.45 5.88 14.26
C HIS G 253 9.36 4.77 13.23
N THR G 254 10.18 4.81 12.19
CA THR G 254 10.12 3.80 11.14
C THR G 254 11.46 3.15 10.85
N ALA G 255 12.50 3.47 11.59
CA ALA G 255 13.79 2.87 11.31
C ALA G 255 13.85 1.47 11.87
N PRO G 256 14.23 0.47 11.07
CA PRO G 256 14.49 -0.86 11.63
C PRO G 256 15.74 -0.85 12.50
N PHE G 257 15.88 -1.92 13.27
CA PHE G 257 16.98 -2.13 14.22
C PHE G 257 17.10 -1.03 15.27
N GLY G 258 15.98 -0.37 15.58
CA GLY G 258 15.90 0.58 16.68
C GLY G 258 16.82 1.78 16.57
N CYS G 259 17.15 2.18 15.36
CA CYS G 259 18.07 3.29 15.19
C CYS G 259 17.38 4.61 15.50
N GLN G 260 17.83 5.27 16.56
CA GLN G 260 17.29 6.55 16.96
C GLN G 260 17.89 7.63 16.07
N ILE G 261 17.19 8.76 15.98
CA ILE G 261 17.63 9.86 15.14
C ILE G 261 17.64 11.14 15.97
N ALA G 262 18.80 11.76 16.06
CA ALA G 262 18.94 13.15 16.48
C ALA G 262 19.37 13.98 15.29
N THR G 263 19.57 15.27 15.54
CA THR G 263 19.82 16.23 14.48
C THR G 263 21.04 17.08 14.88
N ASN G 264 21.26 18.18 14.14
CA ASN G 264 22.33 19.19 14.13
C ASN G 264 23.74 18.70 14.43
N PRO G 265 24.38 17.93 13.53
CA PRO G 265 23.87 17.30 12.32
C PRO G 265 23.34 15.92 12.63
N VAL G 266 22.83 15.24 11.60
CA VAL G 266 21.94 14.09 11.74
C VAL G 266 22.68 12.92 12.40
N ARG G 267 22.16 12.48 13.55
CA ARG G 267 22.70 11.37 14.32
C ARG G 267 21.81 10.17 14.09
N ALA G 268 22.31 9.18 13.37
CA ALA G 268 21.63 7.90 13.25
C ALA G 268 22.30 6.94 14.22
N VAL G 269 21.83 6.91 15.46
CA VAL G 269 22.55 6.28 16.55
C VAL G 269 21.89 4.96 16.92
N ASN G 270 22.68 4.10 17.58
CA ASN G 270 22.24 2.82 18.16
C ASN G 270 21.67 1.88 17.11
N CYS G 271 22.30 1.87 15.95
CA CYS G 271 21.91 0.97 14.87
C CYS G 271 22.38 -0.43 15.24
N ALA G 272 21.49 -1.22 15.81
CA ALA G 272 21.84 -2.54 16.35
C ALA G 272 21.80 -3.57 15.23
N VAL G 273 22.90 -3.66 14.46
CA VAL G 273 23.01 -4.64 13.39
C VAL G 273 24.47 -4.97 13.18
N GLY G 274 24.75 -6.22 12.82
CA GLY G 274 26.08 -6.63 12.46
C GLY G 274 27.01 -6.82 13.64
N ASN G 275 28.26 -7.11 13.31
CA ASN G 275 29.34 -7.27 14.26
C ASN G 275 30.31 -6.12 14.11
N ILE G 276 31.27 -6.03 15.01
CA ILE G 276 32.30 -5.02 14.96
C ILE G 276 33.63 -5.70 15.29
N PRO G 277 34.66 -5.52 14.48
CA PRO G 277 36.01 -5.90 14.89
C PRO G 277 36.66 -4.83 15.77
N ILE G 278 37.46 -5.32 16.70
CA ILE G 278 38.18 -4.46 17.64
C ILE G 278 39.46 -5.17 18.04
N SER G 279 40.57 -4.44 17.99
CA SER G 279 41.87 -4.99 18.31
C SER G 279 42.54 -4.18 19.38
N ILE G 280 43.15 -4.90 20.31
CA ILE G 280 43.71 -4.38 21.55
C ILE G 280 45.21 -4.58 21.49
N ASP G 281 45.96 -3.56 21.89
CA ASP G 281 47.40 -3.69 22.06
C ASP G 281 47.76 -3.26 23.48
N ILE G 282 48.60 -4.06 24.12
CA ILE G 282 48.91 -3.87 25.53
C ILE G 282 50.26 -4.50 25.85
N PRO G 283 51.12 -3.82 26.60
CA PRO G 283 52.41 -4.41 26.99
C PRO G 283 52.24 -5.43 28.10
N ASP G 284 53.38 -5.90 28.62
CA ASP G 284 53.36 -6.85 29.73
C ASP G 284 53.31 -6.17 31.08
N ALA G 285 53.34 -4.84 31.12
CA ALA G 285 53.18 -4.12 32.38
C ALA G 285 51.78 -4.30 32.94
N ALA G 286 50.78 -4.41 32.07
CA ALA G 286 49.44 -4.71 32.52
C ALA G 286 49.22 -6.21 32.70
N PHE G 287 50.06 -7.03 32.10
CA PHE G 287 49.97 -8.46 32.29
C PHE G 287 50.49 -8.85 33.68
N THR G 288 50.24 -10.09 34.05
CA THR G 288 50.84 -10.69 35.24
C THR G 288 51.31 -12.09 34.89
N ARG G 289 52.49 -12.45 35.40
CA ARG G 289 53.10 -13.74 35.13
C ARG G 289 52.31 -14.86 35.80
N VAL G 290 52.63 -16.10 35.42
CA VAL G 290 52.00 -17.25 36.05
C VAL G 290 52.44 -17.39 37.49
N VAL G 291 53.70 -17.04 37.77
CA VAL G 291 54.20 -17.11 39.13
C VAL G 291 53.63 -15.99 39.99
N ASP G 292 53.16 -14.91 39.38
CA ASP G 292 52.48 -13.86 40.13
C ASP G 292 51.13 -14.35 40.66
N ALA G 293 50.38 -15.03 39.82
CA ALA G 293 49.05 -15.48 40.22
C ALA G 293 49.16 -16.75 41.05
N PRO G 294 48.38 -16.85 42.13
CA PRO G 294 48.37 -18.08 42.91
C PRO G 294 47.59 -19.15 42.17
N SER G 295 48.23 -20.30 41.95
CA SER G 295 47.52 -21.44 41.42
C SER G 295 46.58 -22.00 42.46
N VAL G 296 45.66 -22.86 42.03
CA VAL G 296 44.57 -23.29 42.88
C VAL G 296 44.39 -24.79 42.72
N THR G 297 44.04 -25.46 43.82
CA THR G 297 43.77 -26.89 43.81
C THR G 297 42.46 -27.14 44.55
N ASP G 298 42.03 -28.41 44.52
CA ASP G 298 40.81 -28.89 45.18
C ASP G 298 39.56 -28.16 44.67
N MET G 299 39.35 -28.17 43.36
CA MET G 299 38.17 -27.53 42.78
C MET G 299 37.01 -28.52 42.73
N SER G 300 35.84 -28.07 43.19
CA SER G 300 34.61 -28.84 43.06
C SER G 300 33.44 -27.88 43.02
N CYS G 301 32.66 -27.91 41.96
CA CYS G 301 31.58 -26.95 41.83
C CYS G 301 30.24 -27.57 42.19
N GLU G 302 29.25 -26.70 42.30
CA GLU G 302 27.92 -27.04 42.77
C GLU G 302 26.98 -25.94 42.31
N VAL G 303 25.71 -26.27 42.12
CA VAL G 303 24.69 -25.29 41.78
C VAL G 303 23.58 -25.36 42.82
N PRO G 304 23.35 -24.30 43.59
CA PRO G 304 22.22 -24.31 44.53
C PRO G 304 20.85 -24.28 43.85
N ALA G 305 20.62 -23.30 42.98
CA ALA G 305 19.32 -23.13 42.31
C ALA G 305 19.50 -22.24 41.09
N CYS G 306 19.12 -22.75 39.93
CA CYS G 306 19.34 -22.01 38.70
C CYS G 306 18.05 -21.91 37.89
N THR G 307 17.87 -20.76 37.24
CA THR G 307 16.72 -20.53 36.36
C THR G 307 17.25 -19.76 35.14
N HIS G 308 17.23 -20.39 33.97
CA HIS G 308 17.77 -19.77 32.78
C HIS G 308 16.89 -18.62 32.32
N SER G 309 17.41 -17.40 32.39
CA SER G 309 16.63 -16.21 32.04
C SER G 309 17.58 -15.05 31.79
N SER G 310 16.99 -13.88 31.60
CA SER G 310 17.71 -12.65 31.34
C SER G 310 18.40 -12.09 32.58
N ASP G 311 17.98 -12.51 33.76
CA ASP G 311 18.46 -11.91 34.99
C ASP G 311 19.74 -12.61 35.44
N PHE G 312 20.13 -12.39 36.70
CA PHE G 312 21.16 -13.20 37.37
C PHE G 312 20.53 -14.53 37.77
N GLY G 313 20.21 -15.34 36.76
CA GLY G 313 19.28 -16.43 36.97
C GLY G 313 19.91 -17.69 37.49
N GLY G 314 21.23 -17.72 37.63
CA GLY G 314 21.89 -18.89 38.15
C GLY G 314 22.92 -18.50 39.18
N VAL G 315 23.10 -19.37 40.16
CA VAL G 315 24.09 -19.18 41.21
C VAL G 315 24.97 -20.43 41.21
N ALA G 316 26.27 -20.24 41.41
CA ALA G 316 27.17 -21.38 41.44
C ALA G 316 28.14 -21.22 42.60
N ILE G 317 28.66 -22.34 43.08
CA ILE G 317 29.48 -22.41 44.27
C ILE G 317 30.68 -23.31 43.97
N ILE G 318 31.87 -22.81 44.23
CA ILE G 318 33.11 -23.48 43.86
C ILE G 318 33.99 -23.66 45.08
N LYS G 319 34.35 -24.90 45.38
CA LYS G 319 35.36 -25.22 46.36
C LYS G 319 36.73 -25.21 45.70
N TYR G 320 37.71 -24.69 46.43
CA TYR G 320 39.00 -24.34 45.85
C TYR G 320 40.00 -24.17 46.97
N THR G 321 41.29 -24.25 46.61
CA THR G 321 42.37 -24.01 47.55
C THR G 321 43.50 -23.32 46.79
N ALA G 322 43.54 -21.99 46.88
CA ALA G 322 44.60 -21.23 46.25
C ALA G 322 45.87 -21.31 47.08
N SER G 323 47.00 -21.01 46.44
CA SER G 323 48.27 -21.14 47.12
C SER G 323 48.51 -20.01 48.10
N LYS G 324 48.13 -18.79 47.72
CA LYS G 324 48.34 -17.63 48.59
C LYS G 324 47.27 -16.61 48.27
N LYS G 325 47.46 -15.40 48.78
CA LYS G 325 46.56 -14.30 48.46
C LYS G 325 46.78 -13.85 47.02
N GLY G 326 45.69 -13.57 46.31
CA GLY G 326 45.83 -13.06 44.96
C GLY G 326 44.56 -12.75 44.22
N LYS G 327 44.61 -11.70 43.40
CA LYS G 327 43.52 -11.42 42.46
C LYS G 327 43.67 -12.29 41.24
N CYS G 328 42.56 -12.85 40.76
CA CYS G 328 42.64 -13.73 39.62
C CYS G 328 41.31 -13.76 38.88
N ALA G 329 41.36 -14.20 37.64
CA ALA G 329 40.26 -14.13 36.70
C ALA G 329 39.47 -15.45 36.68
N VAL G 330 38.28 -15.36 36.11
CA VAL G 330 37.42 -16.51 35.89
C VAL G 330 36.75 -16.32 34.53
N HIS G 331 36.69 -17.39 33.74
CA HIS G 331 36.19 -17.27 32.39
C HIS G 331 35.32 -18.48 32.05
N SER G 332 34.16 -18.19 31.45
CA SER G 332 33.27 -19.24 30.98
C SER G 332 33.80 -19.79 29.67
N MET G 333 34.10 -21.09 29.63
CA MET G 333 34.74 -21.65 28.44
C MET G 333 33.75 -21.77 27.28
N THR G 334 32.59 -22.36 27.53
CA THR G 334 31.57 -22.33 26.49
C THR G 334 30.92 -20.95 26.46
N ASN G 335 30.10 -20.74 25.43
CA ASN G 335 29.49 -19.44 25.23
C ASN G 335 28.11 -19.32 25.88
N ALA G 336 27.48 -20.45 26.21
CA ALA G 336 26.11 -20.42 26.73
C ALA G 336 26.06 -19.80 28.12
N VAL G 337 26.87 -20.31 29.04
CA VAL G 337 26.95 -19.70 30.35
C VAL G 337 27.74 -18.40 30.23
N THR G 338 27.35 -17.41 31.02
CA THR G 338 28.14 -16.19 31.13
C THR G 338 28.23 -15.78 32.60
N ILE G 339 29.42 -15.37 32.99
CA ILE G 339 29.70 -14.93 34.34
C ILE G 339 29.73 -13.42 34.39
N ARG G 340 28.96 -12.85 35.32
CA ARG G 340 28.97 -11.42 35.54
C ARG G 340 30.29 -10.96 36.12
N GLU G 341 30.63 -11.46 37.30
CA GLU G 341 31.79 -10.98 38.05
C GLU G 341 33.06 -11.56 37.45
N ALA G 342 33.80 -10.72 36.72
CA ALA G 342 34.87 -11.19 35.84
C ALA G 342 36.09 -11.71 36.57
N ASP G 343 36.40 -11.19 37.75
CA ASP G 343 37.59 -11.59 38.48
C ASP G 343 37.40 -11.26 39.95
N VAL G 344 38.06 -12.04 40.81
CA VAL G 344 37.88 -11.92 42.25
C VAL G 344 39.20 -12.16 42.96
N GLU G 345 39.25 -11.78 44.23
CA GLU G 345 40.37 -12.08 45.11
C GLU G 345 40.15 -13.41 45.79
N VAL G 346 41.20 -14.21 45.92
CA VAL G 346 41.14 -15.51 46.59
C VAL G 346 42.33 -15.62 47.54
N GLU G 347 42.16 -16.45 48.56
CA GLU G 347 43.17 -16.59 49.62
C GLU G 347 43.73 -17.99 49.76
N GLY G 348 42.93 -19.02 49.56
CA GLY G 348 43.34 -20.36 49.90
C GLY G 348 42.17 -21.32 49.95
N ASN G 349 42.13 -22.17 50.97
CA ASN G 349 41.04 -23.14 51.06
C ASN G 349 39.77 -22.44 51.51
N SER G 350 38.82 -22.32 50.57
CA SER G 350 37.56 -21.65 50.81
C SER G 350 36.56 -22.15 49.77
N GLN G 351 35.44 -21.44 49.65
CA GLN G 351 34.49 -21.64 48.59
C GLN G 351 33.93 -20.29 48.19
N LEU G 352 33.46 -20.19 46.95
CA LEU G 352 33.13 -18.91 46.36
C LEU G 352 31.83 -19.03 45.60
N GLN G 353 31.02 -17.97 45.69
CA GLN G 353 29.72 -17.90 45.06
C GLN G 353 29.77 -16.92 43.90
N ILE G 354 29.30 -17.37 42.74
CA ILE G 354 29.21 -16.53 41.55
C ILE G 354 27.78 -16.56 41.04
N SER G 355 27.48 -15.65 40.12
CA SER G 355 26.19 -15.56 39.47
C SER G 355 26.37 -15.66 37.97
N PHE G 356 25.50 -16.38 37.30
CA PHE G 356 25.68 -16.65 35.88
C PHE G 356 24.33 -16.58 35.18
N SER G 357 24.39 -16.32 33.88
CA SER G 357 23.22 -16.41 33.03
C SER G 357 23.48 -17.47 31.97
N THR G 358 22.40 -17.94 31.35
CA THR G 358 22.47 -18.99 30.34
C THR G 358 21.18 -18.98 29.54
N ALA G 359 20.96 -20.04 28.75
CA ALA G 359 19.66 -20.32 28.16
C ALA G 359 19.20 -21.75 28.34
N LEU G 360 20.11 -22.68 28.61
CA LEU G 360 19.78 -24.09 28.62
C LEU G 360 19.36 -24.56 30.00
N ALA G 361 18.43 -25.52 30.05
CA ALA G 361 18.09 -26.19 31.30
C ALA G 361 19.27 -26.94 31.88
N SER G 362 19.75 -27.98 31.17
CA SER G 362 20.83 -28.84 31.68
C SER G 362 22.18 -28.23 31.29
N ALA G 363 22.56 -27.20 32.03
CA ALA G 363 23.78 -26.44 31.76
C ALA G 363 24.98 -27.28 32.16
N GLU G 364 25.67 -27.83 31.17
CA GLU G 364 26.95 -28.47 31.40
C GLU G 364 28.06 -27.45 31.19
N PHE G 365 29.04 -27.45 32.07
CA PHE G 365 29.83 -26.24 32.22
C PHE G 365 31.27 -26.59 32.51
N ARG G 366 32.16 -26.17 31.62
CA ARG G 366 33.59 -26.12 31.86
C ARG G 366 33.93 -24.66 32.11
N VAL G 367 34.68 -24.39 33.17
CA VAL G 367 35.02 -23.02 33.55
C VAL G 367 36.50 -22.96 33.90
N GLN G 368 37.19 -21.95 33.35
CA GLN G 368 38.61 -21.79 33.59
C GLN G 368 38.79 -20.77 34.69
N VAL G 369 39.46 -21.18 35.77
CA VAL G 369 39.83 -20.27 36.86
C VAL G 369 41.31 -20.46 37.15
N CYS G 370 42.10 -19.41 36.90
CA CYS G 370 43.53 -19.32 37.28
C CYS G 370 44.31 -20.51 36.71
N SER G 371 44.39 -20.52 35.37
CA SER G 371 43.80 -21.58 34.59
C SER G 371 43.78 -22.95 35.24
N THR G 372 42.55 -23.41 35.52
CA THR G 372 42.19 -24.73 35.98
C THR G 372 40.78 -24.97 35.44
N GLN G 373 40.56 -26.10 34.80
CA GLN G 373 39.25 -26.41 34.28
C GLN G 373 38.43 -27.08 35.38
N VAL G 374 37.28 -26.49 35.69
CA VAL G 374 36.33 -27.08 36.62
C VAL G 374 35.09 -27.45 35.84
N HIS G 375 34.51 -28.61 36.13
CA HIS G 375 33.31 -29.06 35.46
C HIS G 375 32.14 -29.05 36.44
N CYS G 376 30.96 -28.74 35.91
CA CYS G 376 29.75 -28.65 36.72
C CYS G 376 28.55 -28.92 35.82
N ALA G 377 27.41 -29.17 36.45
CA ALA G 377 26.20 -29.45 35.70
C ALA G 377 25.00 -28.99 36.52
N ALA G 378 24.02 -28.40 35.84
CA ALA G 378 22.84 -27.88 36.49
C ALA G 378 21.61 -28.25 35.69
N ALA G 379 20.48 -28.38 36.41
CA ALA G 379 19.19 -28.67 35.80
C ALA G 379 18.27 -27.49 36.08
N CYS G 380 18.29 -26.49 35.19
CA CYS G 380 17.66 -25.21 35.48
C CYS G 380 16.15 -25.28 35.27
N HIS G 381 15.49 -24.14 35.45
CA HIS G 381 14.03 -24.05 35.36
C HIS G 381 13.66 -22.84 34.52
N PRO G 382 12.49 -22.87 33.88
CA PRO G 382 12.03 -21.69 33.17
C PRO G 382 11.56 -20.63 34.14
N PRO G 383 11.62 -19.35 33.77
CA PRO G 383 11.14 -18.31 34.67
C PRO G 383 9.64 -18.14 34.59
N LYS G 384 9.08 -17.29 35.46
CA LYS G 384 7.64 -17.14 35.56
C LYS G 384 7.09 -15.97 34.77
N ASP G 385 7.86 -14.91 34.61
CA ASP G 385 7.39 -13.74 33.88
C ASP G 385 7.45 -13.98 32.38
N HIS G 386 6.41 -13.56 31.67
CA HIS G 386 6.38 -13.76 30.23
C HIS G 386 7.30 -12.77 29.52
N ILE G 387 7.18 -11.49 29.83
CA ILE G 387 7.81 -10.43 29.06
C ILE G 387 8.48 -9.44 30.00
N VAL G 388 9.78 -9.23 29.82
CA VAL G 388 10.51 -8.19 30.53
C VAL G 388 10.95 -7.17 29.49
N ASN G 389 11.42 -6.00 29.91
CA ASN G 389 11.70 -4.91 28.98
C ASN G 389 13.16 -4.85 28.55
N TYR G 390 14.11 -4.90 29.48
CA TYR G 390 15.52 -4.80 29.19
C TYR G 390 15.98 -6.05 28.43
N PRO G 391 16.94 -5.90 27.51
CA PRO G 391 17.24 -6.99 26.59
C PRO G 391 18.01 -8.12 27.24
N ALA G 392 18.30 -9.14 26.44
CA ALA G 392 19.11 -10.27 26.89
C ALA G 392 19.92 -10.73 25.69
N SER G 393 21.17 -10.29 25.61
CA SER G 393 22.09 -10.76 24.58
C SER G 393 22.99 -11.87 25.09
N HIS G 394 23.19 -11.90 26.41
CA HIS G 394 24.02 -12.90 27.05
C HIS G 394 23.36 -14.27 27.06
N THR G 395 22.03 -14.31 27.00
CA THR G 395 21.32 -15.57 27.05
C THR G 395 21.53 -16.38 25.77
N THR G 396 21.57 -15.70 24.63
CA THR G 396 21.21 -16.30 23.35
C THR G 396 22.23 -17.30 22.84
N LEU G 397 21.72 -18.33 22.18
CA LEU G 397 22.48 -19.32 21.43
C LEU G 397 21.52 -19.92 20.42
N GLY G 398 22.05 -20.42 19.31
CA GLY G 398 21.24 -20.93 18.21
C GLY G 398 20.68 -22.30 18.46
N VAL G 399 20.75 -23.15 17.44
CA VAL G 399 19.96 -24.36 17.37
C VAL G 399 20.63 -25.56 18.03
N GLN G 400 21.85 -25.93 17.62
CA GLN G 400 22.46 -27.16 18.12
C GLN G 400 22.97 -26.88 19.53
N ASP G 401 22.13 -27.23 20.48
CA ASP G 401 22.45 -27.13 21.89
C ASP G 401 22.60 -28.54 22.46
N ILE G 402 23.43 -28.65 23.49
CA ILE G 402 23.28 -29.74 24.43
C ILE G 402 21.89 -29.57 25.05
N SER G 403 21.20 -30.69 25.26
CA SER G 403 19.91 -30.58 25.93
C SER G 403 19.87 -31.50 27.14
N THR G 404 18.68 -31.72 27.68
CA THR G 404 18.46 -32.47 28.91
C THR G 404 18.54 -33.97 28.67
N THR G 405 17.96 -34.74 29.61
CA THR G 405 17.75 -36.18 29.48
C THR G 405 16.95 -36.59 28.25
N ALA G 406 16.28 -35.63 27.60
CA ALA G 406 15.71 -35.88 26.29
C ALA G 406 16.76 -36.28 25.26
N MET G 407 18.02 -35.87 25.45
CA MET G 407 19.09 -36.40 24.62
C MET G 407 19.28 -37.90 24.84
N SER G 408 19.21 -38.34 26.09
CA SER G 408 19.27 -39.77 26.37
C SER G 408 18.05 -40.50 25.84
N TRP G 409 16.90 -39.82 25.85
CA TRP G 409 15.70 -40.39 25.25
C TRP G 409 15.86 -40.55 23.74
N VAL G 410 16.50 -39.58 23.10
CA VAL G 410 16.76 -39.65 21.66
C VAL G 410 17.71 -40.80 21.37
N GLN G 411 18.79 -40.90 22.14
CA GLN G 411 19.74 -42.00 21.96
C GLN G 411 19.14 -43.35 22.31
N LYS G 412 18.09 -43.38 23.13
CA LYS G 412 17.34 -44.60 23.36
C LYS G 412 16.49 -44.95 22.16
N ILE G 413 15.76 -43.97 21.62
CA ILE G 413 14.69 -44.28 20.66
C ILE G 413 15.24 -44.60 19.27
N THR G 414 16.50 -44.29 18.99
CA THR G 414 17.10 -44.62 17.70
C THR G 414 17.77 -45.97 17.69
N GLY G 415 17.24 -46.93 18.45
CA GLY G 415 17.81 -48.26 18.49
C GLY G 415 17.41 -49.04 17.26
N GLY G 416 18.07 -48.76 16.14
CA GLY G 416 17.69 -49.38 14.88
C GLY G 416 18.02 -50.86 14.84
N VAL G 417 17.14 -51.61 14.17
CA VAL G 417 17.34 -53.04 13.96
C VAL G 417 18.04 -53.34 12.64
N GLY G 418 18.75 -52.35 12.08
CA GLY G 418 19.57 -52.57 10.91
C GLY G 418 20.67 -53.58 11.10
N LEU G 419 21.09 -53.84 12.35
CA LEU G 419 22.06 -54.88 12.61
C LEU G 419 21.50 -56.28 12.30
N ILE G 420 20.29 -56.58 12.76
CA ILE G 420 19.74 -57.91 12.52
C ILE G 420 19.24 -58.01 11.08
N VAL G 421 18.77 -56.89 10.50
CA VAL G 421 18.53 -56.82 9.06
C VAL G 421 19.79 -57.16 8.26
N ALA G 422 20.93 -56.59 8.67
CA ALA G 422 22.17 -56.78 7.93
C ALA G 422 22.68 -58.20 8.03
N VAL G 423 22.65 -58.77 9.24
CA VAL G 423 23.14 -60.14 9.38
C VAL G 423 22.18 -61.14 8.75
N ALA G 424 20.88 -60.83 8.66
CA ALA G 424 19.99 -61.65 7.85
C ALA G 424 20.33 -61.54 6.37
N ALA G 425 20.73 -60.34 5.91
CA ALA G 425 21.16 -60.17 4.52
C ALA G 425 22.45 -60.94 4.22
N LEU G 426 23.37 -60.94 5.17
CA LEU G 426 24.57 -61.76 5.04
C LEU G 426 24.24 -63.25 5.05
N ILE G 427 23.20 -63.65 5.80
CA ILE G 427 22.74 -65.04 5.73
C ILE G 427 22.24 -65.37 4.34
N LEU G 428 21.51 -64.43 3.70
CA LEU G 428 21.09 -64.62 2.32
C LEU G 428 22.27 -64.78 1.38
N ILE G 429 23.32 -63.97 1.57
CA ILE G 429 24.42 -64.02 0.60
C ILE G 429 25.31 -65.25 0.82
N VAL G 430 25.44 -65.74 2.06
CA VAL G 430 26.29 -66.91 2.25
C VAL G 430 25.49 -68.20 1.98
N VAL G 431 24.16 -68.17 2.01
CA VAL G 431 23.45 -69.28 1.39
C VAL G 431 23.44 -69.13 -0.14
N LEU G 432 23.58 -67.90 -0.65
CA LEU G 432 23.71 -67.71 -2.08
C LEU G 432 25.09 -68.08 -2.61
N CYS G 433 26.05 -68.39 -1.72
CA CYS G 433 27.38 -68.86 -2.09
C CYS G 433 27.38 -70.03 -3.07
N VAL G 434 26.36 -70.89 -3.05
CA VAL G 434 26.30 -72.00 -4.01
C VAL G 434 25.84 -71.58 -5.39
N SER G 435 25.65 -70.27 -5.63
CA SER G 435 25.48 -69.75 -6.97
C SER G 435 26.20 -68.40 -7.14
N PHE G 436 27.02 -68.00 -6.17
CA PHE G 436 27.49 -66.62 -6.04
C PHE G 436 28.98 -66.44 -6.33
N SER G 437 29.48 -67.03 -7.41
CA SER G 437 30.90 -66.93 -7.72
C SER G 437 31.27 -65.54 -8.23
N ARG G 438 30.73 -65.16 -9.39
CA ARG G 438 31.03 -63.87 -9.98
C ARG G 438 29.86 -62.89 -9.95
N HIS G 439 28.64 -63.37 -9.81
CA HIS G 439 27.45 -62.56 -10.05
C HIS G 439 26.68 -62.27 -8.78
N ASN H 1 12.32 56.42 20.87
CA ASN H 1 11.99 55.00 20.83
C ASN H 1 11.38 54.61 19.49
N PHE H 2 12.24 54.53 18.47
CA PHE H 2 11.91 54.03 17.13
C PHE H 2 10.81 54.85 16.47
N ASN H 3 11.17 56.09 16.13
CA ASN H 3 10.30 56.98 15.37
C ASN H 3 10.66 56.85 13.89
N VAL H 4 9.73 56.32 13.10
CA VAL H 4 9.97 56.13 11.67
C VAL H 4 8.75 56.62 10.91
N TYR H 5 7.72 57.03 11.64
CA TYR H 5 6.36 57.22 11.12
C TYR H 5 5.98 58.68 11.03
N LYS H 6 6.92 59.53 10.60
CA LYS H 6 6.74 60.97 10.67
C LYS H 6 5.72 61.47 9.66
N ALA H 7 5.84 61.05 8.41
CA ALA H 7 4.96 61.50 7.33
C ALA H 7 3.87 60.50 7.05
N THR H 8 3.30 59.89 8.08
CA THR H 8 2.30 58.85 7.93
C THR H 8 0.91 59.37 8.27
N ARG H 9 -0.11 58.78 7.63
CA ARG H 9 -1.50 59.00 7.98
C ARG H 9 -2.26 57.68 7.85
N PRO H 10 -3.33 57.50 8.62
CA PRO H 10 -4.08 56.24 8.54
C PRO H 10 -4.95 56.17 7.29
N TYR H 11 -5.75 55.10 7.25
CA TYR H 11 -6.49 54.73 6.05
C TYR H 11 -7.98 54.82 6.29
N LEU H 12 -8.72 54.90 5.19
CA LEU H 12 -10.15 54.59 5.17
C LEU H 12 -10.41 53.77 3.91
N ALA H 13 -10.44 52.47 4.07
CA ALA H 13 -10.49 51.54 2.96
C ALA H 13 -11.83 50.81 2.99
N HIS H 14 -11.93 49.74 2.22
CA HIS H 14 -13.18 49.00 2.08
C HIS H 14 -13.09 47.73 2.90
N CYS H 15 -14.09 47.49 3.78
CA CYS H 15 -14.11 46.24 4.55
C CYS H 15 -15.30 45.40 4.11
N PRO H 16 -15.10 44.10 3.86
CA PRO H 16 -16.13 43.30 3.17
C PRO H 16 -17.38 43.04 3.97
N ASP H 17 -17.33 43.06 5.30
CA ASP H 17 -18.55 42.93 6.10
C ASP H 17 -18.31 43.51 7.48
N CYS H 18 -19.11 44.51 7.85
CA CYS H 18 -19.13 45.00 9.23
C CYS H 18 -20.28 44.44 10.03
N GLY H 19 -20.81 43.29 9.61
CA GLY H 19 -22.08 42.84 10.11
C GLY H 19 -23.18 43.48 9.31
N GLU H 20 -24.42 43.06 9.61
CA GLU H 20 -25.64 43.47 8.92
C GLU H 20 -25.54 43.25 7.41
N GLY H 21 -24.90 42.16 7.02
CA GLY H 21 -24.82 41.80 5.62
C GLY H 21 -23.79 42.57 4.83
N HIS H 22 -24.10 43.81 4.47
CA HIS H 22 -23.38 44.45 3.38
C HIS H 22 -22.02 44.97 3.83
N SER H 23 -21.23 45.37 2.84
CA SER H 23 -19.86 45.83 3.04
C SER H 23 -19.86 47.27 3.53
N CYS H 24 -18.67 47.84 3.69
CA CYS H 24 -18.59 49.19 4.23
C CYS H 24 -17.28 49.83 3.84
N HIS H 25 -17.15 51.08 4.25
CA HIS H 25 -15.88 51.79 4.22
C HIS H 25 -15.44 51.95 5.67
N SER H 26 -14.33 51.32 6.03
CA SER H 26 -13.89 51.19 7.40
C SER H 26 -12.44 51.63 7.55
N PRO H 27 -12.05 52.11 8.73
CA PRO H 27 -10.63 52.41 8.96
C PRO H 27 -9.82 51.23 9.46
N ILE H 28 -10.44 50.10 9.80
CA ILE H 28 -9.71 48.93 10.24
C ILE H 28 -9.70 47.85 9.16
N ALA H 29 -9.75 48.25 7.89
CA ALA H 29 -9.79 47.27 6.80
C ALA H 29 -8.42 46.63 6.63
N LEU H 30 -8.14 45.59 7.42
CA LEU H 30 -6.90 44.85 7.31
C LEU H 30 -6.88 44.04 6.02
N GLU H 31 -5.67 43.74 5.55
CA GLU H 31 -5.52 43.10 4.25
C GLU H 31 -4.47 42.01 4.19
N ARG H 32 -3.76 41.71 5.27
CA ARG H 32 -2.76 40.65 5.25
C ARG H 32 -2.62 40.05 6.63
N ILE H 33 -2.28 38.76 6.68
CA ILE H 33 -2.17 38.00 7.91
C ILE H 33 -0.78 37.39 7.97
N ARG H 34 -0.24 37.27 9.17
CA ARG H 34 0.98 36.51 9.41
C ARG H 34 0.70 35.44 10.45
N ASN H 35 0.83 34.17 10.06
CA ASN H 35 0.41 33.07 10.92
C ASN H 35 1.34 31.86 10.88
N GLU H 36 2.58 32.03 10.44
CA GLU H 36 3.49 30.91 10.26
C GLU H 36 4.22 30.53 11.54
N ALA H 37 3.93 31.18 12.65
CA ALA H 37 4.57 30.83 13.91
C ALA H 37 4.03 29.49 14.39
N THR H 38 4.93 28.62 14.86
CA THR H 38 4.55 27.27 15.22
C THR H 38 3.65 27.22 16.45
N ASP H 39 3.78 28.16 17.38
CA ASP H 39 2.83 28.23 18.47
C ASP H 39 1.48 28.73 18.01
N GLY H 40 1.45 29.48 16.91
CA GLY H 40 0.21 29.93 16.33
C GLY H 40 -0.26 31.29 16.79
N THR H 41 0.63 32.13 17.29
CA THR H 41 0.22 33.50 17.58
C THR H 41 0.00 34.25 16.27
N LEU H 42 -1.01 35.11 16.28
CA LEU H 42 -1.42 35.84 15.10
C LEU H 42 -0.84 37.24 15.16
N LYS H 43 0.11 37.52 14.30
CA LYS H 43 0.54 38.88 14.02
C LYS H 43 -0.23 39.35 12.79
N ILE H 44 -0.99 40.41 12.93
CA ILE H 44 -1.74 40.94 11.81
C ILE H 44 -1.42 42.41 11.66
N GLN H 45 -1.20 42.83 10.43
CA GLN H 45 -1.07 44.24 10.18
C GLN H 45 -2.45 44.84 9.94
N VAL H 46 -2.74 45.93 10.66
CA VAL H 46 -3.98 46.65 10.48
C VAL H 46 -3.67 47.84 9.60
N SER H 47 -4.69 48.33 8.91
CA SER H 47 -4.45 49.32 7.86
C SER H 47 -4.12 50.68 8.47
N LEU H 48 -4.67 50.96 9.65
CA LEU H 48 -4.32 52.19 10.37
C LEU H 48 -3.01 51.98 11.14
N GLN H 49 -2.68 52.93 12.00
CA GLN H 49 -1.54 52.82 12.88
C GLN H 49 -1.97 53.16 14.30
N ILE H 50 -1.25 52.60 15.28
CA ILE H 50 -1.58 52.79 16.68
C ILE H 50 -0.36 53.36 17.40
N GLY H 51 -0.55 53.65 18.68
CA GLY H 51 0.52 54.09 19.56
C GLY H 51 0.91 55.54 19.45
N ILE H 52 0.48 56.23 18.40
CA ILE H 52 0.95 57.55 18.04
C ILE H 52 -0.22 58.50 18.18
N LYS H 53 0.05 59.75 18.56
CA LYS H 53 -0.95 60.79 18.44
C LYS H 53 -0.77 61.48 17.09
N THR H 54 -1.40 62.63 16.91
CA THR H 54 -1.24 63.42 15.70
C THR H 54 0.00 64.31 15.75
N ASP H 55 0.92 64.08 16.69
CA ASP H 55 2.14 64.87 16.81
C ASP H 55 3.37 63.98 17.01
N ASP H 56 3.32 62.76 16.48
CA ASP H 56 4.40 61.76 16.53
C ASP H 56 4.76 61.40 17.98
N SER H 57 3.80 60.77 18.64
CA SER H 57 3.89 60.44 20.06
C SER H 57 4.31 58.99 20.27
N HIS H 58 4.69 58.69 21.52
CA HIS H 58 5.19 57.38 21.93
C HIS H 58 4.37 56.80 23.07
N ASP H 59 3.11 57.18 23.20
CA ASP H 59 2.34 56.84 24.39
C ASP H 59 1.75 55.43 24.29
N TRP H 60 1.32 54.92 25.44
CA TRP H 60 0.58 53.67 25.53
C TRP H 60 -0.90 53.88 25.72
N THR H 61 -1.43 55.01 25.24
CA THR H 61 -2.85 55.33 25.36
C THR H 61 -3.52 55.46 24.00
N LYS H 62 -3.00 56.30 23.12
CA LYS H 62 -3.76 56.75 21.96
C LYS H 62 -3.37 55.99 20.70
N LEU H 63 -4.25 56.05 19.72
CA LEU H 63 -4.06 55.38 18.44
C LEU H 63 -4.77 56.16 17.35
N ARG H 64 -4.12 56.26 16.20
CA ARG H 64 -4.63 57.07 15.10
C ARG H 64 -5.61 56.29 14.24
N TYR H 65 -6.58 57.01 13.70
CA TYR H 65 -7.44 56.46 12.66
C TYR H 65 -7.95 57.61 11.79
N MET H 66 -8.09 57.35 10.51
CA MET H 66 -8.47 58.38 9.56
C MET H 66 -9.95 58.68 9.67
N ASP H 67 -10.31 59.94 9.45
CA ASP H 67 -11.70 60.37 9.35
C ASP H 67 -11.69 61.67 8.55
N SER H 68 -12.03 61.57 7.26
CA SER H 68 -12.29 62.70 6.35
C SER H 68 -11.14 63.71 6.32
N HIS H 69 -9.95 63.20 5.98
CA HIS H 69 -8.68 63.92 6.11
C HIS H 69 -8.46 64.43 7.54
N THR H 70 -8.56 63.54 8.52
CA THR H 70 -8.26 63.90 9.91
C THR H 70 -7.76 62.65 10.64
N PRO H 71 -6.50 62.59 11.04
CA PRO H 71 -6.09 61.58 12.02
C PRO H 71 -6.69 61.90 13.38
N ALA H 72 -7.47 60.96 13.91
CA ALA H 72 -8.10 61.12 15.21
C ALA H 72 -7.62 60.02 16.13
N ASP H 73 -7.85 60.19 17.43
CA ASP H 73 -7.27 59.30 18.42
C ASP H 73 -8.33 58.51 19.15
N ALA H 74 -7.97 57.27 19.49
CA ALA H 74 -8.80 56.39 20.30
C ALA H 74 -7.89 55.62 21.25
N GLU H 75 -8.47 54.72 22.03
CA GLU H 75 -7.77 54.03 23.11
C GLU H 75 -7.60 52.56 22.76
N ARG H 76 -6.55 51.95 23.32
CA ARG H 76 -6.30 50.52 23.13
C ARG H 76 -7.40 49.64 23.71
N ALA H 77 -8.12 50.13 24.73
CA ALA H 77 -9.26 49.39 25.23
C ALA H 77 -10.43 49.41 24.27
N GLY H 78 -10.42 50.33 23.29
CA GLY H 78 -11.47 50.34 22.29
C GLY H 78 -11.39 49.16 21.34
N LEU H 79 -10.19 48.81 20.90
CA LEU H 79 -10.04 47.68 20.00
C LEU H 79 -10.28 46.36 20.73
N LEU H 80 -10.60 45.34 19.95
CA LEU H 80 -11.03 44.03 20.41
C LEU H 80 -10.97 43.08 19.23
N VAL H 81 -10.50 41.86 19.48
CA VAL H 81 -10.32 40.87 18.43
C VAL H 81 -10.93 39.55 18.89
N ARG H 82 -11.54 38.85 17.95
CA ARG H 82 -12.07 37.54 18.26
C ARG H 82 -12.02 36.64 17.04
N THR H 83 -11.97 35.34 17.27
CA THR H 83 -12.21 34.33 16.24
C THR H 83 -13.38 33.44 16.62
N SER H 84 -13.32 32.81 17.79
CA SER H 84 -14.48 32.21 18.43
C SER H 84 -14.78 32.87 19.76
N ALA H 85 -13.79 32.95 20.62
CA ALA H 85 -13.76 33.75 21.82
C ALA H 85 -12.95 35.01 21.56
N PRO H 86 -13.10 36.04 22.39
CA PRO H 86 -12.16 37.17 22.31
C PRO H 86 -10.74 36.75 22.64
N CYS H 87 -9.79 37.24 21.84
CA CYS H 87 -8.39 36.86 21.97
C CYS H 87 -7.76 37.64 23.12
N THR H 88 -6.44 37.57 23.25
CA THR H 88 -5.73 38.38 24.23
C THR H 88 -4.57 39.07 23.55
N ILE H 89 -4.30 40.31 23.96
CA ILE H 89 -3.47 41.22 23.19
C ILE H 89 -2.09 41.33 23.83
N THR H 90 -1.04 41.12 23.04
CA THR H 90 0.33 41.27 23.53
C THR H 90 1.07 42.41 22.84
N GLY H 91 1.20 42.40 21.52
CA GLY H 91 2.10 43.33 20.86
C GLY H 91 1.43 44.44 20.07
N THR H 92 1.59 45.68 20.49
CA THR H 92 0.85 46.83 19.94
C THR H 92 1.83 47.88 19.41
N MET H 93 2.15 47.83 18.12
CA MET H 93 3.05 48.87 17.61
C MET H 93 2.79 49.12 16.13
N GLY H 94 2.65 50.39 15.79
CA GLY H 94 2.61 50.80 14.40
C GLY H 94 1.34 50.34 13.75
N HIS H 95 1.46 49.73 12.59
CA HIS H 95 0.34 49.11 11.91
C HIS H 95 0.05 47.71 12.40
N PHE H 96 0.73 47.25 13.45
CA PHE H 96 0.88 45.83 13.71
C PHE H 96 0.37 45.48 15.10
N ILE H 97 -0.43 44.42 15.16
CA ILE H 97 -1.01 43.94 16.40
C ILE H 97 -0.85 42.43 16.48
N LEU H 98 -0.34 41.96 17.62
CA LEU H 98 0.05 40.57 17.80
C LEU H 98 -0.71 40.00 18.99
N ALA H 99 -1.44 38.93 18.74
CA ALA H 99 -2.32 38.34 19.74
C ALA H 99 -2.11 36.84 19.77
N ARG H 100 -2.62 36.22 20.83
CA ARG H 100 -2.82 34.78 20.89
C ARG H 100 -4.32 34.57 21.01
N CYS H 101 -4.85 33.60 20.27
CA CYS H 101 -6.29 33.54 20.13
C CYS H 101 -6.71 32.08 19.95
N PRO H 102 -7.92 31.71 20.41
CA PRO H 102 -8.37 30.32 20.27
C PRO H 102 -8.65 29.85 18.85
N LYS H 103 -9.16 28.62 18.76
CA LYS H 103 -9.33 27.92 17.48
C LYS H 103 -10.25 28.69 16.55
N GLY H 104 -9.72 29.06 15.40
CA GLY H 104 -10.37 30.07 14.60
C GLY H 104 -11.09 29.62 13.36
N GLU H 105 -12.33 30.09 13.21
CA GLU H 105 -13.02 30.00 11.94
C GLU H 105 -12.88 31.32 11.17
N THR H 106 -13.13 32.44 11.83
CA THR H 106 -13.11 33.77 11.24
C THR H 106 -12.02 34.62 11.87
N LEU H 107 -12.05 35.92 11.60
CA LEU H 107 -11.45 36.88 12.52
C LEU H 107 -12.27 38.15 12.48
N THR H 108 -12.44 38.79 13.64
CA THR H 108 -13.17 40.04 13.76
C THR H 108 -12.33 41.03 14.54
N VAL H 109 -12.21 42.26 14.03
CA VAL H 109 -11.47 43.32 14.68
C VAL H 109 -12.39 44.51 14.84
N GLY H 110 -12.31 45.20 16.00
CA GLY H 110 -13.13 46.37 16.22
C GLY H 110 -12.46 47.39 17.11
N PHE H 111 -12.95 48.62 16.99
CA PHE H 111 -12.59 49.71 17.90
C PHE H 111 -13.79 50.62 18.00
N THR H 112 -13.70 51.61 18.88
CA THR H 112 -14.81 52.52 19.08
C THR H 112 -14.37 53.95 18.81
N ASP H 113 -15.33 54.77 18.41
CA ASP H 113 -15.06 56.11 17.90
C ASP H 113 -14.72 57.06 19.04
N SER H 114 -14.35 58.29 18.66
CA SER H 114 -14.42 59.40 19.59
C SER H 114 -15.86 59.79 19.86
N ARG H 115 -16.75 59.50 18.90
CA ARG H 115 -18.19 59.58 19.09
C ARG H 115 -18.78 58.26 19.56
N LYS H 116 -17.94 57.34 20.04
CA LYS H 116 -18.31 56.09 20.72
C LYS H 116 -19.03 55.10 19.81
N ILE H 117 -19.05 55.34 18.51
CA ILE H 117 -19.67 54.43 17.55
C ILE H 117 -18.66 53.33 17.27
N SER H 118 -19.02 52.09 17.59
CA SER H 118 -18.09 50.98 17.43
C SER H 118 -17.99 50.60 15.97
N HIS H 119 -16.87 50.90 15.35
CA HIS H 119 -16.57 50.39 14.03
C HIS H 119 -15.90 49.04 14.23
N THR H 120 -16.58 47.98 13.81
CA THR H 120 -16.10 46.62 14.03
C THR H 120 -16.44 45.81 12.80
N CYS H 121 -15.42 45.29 12.13
CA CYS H 121 -15.65 44.53 10.92
C CYS H 121 -14.74 43.30 10.90
N THR H 122 -15.12 42.34 10.07
CA THR H 122 -14.54 41.01 10.08
C THR H 122 -13.85 40.68 8.77
N HIS H 123 -13.04 39.62 8.83
CA HIS H 123 -12.25 39.16 7.73
C HIS H 123 -12.30 37.64 7.71
N PRO H 124 -12.48 37.05 6.54
CA PRO H 124 -12.51 35.59 6.46
C PRO H 124 -11.14 34.95 6.46
N PHE H 125 -10.81 34.23 7.53
CA PHE H 125 -9.56 33.50 7.59
C PHE H 125 -9.69 32.37 8.61
N HIS H 126 -9.35 31.16 8.19
CA HIS H 126 -9.45 29.98 9.02
C HIS H 126 -8.15 29.76 9.77
N HIS H 127 -8.22 29.81 11.09
CA HIS H 127 -7.03 29.71 11.94
C HIS H 127 -7.02 28.39 12.70
N GLU H 128 -6.00 27.59 12.48
CA GLU H 128 -5.73 26.41 13.29
C GLU H 128 -4.29 26.51 13.76
N PRO H 129 -4.03 26.46 15.06
CA PRO H 129 -2.66 26.29 15.52
C PRO H 129 -2.18 24.89 15.19
N PRO H 130 -0.99 24.76 14.62
CA PRO H 130 -0.44 23.42 14.38
C PRO H 130 -0.05 22.77 15.69
N VAL H 131 -0.07 21.47 15.69
CA VAL H 131 0.28 20.70 16.87
C VAL H 131 1.80 20.69 17.00
N ILE H 132 2.27 20.43 18.20
CA ILE H 132 3.70 20.24 18.46
C ILE H 132 3.85 18.92 19.17
N GLY H 133 4.66 18.04 18.62
CA GLY H 133 4.74 16.70 19.13
C GLY H 133 3.70 15.82 18.48
N ARG H 134 3.17 14.91 19.27
CA ARG H 134 2.27 13.88 18.78
C ARG H 134 0.87 13.97 19.40
N GLU H 135 0.62 15.00 20.21
CA GLU H 135 -0.53 15.04 21.09
C GLU H 135 -1.39 16.26 20.76
N ARG H 136 -2.61 16.05 20.31
CA ARG H 136 -3.54 17.14 20.08
C ARG H 136 -3.97 17.69 21.42
N PHE H 137 -3.19 18.63 21.94
CA PHE H 137 -3.15 18.89 23.36
C PHE H 137 -4.17 19.96 23.74
N HIS H 138 -4.11 20.41 24.99
CA HIS H 138 -5.22 21.11 25.62
C HIS H 138 -4.85 22.54 25.93
N SER H 139 -3.80 22.74 26.72
CA SER H 139 -3.15 24.02 26.99
C SER H 139 -1.78 23.68 27.57
N ARG H 140 -1.05 24.68 28.07
CA ARG H 140 0.30 24.41 28.55
C ARG H 140 0.26 23.93 29.99
N PRO H 141 0.65 22.67 30.26
CA PRO H 141 0.53 22.13 31.62
C PRO H 141 1.79 22.23 32.46
N GLN H 142 1.73 21.69 33.68
CA GLN H 142 2.88 21.58 34.57
C GLN H 142 3.99 20.74 33.96
N HIS H 143 3.65 19.58 33.40
CA HIS H 143 4.62 18.70 32.75
C HIS H 143 4.86 19.22 31.35
N GLY H 144 6.04 19.78 31.12
CA GLY H 144 6.40 20.09 29.76
C GLY H 144 7.72 19.48 29.37
N LYS H 145 7.75 18.84 28.21
CA LYS H 145 9.01 18.48 27.59
C LYS H 145 9.39 19.61 26.63
N GLU H 146 10.68 19.86 26.56
CA GLU H 146 11.21 21.08 25.97
C GLU H 146 11.38 20.84 24.48
N LEU H 147 10.35 21.11 23.70
CA LEU H 147 10.36 20.86 22.27
C LEU H 147 10.38 22.18 21.51
N PRO H 148 11.08 22.24 20.37
CA PRO H 148 11.33 23.54 19.73
C PRO H 148 10.07 24.10 19.08
N CYS H 149 10.02 25.43 19.02
CA CYS H 149 8.90 26.14 18.41
C CYS H 149 9.44 27.48 17.91
N SER H 150 8.56 28.33 17.38
CA SER H 150 9.01 29.53 16.72
C SER H 150 8.01 30.65 16.96
N THR H 151 8.43 31.69 17.67
CA THR H 151 7.51 32.74 18.11
C THR H 151 8.04 34.12 17.73
N TYR H 152 7.14 35.08 17.65
CA TYR H 152 7.56 36.47 17.49
C TYR H 152 8.06 37.00 18.82
N VAL H 153 8.98 37.96 18.74
CA VAL H 153 9.51 38.63 19.92
C VAL H 153 8.90 40.02 20.00
N GLN H 154 9.15 40.70 21.11
CA GLN H 154 8.60 42.03 21.35
C GLN H 154 9.57 43.14 21.01
N SER H 155 10.46 42.92 20.04
CA SER H 155 11.37 43.97 19.58
C SER H 155 10.60 44.95 18.73
N THR H 156 10.43 46.19 19.23
CA THR H 156 9.64 47.17 18.51
C THR H 156 10.38 47.74 17.30
N ALA H 157 11.69 47.56 17.24
CA ALA H 157 12.48 47.96 16.09
C ALA H 157 13.14 46.72 15.53
N ALA H 158 12.63 46.22 14.41
CA ALA H 158 13.20 45.04 13.81
C ALA H 158 14.28 45.43 12.83
N THR H 159 14.81 44.42 12.12
CA THR H 159 16.01 44.59 11.32
C THR H 159 15.67 44.40 9.84
N ALA H 160 15.21 45.47 9.21
CA ALA H 160 15.26 45.69 7.75
C ALA H 160 14.52 44.62 6.94
N GLU H 161 13.22 44.55 7.15
CA GLU H 161 12.29 43.84 6.27
C GLU H 161 11.22 44.84 5.87
N GLU H 162 11.40 45.45 4.70
CA GLU H 162 10.90 46.79 4.46
C GLU H 162 9.46 46.79 3.92
N ILE H 163 8.90 47.99 3.87
CA ILE H 163 7.61 48.31 3.27
C ILE H 163 7.64 49.79 2.93
N GLU H 164 7.15 50.12 1.73
CA GLU H 164 7.40 51.44 1.14
C GLU H 164 6.17 52.32 1.36
N VAL H 165 6.42 53.58 1.72
CA VAL H 165 5.37 54.57 1.92
C VAL H 165 5.55 55.67 0.86
N HIS H 166 4.44 56.10 0.29
CA HIS H 166 4.46 57.22 -0.64
C HIS H 166 3.09 57.87 -0.67
N MET H 167 2.95 58.84 -1.55
CA MET H 167 1.84 59.79 -1.47
C MET H 167 0.50 59.15 -1.77
N PRO H 168 -0.50 59.33 -0.92
CA PRO H 168 -1.86 58.90 -1.26
C PRO H 168 -2.41 59.74 -2.40
N PRO H 169 -3.04 59.10 -3.40
CA PRO H 169 -3.38 59.80 -4.64
C PRO H 169 -4.40 60.93 -4.49
N ASP H 170 -5.60 60.61 -4.02
CA ASP H 170 -6.70 61.56 -4.02
C ASP H 170 -7.82 60.99 -3.16
N THR H 171 -8.85 61.80 -2.99
CA THR H 171 -10.08 61.36 -2.35
C THR H 171 -11.28 62.00 -3.04
N PRO H 172 -11.97 61.25 -3.90
CA PRO H 172 -13.22 61.75 -4.48
C PRO H 172 -14.27 61.93 -3.38
N ASP H 173 -14.74 63.16 -3.24
CA ASP H 173 -15.63 63.55 -2.14
C ASP H 173 -16.79 64.33 -2.74
N ARG H 174 -18.00 63.76 -2.70
CA ARG H 174 -19.15 64.42 -3.28
C ARG H 174 -19.94 65.24 -2.27
N THR H 175 -19.27 65.80 -1.27
CA THR H 175 -19.87 66.75 -0.36
C THR H 175 -19.35 68.17 -0.55
N LEU H 176 -18.31 68.35 -1.36
CA LEU H 176 -17.77 69.66 -1.67
C LEU H 176 -18.41 70.28 -2.89
N MET H 177 -19.18 69.52 -3.66
CA MET H 177 -19.84 70.03 -4.85
C MET H 177 -21.30 70.34 -4.54
N THR H 178 -21.51 71.51 -3.96
CA THR H 178 -22.84 71.94 -3.55
C THR H 178 -23.60 72.53 -4.74
N GLN H 179 -24.76 71.95 -5.04
CA GLN H 179 -25.54 72.33 -6.22
C GLN H 179 -26.25 73.66 -5.98
N GLN H 180 -25.71 74.73 -6.57
CA GLN H 180 -26.25 76.08 -6.39
C GLN H 180 -27.13 76.49 -7.56
N SER H 181 -28.28 75.82 -7.68
CA SER H 181 -29.38 76.16 -8.61
C SER H 181 -28.91 76.15 -10.07
N GLY H 182 -28.54 74.97 -10.55
CA GLY H 182 -27.90 74.82 -11.83
C GLY H 182 -26.40 74.96 -11.80
N ASN H 183 -25.87 75.83 -10.95
CA ASN H 183 -24.44 76.00 -10.76
C ASN H 183 -23.98 75.09 -9.62
N VAL H 184 -22.67 74.96 -9.47
CA VAL H 184 -22.09 74.19 -8.38
C VAL H 184 -21.05 75.06 -7.68
N LYS H 185 -21.18 75.19 -6.36
CA LYS H 185 -20.20 75.91 -5.56
C LYS H 185 -19.13 74.93 -5.11
N ILE H 186 -17.95 75.02 -5.71
CA ILE H 186 -16.82 74.19 -5.30
C ILE H 186 -16.17 74.84 -4.07
N THR H 187 -16.26 74.14 -2.94
CA THR H 187 -15.76 74.63 -1.66
C THR H 187 -14.51 73.85 -1.28
N VAL H 188 -13.50 74.54 -0.77
CA VAL H 188 -12.18 73.96 -0.54
C VAL H 188 -11.99 73.54 0.91
N ASN H 189 -12.49 74.35 1.85
CA ASN H 189 -12.55 74.05 3.29
C ASN H 189 -11.15 73.81 3.87
N GLY H 190 -10.17 74.55 3.37
CA GLY H 190 -8.81 74.42 3.86
C GLY H 190 -8.09 73.22 3.31
N GLN H 191 -8.03 73.09 2.00
CA GLN H 191 -7.38 71.97 1.34
C GLN H 191 -6.76 72.45 0.03
N THR H 192 -6.38 71.51 -0.83
CA THR H 192 -5.87 71.80 -2.16
C THR H 192 -6.57 70.85 -3.12
N VAL H 193 -7.57 71.35 -3.83
CA VAL H 193 -8.51 70.52 -4.57
C VAL H 193 -8.25 70.63 -6.07
N ARG H 194 -8.73 69.63 -6.79
CA ARG H 194 -8.66 69.57 -8.25
C ARG H 194 -10.07 69.30 -8.77
N TYR H 195 -10.41 69.88 -9.91
CA TYR H 195 -11.72 69.63 -10.50
C TYR H 195 -11.60 69.09 -11.91
N LYS H 196 -12.76 68.68 -12.44
CA LYS H 196 -12.90 68.22 -13.82
C LYS H 196 -14.38 68.30 -14.15
N CYS H 197 -14.75 69.06 -15.18
CA CYS H 197 -16.15 69.27 -15.51
C CYS H 197 -16.39 69.03 -17.00
N ASN H 198 -17.49 68.36 -17.33
CA ASN H 198 -17.85 68.10 -18.72
C ASN H 198 -18.85 69.13 -19.24
N CYS H 199 -18.57 70.42 -19.07
CA CYS H 199 -19.54 71.46 -19.40
C CYS H 199 -18.79 72.71 -19.85
N GLY H 200 -19.50 73.85 -19.85
CA GLY H 200 -18.90 75.11 -20.25
C GLY H 200 -18.22 75.83 -19.10
N GLY H 201 -17.20 76.62 -19.45
CA GLY H 201 -16.46 77.39 -18.48
C GLY H 201 -15.09 76.79 -18.17
N SER H 202 -14.52 77.28 -17.06
CA SER H 202 -13.26 76.73 -16.55
C SER H 202 -13.54 75.35 -15.99
N ASN H 203 -13.45 74.34 -16.86
CA ASN H 203 -13.99 73.02 -16.58
C ASN H 203 -12.93 71.98 -16.23
N GLU H 204 -11.68 72.17 -16.63
CA GLU H 204 -10.59 71.32 -16.17
C GLU H 204 -9.41 72.18 -15.75
N GLY H 205 -8.97 72.02 -14.51
CA GLY H 205 -7.85 72.77 -13.99
C GLY H 205 -7.76 72.60 -12.49
N LEU H 206 -6.91 73.43 -11.89
CA LEU H 206 -6.72 73.42 -10.45
C LEU H 206 -7.26 74.70 -9.85
N THR H 207 -7.85 74.58 -8.65
CA THR H 207 -8.36 75.72 -7.94
C THR H 207 -8.09 75.54 -6.45
N THR H 208 -8.08 76.66 -5.72
CA THR H 208 -7.88 76.64 -4.28
C THR H 208 -8.86 77.51 -3.51
N THR H 209 -9.81 78.20 -4.17
CA THR H 209 -10.81 79.00 -3.50
C THR H 209 -12.19 78.57 -4.01
N ASP H 210 -13.23 78.87 -3.23
CA ASP H 210 -14.58 78.37 -3.47
C ASP H 210 -15.16 79.01 -4.72
N LYS H 211 -15.09 78.29 -5.84
CA LYS H 211 -15.57 78.83 -7.10
C LYS H 211 -17.05 78.50 -7.28
N VAL H 212 -17.65 79.06 -8.33
CA VAL H 212 -19.01 78.74 -8.72
C VAL H 212 -18.96 78.41 -10.20
N ILE H 213 -19.09 77.13 -10.52
CA ILE H 213 -19.16 76.68 -11.91
C ILE H 213 -20.61 76.80 -12.35
N ASN H 214 -20.86 77.72 -13.27
CA ASN H 214 -22.21 78.11 -13.63
C ASN H 214 -22.83 77.09 -14.57
N ASN H 215 -24.17 76.95 -14.45
CA ASN H 215 -25.07 76.08 -15.21
C ASN H 215 -24.52 74.68 -15.50
N CYS H 216 -23.86 74.08 -14.51
CA CYS H 216 -23.30 72.75 -14.63
C CYS H 216 -23.81 71.90 -13.47
N LYS H 217 -24.42 70.77 -13.79
CA LYS H 217 -25.02 69.95 -12.75
C LYS H 217 -23.95 69.15 -12.00
N ILE H 218 -24.37 68.56 -10.88
CA ILE H 218 -23.45 67.90 -9.96
C ILE H 218 -22.89 66.63 -10.58
N ASP H 219 -23.68 65.97 -11.42
CA ASP H 219 -23.20 64.77 -12.09
C ASP H 219 -22.16 65.10 -13.15
N GLN H 220 -22.18 66.33 -13.68
CA GLN H 220 -21.30 66.67 -14.78
C GLN H 220 -19.97 67.24 -14.32
N CYS H 221 -19.91 67.81 -13.12
CA CYS H 221 -18.64 68.19 -12.53
C CYS H 221 -18.11 67.03 -11.71
N HIS H 222 -16.88 67.19 -11.22
CA HIS H 222 -16.14 66.13 -10.56
C HIS H 222 -15.01 66.78 -9.78
N ALA H 223 -14.75 66.29 -8.58
CA ALA H 223 -13.75 66.92 -7.74
C ALA H 223 -12.98 65.88 -6.96
N ALA H 224 -11.69 66.14 -6.78
CA ALA H 224 -10.83 65.37 -5.90
C ALA H 224 -10.03 66.35 -5.05
N VAL H 225 -9.36 65.82 -4.03
CA VAL H 225 -8.58 66.63 -3.11
C VAL H 225 -7.14 66.14 -3.14
N THR H 226 -6.25 66.93 -3.74
CA THR H 226 -4.84 66.59 -3.82
C THR H 226 -4.17 66.97 -2.50
N ASN H 227 -3.83 65.96 -1.70
CA ASN H 227 -3.10 66.18 -0.47
C ASN H 227 -1.87 65.29 -0.46
N HIS H 228 -0.71 65.90 -0.32
CA HIS H 228 0.57 65.22 -0.36
C HIS H 228 1.39 65.52 0.87
N LYS H 229 0.73 65.69 2.01
CA LYS H 229 1.42 66.08 3.23
C LYS H 229 1.99 64.87 3.94
N ASN H 230 1.14 63.91 4.29
CA ASN H 230 1.60 62.64 4.80
C ASN H 230 1.63 61.62 3.67
N TRP H 231 2.19 60.46 3.97
CA TRP H 231 2.26 59.35 3.03
C TRP H 231 1.60 58.13 3.64
N GLN H 232 1.14 57.23 2.77
CA GLN H 232 0.58 55.96 3.19
C GLN H 232 1.37 54.84 2.55
N TYR H 233 1.27 53.65 3.11
CA TYR H 233 2.08 52.58 2.55
C TYR H 233 1.38 51.98 1.33
N ASN H 234 2.15 51.22 0.57
CA ASN H 234 1.71 50.67 -0.71
C ASN H 234 0.71 49.57 -0.40
N SER H 235 -0.54 49.98 -0.27
CA SER H 235 -1.53 49.02 0.15
C SER H 235 -2.32 48.52 -1.05
N PRO H 236 -2.59 47.22 -1.10
CA PRO H 236 -3.19 46.65 -2.30
C PRO H 236 -4.61 47.08 -2.56
N LEU H 237 -5.36 47.46 -1.52
CA LEU H 237 -6.79 47.65 -1.73
C LEU H 237 -7.09 49.09 -2.13
N VAL H 238 -6.40 50.05 -1.53
CA VAL H 238 -6.55 51.46 -1.93
C VAL H 238 -5.90 51.65 -3.30
N PRO H 239 -6.45 52.49 -4.17
CA PRO H 239 -5.78 52.74 -5.45
C PRO H 239 -4.47 53.46 -5.29
N ARG H 240 -3.55 53.17 -6.21
CA ARG H 240 -2.23 53.75 -6.24
C ARG H 240 -2.30 55.25 -6.56
N ASN H 241 -1.19 55.94 -6.32
CA ASN H 241 -0.94 57.15 -7.07
C ASN H 241 -0.62 56.67 -8.47
N ALA H 242 -1.66 56.54 -9.30
CA ALA H 242 -1.69 55.59 -10.40
C ALA H 242 -1.19 56.18 -11.70
N GLU H 243 -0.20 57.05 -11.62
CA GLU H 243 0.41 57.67 -12.78
C GLU H 243 1.85 57.22 -12.99
N LEU H 244 2.44 56.51 -12.03
CA LEU H 244 3.86 56.24 -12.06
C LEU H 244 4.09 54.90 -11.37
N GLY H 245 5.31 54.39 -11.51
CA GLY H 245 5.69 53.16 -10.84
C GLY H 245 6.20 53.42 -9.44
N ASP H 246 7.48 53.12 -9.20
CA ASP H 246 8.01 53.10 -7.85
C ASP H 246 8.14 54.53 -7.31
N ARG H 247 7.65 54.74 -6.08
CA ARG H 247 7.62 56.06 -5.45
C ARG H 247 8.13 55.93 -4.03
N LYS H 248 9.00 56.85 -3.63
CA LYS H 248 9.99 56.58 -2.60
C LYS H 248 9.56 57.06 -1.21
N GLY H 249 10.42 56.75 -0.23
CA GLY H 249 10.12 56.84 1.19
C GLY H 249 9.94 55.44 1.76
N LYS H 250 10.77 55.00 2.69
CA LYS H 250 10.79 53.59 3.04
C LYS H 250 10.84 53.42 4.55
N ILE H 251 10.06 52.47 5.08
CA ILE H 251 10.20 52.03 6.46
C ILE H 251 10.35 50.51 6.45
N HIS H 252 10.47 49.91 7.64
CA HIS H 252 10.52 48.47 7.74
C HIS H 252 9.60 48.03 8.88
N ILE H 253 9.20 46.76 8.80
CA ILE H 253 8.17 46.27 9.72
C ILE H 253 8.82 45.88 11.02
N PRO H 254 8.12 45.95 12.14
CA PRO H 254 8.66 45.44 13.39
C PRO H 254 8.30 43.97 13.64
N PHE H 255 8.68 43.48 14.82
CA PHE H 255 8.34 42.17 15.39
C PHE H 255 8.79 40.99 14.54
N PRO H 256 10.08 40.67 14.53
CA PRO H 256 10.52 39.48 13.83
C PRO H 256 10.22 38.23 14.63
N LEU H 257 10.50 37.07 14.05
CA LEU H 257 10.32 35.80 14.73
C LEU H 257 11.68 35.19 15.05
N ALA H 258 11.79 34.63 16.24
CA ALA H 258 12.93 33.81 16.64
C ALA H 258 12.43 32.46 17.10
N ASN H 259 13.27 31.44 16.94
CA ASN H 259 12.93 30.12 17.40
C ASN H 259 13.27 29.97 18.87
N VAL H 260 12.30 29.46 19.62
CA VAL H 260 12.43 29.29 21.07
C VAL H 260 12.15 27.83 21.35
N THR H 261 12.11 27.46 22.61
CA THR H 261 11.79 26.08 22.97
C THR H 261 10.75 26.12 24.06
N CYS H 262 9.69 25.31 23.91
CA CYS H 262 8.49 25.44 24.71
C CYS H 262 8.05 24.10 25.27
N ARG H 263 7.07 24.16 26.17
CA ARG H 263 6.69 23.03 27.03
C ARG H 263 5.50 22.31 26.42
N VAL H 264 5.71 21.04 26.06
CA VAL H 264 4.62 20.22 25.53
C VAL H 264 4.17 19.33 26.69
N PRO H 265 2.91 18.89 26.73
CA PRO H 265 2.53 17.90 27.74
C PRO H 265 3.14 16.54 27.49
N LYS H 266 3.32 15.82 28.59
CA LYS H 266 3.63 14.40 28.55
C LYS H 266 2.33 13.61 28.62
N ALA H 267 2.44 12.30 28.60
CA ALA H 267 1.27 11.43 28.64
C ALA H 267 1.30 10.58 29.89
N ARG H 268 0.13 10.10 30.28
CA ARG H 268 0.00 9.29 31.48
C ARG H 268 0.37 7.85 31.15
N ASN H 269 1.16 7.24 32.01
CA ASN H 269 1.68 5.91 31.78
C ASN H 269 0.56 4.88 31.82
N PRO H 270 0.43 4.06 30.84
CA PRO H 270 -0.71 3.15 30.77
C PRO H 270 -0.44 1.87 31.53
N THR H 271 -1.49 1.14 31.89
CA THR H 271 -1.27 -0.11 32.57
C THR H 271 -1.07 -1.22 31.54
N VAL H 272 -0.37 -2.27 31.96
CA VAL H 272 0.20 -3.19 31.00
C VAL H 272 0.38 -4.53 31.69
N THR H 273 0.04 -5.61 30.97
CA THR H 273 0.38 -6.94 31.43
C THR H 273 0.69 -7.80 30.21
N TYR H 274 1.10 -9.02 30.48
CA TYR H 274 1.71 -9.85 29.47
C TYR H 274 0.94 -11.15 29.32
N GLY H 275 1.07 -11.75 28.15
CA GLY H 275 0.59 -13.09 27.89
C GLY H 275 1.75 -13.82 27.24
N LYS H 276 1.60 -15.13 27.02
CA LYS H 276 2.69 -15.95 26.51
C LYS H 276 3.02 -15.49 25.11
N ASN H 277 4.15 -14.78 25.03
CA ASN H 277 4.69 -14.18 23.81
C ASN H 277 3.74 -13.13 23.22
N GLN H 278 3.03 -12.39 24.07
CA GLN H 278 2.27 -11.23 23.61
C GLN H 278 2.08 -10.27 24.78
N VAL H 279 1.50 -9.10 24.50
CA VAL H 279 1.37 -8.09 25.53
C VAL H 279 0.05 -7.33 25.35
N THR H 280 -0.70 -7.18 26.44
CA THR H 280 -1.93 -6.41 26.42
C THR H 280 -1.72 -5.14 27.21
N MET H 281 -1.98 -4.01 26.57
CA MET H 281 -1.73 -2.70 27.15
C MET H 281 -3.05 -1.96 27.20
N LEU H 282 -3.53 -1.65 28.39
CA LEU H 282 -4.73 -0.85 28.55
C LEU H 282 -4.31 0.58 28.81
N LEU H 283 -4.88 1.51 28.04
CA LEU H 283 -4.30 2.81 27.85
C LEU H 283 -5.36 3.90 27.95
N TYR H 284 -4.96 5.00 28.59
CA TYR H 284 -5.87 6.05 29.04
C TYR H 284 -5.45 7.40 28.49
N PRO H 285 -6.12 7.92 27.52
CA PRO H 285 -5.86 9.30 27.09
C PRO H 285 -6.85 10.25 27.73
N ASP H 286 -6.63 11.55 27.56
CA ASP H 286 -7.71 12.50 27.78
C ASP H 286 -7.87 13.35 26.53
N HIS H 287 -6.75 13.72 25.93
CA HIS H 287 -6.69 14.49 24.70
C HIS H 287 -6.35 13.55 23.56
N PRO H 288 -6.72 13.88 22.31
CA PRO H 288 -6.41 13.01 21.16
C PRO H 288 -4.92 12.82 20.97
N THR H 289 -4.49 11.57 21.03
CA THR H 289 -3.08 11.27 21.20
C THR H 289 -2.68 10.13 20.28
N LEU H 290 -1.49 10.23 19.69
CA LEU H 290 -1.01 9.17 18.83
C LEU H 290 -0.47 8.00 19.64
N LEU H 291 -0.34 6.87 18.94
CA LEU H 291 0.35 5.70 19.43
C LEU H 291 1.04 5.09 18.24
N SER H 292 2.25 4.60 18.46
CA SER H 292 2.94 3.91 17.38
C SER H 292 3.73 2.74 17.91
N TYR H 293 4.03 1.79 17.02
CA TYR H 293 4.86 0.67 17.42
C TYR H 293 5.56 0.09 16.20
N ARG H 294 6.65 -0.62 16.47
CA ARG H 294 7.46 -1.21 15.40
C ARG H 294 8.28 -2.35 15.96
N ASN H 295 8.89 -3.10 15.04
CA ASN H 295 9.84 -4.14 15.38
C ASN H 295 11.26 -3.63 15.13
N MET H 296 12.24 -4.37 15.64
CA MET H 296 13.65 -4.01 15.47
C MET H 296 14.39 -5.04 14.65
N GLY H 297 13.67 -5.81 13.86
CA GLY H 297 14.27 -6.82 12.99
C GLY H 297 14.77 -6.22 11.69
N GLN H 298 14.74 -7.03 10.63
CA GLN H 298 15.15 -6.53 9.34
C GLN H 298 14.09 -5.62 8.74
N GLU H 299 12.82 -5.90 9.01
CA GLU H 299 11.71 -5.06 8.64
C GLU H 299 11.24 -4.32 9.88
N PRO H 300 10.66 -3.13 9.72
CA PRO H 300 10.07 -2.46 10.89
C PRO H 300 8.70 -2.97 11.23
N ASN H 301 7.91 -3.38 10.21
CA ASN H 301 6.48 -3.69 10.33
C ASN H 301 5.75 -2.57 11.06
N TYR H 302 6.03 -1.34 10.64
CA TYR H 302 5.64 -0.15 11.38
C TYR H 302 4.13 0.02 11.37
N HIS H 303 3.59 0.49 12.48
CA HIS H 303 2.16 0.68 12.53
C HIS H 303 1.85 1.79 13.51
N GLU H 304 0.70 2.44 13.31
CA GLU H 304 0.33 3.55 14.16
C GLU H 304 -1.18 3.71 14.18
N GLU H 305 -1.67 4.30 15.27
CA GLU H 305 -3.08 4.64 15.43
C GLU H 305 -3.22 5.94 16.20
N TRP H 306 -4.18 6.76 15.79
CA TRP H 306 -4.70 7.76 16.71
C TRP H 306 -5.56 7.07 17.75
N VAL H 307 -5.72 7.72 18.91
CA VAL H 307 -6.63 7.21 19.91
C VAL H 307 -7.16 8.38 20.72
N THR H 308 -8.39 8.25 21.20
CA THR H 308 -9.06 9.33 21.91
C THR H 308 -9.73 8.84 23.19
N HIS H 309 -9.94 7.54 23.31
CA HIS H 309 -10.69 6.98 24.42
C HIS H 309 -9.89 5.91 25.13
N LYS H 310 -10.35 5.55 26.32
CA LYS H 310 -9.66 4.57 27.16
C LYS H 310 -9.79 3.22 26.51
N LYS H 311 -8.76 2.82 25.78
CA LYS H 311 -8.82 1.63 24.94
C LYS H 311 -7.77 0.63 25.36
N GLU H 312 -8.11 -0.65 25.21
CA GLU H 312 -7.08 -1.66 25.32
C GLU H 312 -6.54 -1.99 23.93
N VAL H 313 -5.29 -2.46 23.90
CA VAL H 313 -4.69 -2.98 22.68
C VAL H 313 -3.96 -4.25 23.00
N THR H 314 -3.90 -5.14 22.01
CA THR H 314 -3.08 -6.33 22.07
C THR H 314 -1.97 -6.22 21.04
N LEU H 315 -0.79 -6.67 21.42
CA LEU H 315 0.37 -6.61 20.54
C LEU H 315 1.11 -7.92 20.60
N THR H 316 1.70 -8.29 19.47
CA THR H 316 2.51 -9.49 19.38
C THR H 316 3.98 -9.09 19.38
N VAL H 317 4.65 -9.34 20.50
CA VAL H 317 6.08 -9.14 20.61
C VAL H 317 6.77 -10.19 19.75
N PRO H 318 7.74 -9.81 18.93
CA PRO H 318 8.35 -10.80 18.04
C PRO H 318 9.41 -11.61 18.75
N THR H 319 10.13 -12.43 18.00
CA THR H 319 11.25 -13.16 18.56
C THR H 319 12.44 -12.25 18.86
N GLU H 320 12.45 -11.02 18.36
CA GLU H 320 13.63 -10.18 18.52
C GLU H 320 13.40 -8.96 19.40
N GLY H 321 12.22 -8.37 19.41
CA GLY H 321 11.93 -7.25 20.27
C GLY H 321 10.99 -6.23 19.67
N LEU H 322 10.15 -5.63 20.52
CA LEU H 322 9.15 -4.67 20.10
C LEU H 322 9.45 -3.31 20.72
N GLU H 323 9.08 -2.24 20.03
CA GLU H 323 9.08 -0.92 20.62
C GLU H 323 7.71 -0.29 20.46
N VAL H 324 7.19 0.30 21.54
CA VAL H 324 5.94 1.03 21.48
C VAL H 324 6.19 2.40 22.08
N THR H 325 5.46 3.39 21.56
CA THR H 325 5.62 4.77 21.97
C THR H 325 4.24 5.39 22.07
N TRP H 326 3.93 5.88 23.27
CA TRP H 326 2.61 6.41 23.58
C TRP H 326 2.76 7.85 24.00
N GLY H 327 2.17 8.76 23.24
CA GLY H 327 2.26 10.16 23.59
C GLY H 327 3.63 10.74 23.29
N ASN H 328 4.12 11.56 24.22
CA ASN H 328 5.46 12.14 24.13
C ASN H 328 6.44 11.46 25.08
N ASN H 329 6.07 10.30 25.60
CA ASN H 329 6.88 9.66 26.63
C ASN H 329 8.11 9.03 25.99
N GLU H 330 9.05 8.63 26.84
CA GLU H 330 10.20 7.90 26.37
C GLU H 330 9.76 6.50 25.94
N PRO H 331 10.37 5.92 24.91
CA PRO H 331 9.80 4.72 24.29
C PRO H 331 9.80 3.48 25.16
N TYR H 332 8.60 2.96 25.42
CA TYR H 332 8.46 1.72 26.15
C TYR H 332 8.94 0.59 25.26
N LYS H 333 10.13 0.09 25.55
CA LYS H 333 10.73 -0.97 24.77
C LYS H 333 10.40 -2.29 25.46
N TYR H 334 10.20 -3.34 24.66
CA TYR H 334 9.77 -4.60 25.22
C TYR H 334 10.46 -5.75 24.50
N TRP H 335 10.55 -6.88 25.19
CA TRP H 335 11.50 -7.90 24.85
C TRP H 335 10.98 -9.29 25.15
N PRO H 336 11.27 -10.25 24.30
CA PRO H 336 10.78 -11.61 24.54
C PRO H 336 11.60 -12.39 25.54
N GLN H 337 11.03 -12.62 26.71
CA GLN H 337 11.56 -13.61 27.63
C GLN H 337 10.88 -14.94 27.35
N MET H 338 11.61 -16.05 27.50
CA MET H 338 10.99 -17.36 27.33
C MET H 338 10.04 -17.61 28.49
N SER H 339 8.81 -18.02 28.15
CA SER H 339 7.66 -17.62 28.95
C SER H 339 7.53 -18.29 30.31
N THR H 340 7.23 -19.59 30.34
CA THR H 340 6.75 -20.19 31.58
C THR H 340 7.07 -21.67 31.69
N ASN H 341 6.38 -22.36 32.59
CA ASN H 341 6.60 -23.78 32.80
C ASN H 341 5.24 -24.49 32.82
N GLY H 342 4.96 -25.21 31.75
CA GLY H 342 3.95 -26.24 31.78
C GLY H 342 4.62 -27.53 31.35
N THR H 343 5.93 -27.58 31.54
CA THR H 343 6.75 -28.60 30.88
C THR H 343 8.05 -28.77 31.65
N ALA H 344 8.48 -30.03 31.79
CA ALA H 344 9.51 -30.44 32.73
C ALA H 344 10.20 -31.69 32.19
N HIS H 345 10.82 -32.48 33.08
CA HIS H 345 11.41 -33.77 32.71
C HIS H 345 10.82 -34.85 33.62
N GLY H 346 10.12 -35.83 33.04
CA GLY H 346 9.44 -36.87 33.79
C GLY H 346 9.46 -38.21 33.07
N HIS H 347 8.53 -39.09 33.47
CA HIS H 347 8.40 -40.42 32.85
C HIS H 347 7.69 -40.35 31.50
N PRO H 348 6.71 -39.44 31.26
CA PRO H 348 6.46 -39.04 29.87
C PRO H 348 7.49 -38.01 29.41
N HIS H 349 7.29 -37.45 28.22
CA HIS H 349 8.22 -36.45 27.73
C HIS H 349 8.17 -35.17 28.57
N GLU H 350 6.99 -34.51 28.60
CA GLU H 350 6.82 -33.10 28.99
C GLU H 350 7.86 -32.21 28.34
N ILE H 351 8.17 -32.46 27.07
CA ILE H 351 9.29 -31.83 26.41
C ILE H 351 8.84 -30.85 25.34
N ILE H 352 7.79 -31.22 24.59
CA ILE H 352 7.47 -30.51 23.36
C ILE H 352 6.88 -29.13 23.64
N LEU H 353 6.31 -28.92 24.82
CA LEU H 353 5.90 -27.56 25.16
C LEU H 353 7.12 -26.68 25.41
N TYR H 354 8.18 -27.24 26.02
CA TYR H 354 9.54 -26.70 25.88
C TYR H 354 9.85 -26.37 24.43
N TYR H 355 9.60 -27.30 23.53
CA TYR H 355 9.83 -27.06 22.13
C TYR H 355 8.60 -26.53 21.43
N TYR H 356 7.63 -26.05 22.21
CA TYR H 356 6.69 -25.05 21.75
C TYR H 356 7.06 -23.66 22.24
N GLU H 357 7.67 -23.57 23.43
CA GLU H 357 8.09 -22.29 23.95
C GLU H 357 9.31 -21.77 23.19
N LEU H 358 10.43 -22.47 23.31
CA LEU H 358 11.54 -22.21 22.41
C LEU H 358 11.23 -22.87 21.09
N TYR H 359 11.52 -22.17 19.99
CA TYR H 359 11.39 -22.60 18.61
C TYR H 359 10.00 -23.14 18.29
N PRO H 360 8.98 -22.31 18.15
CA PRO H 360 7.72 -22.79 17.58
C PRO H 360 7.86 -22.99 16.08
N THR H 361 6.92 -23.78 15.54
CA THR H 361 6.68 -24.11 14.11
C THR H 361 7.85 -24.79 13.41
N MET H 362 8.95 -25.03 14.12
CA MET H 362 10.15 -25.70 13.65
C MET H 362 10.94 -26.11 14.88
N THR H 363 11.57 -27.28 14.77
CA THR H 363 11.99 -28.30 15.76
C THR H 363 10.79 -29.20 16.10
N VAL H 364 9.62 -28.86 15.56
CA VAL H 364 8.57 -29.86 15.47
C VAL H 364 8.68 -30.58 14.13
N VAL H 365 9.34 -29.92 13.16
CA VAL H 365 9.61 -30.53 11.87
C VAL H 365 10.58 -31.69 12.01
N ILE H 366 11.51 -31.62 12.97
CA ILE H 366 12.39 -32.76 13.17
C ILE H 366 11.68 -33.88 13.90
N VAL H 367 10.63 -33.57 14.66
CA VAL H 367 9.79 -34.61 15.24
C VAL H 367 9.11 -35.40 14.14
N SER H 368 8.53 -34.68 13.16
CA SER H 368 7.94 -35.37 12.00
C SER H 368 8.99 -36.11 11.18
N VAL H 369 10.21 -35.55 11.11
CA VAL H 369 11.31 -36.19 10.39
C VAL H 369 11.68 -37.53 11.06
N ALA H 370 11.80 -37.51 12.39
CA ALA H 370 12.13 -38.72 13.14
C ALA H 370 11.01 -39.74 13.03
N SER H 371 9.77 -39.27 12.99
CA SER H 371 8.61 -40.14 12.78
C SER H 371 8.72 -40.90 11.47
N PHE H 372 8.82 -40.19 10.34
CA PHE H 372 8.81 -40.99 9.13
C PHE H 372 10.16 -41.64 8.80
N VAL H 373 11.26 -41.27 9.46
CA VAL H 373 12.45 -42.10 9.23
C VAL H 373 12.37 -43.36 10.08
N LEU H 374 11.65 -43.32 11.21
CA LEU H 374 11.35 -44.54 11.91
C LEU H 374 10.44 -45.43 11.07
N LEU H 375 9.49 -44.82 10.35
CA LEU H 375 8.72 -45.59 9.38
C LEU H 375 9.59 -46.10 8.24
N SER H 376 10.66 -45.38 7.90
CA SER H 376 11.58 -45.86 6.85
C SER H 376 12.35 -47.10 7.31
N MET H 377 12.88 -47.08 8.53
CA MET H 377 13.64 -48.24 8.99
C MET H 377 12.73 -49.42 9.30
N VAL H 378 11.49 -49.17 9.72
CA VAL H 378 10.51 -50.23 9.82
C VAL H 378 10.15 -50.77 8.43
N GLY H 379 10.15 -49.91 7.41
CA GLY H 379 9.89 -50.35 6.06
C GLY H 379 10.98 -51.25 5.51
N THR H 380 12.24 -50.89 5.75
CA THR H 380 13.29 -51.82 5.34
C THR H 380 13.38 -53.02 6.26
N ALA H 381 12.84 -52.95 7.48
CA ALA H 381 12.75 -54.13 8.33
C ALA H 381 11.76 -55.14 7.76
N VAL H 382 10.57 -54.68 7.37
CA VAL H 382 9.61 -55.60 6.76
C VAL H 382 10.07 -56.00 5.35
N GLY H 383 10.88 -55.18 4.69
CA GLY H 383 11.51 -55.61 3.45
C GLY H 383 12.50 -56.73 3.69
N MET H 384 13.24 -56.64 4.80
CA MET H 384 14.11 -57.74 5.19
C MET H 384 13.32 -58.99 5.52
N CYS H 385 12.15 -58.83 6.12
CA CYS H 385 11.33 -60.00 6.44
C CYS H 385 10.80 -60.68 5.19
N VAL H 386 10.31 -59.91 4.23
CA VAL H 386 9.79 -60.55 3.02
C VAL H 386 10.95 -61.09 2.16
N CYS H 387 12.11 -60.44 2.20
CA CYS H 387 13.28 -60.99 1.52
C CYS H 387 13.79 -62.24 2.20
N ALA H 388 13.68 -62.33 3.53
CA ALA H 388 14.14 -63.51 4.24
C ALA H 388 13.21 -64.68 3.99
N ARG H 389 11.90 -64.43 3.91
CA ARG H 389 11.00 -65.49 3.49
C ARG H 389 11.21 -65.85 2.03
N ARG H 390 11.60 -64.87 1.21
CA ARG H 390 11.93 -65.15 -0.18
C ARG H 390 13.15 -66.05 -0.30
N ARG H 391 14.12 -65.87 0.58
CA ARG H 391 15.29 -66.75 0.57
C ARG H 391 15.12 -67.93 1.51
N CYS H 392 13.94 -68.07 2.10
CA CYS H 392 13.51 -69.37 2.62
C CYS H 392 12.93 -70.22 1.49
N ILE H 393 12.06 -69.63 0.67
CA ILE H 393 11.51 -70.40 -0.44
C ILE H 393 12.57 -70.61 -1.52
N THR H 394 13.02 -69.52 -2.18
CA THR H 394 13.84 -69.43 -3.39
C THR H 394 15.01 -70.42 -3.50
N PRO H 395 15.71 -70.80 -2.41
CA PRO H 395 16.54 -72.01 -2.53
C PRO H 395 15.74 -73.28 -2.64
N TYR H 396 14.67 -73.43 -1.85
CA TYR H 396 14.03 -74.72 -1.65
C TYR H 396 12.64 -74.77 -2.27
N GLU H 397 11.70 -74.02 -1.72
CA GLU H 397 10.37 -73.61 -2.18
C GLU H 397 9.38 -74.69 -2.60
N LEU H 398 9.83 -75.81 -3.16
CA LEU H 398 8.93 -76.89 -3.53
C LEU H 398 9.71 -78.17 -3.74
N THR H 399 11.03 -78.08 -3.53
CA THR H 399 12.11 -78.99 -3.95
C THR H 399 11.73 -80.47 -3.84
N PRO H 400 12.06 -81.30 -4.86
CA PRO H 400 11.42 -82.63 -5.00
C PRO H 400 11.56 -83.59 -3.82
N GLY H 401 12.42 -83.31 -2.84
CA GLY H 401 12.35 -84.04 -1.59
C GLY H 401 11.14 -83.65 -0.75
N ALA H 402 10.72 -82.38 -0.85
CA ALA H 402 9.50 -81.84 -0.24
C ALA H 402 9.50 -81.95 1.28
N THR H 403 10.67 -82.02 1.90
CA THR H 403 10.77 -82.31 3.32
C THR H 403 11.04 -81.03 4.11
N VAL H 404 10.58 -81.02 5.35
CA VAL H 404 10.93 -79.96 6.28
C VAL H 404 11.50 -80.56 7.56
N PRO H 405 12.72 -81.14 7.54
CA PRO H 405 13.24 -81.77 8.76
C PRO H 405 13.66 -80.75 9.81
N PHE H 406 14.44 -79.74 9.39
CA PHE H 406 14.90 -78.66 10.27
C PHE H 406 14.81 -77.32 9.58
N LEU H 407 13.77 -77.09 8.78
CA LEU H 407 13.67 -75.86 8.01
C LEU H 407 12.51 -74.99 8.49
N LEU H 408 11.28 -75.49 8.35
CA LEU H 408 10.15 -74.88 9.02
C LEU H 408 9.85 -75.54 10.34
N SER H 409 10.51 -76.66 10.63
CA SER H 409 10.58 -77.18 11.98
C SER H 409 11.52 -76.35 12.85
N LEU H 410 12.27 -75.43 12.27
CA LEU H 410 13.13 -74.53 13.01
C LEU H 410 12.77 -73.06 12.90
N LEU H 411 12.38 -72.56 11.73
CA LEU H 411 12.06 -71.14 11.63
C LEU H 411 10.57 -70.88 11.75
N CYS H 412 9.73 -71.75 11.16
CA CYS H 412 8.26 -71.63 11.13
C CYS H 412 7.83 -70.29 10.52
N CYS H 413 8.20 -70.11 9.24
CA CYS H 413 7.81 -68.90 8.53
C CYS H 413 6.32 -68.88 8.27
N VAL H 414 5.84 -69.81 7.44
CA VAL H 414 4.43 -69.88 7.08
C VAL H 414 4.08 -71.30 6.65
N ARG H 415 3.00 -71.84 7.22
CA ARG H 415 2.38 -73.11 6.85
C ARG H 415 3.35 -74.28 6.96
N THR H 416 3.76 -74.51 8.21
CA THR H 416 4.66 -75.63 8.54
C THR H 416 3.96 -76.98 8.39
N THR H 417 2.62 -77.01 8.43
CA THR H 417 1.83 -78.24 8.35
C THR H 417 1.90 -78.93 6.99
N LYS H 418 2.61 -78.36 6.00
CA LYS H 418 2.71 -78.91 4.66
C LYS H 418 3.94 -79.83 4.59
N ALA H 419 3.68 -81.13 4.48
CA ALA H 419 4.66 -82.18 4.16
C ALA H 419 5.82 -82.27 5.16
N ASN I 1 5.46 -90.72 -26.59
CA ASN I 1 5.08 -90.49 -25.21
C ASN I 1 4.84 -91.79 -24.49
N ASP I 2 5.30 -91.86 -23.25
CA ASP I 2 4.76 -92.80 -22.30
C ASP I 2 4.25 -92.10 -21.04
N CYS I 3 4.86 -90.97 -20.67
CA CYS I 3 4.56 -90.35 -19.39
C CYS I 3 4.37 -88.83 -19.43
N ILE I 4 4.69 -88.15 -20.53
CA ILE I 4 4.91 -86.70 -20.47
C ILE I 4 3.78 -85.97 -21.19
N PHE I 5 3.82 -84.63 -21.09
CA PHE I 5 2.76 -83.75 -21.58
C PHE I 5 3.38 -82.60 -22.38
N GLU I 6 2.52 -81.72 -22.91
CA GLU I 6 2.92 -80.71 -23.90
C GLU I 6 2.28 -79.37 -23.54
N VAL I 7 3.00 -78.27 -23.89
CA VAL I 7 2.63 -76.92 -23.47
C VAL I 7 2.71 -75.97 -24.66
N LYS I 8 1.62 -75.23 -24.91
CA LYS I 8 1.55 -74.29 -26.02
C LYS I 8 0.64 -73.14 -25.65
N HIS I 9 0.90 -71.95 -26.21
CA HIS I 9 0.12 -70.75 -25.90
C HIS I 9 0.33 -69.69 -26.98
N GLU I 10 -0.77 -69.05 -27.39
CA GLU I 10 -0.93 -68.05 -28.45
C GLU I 10 -0.20 -68.35 -29.76
N GLY I 11 -0.08 -69.61 -30.12
CA GLY I 11 0.60 -69.98 -31.35
C GLY I 11 2.05 -70.37 -31.15
N LYS I 12 2.58 -70.17 -29.95
CA LYS I 12 3.97 -70.48 -29.64
C LYS I 12 4.01 -71.63 -28.64
N VAL I 13 4.64 -72.73 -29.03
CA VAL I 13 4.91 -73.82 -28.12
C VAL I 13 5.88 -73.33 -27.06
N MET I 14 5.66 -73.73 -25.82
CA MET I 14 6.74 -73.73 -24.86
C MET I 14 7.21 -75.14 -24.60
N GLY I 15 6.67 -76.09 -25.36
CA GLY I 15 7.13 -77.44 -25.29
C GLY I 15 6.58 -78.14 -24.07
N TYR I 16 7.44 -78.28 -23.08
CA TYR I 16 7.24 -79.19 -21.98
C TYR I 16 7.46 -78.43 -20.69
N ALA I 17 6.42 -77.77 -20.21
CA ALA I 17 6.29 -77.51 -18.79
C ALA I 17 5.50 -78.67 -18.23
N CYS I 18 5.91 -79.18 -17.08
CA CYS I 18 5.40 -80.49 -16.73
C CYS I 18 5.16 -80.55 -15.24
N LEU I 19 4.90 -81.76 -14.76
CA LEU I 19 4.84 -82.04 -13.34
C LEU I 19 5.82 -83.15 -13.04
N VAL I 20 6.54 -82.99 -11.94
CA VAL I 20 7.46 -84.01 -11.48
C VAL I 20 7.17 -84.23 -10.00
N GLY I 21 6.79 -85.46 -9.64
CA GLY I 21 6.60 -85.86 -8.27
C GLY I 21 5.52 -85.06 -7.60
N ASP I 22 5.99 -84.13 -6.77
CA ASP I 22 5.12 -83.28 -5.97
C ASP I 22 4.60 -82.06 -6.73
N LYS I 23 5.26 -81.59 -7.78
CA LYS I 23 5.03 -80.21 -8.18
C LYS I 23 4.89 -80.06 -9.68
N VAL I 24 4.45 -78.87 -10.10
CA VAL I 24 4.45 -78.47 -11.50
C VAL I 24 5.57 -77.47 -11.72
N MET I 25 6.42 -77.72 -12.72
CA MET I 25 7.60 -76.94 -13.02
C MET I 25 7.55 -76.35 -14.43
N LYS I 26 8.17 -75.18 -14.56
CA LYS I 26 8.03 -74.37 -15.75
C LYS I 26 9.27 -73.50 -15.95
N PRO I 27 9.74 -73.33 -17.20
CA PRO I 27 10.86 -72.41 -17.43
C PRO I 27 10.47 -70.95 -17.26
N ALA I 28 11.10 -70.26 -16.32
CA ALA I 28 10.71 -68.89 -15.98
C ALA I 28 11.09 -67.88 -17.04
N HIS I 29 12.08 -68.19 -17.87
CA HIS I 29 12.55 -67.22 -18.86
C HIS I 29 11.52 -66.99 -19.96
N VAL I 30 10.70 -67.99 -20.25
CA VAL I 30 9.82 -67.94 -21.40
C VAL I 30 8.46 -67.42 -20.96
N LYS I 31 7.80 -66.72 -21.87
CA LYS I 31 6.43 -66.29 -21.70
C LYS I 31 5.49 -67.39 -22.21
N GLY I 32 4.36 -67.56 -21.53
CA GLY I 32 3.36 -68.48 -22.05
C GLY I 32 2.66 -69.31 -21.00
N THR I 33 1.65 -70.07 -21.42
CA THR I 33 0.81 -70.86 -20.55
C THR I 33 0.81 -72.33 -20.98
N ILE I 34 0.43 -73.19 -20.03
CA ILE I 34 0.28 -74.62 -20.20
C ILE I 34 -0.95 -74.90 -21.07
N ASP I 35 -1.06 -76.12 -21.59
CA ASP I 35 -2.10 -76.51 -22.53
C ASP I 35 -3.42 -76.90 -21.87
N ASN I 36 -3.71 -76.44 -20.66
CA ASN I 36 -4.97 -76.80 -20.00
C ASN I 36 -5.33 -75.73 -18.98
N ALA I 37 -6.62 -75.36 -18.95
CA ALA I 37 -7.13 -74.48 -17.91
C ALA I 37 -7.24 -75.21 -16.57
N ASP I 38 -7.23 -76.54 -16.59
CA ASP I 38 -7.12 -77.30 -15.35
C ASP I 38 -5.72 -77.22 -14.75
N LEU I 39 -4.74 -76.78 -15.54
CA LEU I 39 -3.39 -76.59 -15.04
C LEU I 39 -2.91 -75.15 -15.10
N ALA I 40 -3.57 -74.28 -15.86
CA ALA I 40 -3.26 -72.86 -15.89
C ALA I 40 -4.10 -72.04 -14.92
N LYS I 41 -4.54 -72.63 -13.82
CA LYS I 41 -5.39 -71.93 -12.86
C LYS I 41 -4.70 -71.67 -11.54
N LEU I 42 -3.59 -72.35 -11.25
CA LEU I 42 -2.90 -72.16 -9.98
C LEU I 42 -2.08 -70.86 -10.00
N ALA I 43 -1.55 -70.52 -8.83
CA ALA I 43 -0.55 -69.47 -8.70
C ALA I 43 0.83 -70.11 -8.61
N PHE I 44 1.83 -69.38 -9.11
CA PHE I 44 3.16 -69.94 -9.24
C PHE I 44 4.16 -69.15 -8.41
N LYS I 45 5.26 -69.80 -8.10
CA LYS I 45 6.38 -69.19 -7.40
C LYS I 45 7.57 -69.19 -8.35
N ARG I 46 8.38 -68.14 -8.31
CA ARG I 46 9.36 -67.89 -9.36
C ARG I 46 10.73 -67.69 -8.75
N SER I 47 11.76 -67.96 -9.55
CA SER I 47 13.13 -67.56 -9.24
C SER I 47 13.89 -67.37 -10.54
N SER I 48 14.53 -66.22 -10.69
CA SER I 48 15.36 -65.99 -11.86
C SER I 48 16.77 -66.49 -11.64
N LYS I 49 17.18 -66.69 -10.39
CA LYS I 49 18.52 -67.16 -10.10
C LYS I 49 18.72 -68.62 -10.50
N TYR I 50 17.63 -69.37 -10.64
CA TYR I 50 17.64 -70.67 -11.27
C TYR I 50 16.75 -70.72 -12.49
N ASP I 51 15.96 -69.67 -12.72
CA ASP I 51 14.97 -69.55 -13.79
C ASP I 51 13.96 -70.71 -13.76
N LEU I 52 13.27 -70.81 -12.64
CA LEU I 52 12.28 -71.85 -12.42
C LEU I 52 10.97 -71.23 -11.97
N GLU I 53 9.88 -71.92 -12.31
CA GLU I 53 8.56 -71.64 -11.77
C GLU I 53 7.98 -72.94 -11.24
N CYS I 54 7.33 -72.85 -10.09
CA CYS I 54 6.88 -74.04 -9.37
C CYS I 54 5.50 -73.80 -8.79
N ALA I 55 4.71 -74.87 -8.71
CA ALA I 55 3.37 -74.78 -8.16
C ALA I 55 2.91 -76.10 -7.59
N GLN I 56 1.88 -76.02 -6.73
CA GLN I 56 1.29 -77.14 -6.02
C GLN I 56 0.11 -77.74 -6.80
N ILE I 57 -0.06 -79.04 -6.65
CA ILE I 57 -0.98 -79.83 -7.46
C ILE I 57 -2.11 -80.34 -6.56
N PRO I 58 -3.37 -80.27 -7.00
CA PRO I 58 -4.42 -81.06 -6.36
C PRO I 58 -4.21 -82.54 -6.57
N VAL I 59 -4.69 -83.32 -5.59
CA VAL I 59 -4.18 -84.68 -5.41
C VAL I 59 -4.88 -85.71 -6.29
N HIS I 60 -6.06 -85.39 -6.85
CA HIS I 60 -6.71 -86.28 -7.81
C HIS I 60 -5.91 -86.46 -9.08
N MET I 61 -4.98 -85.54 -9.35
CA MET I 61 -4.00 -85.65 -10.43
C MET I 61 -2.68 -86.23 -9.92
N LYS I 62 -2.75 -87.16 -8.98
CA LYS I 62 -1.59 -87.93 -8.57
C LYS I 62 -1.65 -89.39 -8.98
N SER I 63 -2.84 -89.93 -9.25
CA SER I 63 -2.96 -91.28 -9.81
C SER I 63 -2.58 -91.32 -11.30
N ASP I 64 -2.36 -90.17 -11.94
CA ASP I 64 -1.79 -90.09 -13.27
C ASP I 64 -0.56 -89.19 -13.31
N ALA I 65 0.14 -89.07 -12.18
CA ALA I 65 1.27 -88.16 -12.08
C ALA I 65 2.53 -88.81 -12.66
N SER I 66 3.65 -88.11 -12.49
CA SER I 66 4.96 -88.62 -12.88
C SER I 66 5.84 -88.74 -11.64
N LYS I 67 7.02 -89.31 -11.83
CA LYS I 67 7.89 -89.64 -10.71
C LYS I 67 9.34 -89.49 -11.12
N PHE I 68 10.17 -89.00 -10.20
CA PHE I 68 11.58 -88.74 -10.47
C PHE I 68 12.46 -89.86 -9.93
N THR I 69 13.78 -89.66 -10.07
CA THR I 69 14.78 -90.37 -9.29
C THR I 69 15.80 -89.36 -8.77
N HIS I 70 16.37 -89.64 -7.60
CA HIS I 70 17.24 -88.64 -7.00
C HIS I 70 18.69 -88.77 -7.45
N GLU I 71 19.19 -89.99 -7.58
CA GLU I 71 20.61 -90.21 -7.80
C GLU I 71 20.96 -89.98 -9.26
N LYS I 72 22.26 -89.92 -9.53
CA LYS I 72 22.77 -89.56 -10.86
C LYS I 72 23.85 -90.53 -11.35
N PRO I 73 23.47 -91.70 -11.85
CA PRO I 73 24.45 -92.55 -12.54
C PRO I 73 24.80 -92.08 -13.94
N GLU I 74 25.60 -92.86 -14.66
CA GLU I 74 26.23 -92.45 -15.91
C GLU I 74 25.69 -93.23 -17.09
N GLY I 75 26.11 -92.83 -18.29
CA GLY I 75 25.93 -93.63 -19.48
C GLY I 75 25.06 -92.93 -20.50
N TYR I 76 24.48 -93.74 -21.38
CA TYR I 76 23.36 -93.28 -22.17
C TYR I 76 22.21 -92.95 -21.24
N TYR I 77 21.42 -91.96 -21.60
CA TYR I 77 20.21 -91.60 -20.87
C TYR I 77 19.05 -91.57 -21.83
N ASN I 78 18.04 -92.36 -21.51
CA ASN I 78 16.87 -92.44 -22.35
C ASN I 78 16.01 -91.21 -22.14
N TRP I 79 15.66 -90.56 -23.24
CA TRP I 79 14.86 -89.33 -23.16
C TRP I 79 14.06 -89.20 -24.44
N HIS I 80 13.38 -88.06 -24.56
CA HIS I 80 12.29 -87.89 -25.52
C HIS I 80 12.76 -87.91 -26.96
N HIS I 81 14.04 -87.69 -27.21
CA HIS I 81 14.59 -87.92 -28.54
C HIS I 81 15.90 -88.69 -28.45
N GLY I 82 15.87 -89.78 -27.68
CA GLY I 82 16.88 -90.80 -27.82
C GLY I 82 17.78 -91.05 -26.63
N ALA I 83 19.08 -90.84 -26.81
CA ALA I 83 20.07 -91.15 -25.79
C ALA I 83 20.99 -89.94 -25.62
N VAL I 84 20.86 -89.25 -24.48
CA VAL I 84 21.85 -88.26 -24.10
C VAL I 84 23.01 -88.97 -23.41
N GLN I 85 24.22 -88.78 -23.91
CA GLN I 85 25.37 -89.32 -23.19
C GLN I 85 25.66 -88.40 -22.03
N TYR I 86 25.41 -88.88 -20.82
CA TYR I 86 25.69 -88.12 -19.61
C TYR I 86 26.88 -88.74 -18.92
N SER I 87 27.95 -87.95 -18.83
CA SER I 87 29.13 -88.25 -18.01
C SER I 87 29.94 -86.97 -17.88
N GLY I 88 30.77 -86.95 -16.84
CA GLY I 88 31.58 -85.78 -16.53
C GLY I 88 30.78 -84.62 -15.99
N GLY I 89 29.59 -84.89 -15.44
CA GLY I 89 28.64 -83.84 -15.17
C GLY I 89 28.04 -83.25 -16.42
N ARG I 90 28.22 -83.91 -17.56
CA ARG I 90 27.99 -83.31 -18.87
C ARG I 90 26.94 -84.13 -19.59
N PHE I 91 25.81 -83.49 -19.85
CA PHE I 91 24.82 -84.04 -20.75
C PHE I 91 25.16 -83.66 -22.17
N THR I 92 25.14 -84.62 -23.08
CA THR I 92 25.41 -84.36 -24.49
C THR I 92 24.29 -84.96 -25.32
N ILE I 93 23.66 -84.13 -26.15
CA ILE I 93 22.80 -84.54 -27.26
C ILE I 93 23.70 -84.73 -28.48
N PRO I 94 23.23 -85.38 -29.54
CA PRO I 94 23.91 -85.25 -30.83
C PRO I 94 23.85 -83.82 -31.32
N THR I 95 24.96 -83.36 -31.88
CA THR I 95 25.09 -81.99 -32.36
C THR I 95 24.22 -81.81 -33.61
N GLY I 96 23.40 -80.77 -33.61
CA GLY I 96 22.50 -80.45 -34.70
C GLY I 96 21.04 -80.41 -34.31
N ALA I 97 20.66 -81.10 -33.23
CA ALA I 97 19.26 -81.24 -32.83
C ALA I 97 18.89 -80.37 -31.64
N GLY I 98 19.39 -79.14 -31.57
CA GLY I 98 19.00 -78.31 -30.46
C GLY I 98 17.69 -77.60 -30.76
N LYS I 99 16.59 -78.18 -30.28
CA LYS I 99 15.25 -77.80 -30.73
C LYS I 99 14.79 -76.54 -30.02
N PRO I 100 14.49 -75.47 -30.74
CA PRO I 100 13.89 -74.30 -30.11
C PRO I 100 12.46 -74.60 -29.70
N GLY I 101 12.04 -73.99 -28.60
CA GLY I 101 10.70 -74.25 -28.09
C GLY I 101 10.49 -75.61 -27.48
N ASP I 102 11.57 -76.35 -27.20
CA ASP I 102 11.49 -77.65 -26.53
C ASP I 102 12.09 -77.56 -25.13
N SER I 103 11.90 -76.43 -24.47
CA SER I 103 12.50 -76.19 -23.17
C SER I 103 11.73 -76.93 -22.08
N GLY I 104 12.44 -77.23 -20.99
CA GLY I 104 11.83 -77.93 -19.87
C GLY I 104 11.56 -79.39 -20.12
N ARG I 105 12.17 -79.97 -21.13
CA ARG I 105 11.97 -81.37 -21.44
C ARG I 105 12.58 -82.25 -20.35
N PRO I 106 11.87 -83.24 -19.82
CA PRO I 106 12.41 -84.04 -18.72
C PRO I 106 13.38 -85.09 -19.21
N ILE I 107 14.59 -85.04 -18.71
CA ILE I 107 15.58 -86.09 -18.90
C ILE I 107 15.42 -87.13 -17.80
N PHE I 108 15.47 -88.41 -18.18
CA PHE I 108 15.28 -89.50 -17.24
C PHE I 108 16.27 -90.62 -17.52
N ASP I 109 16.21 -91.65 -16.69
CA ASP I 109 17.29 -92.61 -16.54
C ASP I 109 17.09 -93.84 -17.43
N ASN I 110 17.83 -94.90 -17.15
CA ASN I 110 17.73 -96.18 -17.83
C ASN I 110 16.71 -97.13 -17.20
N LYS I 111 15.80 -96.61 -16.40
CA LYS I 111 14.60 -97.35 -16.01
C LYS I 111 13.34 -96.51 -16.14
N GLY I 112 13.49 -95.24 -16.51
CA GLY I 112 12.34 -94.39 -16.71
C GLY I 112 11.90 -93.58 -15.52
N ARG I 113 12.83 -92.98 -14.78
CA ARG I 113 12.50 -92.09 -13.68
C ARG I 113 13.32 -90.81 -13.82
N VAL I 114 12.69 -89.68 -13.55
CA VAL I 114 13.20 -88.40 -14.01
C VAL I 114 14.38 -87.96 -13.15
N VAL I 115 15.39 -87.37 -13.79
CA VAL I 115 16.58 -87.02 -13.05
C VAL I 115 16.73 -85.50 -12.97
N ALA I 116 16.27 -84.78 -13.99
CA ALA I 116 16.58 -83.36 -14.11
C ALA I 116 15.68 -82.72 -15.15
N ILE I 117 15.92 -81.43 -15.39
CA ILE I 117 15.20 -80.62 -16.37
C ILE I 117 16.23 -79.80 -17.14
N VAL I 118 16.13 -79.80 -18.47
CA VAL I 118 17.14 -79.17 -19.31
C VAL I 118 16.59 -77.85 -19.85
N LEU I 119 17.50 -76.94 -20.18
CA LEU I 119 17.11 -75.62 -20.68
C LEU I 119 17.85 -75.18 -21.93
N GLY I 120 19.11 -75.59 -22.12
CA GLY I 120 19.79 -75.18 -23.33
C GLY I 120 21.03 -76.00 -23.64
N GLY I 121 21.88 -75.47 -24.52
CA GLY I 121 23.15 -76.15 -24.77
C GLY I 121 23.90 -75.57 -25.95
N ALA I 122 25.15 -76.01 -26.08
CA ALA I 122 26.07 -75.65 -27.18
C ALA I 122 27.19 -76.70 -27.24
N ASN I 123 28.14 -76.53 -28.15
CA ASN I 123 29.12 -77.59 -28.45
C ASN I 123 30.53 -77.03 -28.57
N GLU I 124 31.46 -77.59 -27.79
CA GLU I 124 32.91 -77.43 -27.95
C GLU I 124 33.60 -78.78 -27.78
N GLY I 125 33.14 -79.74 -28.57
CA GLY I 125 33.60 -81.12 -28.59
C GLY I 125 33.08 -81.67 -29.89
N ALA I 126 32.49 -82.85 -29.89
CA ALA I 126 31.69 -83.29 -31.03
C ALA I 126 30.20 -83.22 -30.71
N ARG I 127 29.76 -83.88 -29.64
CA ARG I 127 28.37 -83.84 -29.23
C ARG I 127 28.08 -82.57 -28.45
N THR I 128 26.82 -82.12 -28.53
CA THR I 128 26.45 -80.83 -27.96
C THR I 128 26.06 -80.98 -26.49
N ALA I 129 26.76 -80.27 -25.61
CA ALA I 129 26.51 -80.32 -24.18
C ALA I 129 25.35 -79.40 -23.79
N LEU I 130 24.79 -79.66 -22.61
CA LEU I 130 23.51 -79.12 -22.20
C LEU I 130 23.64 -78.31 -20.92
N SER I 131 22.79 -77.28 -20.79
CA SER I 131 22.67 -76.45 -19.59
C SER I 131 21.35 -76.81 -18.93
N VAL I 132 21.45 -77.32 -17.70
CA VAL I 132 20.48 -78.21 -17.08
C VAL I 132 20.17 -77.65 -15.70
N VAL I 133 19.00 -77.99 -15.16
CA VAL I 133 18.73 -77.83 -13.74
C VAL I 133 18.40 -79.20 -13.16
N THR I 134 18.97 -79.51 -12.00
CA THR I 134 18.92 -80.82 -11.37
C THR I 134 18.78 -80.62 -9.87
N TRP I 135 19.01 -81.70 -9.10
CA TRP I 135 19.00 -81.57 -7.65
C TRP I 135 20.03 -82.48 -7.02
N ASN I 136 20.34 -82.19 -5.76
CA ASN I 136 21.21 -83.01 -4.92
C ASN I 136 20.99 -82.63 -3.47
N LYS I 137 20.91 -83.64 -2.60
CA LYS I 137 20.73 -83.50 -1.14
C LYS I 137 19.50 -82.65 -0.82
N ASP I 138 18.40 -82.98 -1.50
CA ASP I 138 17.16 -82.20 -1.68
C ASP I 138 17.40 -80.70 -1.77
N ILE I 139 18.25 -80.30 -2.72
CA ILE I 139 18.46 -78.91 -3.08
C ILE I 139 18.48 -78.85 -4.61
N VAL I 140 17.58 -78.05 -5.18
CA VAL I 140 17.60 -77.82 -6.62
C VAL I 140 18.72 -76.87 -6.98
N THR I 141 19.58 -77.29 -7.90
CA THR I 141 20.72 -76.52 -8.35
C THR I 141 20.73 -76.47 -9.86
N LYS I 142 21.23 -75.37 -10.41
CA LYS I 142 21.26 -75.16 -11.84
C LYS I 142 22.71 -75.29 -12.32
N ILE I 143 22.97 -76.29 -13.14
CA ILE I 143 24.32 -76.53 -13.67
C ILE I 143 24.40 -75.87 -15.05
N THR I 144 25.32 -74.93 -15.16
CA THR I 144 25.36 -73.98 -16.27
C THR I 144 26.70 -74.05 -16.98
N PRO I 145 26.76 -74.63 -18.18
CA PRO I 145 27.83 -74.27 -19.10
C PRO I 145 27.72 -72.81 -19.52
N GLU I 146 28.70 -72.02 -19.11
CA GLU I 146 28.77 -70.61 -19.48
C GLU I 146 29.08 -70.50 -20.98
N GLY I 147 28.12 -69.97 -21.72
CA GLY I 147 28.22 -69.92 -23.17
C GLY I 147 27.15 -70.73 -23.89
N ALA I 148 26.14 -71.22 -23.17
CA ALA I 148 25.13 -72.08 -23.77
C ALA I 148 23.95 -71.26 -24.28
N GLU I 149 23.57 -71.52 -25.53
CA GLU I 149 22.35 -71.01 -26.12
C GLU I 149 21.14 -71.54 -25.36
N GLU I 150 20.06 -70.77 -25.36
CA GLU I 150 18.83 -71.12 -24.67
C GLU I 150 17.81 -71.67 -25.65
N TRP I 151 17.30 -72.87 -25.37
CA TRP I 151 16.31 -73.51 -26.24
C TRP I 151 15.00 -72.75 -26.33
N TYR J 1 9.46 20.15 -29.12
CA TYR J 1 8.95 20.28 -27.75
C TYR J 1 9.87 19.62 -26.74
N GLU J 2 9.50 18.41 -26.36
CA GLU J 2 10.31 17.59 -25.49
C GLU J 2 11.31 16.82 -26.32
N HIS J 3 12.59 16.94 -25.99
CA HIS J 3 13.59 16.17 -26.69
C HIS J 3 14.64 15.65 -25.73
N VAL J 4 15.03 14.40 -25.92
CA VAL J 4 16.13 13.78 -25.20
C VAL J 4 17.22 13.42 -26.20
N THR J 5 18.47 13.60 -25.80
CA THR J 5 19.58 13.24 -26.68
C THR J 5 20.79 12.89 -25.83
N VAL J 6 21.84 12.40 -26.51
CA VAL J 6 23.07 11.99 -25.87
C VAL J 6 24.22 12.67 -26.60
N ILE J 7 25.02 13.44 -25.87
CA ILE J 7 26.23 13.98 -26.48
C ILE J 7 27.42 13.24 -25.89
N PRO J 8 28.50 13.05 -26.64
CA PRO J 8 29.70 12.43 -26.08
C PRO J 8 30.45 13.43 -25.21
N ASN J 9 31.02 12.90 -24.13
CA ASN J 9 31.70 13.73 -23.14
C ASN J 9 33.06 14.15 -23.69
N THR J 10 33.04 15.18 -24.51
CA THR J 10 34.26 15.80 -25.02
C THR J 10 34.17 17.30 -24.76
N VAL J 11 35.31 17.94 -24.70
CA VAL J 11 35.37 19.36 -24.40
C VAL J 11 35.81 20.11 -25.66
N GLY J 12 35.10 21.19 -25.97
CA GLY J 12 35.52 22.03 -27.07
C GLY J 12 35.18 21.54 -28.44
N VAL J 13 34.13 20.72 -28.58
CA VAL J 13 33.65 20.28 -29.87
C VAL J 13 32.22 20.78 -30.04
N PRO J 14 31.90 21.49 -31.11
CA PRO J 14 30.50 21.86 -31.37
C PRO J 14 29.69 20.64 -31.77
N TYR J 15 28.41 20.66 -31.39
CA TYR J 15 27.50 19.59 -31.74
C TYR J 15 26.15 20.18 -32.12
N LYS J 16 25.45 19.49 -33.00
CA LYS J 16 24.13 19.89 -33.41
C LYS J 16 23.20 18.71 -33.29
N THR J 17 21.93 18.99 -33.01
CA THR J 17 20.93 17.95 -32.86
C THR J 17 19.64 18.45 -33.48
N LEU J 18 18.96 17.59 -34.22
CA LEU J 18 17.75 17.96 -34.94
C LEU J 18 16.56 17.79 -34.02
N VAL J 19 15.78 18.85 -33.84
CA VAL J 19 14.49 18.75 -33.18
C VAL J 19 13.40 18.88 -34.23
N ASN J 20 12.41 17.99 -34.15
CA ASN J 20 11.31 17.96 -35.11
C ASN J 20 10.01 17.68 -34.37
N ARG J 21 9.26 18.72 -34.10
CA ARG J 21 7.85 18.56 -33.85
C ARG J 21 7.17 18.29 -35.19
N PRO J 22 5.98 17.69 -35.18
CA PRO J 22 5.20 17.63 -36.42
C PRO J 22 4.56 18.98 -36.69
N GLY J 23 3.99 19.09 -37.88
CA GLY J 23 3.31 20.31 -38.24
C GLY J 23 4.25 21.42 -38.63
N TYR J 24 4.95 22.02 -37.66
CA TYR J 24 5.75 23.21 -37.91
C TYR J 24 7.06 22.81 -38.59
N SER J 25 7.84 23.80 -38.95
CA SER J 25 9.14 23.55 -39.56
C SER J 25 10.09 22.99 -38.51
N PRO J 26 10.92 22.02 -38.85
CA PRO J 26 11.88 21.51 -37.87
C PRO J 26 13.03 22.47 -37.69
N MET J 27 13.76 22.27 -36.59
CA MET J 27 14.90 23.10 -36.27
C MET J 27 16.11 22.22 -36.04
N VAL J 28 17.29 22.77 -36.30
CA VAL J 28 18.52 22.15 -35.86
C VAL J 28 19.10 23.04 -34.78
N LEU J 29 19.70 22.41 -33.77
CA LEU J 29 20.05 23.13 -32.56
C LEU J 29 21.52 22.95 -32.26
N GLU J 30 22.16 24.06 -31.96
CA GLU J 30 23.59 24.09 -31.73
C GLU J 30 23.87 24.09 -30.24
N MET J 31 24.72 23.18 -29.79
CA MET J 31 25.18 23.22 -28.41
C MET J 31 26.60 22.71 -28.35
N GLU J 32 27.30 23.13 -27.30
CA GLU J 32 28.71 22.79 -27.13
C GLU J 32 29.04 23.00 -25.67
N LEU J 33 29.64 22.01 -25.04
CA LEU J 33 29.96 22.15 -23.63
C LEU J 33 31.41 22.58 -23.45
N GLN J 34 31.71 23.10 -22.26
CA GLN J 34 32.99 23.75 -22.01
C GLN J 34 33.75 23.12 -20.86
N SER J 35 33.06 22.53 -19.89
CA SER J 35 33.71 21.97 -18.72
C SER J 35 32.82 20.86 -18.16
N VAL J 36 33.45 19.85 -17.59
CA VAL J 36 32.76 18.86 -16.77
C VAL J 36 33.50 18.80 -15.44
N THR J 37 33.06 19.60 -14.48
CA THR J 37 33.77 19.75 -13.23
C THR J 37 33.35 18.65 -12.25
N LEU J 38 34.31 17.81 -11.87
CA LEU J 38 34.10 16.74 -10.92
C LEU J 38 34.30 17.29 -9.53
N GLU J 39 33.23 17.32 -8.74
CA GLU J 39 33.29 17.79 -7.37
C GLU J 39 33.07 16.61 -6.44
N PRO J 40 34.13 15.93 -5.99
CA PRO J 40 33.94 14.82 -5.07
C PRO J 40 33.60 15.33 -3.68
N THR J 41 33.11 14.40 -2.86
CA THR J 41 32.67 14.76 -1.53
C THR J 41 33.88 14.78 -0.58
N LEU J 42 33.89 15.69 0.38
CA LEU J 42 35.05 15.85 1.22
C LEU J 42 34.76 15.46 2.67
N SER J 43 35.82 15.02 3.36
CA SER J 43 35.81 14.86 4.81
C SER J 43 37.25 14.81 5.29
N LEU J 44 37.55 15.58 6.33
CA LEU J 44 38.92 15.75 6.81
C LEU J 44 39.29 14.63 7.78
N ASP J 45 40.30 13.84 7.41
CA ASP J 45 40.85 12.90 8.39
C ASP J 45 41.75 13.63 9.38
N TYR J 46 42.86 14.20 8.90
CA TYR J 46 43.71 14.98 9.80
C TYR J 46 44.61 15.90 9.00
N ILE J 47 45.45 16.63 9.72
CA ILE J 47 46.46 17.50 9.14
C ILE J 47 47.83 17.05 9.63
N THR J 48 48.87 17.57 8.98
CA THR J 48 50.24 17.23 9.35
C THR J 48 51.12 18.44 9.04
N CYS J 49 52.01 18.78 9.95
CA CYS J 49 52.94 19.88 9.73
C CYS J 49 54.33 19.48 10.18
N GLU J 50 55.23 20.45 10.21
CA GLU J 50 56.57 20.27 10.74
C GLU J 50 56.53 20.51 12.25
N TYR J 51 57.46 19.92 12.98
CA TYR J 51 57.40 20.03 14.44
C TYR J 51 58.62 20.72 15.01
N LYS J 52 58.52 21.12 16.28
CA LYS J 52 59.65 21.73 16.98
C LYS J 52 59.92 20.94 18.24
N THR J 53 61.19 20.66 18.50
CA THR J 53 61.59 19.88 19.67
C THR J 53 61.93 20.85 20.79
N VAL J 54 61.07 20.94 21.78
CA VAL J 54 61.36 21.75 22.95
C VAL J 54 62.28 20.93 23.85
N ILE J 55 63.48 21.44 24.02
CA ILE J 55 64.47 20.95 24.97
C ILE J 55 64.80 22.09 25.93
N PRO J 56 64.36 22.01 27.18
CA PRO J 56 64.73 23.05 28.15
C PRO J 56 66.19 22.95 28.56
N SER J 57 66.61 23.82 29.47
CA SER J 57 67.99 23.78 29.92
C SER J 57 68.19 22.54 30.79
N PRO J 58 69.31 21.84 30.62
CA PRO J 58 69.51 20.57 31.34
C PRO J 58 69.68 20.80 32.83
N TYR J 59 68.97 20.02 33.63
CA TYR J 59 69.09 20.11 35.07
C TYR J 59 70.42 19.52 35.50
N VAL J 60 71.23 20.31 36.16
CA VAL J 60 72.49 19.83 36.72
C VAL J 60 72.27 19.61 38.21
N LYS J 61 72.14 18.36 38.62
CA LYS J 61 71.98 18.06 40.04
C LYS J 61 73.35 17.89 40.66
N CYS J 62 73.70 18.82 41.54
CA CYS J 62 75.02 18.86 42.12
C CYS J 62 75.10 17.98 43.36
N CYS J 63 76.17 17.17 43.41
CA CYS J 63 76.61 16.46 44.62
C CYS J 63 75.57 15.46 45.10
N GLY J 64 74.87 14.82 44.18
CA GLY J 64 73.80 13.92 44.52
C GLY J 64 72.94 13.63 43.29
N THR J 65 71.74 13.12 43.54
CA THR J 65 70.85 12.69 42.47
C THR J 65 69.49 13.38 42.56
N ALA J 66 68.84 13.44 41.39
CA ALA J 66 67.49 13.99 41.30
C ALA J 66 66.84 13.38 40.05
N GLU J 67 65.68 12.76 40.22
CA GLU J 67 64.96 12.17 39.09
C GLU J 67 63.75 13.01 38.72
N CYS J 68 63.26 12.81 37.50
CA CYS J 68 62.21 13.64 36.93
C CYS J 68 60.83 13.06 37.22
N LYS J 69 59.89 13.96 37.50
CA LYS J 69 58.52 13.60 37.79
C LYS J 69 57.76 13.60 36.48
N ASP J 70 57.20 12.45 36.11
CA ASP J 70 56.72 12.22 34.76
C ASP J 70 55.42 12.97 34.49
N LYS J 71 55.21 13.33 33.23
CA LYS J 71 54.00 14.01 32.78
C LYS J 71 53.66 13.55 31.36
N SER J 72 52.38 13.73 30.99
CA SER J 72 51.85 13.21 29.73
C SER J 72 51.86 14.29 28.65
N LEU J 73 53.01 14.73 28.36
CA LEU J 73 53.28 15.63 27.25
C LEU J 73 53.34 14.83 25.96
N PRO J 74 53.20 15.46 24.78
CA PRO J 74 53.38 14.70 23.53
C PRO J 74 54.81 14.26 23.33
N ASP J 75 55.03 12.95 23.44
CA ASP J 75 56.35 12.31 23.50
C ASP J 75 57.23 12.94 24.56
N TYR J 76 56.76 12.84 25.81
CA TYR J 76 57.60 13.19 26.94
C TYR J 76 58.72 12.19 27.08
N SER J 77 59.95 12.67 27.16
CA SER J 77 61.06 11.74 27.29
C SER J 77 62.09 12.31 28.26
N CYS J 78 62.62 11.43 29.10
CA CYS J 78 63.46 11.87 30.20
C CYS J 78 64.49 10.79 30.52
N LYS J 79 65.64 11.24 31.04
CA LYS J 79 66.69 10.35 31.52
C LYS J 79 67.65 11.17 32.37
N VAL J 80 68.08 10.60 33.50
CA VAL J 80 69.08 11.22 34.35
C VAL J 80 70.37 10.41 34.21
N PHE J 81 71.43 11.07 33.79
CA PHE J 81 72.74 10.46 33.66
C PHE J 81 73.57 10.76 34.89
N THR J 82 74.24 9.74 35.41
CA THR J 82 75.06 9.88 36.61
C THR J 82 76.53 9.88 36.25
N GLY J 83 77.35 10.34 37.20
CA GLY J 83 78.79 10.35 37.02
C GLY J 83 79.30 11.33 35.98
N VAL J 84 78.47 12.27 35.56
CA VAL J 84 78.82 13.19 34.48
C VAL J 84 79.66 14.33 35.04
N TYR J 85 80.25 15.12 34.16
CA TYR J 85 81.11 16.22 34.57
C TYR J 85 80.77 17.46 33.74
N PRO J 86 80.69 18.63 34.35
CA PRO J 86 80.40 19.85 33.60
C PRO J 86 81.68 20.60 33.22
N PHE J 87 81.51 21.67 32.47
CA PHE J 87 82.60 22.59 32.21
C PHE J 87 82.03 23.97 31.87
N MET J 88 82.75 25.02 32.27
CA MET J 88 82.34 26.40 32.06
C MET J 88 83.62 27.23 31.94
N TRP J 89 83.51 28.54 32.17
CA TRP J 89 84.69 29.40 32.25
C TRP J 89 85.66 28.91 33.32
N GLY J 90 85.22 28.91 34.57
CA GLY J 90 86.05 28.45 35.66
C GLY J 90 85.95 26.95 35.85
N GLY J 91 86.34 26.20 34.83
CA GLY J 91 86.37 24.75 34.94
C GLY J 91 84.97 24.19 35.01
N ALA J 92 84.79 23.21 35.90
CA ALA J 92 83.48 22.64 36.16
C ALA J 92 82.56 23.67 36.78
N TYR J 93 81.29 23.60 36.39
CA TYR J 93 80.29 24.51 36.93
C TYR J 93 80.08 24.26 38.41
N CYS J 94 80.11 23.01 38.83
CA CYS J 94 79.89 22.63 40.22
C CYS J 94 81.21 22.35 40.90
N PHE J 95 81.12 21.91 42.15
CA PHE J 95 82.33 21.63 42.92
C PHE J 95 82.59 20.15 43.07
N CYS J 96 81.55 19.35 43.32
CA CYS J 96 81.72 17.91 43.40
C CYS J 96 81.97 17.33 42.01
N ASP J 97 82.62 16.17 41.97
CA ASP J 97 83.05 15.58 40.70
C ASP J 97 82.34 14.27 40.39
N ALA J 98 82.42 13.27 41.26
CA ALA J 98 81.82 11.97 40.96
C ALA J 98 80.33 11.94 41.27
N GLU J 99 79.85 12.91 42.03
CA GLU J 99 78.48 12.95 42.48
C GLU J 99 77.62 13.92 41.69
N ASN J 100 78.16 14.50 40.62
CA ASN J 100 77.36 15.32 39.72
C ASN J 100 76.49 14.43 38.86
N THR J 101 75.18 14.55 39.03
CA THR J 101 74.23 13.91 38.13
C THR J 101 73.58 14.99 37.27
N GLN J 102 72.90 14.55 36.22
CA GLN J 102 72.32 15.50 35.28
C GLN J 102 71.00 14.93 34.78
N LEU J 103 69.92 15.62 35.09
CA LEU J 103 68.62 15.27 34.57
C LEU J 103 68.40 15.95 33.23
N SER J 104 67.85 15.19 32.28
CA SER J 104 67.59 15.71 30.94
C SER J 104 66.19 15.28 30.52
N GLU J 105 65.44 16.22 29.98
CA GLU J 105 64.05 15.98 29.58
C GLU J 105 63.76 16.80 28.33
N ALA J 106 63.02 16.20 27.40
CA ALA J 106 62.66 16.89 26.17
C ALA J 106 61.35 16.33 25.64
N HIS J 107 60.73 17.10 24.75
CA HIS J 107 59.51 16.67 24.09
C HIS J 107 59.35 17.46 22.79
N VAL J 108 58.20 17.29 22.15
CA VAL J 108 57.96 17.81 20.81
C VAL J 108 56.57 18.44 20.77
N GLU J 109 56.47 19.59 20.09
CA GLU J 109 55.18 20.23 19.87
C GLU J 109 55.06 20.61 18.40
N LYS J 110 53.93 21.20 18.05
CA LYS J 110 53.72 21.74 16.71
C LYS J 110 54.56 23.00 16.52
N SER J 111 54.63 23.45 15.27
CA SER J 111 55.44 24.59 14.90
C SER J 111 54.57 25.81 14.69
N GLU J 112 55.22 26.96 14.53
CA GLU J 112 54.52 28.13 14.03
C GLU J 112 54.12 27.95 12.58
N SER J 113 54.90 27.16 11.83
CA SER J 113 54.60 26.92 10.42
C SER J 113 53.35 26.07 10.25
N CYS J 114 52.90 25.39 11.31
CA CYS J 114 51.61 24.72 11.27
C CYS J 114 50.45 25.70 11.19
N LYS J 115 50.68 26.96 11.56
CA LYS J 115 49.64 27.98 11.47
C LYS J 115 49.23 28.27 10.04
N THR J 116 50.13 28.06 9.07
CA THR J 116 49.78 28.30 7.67
C THR J 116 50.21 27.21 6.71
N GLU J 117 51.20 26.37 7.02
CA GLU J 117 51.74 25.42 6.07
C GLU J 117 51.60 24.00 6.60
N PHE J 118 50.96 23.15 5.81
CA PHE J 118 50.56 21.84 6.28
C PHE J 118 50.17 21.00 5.07
N ALA J 119 50.18 19.71 5.27
CA ALA J 119 49.53 18.79 4.35
C ALA J 119 48.25 18.29 5.00
N SER J 120 47.30 17.87 4.19
CA SER J 120 46.03 17.44 4.75
C SER J 120 45.64 16.07 4.21
N ALA J 121 45.29 15.18 5.13
CA ALA J 121 44.80 13.85 4.80
C ALA J 121 43.29 13.89 4.81
N TYR J 122 42.69 13.48 3.68
CA TYR J 122 41.27 13.57 3.40
C TYR J 122 40.72 12.20 3.05
N ARG J 123 39.43 12.04 3.29
CA ARG J 123 38.66 10.93 2.75
C ARG J 123 37.71 11.48 1.70
N ALA J 124 37.58 10.78 0.58
CA ALA J 124 36.72 11.23 -0.50
C ALA J 124 36.11 10.04 -1.22
N HIS J 125 35.05 10.32 -1.97
CA HIS J 125 34.31 9.32 -2.73
C HIS J 125 33.69 10.02 -3.93
N THR J 126 32.67 9.39 -4.53
CA THR J 126 32.14 9.80 -5.82
C THR J 126 31.52 11.20 -5.79
N ALA J 127 31.29 11.74 -6.97
CA ALA J 127 31.19 13.18 -7.18
C ALA J 127 29.81 13.61 -7.65
N SER J 128 29.50 14.88 -7.39
CA SER J 128 28.32 15.55 -7.92
C SER J 128 28.81 16.53 -8.98
N ALA J 129 28.77 16.10 -10.24
CA ALA J 129 29.42 16.85 -11.30
C ALA J 129 28.58 18.03 -11.76
N SER J 130 29.25 18.97 -12.43
CA SER J 130 28.63 20.16 -12.97
C SER J 130 29.15 20.39 -14.39
N ALA J 131 28.44 21.23 -15.14
CA ALA J 131 28.80 21.45 -16.53
C ALA J 131 28.39 22.85 -16.97
N LYS J 132 29.17 23.39 -17.89
CA LYS J 132 28.90 24.68 -18.52
C LYS J 132 28.61 24.42 -19.99
N LEU J 133 27.47 24.91 -20.47
CA LEU J 133 26.96 24.47 -21.75
C LEU J 133 26.49 25.67 -22.56
N ARG J 134 27.16 25.93 -23.68
CA ARG J 134 26.81 27.03 -24.57
C ARG J 134 25.87 26.53 -25.65
N VAL J 135 24.92 27.37 -26.05
CA VAL J 135 23.91 27.01 -27.03
C VAL J 135 23.74 28.21 -27.97
N LEU J 136 23.92 27.98 -29.27
CA LEU J 136 23.51 28.99 -30.24
C LEU J 136 22.04 28.73 -30.55
N TYR J 137 21.23 29.71 -30.22
CA TYR J 137 19.79 29.61 -30.25
C TYR J 137 19.25 30.88 -30.88
N GLN J 138 18.69 30.74 -32.09
CA GLN J 138 18.27 31.86 -32.96
C GLN J 138 19.41 32.85 -33.16
N GLY J 139 20.62 32.34 -33.36
CA GLY J 139 21.77 33.20 -33.49
C GLY J 139 22.10 33.95 -32.22
N ASN J 140 21.87 33.33 -31.06
CA ASN J 140 22.15 33.98 -29.78
C ASN J 140 22.87 33.00 -28.89
N ASN J 141 23.94 33.45 -28.24
CA ASN J 141 24.85 32.58 -27.50
C ASN J 141 24.43 32.54 -26.04
N ILE J 142 23.55 31.60 -25.70
CA ILE J 142 23.06 31.45 -24.33
C ILE J 142 23.86 30.35 -23.66
N THR J 143 24.45 30.66 -22.51
CA THR J 143 25.31 29.73 -21.80
C THR J 143 24.68 29.40 -20.45
N VAL J 144 24.46 28.11 -20.20
CA VAL J 144 23.84 27.64 -18.98
C VAL J 144 24.88 26.94 -18.13
N ALA J 145 24.57 26.79 -16.85
CA ALA J 145 25.41 26.05 -15.92
C ALA J 145 24.51 25.10 -15.14
N ALA J 146 24.77 23.80 -15.28
CA ALA J 146 23.89 22.79 -14.71
C ALA J 146 24.70 21.84 -13.85
N TYR J 147 24.00 21.00 -13.11
CA TYR J 147 24.62 20.00 -12.25
C TYR J 147 24.48 18.63 -12.87
N ALA J 148 25.61 18.02 -13.23
CA ALA J 148 25.62 16.87 -14.14
C ALA J 148 25.28 15.57 -13.41
N ASN J 149 24.09 15.52 -12.83
CA ASN J 149 23.63 14.32 -12.14
C ASN J 149 22.17 13.99 -12.37
N GLY J 150 21.51 14.65 -13.30
CA GLY J 150 20.12 14.34 -13.57
C GLY J 150 19.13 14.88 -12.56
N ASP J 151 19.55 15.77 -11.68
CA ASP J 151 18.68 16.31 -10.65
C ASP J 151 18.74 17.82 -10.58
N HIS J 152 18.90 18.47 -11.73
CA HIS J 152 18.88 19.92 -11.80
C HIS J 152 18.42 20.31 -13.19
N ALA J 153 17.37 21.11 -13.26
CA ALA J 153 16.96 21.72 -14.52
C ALA J 153 17.12 23.23 -14.38
N VAL J 154 17.56 23.86 -15.46
CA VAL J 154 17.76 25.31 -15.49
C VAL J 154 16.93 25.87 -16.64
N THR J 155 16.27 27.00 -16.39
CA THR J 155 15.37 27.62 -17.33
C THR J 155 15.98 28.92 -17.82
N VAL J 156 15.98 29.12 -19.14
CA VAL J 156 16.35 30.40 -19.73
C VAL J 156 15.63 30.56 -21.07
N LYS J 157 14.95 31.71 -21.23
CA LYS J 157 14.24 32.10 -22.45
C LYS J 157 13.22 31.04 -22.86
N ASP J 158 12.30 30.75 -21.95
CA ASP J 158 11.34 29.64 -21.92
C ASP J 158 11.94 28.29 -22.32
N ALA J 159 13.21 28.07 -22.02
CA ALA J 159 13.87 26.82 -22.35
C ALA J 159 14.16 26.09 -21.06
N LYS J 160 13.82 24.80 -21.03
CA LYS J 160 13.96 23.97 -19.84
C LYS J 160 15.05 22.94 -20.15
N PHE J 161 16.28 23.27 -19.80
CA PHE J 161 17.37 22.33 -19.97
C PHE J 161 17.47 21.45 -18.75
N VAL J 162 17.69 20.16 -18.96
CA VAL J 162 18.04 19.27 -17.87
C VAL J 162 19.07 18.26 -18.36
N VAL J 163 20.25 18.28 -17.74
CA VAL J 163 21.21 17.25 -18.04
C VAL J 163 20.83 15.97 -17.31
N GLY J 164 21.40 14.86 -17.75
CA GLY J 164 21.08 13.59 -17.16
C GLY J 164 22.12 13.18 -16.15
N PRO J 165 21.94 12.02 -15.55
CA PRO J 165 23.05 11.38 -14.84
C PRO J 165 24.10 10.96 -15.84
N MET J 166 25.35 11.05 -15.42
CA MET J 166 26.46 10.58 -16.24
C MET J 166 26.35 9.09 -16.47
N SER J 167 26.60 8.66 -17.71
CA SER J 167 26.40 7.26 -18.05
C SER J 167 27.41 6.36 -17.36
N SER J 168 28.57 6.89 -17.05
CA SER J 168 29.50 6.22 -16.15
C SER J 168 29.48 6.92 -14.79
N ALA J 169 30.34 6.47 -13.90
CA ALA J 169 30.54 7.11 -12.61
C ALA J 169 32.00 7.13 -12.24
N TRP J 170 32.87 7.15 -13.25
CA TRP J 170 34.30 7.04 -13.02
C TRP J 170 34.86 8.35 -12.52
N THR J 171 35.75 8.27 -11.54
CA THR J 171 36.62 9.35 -11.12
C THR J 171 38.04 8.83 -11.15
N PRO J 172 39.04 9.71 -11.21
CA PRO J 172 40.43 9.24 -11.07
C PRO J 172 40.89 9.19 -9.63
N PHE J 173 39.96 9.28 -8.69
CA PHE J 173 40.29 9.41 -7.28
C PHE J 173 40.05 8.11 -6.54
N ASP J 174 40.64 8.02 -5.35
CA ASP J 174 40.36 6.95 -4.42
C ASP J 174 39.85 7.53 -3.12
N ASN J 175 39.78 6.68 -2.10
CA ASN J 175 39.26 7.11 -0.81
C ASN J 175 40.24 8.02 -0.10
N LYS J 176 41.43 7.52 0.22
CA LYS J 176 42.42 8.29 0.96
C LYS J 176 43.14 9.20 -0.01
N ILE J 177 43.05 10.51 0.23
CA ILE J 177 43.60 11.53 -0.68
C ILE J 177 44.36 12.55 0.14
N VAL J 178 45.61 12.78 -0.20
CA VAL J 178 46.39 13.78 0.54
C VAL J 178 46.63 14.98 -0.36
N VAL J 179 46.35 16.16 0.19
CA VAL J 179 46.41 17.40 -0.56
C VAL J 179 47.49 18.28 0.06
N TYR J 180 48.16 19.06 -0.79
CA TYR J 180 48.95 20.20 -0.35
C TYR J 180 48.79 21.29 -1.40
N LYS J 181 47.83 22.19 -1.16
CA LYS J 181 47.89 23.60 -1.52
C LYS J 181 47.93 23.93 -3.02
N GLY J 182 48.35 22.99 -3.85
CA GLY J 182 48.28 23.15 -5.28
C GLY J 182 48.13 21.81 -5.97
N ASP J 183 48.16 20.71 -5.21
CA ASP J 183 48.00 19.42 -5.84
C ASP J 183 47.48 18.39 -4.86
N VAL J 184 47.03 17.27 -5.41
CA VAL J 184 46.43 16.17 -4.67
C VAL J 184 47.15 14.88 -5.03
N TYR J 185 46.98 13.87 -4.19
CA TYR J 185 47.62 12.58 -4.40
C TYR J 185 46.71 11.46 -3.92
N ASN J 186 46.69 10.37 -4.68
CA ASN J 186 45.95 9.16 -4.34
C ASN J 186 46.85 8.27 -3.50
N MET J 187 47.14 8.72 -2.29
CA MET J 187 48.10 8.10 -1.40
C MET J 187 47.40 7.53 -0.18
N ASP J 188 47.99 6.49 0.41
CA ASP J 188 47.47 5.87 1.62
C ASP J 188 48.29 6.36 2.80
N TYR J 189 47.74 7.31 3.53
CA TYR J 189 48.38 7.78 4.74
C TYR J 189 48.21 6.74 5.84
N PRO J 190 49.02 6.80 6.89
CA PRO J 190 48.77 5.94 8.05
C PRO J 190 47.50 6.33 8.77
N PRO J 191 46.87 5.40 9.48
CA PRO J 191 45.70 5.74 10.28
C PRO J 191 46.03 6.68 11.43
N PHE J 192 45.04 7.46 11.84
CA PHE J 192 45.24 8.47 12.85
C PHE J 192 45.49 7.83 14.22
N GLY J 193 46.55 8.25 14.87
CA GLY J 193 46.97 7.67 16.12
C GLY J 193 47.96 6.54 15.99
N ALA J 194 47.95 5.82 14.86
CA ALA J 194 48.92 4.77 14.59
C ALA J 194 50.02 5.28 13.68
N GLY J 195 50.42 6.54 13.87
CA GLY J 195 51.32 7.19 12.94
C GLY J 195 52.73 6.63 13.03
N ARG J 196 53.22 6.14 11.91
CA ARG J 196 54.55 5.55 11.84
C ARG J 196 55.60 6.66 11.94
N PRO J 197 56.81 6.37 12.41
CA PRO J 197 57.84 7.41 12.47
C PRO J 197 58.52 7.63 11.13
N GLY J 198 59.07 8.84 10.99
CA GLY J 198 59.96 9.15 9.89
C GLY J 198 59.31 9.30 8.55
N GLN J 199 58.03 9.67 8.51
CA GLN J 199 57.24 9.72 7.29
C GLN J 199 55.99 10.53 7.61
N PHE J 200 55.02 10.50 6.70
CA PHE J 200 53.65 10.79 7.06
C PHE J 200 53.24 9.93 8.24
N GLY J 201 52.67 10.58 9.26
CA GLY J 201 52.43 9.95 10.54
C GLY J 201 53.43 10.30 11.60
N ASP J 202 54.34 11.22 11.33
CA ASP J 202 55.30 11.65 12.35
C ASP J 202 54.59 12.41 13.47
N ILE J 203 53.78 13.40 13.10
CA ILE J 203 52.88 14.06 14.04
C ILE J 203 51.50 14.12 13.40
N GLN J 204 50.48 14.17 14.24
CA GLN J 204 49.11 14.11 13.78
C GLN J 204 48.24 14.92 14.72
N SER J 205 47.22 15.56 14.14
CA SER J 205 46.20 16.31 14.85
C SER J 205 45.07 16.54 13.88
N ARG J 206 43.85 16.68 14.41
CA ARG J 206 42.68 16.84 13.56
C ARG J 206 42.71 18.17 12.82
N THR J 207 42.70 19.27 13.56
CA THR J 207 42.68 20.61 13.00
C THR J 207 43.95 21.35 13.41
N PRO J 208 44.29 22.49 12.80
CA PRO J 208 45.31 23.36 13.41
C PRO J 208 44.86 24.00 14.70
N GLU J 209 43.55 24.06 14.96
CA GLU J 209 43.04 24.49 16.26
C GLU J 209 43.05 23.37 17.29
N SER J 210 43.16 22.12 16.85
CA SER J 210 43.16 20.98 17.77
C SER J 210 44.47 20.95 18.55
N LYS J 211 44.40 21.33 19.82
CA LYS J 211 45.60 21.48 20.65
C LYS J 211 46.26 20.16 20.99
N ASP J 212 45.57 19.04 20.81
CA ASP J 212 46.16 17.73 21.05
C ASP J 212 46.96 17.30 19.83
N VAL J 213 48.18 16.82 20.06
CA VAL J 213 49.07 16.40 18.99
C VAL J 213 49.69 15.06 19.35
N TYR J 214 49.36 14.05 18.56
CA TYR J 214 49.99 12.75 18.73
C TYR J 214 51.28 12.76 17.93
N ALA J 215 52.34 12.18 18.48
CA ALA J 215 53.61 12.09 17.81
C ALA J 215 54.22 10.72 18.01
N ASN J 216 55.15 10.38 17.14
CA ASN J 216 55.89 9.12 17.22
C ASN J 216 57.19 9.35 16.44
N THR J 217 58.26 9.64 17.17
CA THR J 217 59.48 10.02 16.50
C THR J 217 60.76 9.44 17.10
N GLN J 218 60.66 8.68 18.20
CA GLN J 218 61.80 8.05 18.90
C GLN J 218 62.85 9.07 19.33
N LEU J 219 62.42 10.03 20.13
CA LEU J 219 63.34 11.00 20.71
C LEU J 219 63.83 10.45 22.03
N VAL J 220 64.98 9.78 21.98
CA VAL J 220 65.60 9.20 23.17
C VAL J 220 66.98 9.84 23.36
N LEU J 221 67.26 10.27 24.57
CA LEU J 221 68.44 11.06 24.85
C LEU J 221 69.66 10.17 25.07
N GLN J 222 70.83 10.74 24.79
CA GLN J 222 72.11 10.03 24.90
C GLN J 222 72.96 10.68 25.97
N ARG J 223 74.03 9.97 26.33
CA ARG J 223 74.92 10.42 27.38
C ARG J 223 75.74 11.59 26.90
N PRO J 224 75.72 12.73 27.58
CA PRO J 224 76.53 13.88 27.16
C PRO J 224 78.01 13.62 27.36
N ALA J 225 78.80 14.48 26.74
CA ALA J 225 80.23 14.24 26.60
C ALA J 225 80.98 14.66 27.87
N ALA J 226 82.30 14.66 27.79
CA ALA J 226 83.14 15.02 28.92
C ALA J 226 83.25 16.53 29.02
N GLY J 227 82.61 17.11 30.03
CA GLY J 227 82.63 18.53 30.27
C GLY J 227 81.66 19.33 29.44
N THR J 228 81.43 18.95 28.19
CA THR J 228 80.64 19.72 27.24
C THR J 228 79.19 19.72 27.69
N VAL J 229 78.73 20.84 28.22
CA VAL J 229 77.36 20.96 28.65
C VAL J 229 76.47 21.18 27.43
N HIS J 230 75.96 20.07 26.90
CA HIS J 230 74.94 20.11 25.87
C HIS J 230 74.06 18.89 26.05
N VAL J 231 72.94 18.87 25.35
CA VAL J 231 72.01 17.76 25.49
C VAL J 231 71.99 16.97 24.18
N PRO J 232 72.65 15.83 24.11
CA PRO J 232 72.56 15.01 22.90
C PRO J 232 71.25 14.25 22.85
N TYR J 233 70.41 14.61 21.90
CA TYR J 233 69.20 13.87 21.60
C TYR J 233 69.39 13.15 20.28
N SER J 234 68.76 11.99 20.16
CA SER J 234 68.88 11.21 18.95
C SER J 234 68.07 11.86 17.83
N GLN J 235 68.25 11.35 16.63
CA GLN J 235 67.69 11.97 15.44
C GLN J 235 66.19 11.74 15.38
N ALA J 236 65.51 12.63 14.67
CA ALA J 236 64.06 12.63 14.58
C ALA J 236 63.65 12.97 13.15
N PRO J 237 63.63 11.99 12.26
CA PRO J 237 63.18 12.26 10.90
C PRO J 237 61.67 12.45 10.84
N SER J 238 61.24 13.32 9.93
CA SER J 238 59.86 13.79 9.90
C SER J 238 59.17 13.35 8.61
N GLY J 239 57.99 13.94 8.40
CA GLY J 239 57.33 13.79 7.12
C GLY J 239 57.74 14.83 6.12
N PHE J 240 58.04 16.04 6.58
CA PHE J 240 58.46 17.08 5.65
C PHE J 240 59.93 16.98 5.30
N LYS J 241 60.74 16.36 6.16
CA LYS J 241 62.16 16.17 5.88
C LYS J 241 62.39 15.21 4.72
N TYR J 242 61.43 14.33 4.46
CA TYR J 242 61.58 13.36 3.39
C TYR J 242 60.58 13.56 2.27
N TRP J 243 59.32 13.87 2.61
CA TRP J 243 58.24 13.73 1.65
C TRP J 243 58.27 14.84 0.60
N LEU J 244 58.69 16.04 0.98
CA LEU J 244 58.66 17.13 0.03
C LEU J 244 59.80 17.06 -0.97
N LYS J 245 60.69 16.09 -0.85
CA LYS J 245 61.72 15.83 -1.84
C LYS J 245 61.35 14.71 -2.79
N GLU J 246 60.29 13.96 -2.50
CA GLU J 246 59.95 12.80 -3.30
C GLU J 246 58.46 12.69 -3.57
N ARG J 247 57.77 13.82 -3.73
CA ARG J 247 56.33 13.80 -3.99
C ARG J 247 56.02 13.10 -5.32
N GLY J 248 56.90 13.22 -6.30
CA GLY J 248 56.83 12.42 -7.50
C GLY J 248 55.63 12.62 -8.40
N ALA J 249 54.74 11.64 -8.41
CA ALA J 249 53.63 11.60 -9.34
C ALA J 249 52.51 12.51 -8.83
N SER J 250 52.44 13.71 -9.35
CA SER J 250 51.32 14.58 -9.03
C SER J 250 50.11 14.17 -9.86
N LEU J 251 48.93 14.28 -9.25
CA LEU J 251 47.71 13.90 -9.95
C LEU J 251 47.33 14.89 -11.02
N GLN J 252 47.85 16.11 -10.94
CA GLN J 252 47.78 17.03 -12.06
C GLN J 252 48.51 16.47 -13.27
N HIS J 253 49.63 15.79 -13.03
CA HIS J 253 50.47 15.31 -14.12
C HIS J 253 50.23 13.84 -14.46
N THR J 254 49.46 13.11 -13.64
CA THR J 254 49.32 11.67 -13.84
C THR J 254 47.86 11.25 -13.98
N ALA J 255 47.00 12.18 -14.33
CA ALA J 255 45.58 11.88 -14.40
C ALA J 255 45.26 11.08 -15.65
N PRO J 256 44.57 9.95 -15.54
CA PRO J 256 44.07 9.27 -16.73
C PRO J 256 43.02 10.10 -17.42
N PHE J 257 42.88 9.86 -18.73
CA PHE J 257 41.93 10.52 -19.63
C PHE J 257 42.11 12.03 -19.71
N GLY J 258 43.25 12.55 -19.29
CA GLY J 258 43.57 13.95 -19.50
C GLY J 258 42.79 14.92 -18.65
N CYS J 259 42.35 14.49 -17.48
CA CYS J 259 41.67 15.44 -16.61
C CYS J 259 42.70 16.38 -15.98
N GLN J 260 42.25 17.58 -15.63
CA GLN J 260 43.08 18.52 -14.90
C GLN J 260 42.52 18.66 -13.49
N ILE J 261 43.38 19.12 -12.59
CA ILE J 261 42.99 19.34 -11.21
C ILE J 261 43.06 20.84 -10.92
N ALA J 262 42.26 21.27 -9.96
CA ALA J 262 42.32 22.64 -9.48
C ALA J 262 41.93 22.62 -8.01
N THR J 263 42.67 23.34 -7.18
CA THR J 263 42.44 23.24 -5.76
C THR J 263 41.69 24.45 -5.24
N ASN J 264 41.24 24.33 -3.99
CA ASN J 264 40.45 25.29 -3.22
C ASN J 264 39.19 25.74 -3.96
N PRO J 265 38.16 24.89 -4.06
CA PRO J 265 38.05 23.49 -3.63
C PRO J 265 38.66 22.56 -4.65
N VAL J 266 38.82 21.28 -4.30
CA VAL J 266 39.32 20.30 -5.25
C VAL J 266 38.28 20.09 -6.36
N ARG J 267 38.76 20.07 -7.60
CA ARG J 267 37.88 19.84 -8.74
C ARG J 267 38.68 19.27 -9.89
N ALA J 268 38.18 18.20 -10.47
CA ALA J 268 38.74 17.63 -11.69
C ALA J 268 37.90 18.06 -12.88
N VAL J 269 38.55 18.59 -13.90
CA VAL J 269 37.85 19.07 -15.08
C VAL J 269 38.28 18.24 -16.28
N ASN J 270 37.36 18.14 -17.25
CA ASN J 270 37.57 17.52 -18.55
C ASN J 270 37.97 16.05 -18.43
N CYS J 271 37.09 15.26 -17.82
CA CYS J 271 37.27 13.82 -17.75
C CYS J 271 36.49 13.18 -18.89
N ALA J 272 37.19 13.06 -20.02
CA ALA J 272 36.57 12.66 -21.28
C ALA J 272 36.31 11.17 -21.28
N VAL J 273 35.22 10.78 -20.63
CA VAL J 273 34.69 9.42 -20.74
C VAL J 273 33.19 9.50 -20.46
N GLY J 274 32.47 8.50 -20.91
CA GLY J 274 31.04 8.51 -20.75
C GLY J 274 30.37 9.42 -21.76
N ASN J 275 29.07 9.59 -21.56
CA ASN J 275 28.27 10.43 -22.44
C ASN J 275 27.08 10.96 -21.66
N ILE J 276 26.72 12.20 -21.95
CA ILE J 276 25.75 12.94 -21.16
C ILE J 276 24.40 12.89 -21.84
N PRO J 277 23.38 12.35 -21.20
CA PRO J 277 22.01 12.60 -21.63
C PRO J 277 21.60 14.02 -21.29
N ILE J 278 20.98 14.67 -22.25
CA ILE J 278 20.53 16.04 -22.09
C ILE J 278 19.15 16.16 -22.73
N SER J 279 18.20 16.71 -21.98
CA SER J 279 16.86 16.91 -22.45
C SER J 279 16.53 18.39 -22.43
N ILE J 280 15.60 18.76 -23.30
CA ILE J 280 15.18 20.15 -23.44
C ILE J 280 13.68 20.16 -23.68
N ASP J 281 12.99 20.99 -22.89
CA ASP J 281 11.60 21.32 -23.14
C ASP J 281 11.50 22.74 -23.69
N ILE J 282 10.65 22.90 -24.70
CA ILE J 282 10.60 24.16 -25.45
C ILE J 282 9.18 24.33 -26.00
N PRO J 283 8.62 25.55 -25.98
CA PRO J 283 7.25 25.74 -26.50
C PRO J 283 7.22 26.02 -27.98
N ASP J 284 6.01 26.21 -28.51
CA ASP J 284 5.85 26.37 -29.95
C ASP J 284 6.12 27.78 -30.44
N ALA J 285 6.46 28.72 -29.54
CA ALA J 285 6.71 30.09 -29.95
C ALA J 285 7.97 30.25 -30.79
N ALA J 286 9.00 29.45 -30.50
CA ALA J 286 10.26 29.61 -31.23
C ALA J 286 10.22 28.88 -32.57
N PHE J 287 9.40 27.84 -32.67
CA PHE J 287 9.19 27.21 -33.96
C PHE J 287 8.31 28.10 -34.85
N THR J 288 8.17 27.68 -36.11
CA THR J 288 7.19 28.29 -36.99
C THR J 288 6.70 27.24 -37.98
N ARG J 289 5.46 27.41 -38.41
CA ARG J 289 4.81 26.49 -39.34
C ARG J 289 5.51 26.52 -40.69
N VAL J 290 5.36 25.42 -41.44
CA VAL J 290 5.83 25.34 -42.82
C VAL J 290 5.19 26.39 -43.73
N VAL J 291 4.03 26.92 -43.35
CA VAL J 291 3.41 28.04 -44.08
C VAL J 291 4.25 29.31 -43.99
N ASP J 292 5.17 29.40 -43.04
CA ASP J 292 6.19 30.44 -43.08
C ASP J 292 7.52 29.96 -43.64
N ALA J 293 7.73 28.65 -43.66
CA ALA J 293 8.98 28.13 -44.19
C ALA J 293 8.97 28.17 -45.72
N PRO J 294 10.05 28.63 -46.34
CA PRO J 294 10.07 28.73 -47.80
C PRO J 294 10.22 27.36 -48.45
N SER J 295 9.34 27.08 -49.40
CA SER J 295 9.31 25.79 -50.07
C SER J 295 10.47 25.72 -51.04
N VAL J 296 11.63 25.31 -50.56
CA VAL J 296 12.79 25.12 -51.41
C VAL J 296 12.65 23.79 -52.14
N THR J 297 13.07 23.76 -53.40
CA THR J 297 12.94 22.58 -54.23
C THR J 297 13.99 22.59 -55.32
N ASP J 298 14.07 21.46 -56.03
CA ASP J 298 14.98 21.12 -57.13
C ASP J 298 16.44 21.53 -56.90
N MET J 299 16.88 21.52 -55.65
CA MET J 299 18.28 21.77 -55.35
C MET J 299 19.10 20.55 -55.72
N SER J 300 20.36 20.79 -56.06
CA SER J 300 21.24 19.69 -56.44
C SER J 300 22.62 20.00 -55.87
N CYS J 301 23.21 19.03 -55.21
CA CYS J 301 24.47 19.22 -54.52
C CYS J 301 25.64 18.88 -55.44
N GLU J 302 26.73 19.62 -55.27
CA GLU J 302 27.97 19.30 -55.95
C GLU J 302 29.12 19.76 -55.07
N VAL J 303 30.28 19.16 -55.30
CA VAL J 303 31.46 19.36 -54.46
C VAL J 303 32.65 19.69 -55.34
N PRO J 304 33.38 20.75 -55.07
CA PRO J 304 34.70 20.91 -55.69
C PRO J 304 35.67 19.86 -55.19
N ALA J 305 35.86 19.78 -53.87
CA ALA J 305 36.82 18.86 -53.29
C ALA J 305 36.48 18.64 -51.83
N CYS J 306 36.93 17.51 -51.30
CA CYS J 306 36.76 17.18 -49.90
C CYS J 306 38.06 16.62 -49.38
N THR J 307 38.16 16.50 -48.06
CA THR J 307 39.38 16.02 -47.42
C THR J 307 39.00 15.51 -46.04
N HIS J 308 39.19 14.23 -45.79
CA HIS J 308 38.80 13.67 -44.51
C HIS J 308 39.78 14.13 -43.44
N SER J 309 39.55 15.32 -42.92
CA SER J 309 40.50 15.95 -42.01
C SER J 309 39.75 16.47 -40.79
N SER J 310 40.48 17.16 -39.94
CA SER J 310 39.91 17.71 -38.72
C SER J 310 39.23 19.05 -38.96
N ASP J 311 39.69 19.78 -39.98
CA ASP J 311 39.25 21.15 -40.25
C ASP J 311 37.93 21.16 -41.01
N PHE J 312 37.60 22.28 -41.65
CA PHE J 312 36.50 22.35 -42.60
C PHE J 312 36.91 21.55 -43.84
N GLY J 313 36.78 20.22 -43.73
CA GLY J 313 37.44 19.31 -44.63
C GLY J 313 36.87 19.27 -46.03
N GLY J 314 35.71 19.85 -46.24
CA GLY J 314 35.15 19.92 -47.57
C GLY J 314 34.16 21.05 -47.65
N VAL J 315 34.06 21.64 -48.84
CA VAL J 315 33.01 22.60 -49.11
C VAL J 315 32.14 22.07 -50.25
N ALA J 316 30.85 22.36 -50.17
CA ALA J 316 29.89 21.91 -51.16
C ALA J 316 29.03 23.10 -51.53
N ILE J 317 28.40 23.01 -52.70
CA ILE J 317 27.49 24.04 -53.16
C ILE J 317 26.24 23.34 -53.68
N ILE J 318 25.11 23.76 -53.18
CA ILE J 318 23.82 23.31 -53.67
C ILE J 318 23.22 24.38 -54.55
N LYS J 319 22.69 23.97 -55.69
CA LYS J 319 21.93 24.83 -56.57
C LYS J 319 20.48 24.69 -56.19
N TYR J 320 19.90 25.74 -55.61
CA TYR J 320 18.60 25.65 -54.99
C TYR J 320 17.66 26.69 -55.57
N THR J 321 16.38 26.44 -55.41
CA THR J 321 15.32 27.31 -55.91
C THR J 321 14.36 27.57 -54.77
N ALA J 322 14.57 28.67 -54.06
CA ALA J 322 13.69 29.00 -52.95
C ALA J 322 12.46 29.75 -53.48
N SER J 323 11.36 29.57 -52.77
CA SER J 323 10.11 30.19 -53.17
C SER J 323 10.10 31.67 -52.81
N LYS J 324 10.69 32.04 -51.68
CA LYS J 324 10.61 33.40 -51.18
C LYS J 324 11.81 33.66 -50.29
N LYS J 325 11.80 34.83 -49.65
CA LYS J 325 12.88 35.23 -48.75
C LYS J 325 12.59 34.74 -47.35
N GLY J 326 13.45 33.89 -46.81
CA GLY J 326 13.21 33.35 -45.49
C GLY J 326 14.46 32.65 -44.97
N LYS J 327 14.44 32.39 -43.67
CA LYS J 327 15.56 31.74 -43.00
C LYS J 327 15.20 30.29 -42.72
N CYS J 328 16.09 29.37 -43.08
CA CYS J 328 15.85 27.95 -42.88
C CYS J 328 17.10 27.30 -42.30
N ALA J 329 16.99 26.00 -42.05
CA ALA J 329 18.05 25.26 -41.38
C ALA J 329 18.56 24.12 -42.25
N VAL J 330 19.77 23.66 -41.92
CA VAL J 330 20.44 22.60 -42.65
C VAL J 330 20.68 21.44 -41.69
N HIS J 331 20.75 20.23 -42.23
CA HIS J 331 20.97 19.07 -41.36
C HIS J 331 21.58 17.93 -42.14
N SER J 332 22.49 17.21 -41.49
CA SER J 332 23.04 15.98 -42.03
C SER J 332 22.33 14.79 -41.41
N MET J 333 21.79 13.92 -42.26
CA MET J 333 21.09 12.75 -41.74
C MET J 333 22.07 11.72 -41.22
N THR J 334 23.00 11.30 -42.06
CA THR J 334 24.02 10.34 -41.65
C THR J 334 25.01 11.02 -40.72
N ASN J 335 25.23 10.39 -39.57
CA ASN J 335 25.96 11.00 -38.48
C ASN J 335 27.47 10.98 -38.68
N ALA J 336 27.98 10.29 -39.70
CA ALA J 336 29.42 10.24 -39.92
C ALA J 336 29.94 11.59 -40.39
N VAL J 337 29.26 12.20 -41.35
CA VAL J 337 29.68 13.52 -41.81
C VAL J 337 28.96 14.57 -40.98
N THR J 338 29.66 15.66 -40.67
CA THR J 338 29.04 16.72 -39.88
C THR J 338 29.16 18.06 -40.58
N ILE J 339 28.31 18.99 -40.18
CA ILE J 339 28.18 20.30 -40.80
C ILE J 339 28.66 21.35 -39.81
N ARG J 340 29.31 22.39 -40.32
CA ARG J 340 29.76 23.45 -39.44
C ARG J 340 28.90 24.71 -39.50
N GLU J 341 27.75 24.66 -40.18
CA GLU J 341 26.82 25.78 -40.16
C GLU J 341 25.44 25.27 -39.77
N ALA J 342 24.62 26.18 -39.24
CA ALA J 342 23.33 25.83 -38.70
C ALA J 342 22.13 26.41 -39.46
N ASP J 343 22.14 27.71 -39.75
CA ASP J 343 21.01 28.35 -40.40
C ASP J 343 21.50 29.15 -41.60
N VAL J 344 20.56 29.46 -42.49
CA VAL J 344 20.91 30.11 -43.76
C VAL J 344 19.71 30.91 -44.25
N GLU J 345 19.98 32.14 -44.69
CA GLU J 345 18.97 33.04 -45.23
C GLU J 345 18.86 32.79 -46.73
N VAL J 346 17.88 32.00 -47.15
CA VAL J 346 17.65 31.71 -48.55
C VAL J 346 16.68 32.74 -49.11
N GLU J 347 16.81 33.00 -50.41
CA GLU J 347 16.02 34.06 -51.02
C GLU J 347 15.25 33.64 -52.26
N GLY J 348 15.78 32.73 -53.09
CA GLY J 348 15.16 32.45 -54.36
C GLY J 348 15.90 31.39 -55.14
N ASN J 349 16.09 31.63 -56.44
CA ASN J 349 16.83 30.70 -57.28
C ASN J 349 18.29 31.09 -57.26
N SER J 350 19.09 30.41 -56.44
CA SER J 350 20.48 30.83 -56.20
C SER J 350 21.33 29.60 -55.90
N GLN J 351 22.54 29.85 -55.41
CA GLN J 351 23.49 28.83 -55.05
C GLN J 351 24.00 29.07 -53.64
N LEU J 352 24.25 27.99 -52.92
CA LEU J 352 24.65 28.08 -51.53
C LEU J 352 25.89 27.22 -51.28
N GLN J 353 26.86 27.77 -50.57
CA GLN J 353 28.05 27.04 -50.15
C GLN J 353 27.95 26.66 -48.68
N ILE J 354 28.42 25.46 -48.38
CA ILE J 354 28.37 24.87 -47.06
C ILE J 354 29.71 24.22 -46.79
N SER J 355 30.10 24.18 -45.51
CA SER J 355 31.32 23.48 -45.11
C SER J 355 30.92 22.25 -44.31
N PHE J 356 31.74 21.22 -44.40
CA PHE J 356 31.44 19.95 -43.74
C PHE J 356 32.75 19.23 -43.49
N SER J 357 32.70 18.26 -42.58
CA SER J 357 33.88 17.50 -42.23
C SER J 357 33.52 16.03 -42.13
N THR J 358 34.42 15.20 -42.66
CA THR J 358 34.10 13.84 -43.04
C THR J 358 35.19 12.93 -42.51
N ALA J 359 34.88 11.64 -42.40
CA ALA J 359 35.87 10.62 -42.08
C ALA J 359 36.00 9.57 -43.16
N LEU J 360 35.01 9.43 -44.03
CA LEU J 360 35.02 8.44 -45.08
C LEU J 360 35.20 9.12 -46.43
N ALA J 361 35.83 8.41 -47.36
CA ALA J 361 36.26 9.05 -48.60
C ALA J 361 35.08 9.30 -49.53
N SER J 362 34.45 8.24 -50.02
CA SER J 362 33.32 8.39 -50.94
C SER J 362 32.09 8.71 -50.11
N ALA J 363 31.87 9.99 -49.90
CA ALA J 363 30.70 10.43 -49.14
C ALA J 363 29.48 10.34 -50.04
N GLU J 364 28.77 9.22 -49.94
CA GLU J 364 27.42 9.11 -50.50
C GLU J 364 26.52 9.76 -49.46
N PHE J 365 26.28 11.05 -49.63
CA PHE J 365 25.94 11.94 -48.53
C PHE J 365 24.53 12.46 -48.73
N ARG J 366 23.79 12.53 -47.63
CA ARG J 366 22.36 12.76 -47.63
C ARG J 366 22.02 13.93 -46.72
N VAL J 367 21.51 15.01 -47.29
CA VAL J 367 21.31 16.27 -46.58
C VAL J 367 19.84 16.64 -46.63
N GLN J 368 19.33 17.16 -45.51
CA GLN J 368 17.96 17.66 -45.46
C GLN J 368 17.99 19.15 -45.17
N VAL J 369 17.24 19.92 -45.97
CA VAL J 369 17.09 21.35 -45.78
C VAL J 369 15.61 21.68 -45.90
N CYS J 370 15.05 22.22 -44.81
CA CYS J 370 13.67 22.71 -44.75
C CYS J 370 12.67 21.61 -45.12
N SER J 371 12.90 20.43 -44.52
CA SER J 371 12.14 19.19 -44.78
C SER J 371 12.15 18.80 -46.26
N THR J 372 13.25 19.11 -46.94
CA THR J 372 13.43 18.81 -48.35
C THR J 372 14.72 18.03 -48.51
N GLN J 373 14.64 16.90 -49.20
CA GLN J 373 15.71 15.92 -49.22
C GLN J 373 16.57 16.10 -50.47
N VAL J 374 17.89 16.13 -50.28
CA VAL J 374 18.83 16.20 -51.38
C VAL J 374 19.95 15.21 -51.11
N HIS J 375 20.47 14.60 -52.16
CA HIS J 375 21.59 13.69 -52.08
C HIS J 375 22.70 14.21 -52.97
N CYS J 376 23.95 14.00 -52.55
CA CYS J 376 25.07 14.13 -53.48
C CYS J 376 26.15 13.14 -53.07
N ALA J 377 27.34 13.31 -53.65
CA ALA J 377 28.45 12.39 -53.46
C ALA J 377 29.75 13.15 -53.62
N ALA J 378 30.72 12.82 -52.76
CA ALA J 378 31.98 13.53 -52.75
C ALA J 378 33.13 12.53 -52.67
N ALA J 379 34.27 12.90 -53.25
CA ALA J 379 35.48 12.09 -53.19
C ALA J 379 36.54 12.89 -52.48
N CYS J 380 36.86 12.48 -51.25
CA CYS J 380 37.77 13.25 -50.41
C CYS J 380 39.22 12.86 -50.67
N HIS J 381 40.14 13.69 -50.20
CA HIS J 381 41.54 13.38 -50.38
C HIS J 381 42.25 13.24 -49.04
N PRO J 382 43.27 12.41 -48.98
CA PRO J 382 44.10 12.32 -47.79
C PRO J 382 44.87 13.60 -47.55
N PRO J 383 44.74 14.18 -46.36
CA PRO J 383 45.53 15.38 -46.04
C PRO J 383 46.97 15.02 -45.74
N LYS J 384 47.84 16.02 -45.82
CA LYS J 384 49.27 15.76 -45.77
C LYS J 384 49.78 15.55 -44.35
N ASP J 385 49.20 16.22 -43.36
CA ASP J 385 49.86 16.37 -42.07
C ASP J 385 49.51 15.24 -41.13
N HIS J 386 50.48 14.86 -40.30
CA HIS J 386 50.34 13.64 -39.52
C HIS J 386 49.57 13.90 -38.23
N ILE J 387 49.73 15.07 -37.63
CA ILE J 387 49.21 15.29 -36.29
C ILE J 387 49.01 16.79 -36.10
N VAL J 388 47.88 17.15 -35.48
CA VAL J 388 47.54 18.53 -35.19
C VAL J 388 47.17 18.61 -33.71
N ASN J 389 47.26 19.82 -33.16
CA ASN J 389 47.12 19.99 -31.72
C ASN J 389 45.67 19.95 -31.25
N TYR J 390 44.71 20.13 -32.12
CA TYR J 390 43.32 20.21 -31.67
C TYR J 390 42.59 18.94 -32.06
N PRO J 391 41.65 18.49 -31.24
CA PRO J 391 40.96 17.23 -31.52
C PRO J 391 39.88 17.39 -32.57
N ALA J 392 39.43 16.24 -33.08
CA ALA J 392 38.24 16.14 -33.93
C ALA J 392 37.66 14.75 -33.71
N SER J 393 36.67 14.66 -32.82
CA SER J 393 36.06 13.39 -32.48
C SER J 393 34.69 13.19 -33.15
N HIS J 394 34.23 14.17 -33.92
CA HIS J 394 33.01 14.03 -34.70
C HIS J 394 33.21 13.06 -35.86
N THR J 395 34.40 13.03 -36.43
CA THR J 395 34.72 12.16 -37.54
C THR J 395 35.36 10.86 -37.09
N THR J 396 34.91 10.29 -35.98
CA THR J 396 35.19 8.90 -35.67
C THR J 396 34.03 8.07 -36.21
N LEU J 397 34.30 6.78 -36.44
CA LEU J 397 33.41 5.99 -37.27
C LEU J 397 33.71 4.52 -37.04
N GLY J 398 32.84 3.67 -37.57
CA GLY J 398 32.98 2.23 -37.43
C GLY J 398 33.97 1.65 -38.41
N VAL J 399 33.79 0.37 -38.72
CA VAL J 399 34.67 -0.33 -39.64
C VAL J 399 33.97 -0.66 -40.96
N GLN J 400 32.65 -0.84 -40.96
CA GLN J 400 31.89 -0.97 -42.20
C GLN J 400 31.84 0.40 -42.86
N ASP J 401 32.79 0.60 -43.76
CA ASP J 401 33.05 1.92 -44.33
C ASP J 401 32.92 1.88 -45.84
N ILE J 402 32.50 3.02 -46.40
CA ILE J 402 32.22 3.13 -47.81
C ILE J 402 33.41 3.79 -48.48
N SER J 403 34.00 3.10 -49.43
CA SER J 403 35.09 3.55 -50.28
C SER J 403 34.58 3.71 -51.70
N THR J 404 35.51 3.88 -52.63
CA THR J 404 35.23 3.61 -54.03
C THR J 404 35.28 2.10 -54.24
N THR J 405 35.44 1.65 -55.48
CA THR J 405 34.98 0.35 -55.99
C THR J 405 35.35 -0.92 -55.24
N ALA J 406 35.98 -0.81 -54.07
CA ALA J 406 36.39 -1.97 -53.28
C ALA J 406 35.21 -2.83 -52.83
N MET J 407 34.04 -2.23 -52.61
CA MET J 407 32.89 -3.08 -52.29
C MET J 407 32.42 -3.84 -53.52
N SER J 408 32.58 -3.24 -54.70
CA SER J 408 32.34 -4.00 -55.91
C SER J 408 33.47 -5.00 -56.15
N TRP J 409 34.64 -4.76 -55.58
CA TRP J 409 35.71 -5.76 -55.63
C TRP J 409 35.36 -6.98 -54.80
N VAL J 410 34.79 -6.75 -53.62
CA VAL J 410 34.26 -7.86 -52.82
C VAL J 410 33.10 -8.53 -53.56
N GLN J 411 32.30 -7.73 -54.29
CA GLN J 411 31.26 -8.28 -55.15
C GLN J 411 31.84 -9.15 -56.25
N LYS J 412 33.01 -8.78 -56.77
CA LYS J 412 33.73 -9.63 -57.70
C LYS J 412 34.22 -10.90 -57.02
N ILE J 413 34.68 -10.79 -55.77
CA ILE J 413 35.10 -11.96 -55.03
C ILE J 413 33.90 -12.81 -54.66
N THR J 414 32.77 -12.17 -54.33
CA THR J 414 31.58 -12.94 -54.00
C THR J 414 30.72 -13.26 -55.22
N GLY J 415 31.31 -13.28 -56.41
CA GLY J 415 30.71 -14.00 -57.51
C GLY J 415 31.13 -15.45 -57.46
N GLY J 416 30.55 -16.20 -56.51
CA GLY J 416 31.04 -17.51 -56.18
C GLY J 416 30.74 -18.56 -57.22
N VAL J 417 31.17 -19.79 -56.91
CA VAL J 417 30.82 -20.98 -57.67
C VAL J 417 30.02 -21.97 -56.85
N GLY J 418 29.56 -21.56 -55.66
CA GLY J 418 28.73 -22.41 -54.84
C GLY J 418 27.40 -22.74 -55.47
N LEU J 419 26.92 -21.86 -56.35
CA LEU J 419 25.74 -22.20 -57.15
C LEU J 419 26.05 -23.32 -58.13
N ILE J 420 27.29 -23.38 -58.65
CA ILE J 420 27.67 -24.50 -59.53
C ILE J 420 27.87 -25.78 -58.71
N VAL J 421 28.33 -25.64 -57.47
CA VAL J 421 28.36 -26.76 -56.52
C VAL J 421 26.95 -27.33 -56.32
N ALA J 422 25.99 -26.46 -56.09
CA ALA J 422 24.61 -26.89 -55.93
C ALA J 422 24.04 -27.46 -57.22
N VAL J 423 24.50 -26.96 -58.37
CA VAL J 423 24.09 -27.50 -59.66
C VAL J 423 24.57 -28.93 -59.81
N ALA J 424 25.84 -29.20 -59.45
CA ALA J 424 26.35 -30.56 -59.49
C ALA J 424 25.64 -31.45 -58.48
N ALA J 425 25.27 -30.89 -57.33
CA ALA J 425 24.52 -31.65 -56.33
C ALA J 425 23.14 -32.03 -56.85
N LEU J 426 22.45 -31.07 -57.48
CA LEU J 426 21.15 -31.33 -58.08
C LEU J 426 21.22 -32.39 -59.16
N ILE J 427 22.18 -32.27 -60.09
CA ILE J 427 22.21 -33.20 -61.20
C ILE J 427 22.62 -34.60 -60.72
N LEU J 428 23.50 -34.69 -59.72
CA LEU J 428 23.88 -36.03 -59.31
C LEU J 428 22.83 -36.67 -58.41
N ILE J 429 22.02 -35.89 -57.70
CA ILE J 429 20.92 -36.50 -56.99
C ILE J 429 19.79 -36.89 -57.96
N VAL J 430 19.61 -36.13 -59.03
CA VAL J 430 18.65 -36.53 -60.06
C VAL J 430 19.15 -37.79 -60.78
N VAL J 431 20.46 -37.97 -60.88
CA VAL J 431 21.02 -39.24 -61.34
C VAL J 431 20.70 -40.35 -60.34
N LEU J 432 20.90 -40.07 -59.07
CA LEU J 432 20.70 -41.09 -58.05
C LEU J 432 19.24 -41.33 -57.70
N CYS J 433 18.30 -40.67 -58.38
CA CYS J 433 16.86 -40.86 -58.19
C CYS J 433 16.39 -42.30 -58.43
N VAL J 434 17.22 -43.17 -59.02
CA VAL J 434 16.90 -44.59 -59.14
C VAL J 434 16.66 -45.21 -57.76
N SER J 435 17.52 -44.92 -56.79
CA SER J 435 17.31 -45.43 -55.44
C SER J 435 17.66 -44.46 -54.31
N PHE J 436 17.58 -43.14 -54.54
CA PHE J 436 17.92 -42.14 -53.54
C PHE J 436 16.81 -41.12 -53.38
N SER J 437 15.58 -41.58 -53.15
CA SER J 437 14.48 -40.66 -52.88
C SER J 437 13.80 -40.92 -51.54
N ARG J 438 14.45 -41.65 -50.64
CA ARG J 438 14.14 -41.60 -49.20
C ARG J 438 15.32 -41.09 -48.39
N HIS J 439 16.46 -41.75 -48.48
CA HIS J 439 17.62 -41.40 -47.66
C HIS J 439 18.43 -40.28 -48.32
N ASN K 1 56.70 51.11 21.41
CA ASN K 1 56.87 50.62 20.06
C ASN K 1 57.97 49.57 20.05
N PHE K 2 57.65 48.40 20.61
CA PHE K 2 58.57 47.27 20.78
C PHE K 2 59.80 47.68 21.61
N ASN K 3 59.52 47.93 22.88
CA ASN K 3 60.56 48.09 23.89
C ASN K 3 60.22 47.10 24.99
N VAL K 4 60.61 45.85 24.79
CA VAL K 4 60.20 44.76 25.66
C VAL K 4 61.36 43.87 26.07
N TYR K 5 62.56 44.12 25.56
CA TYR K 5 63.74 43.30 25.84
C TYR K 5 64.54 43.83 27.02
N LYS K 6 63.90 44.50 27.97
CA LYS K 6 64.65 45.13 29.06
C LYS K 6 65.11 44.14 30.12
N ALA K 7 64.48 42.97 30.21
CA ALA K 7 64.87 41.93 31.15
C ALA K 7 65.65 40.81 30.46
N THR K 8 66.47 41.16 29.49
CA THR K 8 67.18 40.20 28.66
C THR K 8 68.69 40.37 28.83
N ARG K 9 69.43 39.30 28.57
CA ARG K 9 70.89 39.37 28.47
C ARG K 9 71.40 38.49 27.34
N PRO K 10 72.23 39.04 26.45
CA PRO K 10 72.89 38.27 25.38
C PRO K 10 74.07 37.45 25.88
N TYR K 11 73.77 36.26 26.39
CA TYR K 11 74.72 35.39 27.07
C TYR K 11 75.76 34.82 26.12
N LEU K 12 76.69 34.03 26.67
CA LEU K 12 77.77 33.41 25.92
C LEU K 12 77.62 31.89 26.01
N ALA K 13 77.88 31.22 24.88
CA ALA K 13 77.51 29.82 24.71
C ALA K 13 78.68 28.98 24.22
N HIS K 14 78.71 27.73 24.66
CA HIS K 14 79.75 26.79 24.27
C HIS K 14 79.58 26.41 22.81
N CYS K 15 80.37 27.01 21.93
CA CYS K 15 80.28 26.68 20.52
C CYS K 15 81.21 25.53 20.21
N PRO K 16 80.72 24.45 19.60
CA PRO K 16 81.59 23.28 19.34
C PRO K 16 82.61 23.51 18.26
N ASP K 17 82.42 24.48 17.37
CA ASP K 17 83.35 24.67 16.25
C ASP K 17 83.39 26.16 15.92
N CYS K 18 84.43 26.84 16.40
CA CYS K 18 84.67 28.24 16.04
C CYS K 18 85.66 28.37 14.90
N GLY K 19 85.78 27.35 14.07
CA GLY K 19 86.99 27.21 13.29
C GLY K 19 88.10 26.76 14.21
N GLU K 20 89.34 26.98 13.75
CA GLU K 20 90.63 26.65 14.40
C GLU K 20 90.62 25.28 15.11
N GLY K 21 90.05 24.29 14.46
CA GLY K 21 90.06 22.94 15.01
C GLY K 21 89.12 22.63 16.13
N HIS K 22 89.26 23.28 17.26
CA HIS K 22 88.56 22.86 18.47
C HIS K 22 87.56 23.92 18.93
N SER K 23 86.78 23.56 19.95
CA SER K 23 85.63 24.31 20.41
C SER K 23 86.05 25.54 21.19
N CYS K 24 85.09 26.43 21.46
CA CYS K 24 85.31 27.56 22.34
C CYS K 24 84.04 27.76 23.16
N HIS K 25 84.03 28.81 23.97
CA HIS K 25 82.80 29.32 24.55
C HIS K 25 82.62 30.71 23.95
N SER K 26 82.00 30.73 22.80
CA SER K 26 81.89 31.95 22.01
C SER K 26 80.70 32.77 22.48
N PRO K 27 80.80 34.10 22.44
CA PRO K 27 79.64 34.93 22.81
C PRO K 27 78.50 34.85 21.82
N ILE K 28 78.75 34.41 20.59
CA ILE K 28 77.84 34.62 19.47
C ILE K 28 77.26 33.31 18.94
N ALA K 29 77.37 32.22 19.70
CA ALA K 29 77.03 30.90 19.20
C ALA K 29 75.53 30.73 18.95
N LEU K 30 75.18 30.21 17.78
CA LEU K 30 73.80 30.01 17.40
C LEU K 30 73.24 28.74 18.02
N GLU K 31 71.92 28.70 18.19
CA GLU K 31 71.25 27.55 18.80
C GLU K 31 70.19 26.95 17.89
N ARG K 32 69.31 27.75 17.31
CA ARG K 32 68.12 27.24 16.64
C ARG K 32 68.03 27.82 15.24
N ILE K 33 67.90 26.94 14.25
CA ILE K 33 67.88 27.29 12.84
C ILE K 33 66.53 26.88 12.26
N ARG K 34 65.95 27.74 11.43
CA ARG K 34 64.66 27.47 10.81
C ARG K 34 64.78 27.62 9.31
N ASN K 35 64.27 26.63 8.57
CA ASN K 35 64.34 26.65 7.11
C ASN K 35 63.04 26.22 6.47
N GLU K 36 61.92 26.38 7.15
CA GLU K 36 60.63 25.94 6.64
C GLU K 36 60.05 26.89 5.61
N ALA K 37 60.62 28.08 5.45
CA ALA K 37 60.20 28.97 4.38
C ALA K 37 60.62 28.38 3.05
N THR K 38 59.64 28.07 2.19
CA THR K 38 59.90 27.22 1.02
C THR K 38 60.75 27.91 -0.03
N ASP K 39 60.88 29.23 0.04
CA ASP K 39 61.85 29.90 -0.81
C ASP K 39 63.27 29.62 -0.35
N GLY K 40 63.46 29.40 0.96
CA GLY K 40 64.78 29.09 1.47
C GLY K 40 65.38 30.20 2.31
N THR K 41 64.55 31.00 2.96
CA THR K 41 65.06 32.01 3.87
C THR K 41 65.31 31.40 5.24
N LEU K 42 66.38 31.84 5.89
CA LEU K 42 66.88 31.22 7.11
C LEU K 42 66.58 32.13 8.29
N LYS K 43 65.90 31.56 9.29
CA LYS K 43 65.60 32.22 10.56
C LYS K 43 66.48 31.61 11.63
N ILE K 44 67.40 32.42 12.15
CA ILE K 44 68.50 31.97 12.97
C ILE K 44 68.31 32.51 14.37
N GLN K 45 68.35 31.64 15.36
CA GLN K 45 68.35 32.08 16.75
C GLN K 45 69.78 32.14 17.25
N VAL K 46 70.22 33.35 17.56
CA VAL K 46 71.61 33.62 17.94
C VAL K 46 71.59 34.02 19.40
N SER K 47 72.75 33.92 20.05
CA SER K 47 72.92 34.24 21.45
C SER K 47 73.27 35.71 21.69
N LEU K 48 72.86 36.60 20.79
CA LEU K 48 73.10 38.03 20.92
C LEU K 48 71.77 38.78 20.86
N GLN K 49 71.87 40.09 21.08
CA GLN K 49 70.78 40.99 20.76
C GLN K 49 71.34 42.20 20.04
N ILE K 50 70.60 42.68 19.06
CA ILE K 50 71.04 43.72 18.15
C ILE K 50 70.01 44.81 18.16
N GLY K 51 70.39 45.99 17.67
CA GLY K 51 69.47 47.10 17.57
C GLY K 51 69.02 47.71 18.86
N ILE K 52 69.64 47.34 19.98
CA ILE K 52 69.23 47.75 21.31
C ILE K 52 70.50 47.93 22.14
N LYS K 53 70.65 49.09 22.76
CA LYS K 53 71.84 49.37 23.53
C LYS K 53 71.66 48.90 24.97
N THR K 54 72.61 49.25 25.84
CA THR K 54 72.55 48.84 27.24
C THR K 54 71.41 49.54 27.97
N ASP K 55 71.06 50.74 27.57
CA ASP K 55 69.90 51.44 28.12
C ASP K 55 68.61 51.07 27.42
N ASP K 56 68.64 50.04 26.57
CA ASP K 56 67.47 49.46 25.88
C ASP K 56 66.82 50.47 24.94
N SER K 57 67.64 51.24 24.24
CA SER K 57 67.12 52.18 23.27
C SER K 57 66.74 51.46 21.98
N HIS K 58 66.03 52.17 21.12
CA HIS K 58 65.66 51.66 19.81
C HIS K 58 66.72 51.96 18.76
N ASP K 59 67.98 52.07 19.15
CA ASP K 59 69.05 52.39 18.21
C ASP K 59 69.31 51.17 17.34
N TRP K 60 68.69 51.14 16.16
CA TRP K 60 68.63 49.91 15.36
C TRP K 60 69.90 49.68 14.54
N THR K 61 71.02 50.29 14.92
CA THR K 61 72.29 50.11 14.22
C THR K 61 73.39 49.59 15.13
N LYS K 62 73.06 49.09 16.31
CA LYS K 62 74.06 48.60 17.26
C LYS K 62 73.69 47.21 17.74
N LEU K 63 74.48 46.70 18.68
CA LEU K 63 74.24 45.36 19.19
C LEU K 63 74.78 45.22 20.61
N ARG K 64 74.09 44.40 21.39
CA ARG K 64 74.52 43.98 22.72
C ARG K 64 75.17 42.61 22.64
N TYR K 65 76.21 42.42 23.44
CA TYR K 65 76.81 41.10 23.60
C TYR K 65 77.47 41.09 24.97
N MET K 66 77.26 40.02 25.73
CA MET K 66 77.92 39.95 27.02
C MET K 66 79.32 39.39 26.83
N ASP K 67 80.26 39.91 27.61
CA ASP K 67 81.64 39.47 27.61
C ASP K 67 82.23 39.84 28.95
N SER K 68 83.04 38.92 29.50
CA SER K 68 83.64 39.01 30.85
C SER K 68 82.59 39.32 31.91
N HIS K 69 81.41 38.72 31.75
CA HIS K 69 80.20 38.97 32.54
C HIS K 69 79.87 40.48 32.59
N THR K 70 79.80 41.08 31.41
CA THR K 70 79.36 42.47 31.28
C THR K 70 78.76 42.68 29.89
N PRO K 71 77.53 43.18 29.78
CA PRO K 71 76.96 43.45 28.46
C PRO K 71 77.61 44.68 27.84
N ALA K 72 78.49 44.44 26.87
CA ALA K 72 79.09 45.52 26.10
C ALA K 72 78.38 45.63 24.75
N ASP K 73 78.75 46.65 23.99
CA ASP K 73 78.06 46.99 22.76
C ASP K 73 79.05 47.02 21.61
N ALA K 74 78.50 46.82 20.40
CA ALA K 74 79.29 46.90 19.18
C ALA K 74 78.37 47.26 18.02
N GLU K 75 78.92 47.20 16.82
CA GLU K 75 78.26 47.69 15.62
C GLU K 75 77.96 46.53 14.66
N ARG K 76 76.77 46.56 14.05
CA ARG K 76 76.27 45.52 13.16
C ARG K 76 76.96 45.47 11.82
N ALA K 77 77.88 46.40 11.51
CA ALA K 77 78.48 46.45 10.19
C ALA K 77 79.43 45.27 9.96
N GLY K 78 80.04 44.76 11.01
CA GLY K 78 80.94 43.64 10.86
C GLY K 78 80.30 42.29 10.72
N LEU K 79 78.96 42.22 10.70
CA LEU K 79 78.26 40.95 10.75
C LEU K 79 78.41 40.17 9.45
N LEU K 80 78.72 38.89 9.59
CA LEU K 80 78.93 38.02 8.45
C LEU K 80 78.25 36.69 8.73
N VAL K 81 77.57 36.17 7.73
CA VAL K 81 77.05 34.82 7.75
C VAL K 81 77.47 34.14 6.46
N ARG K 82 77.68 32.83 6.50
CA ARG K 82 78.42 32.17 5.44
C ARG K 82 78.04 30.70 5.39
N THR K 83 77.51 30.26 4.25
CA THR K 83 77.47 28.84 3.92
C THR K 83 78.61 28.49 2.99
N SER K 84 78.63 29.12 1.81
CA SER K 84 79.79 29.09 0.94
C SER K 84 80.08 30.43 0.27
N ALA K 85 79.09 31.29 0.11
CA ALA K 85 79.19 32.60 -0.53
C ALA K 85 78.82 33.68 0.47
N PRO K 86 79.36 34.90 0.33
CA PRO K 86 79.07 35.96 1.31
C PRO K 86 77.61 36.35 1.32
N CYS K 87 76.94 35.99 2.41
CA CYS K 87 75.50 36.02 2.46
C CYS K 87 75.03 37.43 2.80
N THR K 88 73.72 37.66 2.73
CA THR K 88 73.15 38.98 2.91
C THR K 88 72.30 39.05 4.18
N ILE K 89 72.51 40.10 4.97
CA ILE K 89 71.74 40.34 6.19
C ILE K 89 70.44 41.03 5.82
N THR K 90 69.30 40.38 6.11
CA THR K 90 68.00 40.93 5.75
C THR K 90 67.19 41.34 6.96
N GLY K 91 66.92 40.42 7.88
CA GLY K 91 66.02 40.68 9.00
C GLY K 91 66.79 40.67 10.31
N THR K 92 66.69 41.78 11.05
CA THR K 92 67.59 42.04 12.16
C THR K 92 66.75 42.34 13.40
N MET K 93 66.66 41.40 14.34
CA MET K 93 65.85 41.66 15.54
C MET K 93 66.33 40.76 16.66
N GLY K 94 66.99 41.36 17.67
CA GLY K 94 67.32 40.70 18.92
C GLY K 94 68.08 39.40 18.81
N HIS K 95 67.42 38.31 19.19
CA HIS K 95 67.97 36.96 19.10
C HIS K 95 67.64 36.28 17.78
N PHE K 96 67.41 37.05 16.72
CA PHE K 96 66.90 36.46 15.49
C PHE K 96 67.39 37.20 14.25
N ILE K 97 67.89 36.40 13.30
CA ILE K 97 68.43 36.90 12.04
C ILE K 97 67.68 36.21 10.91
N LEU K 98 67.31 36.98 9.89
CA LEU K 98 66.75 36.45 8.65
C LEU K 98 67.72 36.70 7.52
N ALA K 99 68.03 35.65 6.76
CA ALA K 99 68.98 35.80 5.66
C ALA K 99 68.59 34.90 4.51
N ARG K 100 68.86 35.37 3.29
CA ARG K 100 68.62 34.61 2.08
C ARG K 100 69.98 34.15 1.56
N CYS K 101 70.15 32.84 1.40
CA CYS K 101 71.52 32.36 1.36
C CYS K 101 71.64 31.21 0.37
N PRO K 102 72.79 31.05 -0.30
CA PRO K 102 72.98 29.96 -1.24
C PRO K 102 73.32 28.62 -0.58
N LYS K 103 73.68 27.65 -1.42
CA LYS K 103 73.96 26.27 -1.01
C LYS K 103 75.10 26.18 -0.01
N GLY K 104 75.17 25.03 0.66
CA GLY K 104 76.25 24.77 1.60
C GLY K 104 76.03 23.58 2.50
N GLU K 105 77.09 22.81 2.75
CA GLU K 105 77.04 21.77 3.76
C GLU K 105 76.95 22.37 5.15
N THR K 106 77.56 23.54 5.36
CA THR K 106 77.72 24.10 6.70
C THR K 106 77.17 25.51 6.73
N LEU K 107 77.24 26.13 7.90
CA LEU K 107 76.85 27.51 8.08
C LEU K 107 77.69 28.06 9.23
N THR K 108 78.04 29.34 9.14
CA THR K 108 78.79 29.98 10.20
C THR K 108 78.40 31.44 10.28
N VAL K 109 78.58 32.00 11.47
CA VAL K 109 78.28 33.41 11.73
C VAL K 109 79.45 33.99 12.51
N GLY K 110 79.84 35.21 12.14
CA GLY K 110 80.97 35.84 12.79
C GLY K 110 81.07 37.32 12.53
N PHE K 111 81.63 38.03 13.50
CA PHE K 111 81.78 39.48 13.41
C PHE K 111 82.80 39.92 14.45
N THR K 112 83.12 41.21 14.45
CA THR K 112 84.14 41.76 15.32
C THR K 112 83.52 42.58 16.45
N ASP K 113 84.06 42.41 17.65
CA ASP K 113 83.55 43.10 18.81
C ASP K 113 84.21 44.47 18.93
N SER K 114 84.00 45.14 20.06
CA SER K 114 84.46 46.51 20.24
C SER K 114 85.90 46.60 20.71
N ARG K 115 86.65 45.50 20.67
CA ARG K 115 88.09 45.53 20.89
C ARG K 115 88.86 45.09 19.65
N LYS K 116 88.22 45.15 18.47
CA LYS K 116 88.81 44.84 17.17
C LYS K 116 89.29 43.39 17.08
N ILE K 117 88.66 42.50 17.83
CA ILE K 117 88.92 41.07 17.77
C ILE K 117 87.68 40.40 17.21
N SER K 118 87.83 39.73 16.07
CA SER K 118 86.69 39.11 15.41
C SER K 118 86.55 37.66 15.83
N HIS K 119 85.33 37.26 16.13
CA HIS K 119 85.02 35.91 16.56
C HIS K 119 83.89 35.36 15.73
N THR K 120 83.83 34.04 15.64
CA THR K 120 82.85 33.35 14.82
C THR K 120 82.43 32.05 15.51
N CYS K 121 81.45 31.38 14.90
CA CYS K 121 81.02 30.05 15.30
C CYS K 121 80.38 29.36 14.10
N THR K 122 80.62 28.06 13.99
CA THR K 122 80.27 27.28 12.80
C THR K 122 79.50 26.03 13.21
N HIS K 123 78.37 25.81 12.55
CA HIS K 123 77.60 24.59 12.71
C HIS K 123 77.38 23.94 11.36
N PRO K 124 77.64 22.66 11.23
CA PRO K 124 77.23 21.95 10.03
C PRO K 124 75.72 21.86 9.95
N PHE K 125 75.16 22.28 8.82
CA PHE K 125 73.74 22.39 8.64
C PHE K 125 73.42 22.17 7.16
N HIS K 126 72.76 21.06 6.84
CA HIS K 126 72.58 20.65 5.44
C HIS K 126 71.54 21.54 4.76
N HIS K 127 71.98 22.76 4.46
CA HIS K 127 71.11 23.75 3.86
C HIS K 127 71.22 23.63 2.35
N GLU K 128 70.22 22.98 1.76
CA GLU K 128 70.01 23.00 0.32
C GLU K 128 68.57 23.43 0.13
N PRO K 129 68.31 24.50 -0.61
CA PRO K 129 66.95 24.99 -0.76
C PRO K 129 66.10 24.02 -1.56
N PRO K 130 64.83 23.87 -1.22
CA PRO K 130 63.95 23.01 -2.00
C PRO K 130 63.56 23.68 -3.30
N VAL K 131 63.33 22.85 -4.31
CA VAL K 131 62.90 23.36 -5.60
C VAL K 131 61.46 23.86 -5.48
N ILE K 132 61.12 24.85 -6.29
CA ILE K 132 59.81 25.47 -6.24
C ILE K 132 59.26 25.52 -7.65
N GLY K 133 58.00 25.12 -7.81
CA GLY K 133 57.46 24.94 -9.14
C GLY K 133 58.02 23.68 -9.74
N ARG K 134 58.69 23.81 -10.89
CA ARG K 134 59.31 22.66 -11.52
C ARG K 134 60.69 22.96 -12.08
N GLU K 135 61.38 23.98 -11.58
CA GLU K 135 62.60 24.44 -12.22
C GLU K 135 63.62 24.85 -11.17
N ARG K 136 64.84 25.07 -11.63
CA ARG K 136 65.93 25.56 -10.80
C ARG K 136 66.62 26.67 -11.58
N PHE K 137 67.59 27.34 -10.96
CA PHE K 137 68.23 28.45 -11.65
C PHE K 137 69.55 28.84 -11.01
N HIS K 138 70.30 29.65 -11.78
CA HIS K 138 71.40 30.43 -11.22
C HIS K 138 70.86 31.43 -10.19
N SER K 139 69.79 32.14 -10.54
CA SER K 139 69.28 33.25 -9.75
C SER K 139 67.83 33.53 -10.14
N ARG K 140 67.27 34.57 -9.52
CA ARG K 140 65.92 35.01 -9.89
C ARG K 140 65.92 35.55 -11.31
N PRO K 141 64.97 35.16 -12.15
CA PRO K 141 64.74 35.88 -13.40
C PRO K 141 63.97 37.16 -13.11
N GLN K 142 64.09 38.12 -14.03
CA GLN K 142 63.26 39.31 -13.95
C GLN K 142 61.90 39.12 -14.62
N HIS K 143 61.59 37.92 -15.08
CA HIS K 143 60.33 37.64 -15.76
C HIS K 143 59.99 36.18 -15.56
N GLY K 144 58.70 35.85 -15.55
CA GLY K 144 58.29 34.48 -15.39
C GLY K 144 56.86 34.42 -14.92
N LYS K 145 56.40 33.19 -14.68
CA LYS K 145 55.07 32.99 -14.14
C LYS K 145 55.09 33.25 -12.63
N GLU K 146 53.91 33.23 -12.02
CA GLU K 146 53.75 33.51 -10.59
C GLU K 146 53.21 32.27 -9.92
N LEU K 147 54.01 31.65 -9.06
CA LEU K 147 53.58 30.40 -8.43
C LEU K 147 53.53 30.59 -6.91
N PRO K 148 52.56 29.99 -6.23
CA PRO K 148 52.39 30.25 -4.81
C PRO K 148 53.43 29.52 -3.97
N CYS K 149 53.88 30.20 -2.93
CA CYS K 149 54.90 29.69 -2.02
C CYS K 149 54.74 30.45 -0.70
N SER K 150 55.74 30.38 0.16
CA SER K 150 55.60 31.04 1.44
C SER K 150 56.92 31.64 1.85
N THR K 151 56.88 32.81 2.48
CA THR K 151 58.10 33.51 2.86
C THR K 151 57.94 34.12 4.24
N TYR K 152 59.07 34.46 4.83
CA TYR K 152 59.05 35.25 6.05
C TYR K 152 58.64 36.68 5.75
N VAL K 153 58.10 37.34 6.76
CA VAL K 153 57.73 38.75 6.64
C VAL K 153 58.57 39.56 7.61
N GLN K 154 58.34 40.87 7.66
CA GLN K 154 59.26 41.72 8.38
C GLN K 154 58.54 42.45 9.52
N SER K 155 57.71 41.73 10.26
CA SER K 155 57.00 42.32 11.39
C SER K 155 57.71 41.99 12.70
N THR K 156 57.66 42.95 13.63
CA THR K 156 58.25 42.77 14.95
C THR K 156 57.19 42.60 16.04
N ALA K 157 55.97 43.02 15.78
CA ALA K 157 54.87 42.84 16.72
C ALA K 157 54.04 41.62 16.34
N ALA K 158 54.69 40.46 16.40
CA ALA K 158 54.05 39.18 16.05
C ALA K 158 53.54 38.56 17.33
N THR K 159 52.23 38.33 17.39
CA THR K 159 51.62 37.72 18.56
C THR K 159 51.54 36.21 18.37
N ALA K 160 51.19 35.50 19.47
CA ALA K 160 51.03 34.04 19.52
C ALA K 160 52.29 33.28 19.14
N GLU K 161 53.45 33.81 19.53
CA GLU K 161 54.69 33.03 19.53
C GLU K 161 55.38 33.34 20.84
N GLU K 162 55.93 32.32 21.51
CA GLU K 162 56.38 32.55 22.88
C GLU K 162 57.63 31.72 23.18
N ILE K 163 58.52 32.30 24.00
CA ILE K 163 59.51 31.56 24.78
C ILE K 163 59.51 32.11 26.20
N GLU K 164 60.08 31.33 27.12
CA GLU K 164 60.09 31.66 28.53
C GLU K 164 61.45 32.21 28.92
N VAL K 165 61.46 33.32 29.66
CA VAL K 165 62.66 34.01 30.08
C VAL K 165 62.72 33.98 31.61
N HIS K 166 63.90 33.66 32.15
CA HIS K 166 64.05 33.58 33.60
C HIS K 166 65.50 33.82 34.00
N MET K 167 65.74 33.83 35.30
CA MET K 167 67.04 34.19 35.82
C MET K 167 68.05 33.07 35.63
N PRO K 168 69.22 33.33 35.05
CA PRO K 168 70.25 32.28 34.92
C PRO K 168 70.90 31.98 36.25
N PRO K 169 71.22 30.71 36.52
CA PRO K 169 71.59 30.30 37.89
C PRO K 169 72.89 30.89 38.45
N ASP K 170 74.03 30.69 37.78
CA ASP K 170 75.31 31.05 38.37
C ASP K 170 76.28 31.43 37.28
N THR K 171 77.49 31.84 37.69
CA THR K 171 78.58 32.12 36.77
C THR K 171 79.88 31.70 37.44
N PRO K 172 80.29 30.45 37.26
CA PRO K 172 81.57 30.02 37.83
C PRO K 172 82.76 30.57 37.06
N ASP K 173 83.43 31.56 37.65
CA ASP K 173 84.63 32.15 37.09
C ASP K 173 85.75 31.97 38.11
N ARG K 174 86.69 31.07 37.83
CA ARG K 174 87.76 30.75 38.76
C ARG K 174 88.99 31.61 38.55
N THR K 175 88.82 32.82 38.02
CA THR K 175 89.88 33.80 37.91
C THR K 175 89.95 34.73 39.12
N LEU K 176 89.37 34.31 40.24
CA LEU K 176 89.21 35.18 41.40
C LEU K 176 90.03 34.75 42.60
N MET K 177 90.07 33.46 42.91
CA MET K 177 90.70 32.93 44.11
C MET K 177 92.21 32.91 43.93
N THR K 178 92.91 33.82 44.60
CA THR K 178 94.37 33.91 44.54
C THR K 178 94.96 33.57 45.90
N GLN K 179 96.14 32.96 45.89
CA GLN K 179 96.80 32.53 47.11
C GLN K 179 97.83 33.57 47.56
N GLN K 180 97.70 34.00 48.81
CA GLN K 180 98.63 34.94 49.42
C GLN K 180 99.32 34.17 50.54
N SER K 181 100.40 33.47 50.18
CA SER K 181 101.04 32.42 50.98
C SER K 181 100.04 31.35 51.40
N GLY K 182 99.34 30.82 50.40
CA GLY K 182 98.42 29.71 50.59
C GLY K 182 97.00 30.08 50.92
N ASN K 183 96.63 31.35 50.81
CA ASN K 183 95.30 31.80 51.21
C ASN K 183 94.34 31.73 50.03
N VAL K 184 93.18 32.35 50.20
CA VAL K 184 92.18 32.58 49.14
C VAL K 184 91.73 34.02 49.26
N LYS K 185 91.81 34.77 48.17
CA LYS K 185 91.36 36.16 48.14
C LYS K 185 90.19 36.26 47.16
N ILE K 186 88.97 36.19 47.69
CA ILE K 186 87.79 36.32 46.85
C ILE K 186 87.62 37.78 46.46
N THR K 187 87.74 38.07 45.17
CA THR K 187 87.70 39.43 44.63
C THR K 187 86.40 39.57 43.84
N VAL K 188 85.44 40.31 44.41
CA VAL K 188 84.06 40.22 43.94
C VAL K 188 83.80 41.19 42.79
N ASN K 189 84.58 42.28 42.74
CA ASN K 189 84.41 43.40 41.80
C ASN K 189 82.96 43.94 41.79
N GLY K 190 82.39 44.08 42.98
CA GLY K 190 81.05 44.61 43.11
C GLY K 190 79.99 43.65 42.60
N GLN K 191 79.84 42.52 43.27
CA GLN K 191 78.91 41.47 42.86
C GLN K 191 78.43 40.73 44.10
N THR K 192 77.91 39.53 43.90
CA THR K 192 77.49 38.65 44.99
C THR K 192 78.00 37.24 44.65
N VAL K 193 79.06 36.81 45.33
CA VAL K 193 79.78 35.59 44.96
C VAL K 193 79.49 34.50 45.99
N ARG K 194 79.00 33.37 45.50
CA ARG K 194 78.88 32.14 46.28
C ARG K 194 80.22 31.42 46.29
N TYR K 195 80.57 30.84 47.43
CA TYR K 195 81.79 30.06 47.57
C TYR K 195 81.49 28.71 48.20
N LYS K 196 82.30 27.73 47.84
CA LYS K 196 82.14 26.36 48.31
C LYS K 196 83.54 25.80 48.57
N CYS K 197 83.86 25.56 49.83
CA CYS K 197 85.22 25.22 50.23
C CYS K 197 85.23 23.95 51.08
N ASN K 198 86.31 23.18 50.94
CA ASN K 198 86.53 22.00 51.77
C ASN K 198 87.51 22.31 52.92
N CYS K 199 87.17 23.29 53.74
CA CYS K 199 88.05 23.70 54.82
C CYS K 199 87.22 24.30 55.94
N GLY K 200 87.90 24.71 57.01
CA GLY K 200 87.23 25.32 58.14
C GLY K 200 86.87 26.77 57.87
N GLY K 201 86.04 27.31 58.76
CA GLY K 201 85.60 28.69 58.62
C GLY K 201 84.47 28.86 57.63
N SER K 202 84.61 29.83 56.72
CA SER K 202 83.60 30.13 55.71
C SER K 202 83.75 29.16 54.53
N ASN K 203 83.33 27.92 54.78
CA ASN K 203 83.35 26.91 53.72
C ASN K 203 82.28 27.18 52.69
N GLU K 204 81.04 27.37 53.14
CA GLU K 204 79.94 27.78 52.28
C GLU K 204 79.32 29.05 52.87
N GLY K 205 78.62 29.79 52.05
CA GLY K 205 78.02 31.02 52.46
C GLY K 205 78.15 32.05 51.37
N LEU K 206 77.79 33.28 51.70
CA LEU K 206 77.74 34.36 50.73
C LEU K 206 78.45 35.59 51.29
N THR K 207 79.09 36.33 50.39
CA THR K 207 79.73 37.58 50.76
C THR K 207 79.38 38.65 49.75
N THR K 208 79.91 39.85 49.98
CA THR K 208 79.60 41.03 49.19
C THR K 208 80.85 41.80 48.79
N THR K 209 81.99 41.57 49.45
CA THR K 209 83.20 42.34 49.21
C THR K 209 84.35 41.35 49.05
N ASP K 210 85.52 41.86 48.62
CA ASP K 210 86.74 41.06 48.49
C ASP K 210 87.25 40.67 49.86
N LYS K 211 87.30 39.39 50.15
CA LYS K 211 87.72 38.90 51.46
C LYS K 211 88.91 37.96 51.32
N VAL K 212 89.49 37.61 52.46
CA VAL K 212 90.61 36.67 52.53
C VAL K 212 90.21 35.53 53.46
N ILE K 213 90.14 34.32 52.92
CA ILE K 213 89.92 33.09 53.68
C ILE K 213 91.18 32.25 53.54
N ASN K 214 91.89 32.08 54.65
CA ASN K 214 93.30 31.71 54.61
C ASN K 214 93.49 30.19 54.58
N ASN K 215 94.77 29.81 54.42
CA ASN K 215 95.35 28.46 54.39
C ASN K 215 94.54 27.38 53.66
N CYS K 216 94.05 27.71 52.47
CA CYS K 216 93.38 26.71 51.65
C CYS K 216 93.62 27.01 50.18
N LYS K 217 93.46 25.98 49.35
CA LYS K 217 93.86 26.03 47.95
C LYS K 217 92.75 26.59 47.07
N ILE K 218 93.10 26.85 45.81
CA ILE K 218 92.16 27.46 44.88
C ILE K 218 91.11 26.44 44.45
N ASP K 219 91.56 25.26 44.01
CA ASP K 219 90.64 24.18 43.68
C ASP K 219 89.95 23.64 44.92
N GLN K 220 90.51 23.86 46.10
CA GLN K 220 89.87 23.54 47.36
C GLN K 220 88.62 24.36 47.60
N CYS K 221 88.53 25.54 46.98
CA CYS K 221 87.35 26.40 47.07
C CYS K 221 86.70 26.50 45.69
N HIS K 222 85.60 27.23 45.64
CA HIS K 222 84.85 27.45 44.41
C HIS K 222 84.14 28.78 44.52
N ALA K 223 84.36 29.65 43.55
CA ALA K 223 83.85 31.02 43.58
C ALA K 223 83.04 31.27 42.32
N ALA K 224 81.71 31.27 42.47
CA ALA K 224 80.81 31.55 41.35
C ALA K 224 80.06 32.84 41.61
N VAL K 225 79.63 33.48 40.53
CA VAL K 225 78.88 34.73 40.63
C VAL K 225 77.40 34.41 40.69
N THR K 226 76.69 35.09 41.57
CA THR K 226 75.23 34.97 41.66
C THR K 226 74.64 36.31 41.25
N ASN K 227 74.35 36.45 39.95
CA ASN K 227 73.54 37.57 39.51
C ASN K 227 72.10 37.36 39.95
N HIS K 228 71.43 38.47 40.23
CA HIS K 228 70.05 38.39 40.73
C HIS K 228 69.15 39.44 40.09
N LYS K 229 69.56 40.05 38.99
CA LYS K 229 68.86 41.21 38.48
C LYS K 229 68.31 41.01 37.08
N ASN K 230 69.15 40.61 36.14
CA ASN K 230 68.74 40.46 34.76
C ASN K 230 68.55 38.99 34.43
N TRP K 231 67.77 38.72 33.38
CA TRP K 231 67.36 37.37 33.03
C TRP K 231 67.88 37.01 31.63
N GLN K 232 67.83 35.72 31.32
CA GLN K 232 68.09 35.22 29.98
C GLN K 232 66.93 34.33 29.56
N TYR K 233 66.82 34.11 28.26
CA TYR K 233 65.85 33.14 27.81
C TYR K 233 66.33 31.74 28.16
N ASN K 234 65.42 30.78 28.08
CA ASN K 234 65.77 29.38 28.35
C ASN K 234 66.57 28.88 27.16
N SER K 235 67.88 28.92 27.30
CA SER K 235 68.61 28.21 26.27
C SER K 235 68.70 26.74 26.64
N PRO K 236 68.73 25.83 25.67
CA PRO K 236 69.04 24.43 25.98
C PRO K 236 70.52 24.18 26.22
N LEU K 237 71.36 25.19 26.11
CA LEU K 237 72.79 25.00 26.28
C LEU K 237 73.29 25.49 27.64
N VAL K 238 72.57 26.41 28.27
CA VAL K 238 72.95 26.95 29.58
C VAL K 238 72.61 25.93 30.66
N PRO K 239 73.28 25.98 31.82
CA PRO K 239 72.83 25.16 32.95
C PRO K 239 71.53 25.71 33.52
N ARG K 240 70.73 24.81 34.07
CA ARG K 240 69.41 25.18 34.56
C ARG K 240 69.49 25.73 35.98
N ASN K 241 68.43 26.45 36.35
CA ASN K 241 68.20 26.77 37.75
C ASN K 241 67.94 25.45 38.46
N ALA K 242 68.90 25.01 39.25
CA ALA K 242 69.09 23.60 39.60
C ALA K 242 68.27 23.19 40.81
N GLU K 243 67.14 23.84 41.05
CA GLU K 243 66.20 23.41 42.08
C GLU K 243 64.95 22.78 41.51
N LEU K 244 64.52 23.21 40.33
CA LEU K 244 63.29 22.74 39.73
C LEU K 244 63.37 22.99 38.23
N GLY K 245 62.23 22.94 37.57
CA GLY K 245 62.17 23.21 36.14
C GLY K 245 62.14 24.69 35.83
N ASP K 246 61.16 25.10 35.03
CA ASP K 246 61.13 26.46 34.49
C ASP K 246 60.78 27.48 35.57
N ARG K 247 61.62 28.49 35.71
CA ARG K 247 61.31 29.68 36.48
C ARG K 247 60.63 30.67 35.55
N LYS K 248 59.88 31.61 36.12
CA LYS K 248 58.96 32.44 35.34
C LYS K 248 59.68 33.49 34.50
N GLY K 249 59.08 33.79 33.36
CA GLY K 249 59.61 34.76 32.42
C GLY K 249 58.92 34.56 31.09
N LYS K 250 58.90 35.62 30.27
CA LYS K 250 58.17 35.53 29.01
C LYS K 250 58.66 36.59 28.03
N ILE K 251 58.90 36.17 26.79
CA ILE K 251 59.05 37.11 25.69
C ILE K 251 58.54 36.43 24.43
N HIS K 252 58.23 37.22 23.42
CA HIS K 252 57.71 36.68 22.17
C HIS K 252 58.81 36.59 21.14
N ILE K 253 58.60 35.72 20.15
CA ILE K 253 59.61 35.44 19.13
C ILE K 253 59.11 35.80 17.73
N PRO K 254 59.22 37.08 17.36
CA PRO K 254 58.68 37.54 16.07
C PRO K 254 59.53 37.17 14.87
N PHE K 255 59.22 37.83 13.73
CA PHE K 255 59.49 37.53 12.33
C PHE K 255 58.71 36.29 11.88
N PRO K 256 57.39 36.38 11.76
CA PRO K 256 56.60 35.22 11.36
C PRO K 256 56.57 35.03 9.85
N LEU K 257 55.77 34.08 9.39
CA LEU K 257 55.75 33.65 8.01
C LEU K 257 54.36 33.84 7.44
N ALA K 258 54.29 34.04 6.12
CA ALA K 258 53.00 34.21 5.46
C ALA K 258 53.09 33.70 4.03
N ASN K 259 51.92 33.45 3.46
CA ASN K 259 51.82 33.01 2.08
C ASN K 259 52.17 34.15 1.13
N VAL K 260 52.72 33.79 -0.03
CA VAL K 260 53.19 34.78 -0.99
C VAL K 260 53.17 34.15 -2.37
N THR K 261 53.33 34.95 -3.42
CA THR K 261 53.66 34.43 -4.73
C THR K 261 55.16 34.58 -4.92
N CYS K 262 55.71 33.83 -5.85
CA CYS K 262 57.11 33.96 -6.21
C CYS K 262 57.32 33.69 -7.70
N ARG K 263 58.29 34.42 -8.25
CA ARG K 263 58.55 34.49 -9.68
C ARG K 263 59.27 33.22 -10.09
N VAL K 264 58.55 32.34 -10.78
CA VAL K 264 59.19 31.12 -11.27
C VAL K 264 59.51 31.39 -12.74
N PRO K 265 60.65 30.94 -13.26
CA PRO K 265 61.02 31.27 -14.64
C PRO K 265 60.16 30.56 -15.66
N LYS K 266 60.37 30.92 -16.91
CA LYS K 266 59.67 30.34 -18.04
C LYS K 266 60.47 29.17 -18.59
N ALA K 267 60.13 28.69 -19.78
CA ALA K 267 60.87 27.63 -20.43
C ALA K 267 60.98 27.93 -21.91
N ARG K 268 62.21 27.87 -22.42
CA ARG K 268 62.47 28.13 -23.83
C ARG K 268 61.80 27.05 -24.68
N ASN K 269 61.01 27.50 -25.64
CA ASN K 269 60.12 26.61 -26.38
C ASN K 269 60.89 25.66 -27.27
N PRO K 270 60.69 24.36 -27.16
CA PRO K 270 61.42 23.42 -27.99
C PRO K 270 60.93 23.43 -29.42
N THR K 271 61.69 22.81 -30.32
CA THR K 271 61.30 22.70 -31.71
C THR K 271 60.90 21.27 -32.01
N VAL K 272 60.07 21.11 -33.02
CA VAL K 272 59.25 19.92 -33.14
C VAL K 272 58.93 19.65 -34.60
N THR K 273 59.14 18.41 -35.03
CA THR K 273 58.64 17.94 -36.30
C THR K 273 57.75 16.73 -36.07
N TYR K 274 57.08 16.31 -37.13
CA TYR K 274 56.07 15.27 -37.04
C TYR K 274 56.40 14.11 -37.94
N GLY K 275 55.73 13.00 -37.70
CA GLY K 275 55.96 11.77 -38.43
C GLY K 275 54.79 10.84 -38.21
N LYS K 276 54.86 9.68 -38.84
CA LYS K 276 53.74 8.76 -38.98
C LYS K 276 53.37 8.21 -37.62
N ASN K 277 52.34 8.82 -37.02
CA ASN K 277 51.89 8.59 -35.63
C ASN K 277 52.98 8.82 -34.61
N GLN K 278 53.93 9.71 -34.90
CA GLN K 278 55.00 9.96 -33.94
C GLN K 278 55.49 11.39 -34.11
N VAL K 279 56.26 11.84 -33.14
CA VAL K 279 56.68 13.23 -33.08
C VAL K 279 58.11 13.30 -32.57
N THR K 280 58.92 14.13 -33.21
CA THR K 280 60.31 14.33 -32.81
C THR K 280 60.45 15.70 -32.19
N MET K 281 60.95 15.74 -30.96
CA MET K 281 61.09 16.97 -30.20
C MET K 281 62.56 17.17 -29.88
N LEU K 282 63.16 18.19 -30.49
CA LEU K 282 64.45 18.67 -30.05
C LEU K 282 64.19 19.73 -28.99
N LEU K 283 64.73 19.52 -27.81
CA LEU K 283 64.38 20.32 -26.65
C LEU K 283 65.65 20.89 -26.03
N TYR K 284 65.64 22.19 -25.83
CA TYR K 284 66.80 22.93 -25.36
C TYR K 284 66.71 23.03 -23.85
N PRO K 285 67.80 23.09 -23.16
CA PRO K 285 67.74 23.43 -21.74
C PRO K 285 68.02 24.90 -21.50
N ASP K 286 67.89 25.29 -20.27
CA ASP K 286 68.45 26.47 -19.62
C ASP K 286 69.13 26.07 -18.33
N HIS K 287 68.66 25.00 -17.72
CA HIS K 287 69.15 24.41 -16.49
C HIS K 287 68.59 23.00 -16.44
N PRO K 288 69.00 22.18 -15.47
CA PRO K 288 68.35 20.87 -15.34
C PRO K 288 66.86 20.96 -15.03
N THR K 289 66.04 20.54 -15.99
CA THR K 289 64.60 20.73 -15.96
C THR K 289 63.92 19.42 -16.33
N LEU K 290 62.75 19.18 -15.75
CA LEU K 290 62.04 17.96 -16.08
C LEU K 290 60.98 18.19 -17.14
N LEU K 291 60.56 17.10 -17.76
CA LEU K 291 59.40 17.09 -18.64
C LEU K 291 58.63 15.83 -18.35
N SER K 292 57.38 15.81 -18.79
CA SER K 292 56.53 14.66 -18.53
C SER K 292 55.58 14.46 -19.69
N TYR K 293 55.11 13.22 -19.85
CA TYR K 293 54.11 12.99 -20.89
C TYR K 293 53.22 11.81 -20.51
N ARG K 294 52.04 11.81 -21.13
CA ARG K 294 51.03 10.79 -20.91
C ARG K 294 50.12 10.74 -22.13
N ASN K 295 49.26 9.72 -22.17
CA ASN K 295 48.21 9.66 -23.17
C ASN K 295 46.88 9.43 -22.47
N MET K 296 45.80 9.46 -23.27
CA MET K 296 44.46 9.65 -22.76
C MET K 296 43.55 8.42 -22.95
N GLY K 297 44.10 7.22 -22.95
CA GLY K 297 43.31 6.01 -23.06
C GLY K 297 42.68 5.62 -21.73
N GLN K 298 42.56 4.32 -21.51
CA GLN K 298 42.17 3.85 -20.19
C GLN K 298 43.30 4.04 -19.19
N GLU K 299 44.48 3.75 -19.57
CA GLU K 299 45.58 4.03 -18.67
C GLU K 299 46.24 5.36 -19.06
N PRO K 300 46.87 6.05 -18.13
CA PRO K 300 47.57 7.28 -18.49
C PRO K 300 48.96 7.05 -19.03
N ASN K 301 49.64 5.96 -18.66
CA ASN K 301 50.97 5.58 -19.14
C ASN K 301 51.99 6.71 -18.96
N TYR K 302 52.27 7.02 -17.70
CA TYR K 302 52.98 8.24 -17.39
C TYR K 302 54.48 8.08 -17.57
N HIS K 303 55.15 9.16 -17.96
CA HIS K 303 56.60 9.21 -17.85
C HIS K 303 57.05 10.58 -17.40
N GLU K 304 58.03 10.59 -16.51
CA GLU K 304 58.70 11.80 -16.03
C GLU K 304 60.19 11.62 -16.24
N GLU K 305 60.83 12.62 -16.83
CA GLU K 305 62.26 12.54 -17.09
C GLU K 305 62.90 13.89 -16.83
N TRP K 306 64.17 13.85 -16.47
CA TRP K 306 64.96 15.07 -16.33
C TRP K 306 65.83 15.22 -17.57
N VAL K 307 66.02 16.46 -18.02
CA VAL K 307 66.90 16.76 -19.14
C VAL K 307 67.76 17.95 -18.77
N THR K 308 68.97 17.96 -19.34
CA THR K 308 70.01 18.92 -18.99
C THR K 308 70.66 19.50 -20.24
N HIS K 309 70.55 18.81 -21.37
CA HIS K 309 71.21 19.25 -22.60
C HIS K 309 70.23 19.24 -23.77
N LYS K 310 70.76 19.50 -24.96
CA LYS K 310 69.98 19.56 -26.19
C LYS K 310 69.55 18.14 -26.53
N LYS K 311 68.37 17.73 -26.09
CA LYS K 311 67.99 16.33 -26.22
C LYS K 311 66.84 16.16 -27.20
N GLU K 312 66.95 15.14 -28.04
CA GLU K 312 65.95 14.83 -29.06
C GLU K 312 65.23 13.56 -28.65
N VAL K 313 63.91 13.59 -28.63
CA VAL K 313 63.11 12.43 -28.26
C VAL K 313 61.98 12.21 -29.24
N THR K 314 61.79 10.95 -29.63
CA THR K 314 60.70 10.52 -30.48
C THR K 314 59.62 9.85 -29.65
N LEU K 315 58.38 10.23 -29.93
CA LEU K 315 57.26 9.78 -29.10
C LEU K 315 56.16 9.30 -30.03
N THR K 316 55.71 8.08 -29.81
CA THR K 316 54.60 7.58 -30.60
C THR K 316 53.27 7.94 -29.95
N VAL K 317 52.29 8.23 -30.77
CA VAL K 317 51.01 8.79 -30.34
C VAL K 317 49.91 7.80 -30.69
N PRO K 318 49.13 7.34 -29.73
CA PRO K 318 47.98 6.49 -30.08
C PRO K 318 46.81 7.34 -30.47
N THR K 319 45.68 6.70 -30.81
CA THR K 319 44.56 7.39 -31.43
C THR K 319 43.84 8.36 -30.50
N GLU K 320 44.11 8.31 -29.20
CA GLU K 320 43.49 9.19 -28.23
C GLU K 320 44.39 10.38 -27.88
N GLY K 321 45.28 10.76 -28.76
CA GLY K 321 46.08 11.94 -28.54
C GLY K 321 47.29 11.68 -27.65
N LEU K 322 48.04 12.75 -27.43
CA LEU K 322 49.20 12.71 -26.55
C LEU K 322 49.33 14.05 -25.85
N GLU K 323 49.84 14.02 -24.63
CA GLU K 323 50.00 15.21 -23.84
C GLU K 323 51.43 15.25 -23.33
N VAL K 324 52.14 16.34 -23.63
CA VAL K 324 53.52 16.51 -23.19
C VAL K 324 53.69 17.87 -22.54
N THR K 325 54.10 17.87 -21.28
CA THR K 325 54.33 19.11 -20.54
C THR K 325 55.82 19.29 -20.35
N TRP K 326 56.26 20.54 -20.46
CA TRP K 326 57.67 20.87 -20.39
C TRP K 326 57.81 22.26 -19.79
N GLY K 327 58.40 22.32 -18.60
CA GLY K 327 58.57 23.59 -17.93
C GLY K 327 57.27 24.06 -17.31
N ASN K 328 57.25 25.34 -16.95
CA ASN K 328 56.08 25.95 -16.35
C ASN K 328 55.08 26.40 -17.38
N ASN K 329 55.31 26.11 -18.66
CA ASN K 329 54.42 26.50 -19.72
C ASN K 329 53.20 25.60 -19.72
N GLU K 330 52.27 25.90 -20.58
CA GLU K 330 51.04 25.13 -20.71
C GLU K 330 51.36 23.76 -21.32
N PRO K 331 50.70 22.71 -20.85
CA PRO K 331 50.92 21.37 -21.41
C PRO K 331 50.46 21.22 -22.85
N TYR K 332 51.38 20.84 -23.75
CA TYR K 332 51.09 20.81 -25.17
C TYR K 332 50.29 19.57 -25.55
N LYS K 333 49.16 19.79 -26.20
CA LYS K 333 48.21 18.76 -26.60
C LYS K 333 48.46 18.38 -28.05
N TYR K 334 48.25 17.09 -28.38
CA TYR K 334 48.43 16.63 -29.75
C TYR K 334 47.41 15.54 -30.08
N TRP K 335 47.07 15.45 -31.37
CA TRP K 335 46.00 14.58 -31.83
C TRP K 335 46.31 13.98 -33.18
N PRO K 336 46.37 12.66 -33.28
CA PRO K 336 46.85 12.03 -34.52
C PRO K 336 45.87 12.12 -35.68
N GLN K 337 46.20 12.97 -36.63
CA GLN K 337 45.50 13.02 -37.90
C GLN K 337 45.85 11.77 -38.72
N MET K 338 45.01 11.47 -39.70
CA MET K 338 45.39 10.64 -40.84
C MET K 338 46.74 11.11 -41.36
N SER K 339 47.70 10.19 -41.44
CA SER K 339 49.12 10.56 -41.46
C SER K 339 49.58 11.35 -42.68
N THR K 340 49.68 10.71 -43.85
CA THR K 340 49.70 11.50 -45.08
C THR K 340 48.81 10.82 -46.11
N ASN K 341 48.94 9.50 -46.19
CA ASN K 341 48.14 8.53 -46.90
C ASN K 341 48.80 7.19 -46.67
N GLY K 342 48.16 6.14 -47.12
CA GLY K 342 48.90 4.98 -47.57
C GLY K 342 48.92 5.06 -49.07
N THR K 343 47.75 5.33 -49.65
CA THR K 343 47.50 5.23 -51.07
C THR K 343 46.13 5.84 -51.36
N ALA K 344 45.90 6.15 -52.63
CA ALA K 344 44.61 6.58 -53.13
C ALA K 344 43.95 5.42 -53.89
N HIS K 345 42.85 5.71 -54.57
CA HIS K 345 42.14 4.70 -55.35
C HIS K 345 42.84 4.51 -56.69
N GLY K 346 43.88 3.66 -56.73
CA GLY K 346 44.60 3.38 -57.95
C GLY K 346 43.85 2.41 -58.85
N HIS K 347 44.25 2.36 -60.12
CA HIS K 347 43.66 1.43 -61.10
C HIS K 347 44.00 -0.05 -60.91
N PRO K 348 45.14 -0.42 -60.26
CA PRO K 348 45.20 -1.72 -59.57
C PRO K 348 44.34 -1.75 -58.32
N HIS K 349 44.51 -2.74 -57.44
CA HIS K 349 43.87 -2.54 -56.15
C HIS K 349 44.54 -1.35 -55.49
N GLU K 350 45.80 -1.50 -55.06
CA GLU K 350 46.59 -0.47 -54.37
C GLU K 350 45.76 0.31 -53.35
N ILE K 351 45.09 -0.42 -52.47
CA ILE K 351 44.09 0.14 -51.57
C ILE K 351 44.48 -0.04 -50.12
N ILE K 352 44.90 -1.25 -49.73
CA ILE K 352 45.03 -1.62 -48.33
C ILE K 352 46.10 -0.82 -47.61
N LEU K 353 46.94 -0.10 -48.34
CA LEU K 353 47.96 0.71 -47.70
C LEU K 353 47.35 1.91 -46.98
N TYR K 354 46.24 2.47 -47.48
CA TYR K 354 45.62 3.47 -46.62
C TYR K 354 44.77 2.80 -45.56
N TYR K 355 44.52 1.50 -45.71
CA TYR K 355 44.05 0.68 -44.60
C TYR K 355 45.14 0.48 -43.56
N TYR K 356 46.39 0.80 -43.87
CA TYR K 356 47.41 0.94 -42.84
C TYR K 356 47.45 2.33 -42.23
N GLU K 357 46.42 3.16 -42.41
CA GLU K 357 46.26 4.26 -41.48
C GLU K 357 45.29 3.87 -40.37
N LEU K 358 44.04 3.61 -40.74
CA LEU K 358 43.04 3.21 -39.78
C LEU K 358 43.25 1.75 -39.45
N TYR K 359 43.58 1.49 -38.18
CA TYR K 359 43.97 0.18 -37.66
C TYR K 359 45.10 -0.44 -38.47
N PRO K 360 46.34 0.02 -38.29
CA PRO K 360 47.47 -0.73 -38.84
C PRO K 360 47.68 -2.01 -38.03
N THR K 361 47.90 -3.12 -38.75
CA THR K 361 48.32 -4.45 -38.30
C THR K 361 47.29 -5.18 -37.43
N MET K 362 46.22 -4.52 -37.01
CA MET K 362 45.01 -5.23 -36.65
C MET K 362 43.92 -4.86 -37.65
N THR K 363 42.89 -5.71 -37.70
CA THR K 363 41.82 -5.72 -38.70
C THR K 363 42.31 -5.94 -40.12
N VAL K 364 43.58 -6.29 -40.32
CA VAL K 364 44.01 -6.94 -41.55
C VAL K 364 43.91 -8.44 -41.40
N VAL K 365 43.62 -8.90 -40.19
CA VAL K 365 43.20 -10.27 -39.96
C VAL K 365 41.92 -10.59 -40.74
N ILE K 366 41.05 -9.59 -40.97
CA ILE K 366 39.88 -9.83 -41.79
C ILE K 366 40.28 -10.02 -43.25
N VAL K 367 41.39 -9.41 -43.67
CA VAL K 367 41.87 -9.64 -45.03
C VAL K 367 42.43 -11.04 -45.17
N SER K 368 43.18 -11.49 -44.16
CA SER K 368 43.75 -12.83 -44.25
C SER K 368 42.67 -13.91 -44.10
N VAL K 369 41.65 -13.68 -43.26
CA VAL K 369 40.59 -14.67 -43.19
C VAL K 369 39.63 -14.57 -44.37
N ALA K 370 39.57 -13.43 -45.06
CA ALA K 370 38.85 -13.40 -46.33
C ALA K 370 39.56 -14.24 -47.38
N SER K 371 40.90 -14.19 -47.36
CA SER K 371 41.69 -15.11 -48.17
C SER K 371 41.43 -16.56 -47.78
N PHE K 372 41.30 -16.83 -46.48
CA PHE K 372 41.00 -18.19 -46.04
C PHE K 372 39.61 -18.64 -46.48
N VAL K 373 38.64 -17.74 -46.45
CA VAL K 373 37.27 -18.09 -46.83
C VAL K 373 37.18 -18.36 -48.32
N LEU K 374 37.88 -17.58 -49.14
CA LEU K 374 37.86 -17.87 -50.58
C LEU K 374 38.65 -19.15 -50.90
N LEU K 375 39.71 -19.42 -50.15
CA LEU K 375 40.39 -20.70 -50.28
C LEU K 375 39.47 -21.85 -49.90
N SER K 376 38.61 -21.65 -48.89
CA SER K 376 37.61 -22.65 -48.55
C SER K 376 36.58 -22.80 -49.66
N MET K 377 36.25 -21.71 -50.34
CA MET K 377 35.25 -21.76 -51.40
C MET K 377 35.76 -22.55 -52.60
N VAL K 378 37.01 -22.31 -53.00
CA VAL K 378 37.55 -23.14 -54.07
C VAL K 378 37.89 -24.55 -53.59
N GLY K 379 38.08 -24.74 -52.27
CA GLY K 379 38.15 -26.09 -51.74
C GLY K 379 36.83 -26.83 -51.87
N THR K 380 35.72 -26.12 -51.69
CA THR K 380 34.43 -26.74 -51.97
C THR K 380 34.23 -26.95 -53.47
N ALA K 381 34.83 -26.10 -54.30
CA ALA K 381 34.76 -26.31 -55.75
C ALA K 381 35.50 -27.58 -56.15
N VAL K 382 36.68 -27.83 -55.60
CA VAL K 382 37.32 -29.10 -55.89
C VAL K 382 36.64 -30.24 -55.11
N GLY K 383 35.90 -29.91 -54.05
CA GLY K 383 35.13 -30.93 -53.35
C GLY K 383 33.97 -31.46 -54.18
N MET K 384 33.19 -30.56 -54.79
CA MET K 384 32.16 -31.01 -55.72
C MET K 384 32.76 -31.62 -56.97
N CYS K 385 33.96 -31.17 -57.37
CA CYS K 385 34.64 -31.81 -58.50
C CYS K 385 34.97 -33.25 -58.20
N VAL K 386 35.54 -33.53 -57.03
CA VAL K 386 35.93 -34.91 -56.74
C VAL K 386 34.72 -35.77 -56.39
N CYS K 387 33.67 -35.19 -55.80
CA CYS K 387 32.47 -35.98 -55.56
C CYS K 387 31.76 -36.27 -56.86
N ALA K 388 31.80 -35.32 -57.81
CA ALA K 388 31.26 -35.56 -59.13
C ALA K 388 32.08 -36.57 -59.89
N ARG K 389 33.38 -36.67 -59.62
CA ARG K 389 34.20 -37.67 -60.31
C ARG K 389 33.90 -39.07 -59.82
N ARG K 390 33.77 -39.24 -58.50
CA ARG K 390 33.36 -40.54 -57.96
C ARG K 390 31.93 -40.87 -58.38
N ARG K 391 31.07 -39.85 -58.49
CA ARG K 391 29.74 -40.10 -59.01
C ARG K 391 29.71 -40.23 -60.53
N CYS K 392 30.79 -39.86 -61.21
CA CYS K 392 30.93 -40.17 -62.63
C CYS K 392 31.25 -41.63 -62.82
N ILE K 393 32.03 -42.18 -61.90
CA ILE K 393 32.38 -43.59 -62.07
C ILE K 393 31.30 -44.51 -61.50
N THR K 394 30.45 -44.03 -60.56
CA THR K 394 29.36 -44.87 -60.02
C THR K 394 28.36 -45.42 -61.04
N PRO K 395 28.15 -44.82 -62.23
CA PRO K 395 27.44 -45.60 -63.25
C PRO K 395 28.28 -46.67 -63.89
N TYR K 396 29.56 -46.41 -64.12
CA TYR K 396 30.38 -47.23 -64.99
C TYR K 396 31.72 -47.53 -64.34
N GLU K 397 31.67 -48.05 -63.11
CA GLU K 397 32.86 -48.45 -62.36
C GLU K 397 33.67 -49.43 -63.18
N LEU K 398 33.12 -50.61 -63.38
CA LEU K 398 33.48 -51.43 -64.52
C LEU K 398 32.25 -52.18 -64.99
N THR K 399 31.10 -51.54 -64.84
CA THR K 399 29.82 -52.12 -65.17
C THR K 399 29.76 -52.47 -66.64
N PRO K 400 29.75 -53.76 -67.00
CA PRO K 400 30.19 -54.18 -68.33
C PRO K 400 29.21 -53.81 -69.42
N GLY K 401 29.70 -53.89 -70.64
CA GLY K 401 29.21 -53.09 -71.74
C GLY K 401 30.33 -52.13 -72.07
N ALA K 402 30.98 -51.63 -71.00
CA ALA K 402 32.29 -50.97 -71.03
C ALA K 402 32.29 -49.73 -71.91
N THR K 403 31.23 -48.93 -71.79
CA THR K 403 30.94 -47.90 -72.78
C THR K 403 30.51 -46.63 -72.09
N VAL K 404 31.06 -45.51 -72.55
CA VAL K 404 30.48 -44.19 -72.31
C VAL K 404 29.78 -43.78 -73.60
N PRO K 405 28.45 -43.90 -73.68
CA PRO K 405 27.73 -43.57 -74.92
C PRO K 405 27.94 -42.15 -75.41
N PHE K 406 27.88 -41.16 -74.53
CA PHE K 406 28.39 -39.85 -74.89
C PHE K 406 29.09 -39.14 -73.73
N LEU K 407 29.26 -39.79 -72.59
CA LEU K 407 29.57 -39.08 -71.36
C LEU K 407 31.02 -38.61 -71.29
N LEU K 408 31.97 -39.45 -71.66
CA LEU K 408 33.35 -38.95 -71.66
C LEU K 408 33.63 -38.07 -72.85
N SER K 409 32.83 -38.17 -73.91
CA SER K 409 33.03 -37.28 -75.05
C SER K 409 32.54 -35.88 -74.75
N LEU K 410 31.38 -35.74 -74.10
CA LEU K 410 30.84 -34.42 -73.76
C LEU K 410 31.29 -33.95 -72.39
N LEU K 411 30.97 -34.73 -71.35
CA LEU K 411 31.29 -34.41 -69.96
C LEU K 411 32.79 -34.32 -69.71
N CYS K 412 33.57 -35.28 -70.26
CA CYS K 412 35.02 -35.36 -70.10
C CYS K 412 35.43 -35.38 -68.63
N CYS K 413 34.88 -36.35 -67.90
CA CYS K 413 35.04 -36.35 -66.45
C CYS K 413 36.45 -36.76 -66.07
N VAL K 414 36.82 -38.00 -66.36
CA VAL K 414 38.12 -38.52 -65.96
C VAL K 414 38.45 -39.72 -66.85
N ARG K 415 39.73 -39.85 -67.20
CA ARG K 415 40.28 -40.96 -67.97
C ARG K 415 39.60 -41.07 -69.34
N THR K 416 39.86 -40.04 -70.17
CA THR K 416 39.13 -39.78 -71.40
C THR K 416 39.61 -40.63 -72.57
N THR K 417 40.28 -41.73 -72.30
CA THR K 417 40.94 -42.56 -73.30
C THR K 417 40.29 -43.93 -73.43
N LYS K 418 38.96 -43.99 -73.36
CA LYS K 418 38.20 -45.24 -73.42
C LYS K 418 37.29 -45.20 -74.65
N ALA K 419 37.83 -45.69 -75.77
CA ALA K 419 37.19 -45.72 -77.10
C ALA K 419 36.71 -44.35 -77.59
N ASN L 1 36.02 -76.49 -62.55
CA ASN L 1 35.76 -75.21 -63.20
C ASN L 1 34.88 -75.38 -64.44
N ASP L 2 33.62 -75.73 -64.20
CA ASP L 2 32.58 -75.57 -65.22
C ASP L 2 32.51 -74.07 -65.52
N CYS L 3 32.11 -73.27 -64.53
CA CYS L 3 32.30 -71.82 -64.55
C CYS L 3 32.67 -71.33 -63.16
N ILE L 4 33.57 -72.03 -62.48
CA ILE L 4 33.66 -71.99 -61.02
C ILE L 4 34.84 -71.13 -60.56
N PHE L 5 34.53 -70.08 -59.78
CA PHE L 5 35.52 -69.16 -59.21
C PHE L 5 35.08 -68.77 -57.80
N GLU L 6 36.02 -68.30 -56.97
CA GLU L 6 35.87 -68.36 -55.51
C GLU L 6 36.16 -67.01 -54.85
N VAL L 7 35.95 -66.95 -53.51
CA VAL L 7 36.61 -66.01 -52.60
C VAL L 7 36.62 -66.59 -51.17
N LYS L 8 37.75 -66.46 -50.48
CA LYS L 8 37.90 -67.00 -49.14
C LYS L 8 38.84 -66.10 -48.35
N HIS L 9 38.55 -65.90 -47.07
CA HIS L 9 39.33 -64.95 -46.28
C HIS L 9 39.48 -65.48 -44.87
N GLU L 10 40.74 -65.58 -44.41
CA GLU L 10 41.18 -65.83 -43.01
C GLU L 10 40.42 -66.97 -42.30
N GLY L 11 40.19 -68.05 -43.03
CA GLY L 11 39.53 -69.19 -42.43
C GLY L 11 38.02 -69.09 -42.40
N LYS L 12 37.44 -68.37 -43.34
CA LYS L 12 36.00 -68.44 -43.60
C LYS L 12 35.81 -68.19 -45.10
N VAL L 13 35.14 -69.13 -45.75
CA VAL L 13 34.92 -69.01 -47.19
C VAL L 13 33.87 -67.94 -47.42
N MET L 14 34.25 -66.87 -48.13
CA MET L 14 33.36 -65.73 -48.31
C MET L 14 32.49 -65.86 -49.54
N GLY L 15 32.27 -67.09 -50.00
CA GLY L 15 31.50 -67.29 -51.21
C GLY L 15 32.39 -67.18 -52.44
N TYR L 16 31.88 -66.52 -53.47
CA TYR L 16 32.58 -66.49 -54.74
C TYR L 16 32.97 -65.05 -55.08
N ALA L 17 33.92 -64.93 -56.01
CA ALA L 17 34.26 -63.65 -56.63
C ALA L 17 34.85 -63.96 -58.00
N CYS L 18 34.21 -63.46 -59.04
CA CYS L 18 34.42 -63.96 -60.40
C CYS L 18 34.94 -62.85 -61.30
N LEU L 19 35.01 -63.17 -62.59
CA LEU L 19 35.50 -62.23 -63.59
C LEU L 19 34.46 -62.13 -64.71
N VAL L 20 34.03 -60.91 -64.99
CA VAL L 20 33.10 -60.62 -66.07
C VAL L 20 33.87 -59.74 -67.05
N GLY L 21 34.42 -60.35 -68.09
CA GLY L 21 35.10 -59.62 -69.14
C GLY L 21 36.38 -58.95 -68.68
N ASP L 22 36.32 -57.62 -68.56
CA ASP L 22 37.44 -56.85 -68.05
C ASP L 22 37.29 -56.49 -66.58
N LYS L 23 36.26 -56.99 -65.91
CA LYS L 23 35.91 -56.57 -64.56
C LYS L 23 36.07 -57.73 -63.59
N VAL L 24 36.81 -57.51 -62.51
CA VAL L 24 36.66 -58.35 -61.33
C VAL L 24 35.88 -57.54 -60.29
N MET L 25 34.72 -58.07 -59.94
CA MET L 25 33.89 -57.48 -58.92
C MET L 25 34.44 -57.81 -57.56
N LYS L 26 33.96 -57.09 -56.55
CA LYS L 26 33.97 -57.64 -55.24
C LYS L 26 32.71 -57.06 -54.63
N PRO L 27 31.84 -57.88 -54.06
CA PRO L 27 30.71 -57.32 -53.32
C PRO L 27 31.21 -56.61 -52.08
N ALA L 28 30.66 -55.41 -51.84
CA ALA L 28 31.27 -54.49 -50.90
C ALA L 28 31.17 -54.97 -49.46
N HIS L 29 30.26 -55.90 -49.18
CA HIS L 29 30.21 -56.50 -47.85
C HIS L 29 31.22 -57.63 -47.68
N VAL L 30 31.82 -58.11 -48.76
CA VAL L 30 32.94 -59.06 -48.66
C VAL L 30 34.20 -58.28 -48.37
N LYS L 31 34.97 -58.71 -47.38
CA LYS L 31 36.22 -58.06 -47.02
C LYS L 31 37.31 -59.12 -46.89
N GLY L 32 38.47 -58.85 -47.48
CA GLY L 32 39.62 -59.68 -47.16
C GLY L 32 40.46 -60.20 -48.30
N THR L 33 40.52 -61.52 -48.44
CA THR L 33 41.49 -62.18 -49.30
C THR L 33 40.84 -62.67 -50.57
N ILE L 34 41.46 -62.36 -51.70
CA ILE L 34 41.04 -62.87 -52.99
C ILE L 34 41.44 -64.34 -53.13
N ASP L 35 40.64 -65.11 -53.88
CA ASP L 35 40.99 -66.50 -54.16
C ASP L 35 42.26 -66.60 -55.01
N ASN L 36 42.55 -65.58 -55.81
CA ASN L 36 43.78 -65.51 -56.60
C ASN L 36 44.61 -64.35 -56.06
N ALA L 37 45.57 -64.66 -55.19
CA ALA L 37 46.29 -63.68 -54.35
C ALA L 37 47.20 -62.72 -55.14
N ASP L 38 47.27 -62.85 -56.47
CA ASP L 38 47.90 -61.82 -57.27
C ASP L 38 46.95 -60.66 -57.55
N LEU L 39 45.67 -60.82 -57.23
CA LEU L 39 44.70 -59.77 -57.52
C LEU L 39 44.52 -58.79 -56.38
N ALA L 40 45.07 -59.08 -55.19
CA ALA L 40 44.88 -58.18 -54.05
C ALA L 40 45.72 -56.93 -54.14
N LYS L 41 46.64 -56.85 -55.10
CA LYS L 41 47.50 -55.69 -55.27
C LYS L 41 46.99 -54.73 -56.34
N LEU L 42 45.67 -54.60 -56.46
CA LEU L 42 45.05 -53.72 -57.44
C LEU L 42 43.99 -52.87 -56.75
N ALA L 43 43.88 -51.62 -57.17
CA ALA L 43 43.01 -50.67 -56.48
C ALA L 43 41.55 -50.91 -56.85
N PHE L 44 40.69 -51.01 -55.83
CA PHE L 44 39.27 -51.20 -56.01
C PHE L 44 38.52 -49.88 -55.91
N LYS L 45 37.32 -49.85 -56.46
CA LYS L 45 36.47 -48.67 -56.39
C LYS L 45 35.18 -49.00 -55.65
N ARG L 46 34.87 -48.21 -54.63
CA ARG L 46 33.74 -48.46 -53.74
C ARG L 46 32.49 -47.75 -54.25
N SER L 47 31.40 -48.49 -54.31
CA SER L 47 30.07 -47.97 -54.59
C SER L 47 29.17 -48.53 -53.50
N SER L 48 29.09 -47.82 -52.38
CA SER L 48 28.35 -48.34 -51.23
C SER L 48 26.86 -48.35 -51.51
N LYS L 49 26.38 -47.39 -52.28
CA LYS L 49 24.98 -47.37 -52.65
C LYS L 49 24.65 -48.51 -53.61
N TYR L 50 25.59 -48.84 -54.49
CA TYR L 50 25.44 -49.98 -55.36
C TYR L 50 26.08 -51.24 -54.79
N ASP L 51 26.80 -51.12 -53.67
CA ASP L 51 27.37 -52.24 -52.91
C ASP L 51 28.36 -53.06 -53.74
N LEU L 52 29.39 -52.38 -54.24
CA LEU L 52 30.47 -53.08 -54.92
C LEU L 52 31.80 -52.39 -54.68
N GLU L 53 32.86 -53.07 -55.09
CA GLU L 53 34.20 -52.52 -55.24
C GLU L 53 34.77 -53.18 -56.48
N CYS L 54 34.94 -52.40 -57.54
CA CYS L 54 35.29 -52.95 -58.84
C CYS L 54 36.78 -52.79 -59.12
N ALA L 55 37.29 -53.66 -59.99
CA ALA L 55 38.70 -53.64 -60.34
C ALA L 55 38.88 -54.05 -61.79
N GLN L 56 39.94 -53.50 -62.40
CA GLN L 56 40.23 -53.66 -63.82
C GLN L 56 41.12 -54.86 -64.04
N ILE L 57 40.64 -55.82 -64.83
CA ILE L 57 41.34 -57.08 -65.06
C ILE L 57 42.55 -56.80 -65.93
N PRO L 58 43.74 -57.21 -65.53
CA PRO L 58 44.92 -57.05 -66.38
C PRO L 58 44.92 -58.07 -67.52
N VAL L 59 46.02 -58.08 -68.27
CA VAL L 59 46.05 -58.83 -69.51
C VAL L 59 46.22 -60.32 -69.26
N HIS L 60 46.82 -60.71 -68.12
CA HIS L 60 47.21 -62.09 -67.92
C HIS L 60 46.06 -62.99 -67.52
N MET L 61 44.84 -62.45 -67.42
CA MET L 61 43.64 -63.25 -67.33
C MET L 61 42.77 -63.14 -68.56
N LYS L 62 43.33 -62.69 -69.70
CA LYS L 62 42.56 -62.60 -70.94
C LYS L 62 42.09 -63.97 -71.41
N SER L 63 42.94 -65.00 -71.30
CA SER L 63 42.54 -66.36 -71.61
C SER L 63 41.71 -66.97 -70.50
N ASP L 64 41.54 -66.26 -69.38
CA ASP L 64 40.81 -66.77 -68.23
C ASP L 64 39.42 -66.16 -68.14
N ALA L 65 39.03 -65.41 -69.16
CA ALA L 65 37.83 -64.59 -69.14
C ALA L 65 36.57 -65.45 -69.23
N SER L 66 35.43 -64.81 -69.02
CA SER L 66 34.12 -65.43 -69.09
C SER L 66 33.13 -64.45 -69.71
N LYS L 67 32.00 -64.98 -70.17
CA LYS L 67 31.06 -64.26 -71.01
C LYS L 67 29.80 -63.94 -70.22
N PHE L 68 29.15 -62.84 -70.60
CA PHE L 68 27.96 -62.35 -69.93
C PHE L 68 26.96 -61.90 -70.99
N THR L 69 25.81 -61.41 -70.56
CA THR L 69 24.81 -60.87 -71.47
C THR L 69 24.18 -59.63 -70.86
N HIS L 70 23.40 -58.93 -71.67
CA HIS L 70 22.59 -57.82 -71.20
C HIS L 70 21.11 -58.08 -71.27
N GLU L 71 20.66 -59.00 -72.11
CA GLU L 71 19.24 -59.28 -72.24
C GLU L 71 18.74 -60.03 -71.01
N LYS L 72 17.43 -60.04 -70.85
CA LYS L 72 16.79 -60.70 -69.72
C LYS L 72 15.66 -61.58 -70.23
N PRO L 73 15.77 -62.88 -70.10
CA PRO L 73 14.61 -63.75 -70.35
C PRO L 73 13.75 -63.87 -69.10
N GLU L 74 12.77 -64.75 -69.12
CA GLU L 74 11.94 -65.00 -67.96
C GLU L 74 11.85 -66.50 -67.73
N GLY L 75 12.04 -66.94 -66.48
CA GLY L 75 11.95 -68.37 -66.26
C GLY L 75 12.85 -68.97 -65.19
N TYR L 76 13.68 -69.92 -65.58
CA TYR L 76 14.48 -70.67 -64.63
C TYR L 76 15.93 -70.67 -65.07
N TYR L 77 16.84 -70.63 -64.10
CA TYR L 77 18.27 -70.55 -64.40
C TYR L 77 19.04 -71.47 -63.46
N ASN L 78 20.09 -72.08 -63.98
CA ASN L 78 20.94 -72.94 -63.16
C ASN L 78 22.02 -72.14 -62.46
N TRP L 79 22.35 -72.55 -61.24
CA TRP L 79 23.54 -72.09 -60.55
C TRP L 79 24.00 -73.24 -59.67
N HIS L 80 25.07 -73.00 -58.90
CA HIS L 80 25.85 -74.11 -58.36
C HIS L 80 25.11 -74.87 -57.27
N HIS L 81 24.28 -74.19 -56.48
CA HIS L 81 23.48 -74.86 -55.47
C HIS L 81 22.17 -75.39 -56.03
N GLY L 82 21.87 -75.11 -57.30
CA GLY L 82 20.62 -75.60 -57.85
C GLY L 82 19.94 -74.68 -58.83
N ALA L 83 18.68 -74.38 -58.60
CA ALA L 83 17.88 -73.65 -59.57
C ALA L 83 17.45 -72.32 -59.00
N VAL L 84 17.12 -71.38 -59.90
CA VAL L 84 16.54 -70.10 -59.55
C VAL L 84 15.31 -69.91 -60.42
N GLN L 85 14.15 -69.78 -59.80
CA GLN L 85 12.94 -69.35 -60.48
C GLN L 85 12.94 -67.83 -60.48
N TYR L 86 13.31 -67.24 -61.61
CA TYR L 86 13.21 -65.81 -61.81
C TYR L 86 11.90 -65.53 -62.52
N SER L 87 10.99 -64.90 -61.80
CA SER L 87 9.68 -64.53 -62.31
C SER L 87 9.29 -63.17 -61.73
N GLY L 88 8.73 -62.33 -62.59
CA GLY L 88 8.20 -61.04 -62.16
C GLY L 88 9.23 -60.09 -61.62
N GLY L 89 10.44 -60.13 -62.13
CA GLY L 89 11.48 -59.32 -61.55
C GLY L 89 11.97 -59.84 -60.21
N ARG L 90 11.79 -61.13 -59.95
CA ARG L 90 12.18 -61.68 -58.66
C ARG L 90 12.88 -63.01 -58.84
N PHE L 91 14.06 -63.13 -58.26
CA PHE L 91 14.80 -64.39 -58.23
C PHE L 91 14.44 -65.13 -56.95
N THR L 92 14.05 -66.40 -57.08
CA THR L 92 13.59 -67.19 -55.94
C THR L 92 14.30 -68.53 -55.96
N ILE L 93 14.85 -68.92 -54.82
CA ILE L 93 15.53 -70.21 -54.68
C ILE L 93 14.76 -71.06 -53.69
N PRO L 94 14.92 -72.38 -53.68
CA PRO L 94 14.39 -73.17 -52.56
C PRO L 94 15.04 -72.77 -51.24
N THR L 95 14.26 -72.88 -50.17
CA THR L 95 14.66 -72.33 -48.88
C THR L 95 15.78 -73.17 -48.28
N GLY L 96 16.87 -72.52 -47.92
CA GLY L 96 18.03 -73.20 -47.41
C GLY L 96 19.08 -73.52 -48.44
N ALA L 97 18.78 -73.36 -49.73
CA ALA L 97 19.79 -73.53 -50.77
C ALA L 97 20.86 -72.46 -50.65
N GLY L 98 20.48 -71.27 -50.18
CA GLY L 98 21.43 -70.25 -49.81
C GLY L 98 21.69 -70.27 -48.31
N LYS L 99 22.67 -69.46 -47.91
CA LYS L 99 23.11 -69.36 -46.53
C LYS L 99 23.99 -68.13 -46.41
N PRO L 100 24.20 -67.62 -45.20
CA PRO L 100 25.22 -66.58 -45.03
C PRO L 100 26.62 -67.14 -45.20
N GLY L 101 27.25 -66.80 -46.32
CA GLY L 101 28.50 -67.40 -46.72
C GLY L 101 28.42 -67.79 -48.19
N ASP L 102 27.26 -67.53 -48.78
CA ASP L 102 27.02 -67.69 -50.22
C ASP L 102 27.13 -66.36 -50.94
N SER L 103 28.00 -65.48 -50.47
CA SER L 103 28.06 -64.12 -50.94
C SER L 103 28.97 -63.99 -52.15
N GLY L 104 28.53 -63.24 -53.15
CA GLY L 104 29.36 -63.04 -54.31
C GLY L 104 29.32 -64.17 -55.30
N ARG L 105 28.41 -65.10 -55.12
CA ARG L 105 28.17 -66.11 -56.13
C ARG L 105 27.52 -65.47 -57.35
N PRO L 106 27.98 -65.79 -58.54
CA PRO L 106 27.30 -65.29 -59.74
C PRO L 106 26.07 -66.12 -60.02
N ILE L 107 25.29 -65.66 -60.99
CA ILE L 107 24.28 -66.49 -61.62
C ILE L 107 24.59 -66.52 -63.10
N PHE L 108 24.78 -67.70 -63.63
CA PHE L 108 24.90 -67.86 -65.07
C PHE L 108 23.59 -68.40 -65.62
N ASP L 109 23.34 -68.11 -66.89
CA ASP L 109 22.03 -68.42 -67.46
C ASP L 109 21.94 -69.86 -67.95
N ASN L 110 20.92 -70.13 -68.75
CA ASN L 110 20.82 -71.36 -69.52
C ASN L 110 21.68 -71.34 -70.78
N LYS L 111 22.60 -70.40 -70.89
CA LYS L 111 23.60 -70.40 -71.93
C LYS L 111 25.02 -70.38 -71.38
N GLY L 112 25.21 -70.01 -70.12
CA GLY L 112 26.53 -69.84 -69.55
C GLY L 112 26.92 -68.40 -69.32
N ARG L 113 26.14 -67.45 -69.85
CA ARG L 113 26.47 -66.04 -69.71
C ARG L 113 26.07 -65.54 -68.33
N VAL L 114 26.95 -64.73 -67.74
CA VAL L 114 26.67 -64.14 -66.42
C VAL L 114 25.52 -63.16 -66.54
N VAL L 115 24.46 -63.38 -65.78
CA VAL L 115 23.28 -62.56 -65.85
C VAL L 115 23.14 -61.64 -64.64
N ALA L 116 23.59 -62.10 -63.47
CA ALA L 116 23.54 -61.28 -62.26
C ALA L 116 24.55 -61.84 -61.26
N ILE L 117 24.74 -61.10 -60.17
CA ILE L 117 25.58 -61.50 -59.07
C ILE L 117 24.74 -61.42 -57.80
N VAL L 118 24.88 -62.39 -56.91
CA VAL L 118 24.10 -62.39 -55.68
C VAL L 118 24.65 -61.33 -54.74
N LEU L 119 23.81 -60.85 -53.83
CA LEU L 119 24.25 -60.11 -52.65
C LEU L 119 23.64 -60.64 -51.36
N GLY L 120 22.41 -61.09 -51.40
CA GLY L 120 21.81 -61.67 -50.21
C GLY L 120 20.46 -62.27 -50.54
N GLY L 121 19.73 -62.62 -49.48
CA GLY L 121 18.42 -63.23 -49.67
C GLY L 121 17.33 -62.60 -48.83
N ALA L 122 16.13 -63.16 -48.94
CA ALA L 122 14.98 -62.73 -48.15
C ALA L 122 13.97 -63.86 -48.16
N ASN L 123 13.70 -64.46 -47.00
CA ASN L 123 12.90 -65.67 -46.97
C ASN L 123 11.41 -65.37 -47.08
N GLU L 124 10.75 -66.10 -47.96
CA GLU L 124 9.29 -66.09 -48.07
C GLU L 124 8.68 -67.43 -47.69
N GLY L 125 9.43 -68.29 -47.01
CA GLY L 125 8.86 -69.55 -46.59
C GLY L 125 9.23 -70.67 -47.54
N ALA L 126 8.31 -71.01 -48.45
CA ALA L 126 8.49 -72.16 -49.34
C ALA L 126 9.62 -71.95 -50.33
N ARG L 127 9.95 -70.70 -50.64
CA ARG L 127 11.15 -70.34 -51.38
C ARG L 127 11.77 -69.15 -50.68
N THR L 128 12.69 -68.48 -51.36
CA THR L 128 13.40 -67.34 -50.78
C THR L 128 13.86 -66.45 -51.91
N ALA L 129 13.43 -65.19 -51.89
CA ALA L 129 13.83 -64.25 -52.93
C ALA L 129 15.26 -63.81 -52.72
N LEU L 130 15.81 -63.18 -53.76
CA LEU L 130 17.24 -62.95 -53.85
C LEU L 130 17.53 -61.50 -54.17
N SER L 131 18.26 -60.82 -53.27
CA SER L 131 18.67 -59.44 -53.48
C SER L 131 20.01 -59.44 -54.20
N VAL L 132 20.03 -58.83 -55.38
CA VAL L 132 21.12 -58.95 -56.33
C VAL L 132 21.44 -57.58 -56.91
N VAL L 133 22.43 -57.56 -57.79
CA VAL L 133 22.71 -56.42 -58.66
C VAL L 133 22.86 -56.98 -60.06
N THR L 134 22.09 -56.44 -61.01
CA THR L 134 22.31 -56.86 -62.38
C THR L 134 22.71 -55.68 -63.25
N TRP L 135 22.93 -55.95 -64.51
CA TRP L 135 22.96 -54.89 -65.52
C TRP L 135 21.71 -54.99 -66.36
N ASN L 136 21.28 -53.83 -66.84
CA ASN L 136 20.11 -53.70 -67.70
C ASN L 136 20.35 -52.79 -68.88
N LYS L 137 21.33 -53.13 -69.73
CA LYS L 137 21.66 -52.42 -70.98
C LYS L 137 22.14 -51.01 -70.71
N ASP L 138 23.43 -50.91 -70.35
CA ASP L 138 24.32 -49.77 -70.13
C ASP L 138 24.31 -49.20 -68.72
N ILE L 139 23.62 -49.87 -67.80
CA ILE L 139 23.73 -49.50 -66.40
C ILE L 139 23.60 -50.76 -65.55
N VAL L 140 24.12 -50.69 -64.34
CA VAL L 140 23.76 -51.65 -63.32
C VAL L 140 22.57 -51.10 -62.55
N THR L 141 21.72 -52.00 -62.07
CA THR L 141 20.66 -51.66 -61.15
C THR L 141 20.66 -52.68 -60.03
N LYS L 142 20.61 -52.20 -58.79
CA LYS L 142 20.53 -53.07 -57.62
C LYS L 142 19.09 -53.52 -57.47
N ILE L 143 18.84 -54.78 -57.77
CA ILE L 143 17.49 -55.35 -57.75
C ILE L 143 17.31 -56.05 -56.42
N THR L 144 16.47 -55.49 -55.55
CA THR L 144 16.50 -55.97 -54.18
C THR L 144 15.12 -56.18 -53.60
N PRO L 145 14.75 -57.43 -53.29
CA PRO L 145 13.65 -57.66 -52.36
C PRO L 145 14.01 -57.15 -50.97
N GLU L 146 13.07 -56.41 -50.39
CA GLU L 146 13.32 -55.73 -49.13
C GLU L 146 13.44 -56.70 -47.97
N GLY L 147 13.93 -56.20 -46.84
CA GLY L 147 14.23 -57.08 -45.73
C GLY L 147 15.39 -57.99 -45.99
N ALA L 148 16.35 -57.54 -46.80
CA ALA L 148 17.44 -58.40 -47.20
C ALA L 148 18.49 -58.52 -46.10
N GLU L 149 19.33 -59.54 -46.23
CA GLU L 149 20.38 -59.80 -45.28
C GLU L 149 21.66 -60.10 -46.03
N GLU L 150 22.79 -59.91 -45.35
CA GLU L 150 24.08 -60.25 -45.93
C GLU L 150 24.24 -61.76 -45.98
N TRP L 151 24.42 -62.30 -47.18
CA TRP L 151 24.62 -63.73 -47.33
C TRP L 151 26.09 -64.09 -47.43
#